data_5KAN
#
_entry.id   5KAN
#
_cell.length_a   128.847
_cell.length_b   147.562
_cell.length_c   209.786
_cell.angle_alpha   90.000
_cell.angle_beta   90.000
_cell.angle_gamma   90.000
#
_symmetry.space_group_name_H-M   'P 21 21 21'
#
loop_
_entity.id
_entity.type
_entity.pdbx_description
1 polymer 'Hemagglutinin HA1'
2 polymer 'Hemagglutinin HA2'
3 polymer '16.g.07 Heavy chain'
4 polymer '16.g.07 Light chain'
5 non-polymer 2-acetamido-2-deoxy-beta-D-glucopyranose
6 water water
#
loop_
_entity_poly.entity_id
_entity_poly.type
_entity_poly.pdbx_seq_one_letter_code
_entity_poly.pdbx_strand_id
1 'polypeptide(L)'
;NSTATLCLGHHAVPNGTLVKTITDDQIEVTNATELVQSSSTGKICNNPHRILDGIDCTLIDALLGDPHCDVFQNETWDLF
VERSKAFSNCYPYDVPDYASLRSLVASSGTLEFITEGFTWTGVTQNGGSNACKRGPGSGFFSRLNWLTKSGSTYPVLNVT
MPNNDNFDKLYIWGVHHPSTNQEQTSLYVQASGRVTVSTRRSQQTIIPNIESRPWVRGLSSRISIYWTIVKPGDVLVINS
NGNLIAPRGYFKMRTGKSSIMRSDAPIDTCISECITPNGSIPNDKPFQNVNKITYGACPKYVKQNTLKLATGMRNVPEK
;
A,C,E
2 'polypeptide(L)'
;GAIAGFIENGWEGMIDGWYGFRHQNSEGTGQAADLKSTQAAIDQINGKLNRVIEKTNEKFHQIEKEFSEVEGRIQDLEKY
VEDTKIDLWSYNAELLVALENQHTIDLTDSEMNKLFEKTRRQLRENAEDMGNGCFKIYHKCDNACIESIRNGTYDHDVYR
DEALNNRFQIKGV
;
B,D,F
3 'polypeptide(L)'
;QVQLAQSENELKKPGASVKVSCKTSGYTFTRFGMSWVRQAPGQGLEWMGWISGYTGDTKYARSFQGRLTLTTDTSTGTAY
MELRSLRSDDTAIYYCVRNRVQMEVSPATQSTWYMDLWGRGTLVSVSSPSTKGPSVFPLAPSSKSTSGGTAALGCLVKDY
FPEPVTVSWNSGALTSGVHTFPAVLQSSGLYSLSSVVTVPSSSLGTQTYICNVNHKPSNTKVDKKVEPKSC
;
G,H,J
4 'polypeptide(L)'
;DIQMTQVPVSLSAFVGDRVSITCRASQDISRWLAWYQQKPGRAPKLLIYAASSLQGGVPSRFRGSGSGTEFTLTISGLQP
EDFATYYCQQGSTFPYTSVLGTILGIPGTVAAPSVFIFPPSDEQLKSGTASVVCLLNNFYPREAKVQWKVDNALQSGNSQ
ESVTEQDSKDSTYSLSSTLTLSKADYEKHKVYACEVTHQGLRSPVTKSFNRGEC
;
I,K,L
#
# COMPACT_ATOMS: atom_id res chain seq x y z
N ASN A 1 8.38 -15.79 -58.95
CA ASN A 1 9.39 -14.93 -58.36
C ASN A 1 10.51 -15.70 -57.67
N SER A 2 10.26 -17.00 -57.45
CA SER A 2 11.19 -17.93 -56.80
C SER A 2 11.31 -17.68 -55.29
N THR A 3 11.00 -16.46 -54.83
CA THR A 3 11.02 -16.17 -53.39
C THR A 3 9.80 -15.35 -52.98
N ALA A 4 9.66 -15.14 -51.67
CA ALA A 4 8.58 -14.33 -51.12
C ALA A 4 8.96 -13.75 -49.77
N THR A 5 8.30 -12.65 -49.38
CA THR A 5 8.54 -12.04 -48.08
C THR A 5 7.29 -12.11 -47.22
N LEU A 6 7.47 -12.47 -45.94
CA LEU A 6 6.35 -12.55 -45.01
C LEU A 6 6.67 -11.81 -43.72
N CYS A 7 6.07 -10.62 -43.57
CA CYS A 7 6.32 -9.81 -42.38
C CYS A 7 5.19 -9.92 -41.37
N LEU A 8 5.55 -9.87 -40.08
CA LEU A 8 4.57 -9.91 -39.00
C LEU A 8 4.58 -8.57 -38.27
N GLY A 9 3.40 -8.06 -37.96
CA GLY A 9 3.27 -6.76 -37.35
C GLY A 9 2.06 -6.58 -36.46
N HIS A 10 1.93 -5.39 -35.90
CA HIS A 10 0.81 -5.04 -35.03
C HIS A 10 0.23 -3.70 -35.45
N HIS A 11 -0.98 -3.42 -35.01
CA HIS A 11 -1.67 -2.21 -35.44
C HIS A 11 -1.18 -0.97 -34.69
N ALA A 12 -1.56 0.19 -35.18
CA ALA A 12 -1.21 1.45 -34.55
C ALA A 12 -2.31 2.47 -34.79
N VAL A 13 -2.30 3.54 -33.99
CA VAL A 13 -3.33 4.56 -34.04
C VAL A 13 -2.65 5.90 -34.32
N PRO A 14 -3.33 6.80 -35.07
CA PRO A 14 -2.70 8.10 -35.36
C PRO A 14 -2.36 8.88 -34.09
N ASN A 15 -3.27 8.83 -33.13
CA ASN A 15 -3.06 9.47 -31.83
C ASN A 15 -3.59 8.67 -30.63
N GLY A 16 -2.65 8.21 -29.81
CA GLY A 16 -2.94 7.39 -28.64
C GLY A 16 -2.94 8.08 -27.29
N THR A 17 -3.23 7.31 -26.25
CA THR A 17 -3.32 7.85 -24.88
C THR A 17 -2.03 7.64 -24.10
N LEU A 18 -1.71 8.60 -23.23
CA LEU A 18 -0.54 8.49 -22.37
C LEU A 18 -0.88 7.82 -21.04
N VAL A 19 -0.06 6.85 -20.63
CA VAL A 19 -0.25 6.16 -19.36
C VAL A 19 1.06 6.09 -18.58
N LYS A 20 0.99 5.60 -17.35
CA LYS A 20 2.17 5.51 -16.50
C LYS A 20 2.51 4.07 -16.16
N THR A 21 3.81 3.79 -16.04
CA THR A 21 4.29 2.49 -15.61
C THR A 21 5.28 2.66 -14.48
N ILE A 22 5.94 1.57 -14.10
CA ILE A 22 6.89 1.61 -13.00
C ILE A 22 8.14 2.40 -13.41
N THR A 23 8.44 2.40 -14.70
CA THR A 23 9.63 3.08 -15.22
C THR A 23 9.35 4.40 -15.95
N ASP A 24 8.16 4.56 -16.51
CA ASP A 24 7.89 5.72 -17.35
C ASP A 24 6.71 6.56 -16.87
N ASP A 25 6.87 7.89 -16.93
CA ASP A 25 5.80 8.81 -16.59
C ASP A 25 4.82 9.01 -17.74
N GLN A 26 5.30 8.85 -18.97
CA GLN A 26 4.45 9.06 -20.14
C GLN A 26 4.85 8.14 -21.29
N ILE A 27 4.07 7.09 -21.48
CA ILE A 27 4.26 6.17 -22.58
C ILE A 27 2.97 6.08 -23.37
N GLU A 28 3.05 6.35 -24.68
CA GLU A 28 1.84 6.36 -25.50
C GLU A 28 1.34 4.93 -25.75
N VAL A 29 0.04 4.76 -25.58
CA VAL A 29 -0.59 3.46 -25.75
C VAL A 29 -1.79 3.62 -26.69
N THR A 30 -2.23 2.53 -27.30
CA THR A 30 -3.31 2.60 -28.29
C THR A 30 -4.67 2.92 -27.68
N ASN A 31 -4.86 2.54 -26.42
CA ASN A 31 -6.13 2.74 -25.74
C ASN A 31 -5.96 2.68 -24.23
N ALA A 32 -6.85 3.37 -23.50
CA ALA A 32 -6.81 3.35 -22.05
C ALA A 32 -8.15 3.72 -21.46
N THR A 33 -8.37 3.30 -20.22
CA THR A 33 -9.62 3.61 -19.52
C THR A 33 -9.36 4.33 -18.20
N GLU A 34 -10.22 5.29 -17.88
CA GLU A 34 -10.11 6.07 -16.66
C GLU A 34 -10.57 5.27 -15.44
N LEU A 35 -9.78 5.29 -14.38
CA LEU A 35 -10.13 4.56 -13.16
C LEU A 35 -10.53 5.50 -12.01
N VAL A 36 -10.53 6.80 -12.27
CA VAL A 36 -10.91 7.75 -11.23
C VAL A 36 -12.13 8.58 -11.65
N GLN A 37 -13.22 8.41 -10.90
CA GLN A 37 -14.43 9.19 -11.12
C GLN A 37 -14.23 10.61 -10.60
N SER A 38 -14.41 11.60 -11.47
CA SER A 38 -14.19 13.00 -11.09
C SER A 38 -15.39 13.88 -11.39
N SER A 39 -16.48 13.29 -11.85
CA SER A 39 -17.66 14.06 -12.24
C SER A 39 -18.92 13.62 -11.50
N SER A 40 -19.85 14.55 -11.34
CA SER A 40 -21.13 14.26 -10.68
C SER A 40 -22.28 14.92 -11.44
N THR A 41 -23.47 14.34 -11.32
CA THR A 41 -24.66 14.90 -11.94
C THR A 41 -25.13 16.16 -11.22
N GLY A 42 -24.76 16.29 -9.96
CA GLY A 42 -25.15 17.42 -9.14
C GLY A 42 -26.44 17.17 -8.39
N LYS A 43 -27.03 16.00 -8.63
CA LYS A 43 -28.31 15.64 -8.03
C LYS A 43 -28.21 14.32 -7.26
N ILE A 44 -29.08 14.14 -6.28
CA ILE A 44 -29.08 12.93 -5.47
C ILE A 44 -30.22 11.98 -5.90
N CYS A 45 -29.84 10.74 -6.19
CA CYS A 45 -30.79 9.72 -6.67
C CYS A 45 -31.67 9.15 -5.57
N ASN A 46 -32.99 9.23 -5.75
CA ASN A 46 -33.93 8.76 -4.72
C ASN A 46 -34.00 7.23 -4.58
N ASN A 47 -33.39 6.53 -5.53
CA ASN A 47 -33.29 5.07 -5.47
C ASN A 47 -31.83 4.64 -5.59
N PRO A 48 -31.46 3.47 -5.05
CA PRO A 48 -32.28 2.50 -4.30
C PRO A 48 -32.46 2.83 -2.82
N HIS A 49 -31.67 3.75 -2.28
CA HIS A 49 -31.74 4.08 -0.86
C HIS A 49 -32.89 5.02 -0.54
N ARG A 50 -33.52 4.82 0.61
CA ARG A 50 -34.60 5.70 1.06
C ARG A 50 -34.02 7.00 1.61
N ILE A 51 -34.11 8.05 0.81
CA ILE A 51 -33.56 9.35 1.18
C ILE A 51 -34.63 10.27 1.76
N LEU A 52 -34.30 10.91 2.87
CA LEU A 52 -35.22 11.81 3.56
C LEU A 52 -34.69 13.24 3.59
N ASP A 53 -35.37 14.14 2.87
CA ASP A 53 -34.94 15.53 2.78
C ASP A 53 -35.41 16.30 4.02
N GLY A 54 -34.45 16.83 4.78
CA GLY A 54 -34.73 17.60 5.97
C GLY A 54 -35.33 18.96 5.68
N ILE A 55 -34.90 19.56 4.57
CA ILE A 55 -35.36 20.87 4.10
C ILE A 55 -35.03 21.95 5.13
N ASP A 56 -36.01 22.41 5.90
CA ASP A 56 -35.78 23.47 6.88
C ASP A 56 -35.48 22.92 8.27
N CYS A 57 -35.50 21.60 8.41
CA CYS A 57 -35.32 20.97 9.72
C CYS A 57 -34.03 20.17 9.81
N THR A 58 -33.47 20.12 11.01
CA THR A 58 -32.33 19.28 11.30
C THR A 58 -32.83 18.00 11.93
N LEU A 59 -31.97 16.99 12.02
CA LEU A 59 -32.33 15.72 12.64
C LEU A 59 -32.70 15.92 14.10
N ILE A 60 -31.99 16.83 14.77
CA ILE A 60 -32.22 17.11 16.18
C ILE A 60 -33.53 17.89 16.40
N ASP A 61 -33.80 18.88 15.55
CA ASP A 61 -35.05 19.64 15.63
C ASP A 61 -36.26 18.71 15.46
N ALA A 62 -36.12 17.73 14.58
CA ALA A 62 -37.18 16.75 14.34
C ALA A 62 -37.33 15.80 15.53
N LEU A 63 -36.20 15.43 16.12
CA LEU A 63 -36.19 14.54 17.28
C LEU A 63 -36.99 15.11 18.44
N LEU A 64 -36.69 16.34 18.82
CA LEU A 64 -37.36 17.02 19.93
C LEU A 64 -38.80 17.35 19.62
N GLY A 65 -39.09 17.64 18.35
CA GLY A 65 -40.44 17.96 17.92
C GLY A 65 -40.69 19.45 17.78
N ASP A 66 -39.77 20.12 17.09
CA ASP A 66 -39.93 21.53 16.75
C ASP A 66 -41.17 21.66 15.87
N PRO A 67 -42.06 22.61 16.21
CA PRO A 67 -43.34 22.85 15.52
C PRO A 67 -43.29 22.70 14.00
N HIS A 68 -42.32 23.34 13.34
CA HIS A 68 -42.24 23.26 11.88
C HIS A 68 -41.63 21.93 11.41
N CYS A 69 -41.24 21.07 12.35
CA CYS A 69 -40.69 19.76 12.03
C CYS A 69 -41.62 18.61 12.43
N ASP A 70 -42.91 18.88 12.53
CA ASP A 70 -43.88 17.86 12.96
C ASP A 70 -44.18 16.81 11.89
N VAL A 71 -43.89 17.11 10.63
CA VAL A 71 -44.12 16.17 9.55
C VAL A 71 -43.18 14.96 9.62
N PHE A 72 -42.09 15.10 10.37
CA PHE A 72 -41.10 14.04 10.50
C PHE A 72 -41.38 13.06 11.65
N GLN A 73 -42.53 13.19 12.30
CA GLN A 73 -42.88 12.28 13.40
C GLN A 73 -43.05 10.85 12.87
N ASN A 74 -42.42 9.89 13.57
CA ASN A 74 -42.40 8.49 13.15
C ASN A 74 -41.88 8.28 11.73
N GLU A 75 -40.98 9.15 11.28
CA GLU A 75 -40.42 9.02 9.94
C GLU A 75 -39.15 8.17 9.98
N THR A 76 -38.90 7.43 8.91
CA THR A 76 -37.73 6.56 8.83
C THR A 76 -36.90 6.89 7.59
N TRP A 77 -35.66 6.44 7.56
CA TRP A 77 -34.77 6.73 6.44
C TRP A 77 -33.58 5.77 6.33
N ASP A 78 -32.90 5.86 5.20
CA ASP A 78 -31.59 5.23 5.02
C ASP A 78 -30.54 6.32 5.12
N LEU A 79 -30.78 7.43 4.44
CA LEU A 79 -29.93 8.61 4.52
C LEU A 79 -30.75 9.87 4.79
N PHE A 80 -30.42 10.56 5.88
CA PHE A 80 -31.05 11.83 6.19
C PHE A 80 -30.21 12.96 5.62
N VAL A 81 -30.81 13.83 4.83
CA VAL A 81 -30.09 14.92 4.20
C VAL A 81 -30.36 16.25 4.89
N GLU A 82 -29.32 16.85 5.44
CA GLU A 82 -29.43 18.10 6.18
C GLU A 82 -29.02 19.28 5.30
N ARG A 83 -29.87 20.30 5.26
CA ARG A 83 -29.62 21.47 4.42
C ARG A 83 -29.02 22.61 5.23
N SER A 84 -28.26 23.46 4.56
CA SER A 84 -27.62 24.60 5.19
C SER A 84 -28.64 25.69 5.57
N LYS A 85 -29.75 25.73 4.85
CA LYS A 85 -30.81 26.71 5.11
C LYS A 85 -31.62 26.39 6.37
N ALA A 86 -31.43 25.20 6.92
CA ALA A 86 -32.17 24.75 8.11
C ALA A 86 -32.03 25.71 9.29
N PHE A 87 -33.10 25.83 10.06
CA PHE A 87 -33.13 26.75 11.20
C PHE A 87 -33.95 26.21 12.36
N SER A 88 -33.75 26.77 13.55
CA SER A 88 -34.54 26.42 14.72
C SER A 88 -35.59 27.49 14.97
N ASN A 89 -36.79 27.08 15.40
CA ASN A 89 -37.88 28.01 15.63
C ASN A 89 -38.68 27.69 16.88
N CYS A 90 -38.00 27.06 17.85
CA CYS A 90 -38.64 26.75 19.12
C CYS A 90 -37.94 27.48 20.26
N TYR A 91 -38.01 26.91 21.46
CA TYR A 91 -37.32 27.50 22.60
C TYR A 91 -35.82 27.31 22.39
N PRO A 92 -35.03 28.35 22.66
CA PRO A 92 -33.58 28.25 22.46
C PRO A 92 -32.93 27.19 23.35
N TYR A 93 -32.10 26.34 22.77
CA TYR A 93 -31.50 25.23 23.50
C TYR A 93 -30.06 24.93 23.12
N ASP A 94 -29.40 24.14 23.95
CA ASP A 94 -28.07 23.63 23.66
C ASP A 94 -28.04 22.15 24.00
N VAL A 95 -27.15 21.40 23.34
CA VAL A 95 -27.03 19.98 23.61
C VAL A 95 -25.56 19.62 23.84
N PRO A 96 -25.17 19.46 25.11
CA PRO A 96 -23.82 18.97 25.41
C PRO A 96 -23.65 17.60 24.77
N ASP A 97 -22.59 17.45 23.97
CA ASP A 97 -22.33 16.23 23.20
C ASP A 97 -23.40 16.08 22.12
N TYR A 98 -23.61 17.16 21.37
CA TYR A 98 -24.56 17.20 20.26
C TYR A 98 -24.22 16.18 19.18
N ALA A 99 -22.95 16.17 18.78
CA ALA A 99 -22.46 15.30 17.72
C ALA A 99 -22.78 13.83 17.97
N SER A 100 -22.57 13.39 19.21
CA SER A 100 -22.83 11.99 19.57
C SER A 100 -24.30 11.64 19.48
N LEU A 101 -25.16 12.53 19.94
CA LEU A 101 -26.60 12.30 19.92
C LEU A 101 -27.08 12.30 18.47
N ARG A 102 -26.54 13.23 17.66
CA ARG A 102 -26.87 13.31 16.24
C ARG A 102 -26.48 12.01 15.53
N SER A 103 -25.25 11.56 15.76
CA SER A 103 -24.74 10.33 15.18
C SER A 103 -25.56 9.11 15.61
N LEU A 104 -25.91 9.06 16.90
CA LEU A 104 -26.67 7.96 17.47
C LEU A 104 -28.03 7.81 16.81
N VAL A 105 -28.77 8.91 16.72
CA VAL A 105 -30.11 8.91 16.13
C VAL A 105 -30.04 8.61 14.63
N ALA A 106 -29.06 9.20 13.96
CA ALA A 106 -28.84 8.96 12.54
C ALA A 106 -28.65 7.48 12.24
N SER A 107 -27.85 6.81 13.07
CA SER A 107 -27.59 5.38 12.90
C SER A 107 -28.85 4.55 13.10
N SER A 108 -29.71 4.99 14.00
CA SER A 108 -30.97 4.28 14.28
C SER A 108 -31.87 4.29 13.05
N GLY A 109 -31.87 5.41 12.33
CA GLY A 109 -32.62 5.53 11.09
C GLY A 109 -34.13 5.67 11.26
N THR A 110 -34.57 6.05 12.45
CA THR A 110 -36.00 6.19 12.71
C THR A 110 -36.30 7.11 13.89
N LEU A 111 -37.47 7.74 13.86
CA LEU A 111 -37.94 8.61 14.93
C LEU A 111 -39.21 8.04 15.57
N GLU A 112 -39.29 6.72 15.59
CA GLU A 112 -40.46 6.03 16.14
C GLU A 112 -40.60 6.31 17.64
N PHE A 113 -41.55 7.16 18.00
CA PHE A 113 -41.74 7.56 19.38
C PHE A 113 -42.96 6.89 20.02
N ILE A 114 -42.75 6.29 21.17
CA ILE A 114 -43.83 5.65 21.92
C ILE A 114 -44.14 6.46 23.17
N THR A 115 -45.37 6.94 23.29
CA THR A 115 -45.76 7.74 24.44
C THR A 115 -46.02 6.87 25.66
N GLU A 116 -45.61 7.37 26.82
CA GLU A 116 -45.79 6.67 28.09
C GLU A 116 -46.58 7.60 29.00
N GLY A 117 -47.24 7.04 30.00
CA GLY A 117 -48.14 7.84 30.81
C GLY A 117 -47.50 8.82 31.77
N PHE A 118 -46.47 8.36 32.50
CA PHE A 118 -45.75 9.14 33.53
C PHE A 118 -46.68 9.98 34.41
N THR A 119 -46.82 9.59 35.68
CA THR A 119 -47.64 10.36 36.59
C THR A 119 -46.81 11.46 37.28
N TRP A 120 -47.10 12.71 36.95
CA TRP A 120 -46.43 13.85 37.56
C TRP A 120 -47.40 14.53 38.52
N THR A 121 -47.30 14.16 39.81
CA THR A 121 -48.23 14.66 40.81
C THR A 121 -47.74 15.95 41.47
N GLY A 122 -48.68 16.87 41.71
CA GLY A 122 -48.38 18.13 42.37
C GLY A 122 -47.68 19.17 41.51
N VAL A 123 -47.72 18.98 40.19
CA VAL A 123 -47.10 19.93 39.27
C VAL A 123 -48.00 20.18 38.05
N THR A 124 -47.80 21.33 37.41
CA THR A 124 -48.56 21.68 36.21
C THR A 124 -47.81 21.22 34.96
N GLN A 125 -48.48 20.47 34.10
CA GLN A 125 -47.86 19.92 32.90
C GLN A 125 -48.07 20.78 31.66
N ASN A 126 -47.43 20.38 30.57
CA ASN A 126 -47.60 20.98 29.25
C ASN A 126 -47.37 22.47 29.19
N GLY A 127 -46.25 22.92 29.73
CA GLY A 127 -45.88 24.33 29.66
C GLY A 127 -45.39 24.72 28.28
N GLY A 128 -45.59 25.97 27.91
CA GLY A 128 -45.20 26.43 26.60
C GLY A 128 -44.68 27.86 26.58
N SER A 129 -44.34 28.34 25.38
CA SER A 129 -43.76 29.68 25.22
C SER A 129 -44.11 30.27 23.87
N ASN A 130 -44.06 31.60 23.77
CA ASN A 130 -44.31 32.29 22.51
C ASN A 130 -43.14 32.16 21.53
N ALA A 131 -41.99 31.74 22.05
CA ALA A 131 -40.83 31.48 21.20
C ALA A 131 -41.02 30.19 20.41
N CYS A 132 -41.89 29.32 20.91
CA CYS A 132 -42.14 28.04 20.27
C CYS A 132 -43.63 27.87 19.97
N LYS A 133 -44.15 28.75 19.12
CA LYS A 133 -45.58 28.74 18.79
C LYS A 133 -46.00 27.57 17.92
N ARG A 134 -47.15 26.98 18.25
CA ARG A 134 -47.78 25.97 17.40
C ARG A 134 -49.18 26.47 17.10
N GLY A 135 -49.40 26.91 15.86
CA GLY A 135 -50.64 27.57 15.50
C GLY A 135 -50.59 29.01 15.99
N PRO A 136 -51.77 29.60 16.25
CA PRO A 136 -51.78 30.99 16.76
C PRO A 136 -51.30 31.08 18.21
N GLY A 137 -51.52 30.01 18.98
CA GLY A 137 -51.15 29.99 20.38
C GLY A 137 -49.74 29.50 20.66
N SER A 138 -49.31 29.64 21.91
CA SER A 138 -47.99 29.20 22.34
C SER A 138 -47.86 27.68 22.36
N GLY A 139 -46.63 27.18 22.41
CA GLY A 139 -46.39 25.74 22.42
C GLY A 139 -45.00 25.36 22.91
N PHE A 140 -44.60 24.13 22.61
CA PHE A 140 -43.33 23.59 23.10
C PHE A 140 -42.93 22.37 22.27
N PHE A 141 -41.73 21.84 22.52
CA PHE A 141 -41.29 20.59 21.89
C PHE A 141 -42.30 19.48 22.16
N SER A 142 -42.79 18.85 21.09
CA SER A 142 -43.82 17.83 21.20
C SER A 142 -43.39 16.62 22.02
N ARG A 143 -42.10 16.29 21.98
CA ARG A 143 -41.61 15.12 22.69
C ARG A 143 -41.10 15.43 24.10
N LEU A 144 -41.29 16.66 24.53
CA LEU A 144 -40.88 17.07 25.87
C LEU A 144 -42.02 17.71 26.67
N ASN A 145 -41.97 17.53 27.98
CA ASN A 145 -43.03 18.03 28.87
C ASN A 145 -42.47 19.01 29.90
N TRP A 146 -42.84 20.28 29.75
CA TRP A 146 -42.37 21.33 30.65
C TRP A 146 -43.20 21.40 31.92
N LEU A 147 -42.62 20.96 33.03
CA LEU A 147 -43.29 20.93 34.32
C LEU A 147 -43.02 22.19 35.15
N THR A 148 -44.07 22.77 35.70
CA THR A 148 -43.95 23.95 36.56
C THR A 148 -44.72 23.74 37.87
N LYS A 149 -44.64 24.70 38.78
CA LYS A 149 -45.29 24.58 40.09
C LYS A 149 -46.81 24.50 39.98
N SER A 150 -47.41 23.87 40.98
CA SER A 150 -48.87 23.82 41.09
C SER A 150 -49.32 24.58 42.33
N GLY A 151 -49.96 25.73 42.12
CA GLY A 151 -50.37 26.56 43.23
C GLY A 151 -49.18 27.33 43.78
N SER A 152 -48.64 26.85 44.89
CA SER A 152 -47.48 27.49 45.51
C SER A 152 -46.42 26.47 45.92
N THR A 153 -46.43 25.30 45.29
CA THR A 153 -45.47 24.25 45.62
C THR A 153 -44.99 23.44 44.41
N TYR A 154 -43.71 23.09 44.43
CA TYR A 154 -43.12 22.17 43.47
C TYR A 154 -42.51 21.04 44.27
N PRO A 155 -43.24 19.91 44.39
CA PRO A 155 -42.77 18.83 45.25
C PRO A 155 -41.60 18.05 44.65
N VAL A 156 -41.00 17.18 45.45
CA VAL A 156 -39.89 16.35 44.97
C VAL A 156 -40.44 15.21 44.14
N LEU A 157 -40.20 15.25 42.84
CA LEU A 157 -40.69 14.23 41.92
C LEU A 157 -39.87 12.97 42.04
N ASN A 158 -40.52 11.81 42.01
CA ASN A 158 -39.84 10.55 42.23
C ASN A 158 -40.54 9.45 41.44
N VAL A 159 -40.41 9.51 40.12
CA VAL A 159 -41.11 8.61 39.22
C VAL A 159 -40.20 7.52 38.66
N THR A 160 -40.78 6.37 38.34
CA THR A 160 -40.02 5.24 37.80
C THR A 160 -40.72 4.63 36.60
N MET A 161 -39.93 4.23 35.60
CA MET A 161 -40.46 3.64 34.38
C MET A 161 -39.61 2.44 33.97
N PRO A 162 -40.10 1.21 34.22
CA PRO A 162 -39.30 0.01 33.94
C PRO A 162 -39.32 -0.44 32.49
N ASN A 163 -38.27 -1.13 32.07
CA ASN A 163 -38.18 -1.67 30.71
C ASN A 163 -38.42 -3.17 30.75
N ASN A 164 -39.64 -3.59 30.45
CA ASN A 164 -40.00 -5.01 30.45
C ASN A 164 -40.01 -5.61 29.06
N ASP A 165 -39.66 -4.78 28.07
CA ASP A 165 -39.62 -5.20 26.68
C ASP A 165 -38.26 -5.81 26.29
N ASN A 166 -38.15 -6.31 25.05
CA ASN A 166 -36.94 -6.97 24.56
C ASN A 166 -36.09 -6.07 23.67
N PHE A 167 -36.03 -4.80 24.04
CA PHE A 167 -35.23 -3.82 23.29
C PHE A 167 -34.70 -2.65 24.12
N ASP A 168 -33.76 -1.90 23.54
CA ASP A 168 -33.24 -0.71 24.21
C ASP A 168 -34.15 0.50 24.01
N LYS A 169 -34.42 1.23 25.08
CA LYS A 169 -35.24 2.45 25.01
C LYS A 169 -34.38 3.70 25.10
N LEU A 170 -34.62 4.64 24.19
CA LEU A 170 -33.91 5.93 24.24
C LEU A 170 -34.83 7.04 24.75
N TYR A 171 -34.45 7.66 25.85
CA TYR A 171 -35.23 8.74 26.45
C TYR A 171 -34.56 10.09 26.28
N ILE A 172 -35.33 11.09 25.86
CA ILE A 172 -34.81 12.45 25.74
C ILE A 172 -35.47 13.35 26.77
N TRP A 173 -34.65 14.02 27.58
CA TRP A 173 -35.14 14.89 28.64
C TRP A 173 -34.26 16.14 28.71
N GLY A 174 -34.64 17.11 29.53
CA GLY A 174 -33.87 18.33 29.63
C GLY A 174 -33.90 19.05 30.95
N VAL A 175 -33.15 20.14 31.03
CA VAL A 175 -33.04 20.94 32.24
C VAL A 175 -33.15 22.42 31.91
N HIS A 176 -34.10 23.09 32.56
CA HIS A 176 -34.30 24.50 32.30
C HIS A 176 -33.32 25.42 33.03
N HIS A 177 -32.80 26.41 32.30
CA HIS A 177 -31.87 27.38 32.86
C HIS A 177 -32.46 28.79 32.81
N PRO A 178 -33.08 29.24 33.92
CA PRO A 178 -33.69 30.57 33.96
C PRO A 178 -32.66 31.70 33.89
N SER A 179 -33.09 32.87 33.46
CA SER A 179 -32.18 34.01 33.33
C SER A 179 -32.06 34.82 34.62
N THR A 180 -33.07 34.72 35.48
CA THR A 180 -33.08 35.47 36.74
C THR A 180 -33.57 34.60 37.90
N ASN A 181 -33.24 35.00 39.13
CA ASN A 181 -33.67 34.26 40.32
C ASN A 181 -35.17 34.32 40.55
N GLN A 182 -35.79 35.40 40.08
CA GLN A 182 -37.23 35.57 40.18
C GLN A 182 -37.95 34.59 39.24
N GLU A 183 -37.42 34.44 38.03
CA GLU A 183 -37.95 33.46 37.08
C GLU A 183 -37.92 32.06 37.69
N GLN A 184 -36.79 31.72 38.29
CA GLN A 184 -36.59 30.44 38.95
C GLN A 184 -37.67 30.16 40.00
N THR A 185 -37.91 31.14 40.85
CA THR A 185 -38.88 30.99 41.94
C THR A 185 -40.34 30.99 41.46
N SER A 186 -40.65 31.80 40.45
CA SER A 186 -42.01 31.86 39.92
C SER A 186 -42.43 30.52 39.30
N LEU A 187 -41.47 29.81 38.74
CA LEU A 187 -41.75 28.55 38.08
C LEU A 187 -41.62 27.36 39.03
N TYR A 188 -40.54 27.34 39.80
CA TYR A 188 -40.20 26.16 40.60
C TYR A 188 -40.14 26.39 42.11
N VAL A 189 -40.53 27.58 42.54
CA VAL A 189 -40.57 27.99 43.96
C VAL A 189 -39.17 27.98 44.60
N GLN A 190 -38.47 26.85 44.57
CA GLN A 190 -37.16 26.74 45.21
C GLN A 190 -36.08 27.53 44.46
N ALA A 191 -35.21 28.19 45.22
CA ALA A 191 -34.17 29.04 44.65
C ALA A 191 -33.16 28.26 43.81
N SER A 192 -33.05 26.96 44.07
CA SER A 192 -32.11 26.11 43.32
C SER A 192 -32.72 24.76 43.02
N GLY A 193 -32.92 24.47 41.74
CA GLY A 193 -33.47 23.19 41.32
C GLY A 193 -32.43 22.09 41.24
N ARG A 194 -32.88 20.90 40.84
CA ARG A 194 -32.02 19.75 40.67
C ARG A 194 -32.72 18.68 39.85
N VAL A 195 -31.99 18.06 38.93
CA VAL A 195 -32.55 17.00 38.10
C VAL A 195 -31.62 15.80 38.07
N THR A 196 -32.16 14.62 38.37
CA THR A 196 -31.38 13.40 38.34
C THR A 196 -32.14 12.27 37.65
N VAL A 197 -31.49 11.62 36.70
CA VAL A 197 -32.06 10.46 36.02
C VAL A 197 -31.07 9.30 36.18
N SER A 198 -31.59 8.12 36.48
CA SER A 198 -30.70 7.00 36.77
C SER A 198 -31.20 5.66 36.24
N THR A 199 -30.27 4.71 36.21
CA THR A 199 -30.55 3.33 35.86
C THR A 199 -29.76 2.49 36.86
N ARG A 200 -29.81 1.16 36.72
CA ARG A 200 -29.09 0.31 37.66
C ARG A 200 -27.57 0.42 37.57
N ARG A 201 -27.07 0.79 36.39
CA ARG A 201 -25.63 0.93 36.20
C ARG A 201 -25.11 2.38 36.01
N SER A 202 -25.96 3.29 35.56
CA SER A 202 -25.51 4.66 35.27
C SER A 202 -26.33 5.75 35.96
N GLN A 203 -25.82 6.99 35.92
CA GLN A 203 -26.50 8.15 36.48
C GLN A 203 -26.06 9.52 35.96
N GLN A 204 -27.00 10.44 35.80
CA GLN A 204 -26.70 11.81 35.40
C GLN A 204 -27.37 12.84 36.33
N THR A 205 -26.57 13.55 37.13
CA THR A 205 -27.08 14.61 38.01
C THR A 205 -26.65 16.01 37.56
N ILE A 206 -27.60 16.94 37.49
CA ILE A 206 -27.29 18.31 37.09
C ILE A 206 -28.03 19.37 37.91
N ILE A 207 -27.27 20.35 38.40
CA ILE A 207 -27.85 21.50 39.10
C ILE A 207 -27.91 22.66 38.11
N PRO A 208 -29.12 23.12 37.78
CA PRO A 208 -29.27 24.19 36.80
C PRO A 208 -28.62 25.50 37.24
N ASN A 209 -28.09 26.26 36.28
CA ASN A 209 -27.45 27.53 36.59
C ASN A 209 -28.36 28.69 36.15
N ILE A 210 -28.52 29.68 37.02
CA ILE A 210 -29.35 30.81 36.70
C ILE A 210 -28.49 31.90 36.06
N GLU A 211 -28.72 32.17 34.77
CA GLU A 211 -27.86 33.07 34.02
C GLU A 211 -28.51 33.59 32.74
N SER A 212 -28.25 34.86 32.44
CA SER A 212 -28.70 35.54 31.22
C SER A 212 -27.74 35.35 30.04
N ARG A 213 -28.32 35.10 28.88
CA ARG A 213 -27.60 34.91 27.63
C ARG A 213 -27.99 35.96 26.60
N PRO A 214 -27.20 36.12 25.52
CA PRO A 214 -27.63 37.04 24.46
C PRO A 214 -29.01 36.64 23.95
N TRP A 215 -29.84 37.63 23.68
CA TRP A 215 -31.23 37.37 23.32
C TRP A 215 -31.34 36.59 22.01
N VAL A 216 -31.96 35.42 22.09
CA VAL A 216 -32.20 34.58 20.92
C VAL A 216 -33.69 34.26 20.82
N ARG A 217 -34.30 34.75 19.74
CA ARG A 217 -35.75 34.65 19.56
C ARG A 217 -36.45 35.26 20.77
N GLY A 218 -36.01 36.46 21.13
CA GLY A 218 -36.57 37.21 22.23
C GLY A 218 -36.41 36.61 23.62
N LEU A 219 -35.45 35.71 23.79
CA LEU A 219 -35.25 35.06 25.09
C LEU A 219 -33.80 35.02 25.56
N SER A 220 -33.62 35.18 26.86
CA SER A 220 -32.30 35.08 27.46
C SER A 220 -32.09 33.73 28.14
N SER A 221 -33.16 32.94 28.26
CA SER A 221 -33.07 31.63 28.90
C SER A 221 -32.84 30.49 27.90
N ARG A 222 -32.50 29.32 28.42
CA ARG A 222 -32.19 28.16 27.59
C ARG A 222 -32.64 26.84 28.23
N ILE A 223 -32.48 25.77 27.47
CA ILE A 223 -32.69 24.42 27.95
C ILE A 223 -31.51 23.54 27.56
N SER A 224 -31.03 22.70 28.47
CA SER A 224 -29.94 21.78 28.15
C SER A 224 -30.54 20.39 27.91
N ILE A 225 -30.28 19.84 26.74
CA ILE A 225 -30.85 18.56 26.36
C ILE A 225 -29.92 17.40 26.73
N TYR A 226 -30.51 16.36 27.31
CA TYR A 226 -29.74 15.19 27.69
C TYR A 226 -30.46 13.92 27.25
N TRP A 227 -29.74 12.80 27.25
CA TRP A 227 -30.29 11.53 26.84
C TRP A 227 -29.82 10.33 27.67
N THR A 228 -30.70 9.34 27.79
CA THR A 228 -30.44 8.14 28.56
C THR A 228 -30.92 6.91 27.80
N ILE A 229 -30.16 5.83 27.86
CA ILE A 229 -30.56 4.57 27.25
C ILE A 229 -30.86 3.54 28.33
N VAL A 230 -31.98 2.82 28.18
CA VAL A 230 -32.39 1.83 29.16
C VAL A 230 -32.49 0.45 28.51
N LYS A 231 -31.66 -0.47 28.99
CA LYS A 231 -31.63 -1.84 28.48
C LYS A 231 -32.79 -2.65 29.07
N PRO A 232 -33.13 -3.79 28.45
CA PRO A 232 -34.17 -4.65 29.01
C PRO A 232 -33.84 -5.13 30.42
N GLY A 233 -34.85 -5.17 31.28
CA GLY A 233 -34.66 -5.56 32.67
C GLY A 233 -34.12 -4.44 33.54
N ASP A 234 -33.87 -3.28 32.92
CA ASP A 234 -33.39 -2.11 33.65
C ASP A 234 -34.56 -1.17 33.90
N VAL A 235 -34.35 -0.14 34.71
CA VAL A 235 -35.42 0.79 35.05
C VAL A 235 -34.95 2.24 34.98
N LEU A 236 -35.84 3.12 34.51
CA LEU A 236 -35.56 4.54 34.46
C LEU A 236 -36.10 5.23 35.71
N VAL A 237 -35.22 5.92 36.42
CA VAL A 237 -35.63 6.65 37.63
C VAL A 237 -35.37 8.14 37.46
N ILE A 238 -36.41 8.95 37.66
CA ILE A 238 -36.29 10.40 37.55
C ILE A 238 -36.62 11.06 38.88
N ASN A 239 -35.67 11.85 39.38
CA ASN A 239 -35.87 12.58 40.63
C ASN A 239 -35.61 14.06 40.43
N SER A 240 -36.55 14.90 40.87
CA SER A 240 -36.42 16.32 40.65
C SER A 240 -37.17 17.19 41.66
N ASN A 241 -36.47 18.19 42.18
CA ASN A 241 -37.09 19.21 43.03
C ASN A 241 -37.31 20.49 42.22
N GLY A 242 -36.87 20.48 40.97
CA GLY A 242 -37.08 21.63 40.09
C GLY A 242 -36.37 21.61 38.75
N ASN A 243 -36.86 22.44 37.83
CA ASN A 243 -36.27 22.69 36.50
C ASN A 243 -36.26 21.52 35.53
N LEU A 244 -37.04 20.48 35.81
CA LEU A 244 -37.06 19.31 34.93
C LEU A 244 -37.91 19.52 33.68
N ILE A 245 -37.32 19.20 32.52
CA ILE A 245 -38.07 19.14 31.27
C ILE A 245 -38.27 17.67 30.96
N ALA A 246 -39.40 17.14 31.43
CA ALA A 246 -39.65 15.69 31.44
C ALA A 246 -39.83 15.09 30.05
N PRO A 247 -39.51 13.80 29.91
CA PRO A 247 -39.79 13.07 28.67
C PRO A 247 -41.24 12.62 28.61
N ARG A 248 -41.79 12.47 27.41
CA ARG A 248 -43.16 12.02 27.22
C ARG A 248 -43.22 10.53 26.94
N GLY A 249 -42.05 9.94 26.69
CA GLY A 249 -41.94 8.54 26.35
C GLY A 249 -40.54 8.22 25.86
N TYR A 250 -40.43 7.25 24.96
CA TYR A 250 -39.11 6.85 24.46
C TYR A 250 -39.05 6.67 22.95
N PHE A 251 -37.83 6.63 22.43
CA PHE A 251 -37.58 6.30 21.03
C PHE A 251 -37.00 4.90 21.00
N LYS A 252 -37.56 4.07 20.13
CA LYS A 252 -37.12 2.69 20.00
C LYS A 252 -35.82 2.66 19.18
N MET A 253 -34.76 2.08 19.75
CA MET A 253 -33.45 2.05 19.10
C MET A 253 -33.28 0.86 18.15
N ARG A 254 -32.61 1.13 17.03
CA ARG A 254 -32.31 0.10 16.05
C ARG A 254 -30.84 0.15 15.67
N THR A 255 -30.31 -1.00 15.25
CA THR A 255 -28.96 -1.08 14.71
C THR A 255 -29.07 -1.37 13.22
N GLY A 256 -28.62 -0.43 12.40
CA GLY A 256 -28.78 -0.59 10.96
C GLY A 256 -27.76 0.10 10.07
N LYS A 257 -28.07 0.13 8.78
CA LYS A 257 -27.20 0.70 7.76
C LYS A 257 -27.55 2.16 7.44
N SER A 258 -28.12 2.87 8.41
CA SER A 258 -28.57 4.25 8.20
C SER A 258 -27.50 5.28 8.60
N SER A 259 -27.63 6.49 8.04
CA SER A 259 -26.69 7.57 8.34
C SER A 259 -27.29 8.94 8.02
N ILE A 260 -26.45 9.97 8.11
CA ILE A 260 -26.86 11.35 7.84
C ILE A 260 -25.79 12.05 7.00
N MET A 261 -26.21 13.00 6.17
CA MET A 261 -25.27 13.73 5.31
C MET A 261 -25.66 15.19 5.15
N ARG A 262 -24.66 16.07 5.17
CA ARG A 262 -24.87 17.49 4.92
C ARG A 262 -24.66 17.81 3.45
N SER A 263 -25.72 18.26 2.79
CA SER A 263 -25.66 18.56 1.36
C SER A 263 -26.69 19.59 0.93
N ASP A 264 -26.41 20.30 -0.16
CA ASP A 264 -27.36 21.25 -0.72
C ASP A 264 -27.74 20.84 -2.14
N ALA A 265 -27.51 19.57 -2.47
CA ALA A 265 -27.83 19.05 -3.78
C ALA A 265 -29.30 18.66 -3.88
N PRO A 266 -29.93 18.92 -5.03
CA PRO A 266 -31.34 18.56 -5.22
C PRO A 266 -31.52 17.06 -5.37
N ILE A 267 -32.73 16.57 -5.08
CA ILE A 267 -33.03 15.15 -5.22
C ILE A 267 -33.77 14.92 -6.54
N ASP A 268 -33.53 13.78 -7.17
CA ASP A 268 -34.11 13.48 -8.47
C ASP A 268 -34.53 12.01 -8.57
N THR A 269 -35.43 11.71 -9.48
CA THR A 269 -35.90 10.34 -9.69
C THR A 269 -34.99 9.57 -10.63
N CYS A 270 -34.11 8.76 -10.06
CA CYS A 270 -33.14 7.96 -10.79
C CYS A 270 -32.41 7.01 -9.84
N ILE A 271 -31.55 6.15 -10.38
CA ILE A 271 -30.91 5.11 -9.59
C ILE A 271 -29.39 5.25 -9.48
N SER A 272 -28.87 5.20 -8.25
CA SER A 272 -27.43 5.23 -8.01
C SER A 272 -27.09 4.74 -6.61
N GLU A 273 -26.25 3.72 -6.53
CA GLU A 273 -25.82 3.13 -5.26
C GLU A 273 -25.00 4.10 -4.41
N CYS A 274 -24.11 4.85 -5.06
CA CYS A 274 -23.21 5.75 -4.35
C CYS A 274 -23.75 7.17 -4.27
N ILE A 275 -23.69 7.75 -3.07
CA ILE A 275 -24.15 9.12 -2.84
C ILE A 275 -23.08 9.95 -2.12
N THR A 276 -22.86 11.17 -2.60
CA THR A 276 -21.92 12.10 -1.99
C THR A 276 -22.59 13.46 -1.83
N PRO A 277 -22.02 14.35 -0.98
CA PRO A 277 -22.58 15.70 -0.84
C PRO A 277 -22.68 16.47 -2.16
N ASN A 278 -21.80 16.15 -3.11
CA ASN A 278 -21.83 16.78 -4.43
C ASN A 278 -22.94 16.21 -5.31
N GLY A 279 -23.59 15.17 -4.83
CA GLY A 279 -24.62 14.48 -5.58
C GLY A 279 -24.24 13.03 -5.77
N SER A 280 -25.07 12.28 -6.49
CA SER A 280 -24.79 10.88 -6.75
C SER A 280 -23.71 10.74 -7.83
N ILE A 281 -22.95 9.65 -7.75
CA ILE A 281 -21.93 9.34 -8.73
C ILE A 281 -21.99 7.86 -9.12
N PRO A 282 -21.59 7.54 -10.36
CA PRO A 282 -21.56 6.13 -10.77
C PRO A 282 -20.43 5.35 -10.09
N ASN A 283 -20.69 4.09 -9.74
CA ASN A 283 -19.70 3.26 -9.07
C ASN A 283 -19.00 2.27 -9.99
N ASP A 284 -18.92 2.61 -11.28
CA ASP A 284 -18.28 1.73 -12.26
C ASP A 284 -16.76 1.71 -12.09
N LYS A 285 -16.19 2.84 -11.71
CA LYS A 285 -14.75 2.95 -11.53
C LYS A 285 -14.34 2.59 -10.11
N PRO A 286 -13.11 2.07 -9.94
CA PRO A 286 -12.64 1.65 -8.61
C PRO A 286 -12.32 2.81 -7.67
N PHE A 287 -11.95 3.96 -8.22
CA PHE A 287 -11.58 5.11 -7.39
C PHE A 287 -12.39 6.35 -7.78
N GLN A 288 -12.31 7.39 -6.96
CA GLN A 288 -13.03 8.63 -7.22
C GLN A 288 -12.37 9.84 -6.55
N ASN A 289 -12.59 11.01 -7.14
CA ASN A 289 -11.97 12.25 -6.68
C ASN A 289 -12.97 13.32 -6.27
N VAL A 290 -14.26 12.97 -6.23
CA VAL A 290 -15.28 13.98 -6.00
C VAL A 290 -15.39 14.40 -4.52
N ASN A 291 -15.43 13.44 -3.60
CA ASN A 291 -15.55 13.77 -2.18
C ASN A 291 -15.22 12.61 -1.26
N LYS A 292 -14.50 12.90 -0.17
CA LYS A 292 -14.15 11.87 0.81
C LYS A 292 -15.37 11.40 1.60
N ILE A 293 -16.39 12.24 1.70
CA ILE A 293 -17.65 11.86 2.34
C ILE A 293 -18.52 11.07 1.35
N THR A 294 -18.95 9.87 1.75
CA THR A 294 -19.71 8.99 0.87
C THR A 294 -20.75 8.16 1.62
N TYR A 295 -21.65 7.56 0.85
CA TYR A 295 -22.64 6.63 1.40
C TYR A 295 -23.05 5.60 0.36
N GLY A 296 -23.01 4.32 0.74
CA GLY A 296 -23.39 3.24 -0.15
C GLY A 296 -22.18 2.58 -0.79
N ALA A 297 -22.43 1.84 -1.86
CA ALA A 297 -21.35 1.17 -2.59
C ALA A 297 -20.58 2.19 -3.42
N CYS A 298 -19.54 2.76 -2.84
CA CYS A 298 -18.81 3.86 -3.46
C CYS A 298 -17.39 3.47 -3.81
N PRO A 299 -16.83 4.11 -4.86
CA PRO A 299 -15.40 3.96 -5.13
C PRO A 299 -14.57 4.60 -4.02
N LYS A 300 -13.36 4.09 -3.81
CA LYS A 300 -12.49 4.60 -2.76
C LYS A 300 -12.00 6.00 -3.12
N TYR A 301 -12.02 6.91 -2.15
CA TYR A 301 -11.55 8.26 -2.41
C TYR A 301 -10.05 8.26 -2.62
N VAL A 302 -9.61 9.02 -3.61
CA VAL A 302 -8.20 9.10 -3.97
C VAL A 302 -7.84 10.57 -4.25
N LYS A 303 -6.57 10.94 -4.09
CA LYS A 303 -6.16 12.33 -4.30
C LYS A 303 -5.96 12.67 -5.78
N GLN A 304 -5.62 11.66 -6.58
CA GLN A 304 -5.39 11.86 -8.00
C GLN A 304 -6.68 12.21 -8.71
N ASN A 305 -6.59 13.08 -9.71
CA ASN A 305 -7.76 13.45 -10.50
C ASN A 305 -7.89 12.55 -11.74
N THR A 306 -6.81 11.84 -12.05
CA THR A 306 -6.82 10.92 -13.17
C THR A 306 -5.85 9.76 -13.00
N LEU A 307 -6.31 8.56 -13.33
CA LEU A 307 -5.48 7.37 -13.36
C LEU A 307 -5.89 6.51 -14.55
N LYS A 308 -5.07 6.53 -15.60
CA LYS A 308 -5.38 5.83 -16.84
C LYS A 308 -4.82 4.42 -16.85
N LEU A 309 -5.68 3.46 -17.15
CA LEU A 309 -5.31 2.05 -17.25
C LEU A 309 -5.23 1.61 -18.70
N ALA A 310 -4.06 1.13 -19.12
CA ALA A 310 -3.85 0.71 -20.51
C ALA A 310 -4.83 -0.37 -20.94
N THR A 311 -5.47 -0.14 -22.08
CA THR A 311 -6.45 -1.05 -22.64
C THR A 311 -5.98 -1.43 -24.07
N GLY A 312 -4.65 -1.38 -24.25
CA GLY A 312 -4.06 -1.69 -25.52
C GLY A 312 -2.54 -1.77 -25.46
N MET A 313 -1.92 -2.15 -26.58
CA MET A 313 -0.47 -2.23 -26.65
C MET A 313 0.12 -0.84 -26.84
N ARG A 314 1.44 -0.73 -26.76
CA ARG A 314 2.09 0.58 -26.91
C ARG A 314 2.02 1.05 -28.35
N ASN A 315 1.77 2.34 -28.55
CA ASN A 315 1.59 2.90 -29.88
C ASN A 315 2.87 3.44 -30.50
N VAL A 316 3.29 2.83 -31.61
CA VAL A 316 4.44 3.30 -32.36
C VAL A 316 4.05 3.61 -33.79
N PRO A 317 4.49 4.77 -34.32
CA PRO A 317 4.09 5.24 -35.65
C PRO A 317 4.75 4.43 -36.76
N GLU A 318 4.10 4.32 -37.91
CA GLU A 318 4.70 3.57 -39.01
C GLU A 318 5.84 4.38 -39.60
N LYS A 319 6.80 3.71 -40.24
CA LYS A 319 7.95 4.38 -40.83
C LYS A 319 7.79 4.56 -42.32
N GLY B 1 9.96 -0.29 -52.43
CA GLY B 1 8.81 -0.38 -51.56
C GLY B 1 8.80 -1.66 -50.74
N ALA B 2 9.89 -1.90 -50.03
CA ALA B 2 10.03 -3.11 -49.22
C ALA B 2 9.11 -3.08 -48.00
N ILE B 3 8.68 -4.27 -47.58
CA ILE B 3 7.80 -4.41 -46.41
C ILE B 3 8.64 -4.52 -45.14
N ALA B 4 8.10 -4.03 -44.02
CA ALA B 4 8.81 -4.08 -42.74
C ALA B 4 7.93 -4.67 -41.63
N GLY B 5 8.57 -5.33 -40.67
CA GLY B 5 7.87 -5.97 -39.58
C GLY B 5 7.69 -5.15 -38.32
N PHE B 6 7.49 -5.85 -37.20
CA PHE B 6 7.14 -5.27 -35.91
C PHE B 6 8.27 -4.66 -35.06
N ILE B 7 9.53 -4.82 -35.46
CA ILE B 7 10.65 -4.48 -34.58
C ILE B 7 10.61 -3.06 -34.01
N GLU B 8 10.57 -2.05 -34.88
CA GLU B 8 10.49 -0.67 -34.42
C GLU B 8 9.47 0.05 -35.29
N ASN B 9 8.36 -0.63 -35.54
CA ASN B 9 7.36 -0.12 -36.48
C ASN B 9 5.98 -0.72 -36.21
N GLY B 10 4.96 0.11 -36.44
CA GLY B 10 3.57 -0.30 -36.31
C GLY B 10 2.82 -0.15 -37.62
N TRP B 11 1.68 -0.81 -37.76
CA TRP B 11 0.90 -0.69 -38.99
C TRP B 11 -0.37 0.13 -38.74
N GLU B 12 -0.37 1.37 -39.20
CA GLU B 12 -1.50 2.27 -38.96
C GLU B 12 -2.77 1.77 -39.63
N GLY B 13 -2.65 1.32 -40.88
CA GLY B 13 -3.78 0.84 -41.66
C GLY B 13 -4.17 -0.58 -41.31
N MET B 14 -4.75 -0.74 -40.13
CA MET B 14 -5.08 -2.09 -39.67
C MET B 14 -6.34 -2.08 -38.80
N ILE B 15 -7.46 -2.56 -39.35
CA ILE B 15 -8.74 -2.51 -38.67
C ILE B 15 -9.37 -3.86 -38.32
N ASP B 16 -9.01 -4.93 -39.03
CA ASP B 16 -9.59 -6.24 -38.74
C ASP B 16 -9.09 -6.89 -37.44
N GLY B 17 -7.93 -6.47 -36.95
CA GLY B 17 -7.37 -7.06 -35.74
C GLY B 17 -6.22 -6.30 -35.11
N TRP B 18 -5.58 -6.94 -34.13
CA TRP B 18 -4.45 -6.33 -33.42
C TRP B 18 -3.10 -6.78 -33.97
N TYR B 19 -2.99 -8.06 -34.31
CA TYR B 19 -1.77 -8.60 -34.89
C TYR B 19 -2.09 -9.21 -36.25
N GLY B 20 -1.11 -9.24 -37.14
CA GLY B 20 -1.35 -9.77 -38.47
C GLY B 20 -0.13 -10.02 -39.34
N PHE B 21 -0.41 -10.34 -40.61
CA PHE B 21 0.63 -10.64 -41.57
C PHE B 21 0.59 -9.67 -42.74
N ARG B 22 1.74 -9.46 -43.37
CA ARG B 22 1.84 -8.64 -44.58
C ARG B 22 2.85 -9.34 -45.49
N HIS B 23 2.51 -9.48 -46.76
CA HIS B 23 3.37 -10.26 -47.65
C HIS B 23 3.70 -9.60 -48.99
N GLN B 24 4.74 -10.16 -49.62
CA GLN B 24 5.19 -9.75 -50.94
C GLN B 24 5.53 -10.99 -51.75
N ASN B 25 4.72 -11.29 -52.77
CA ASN B 25 4.97 -12.49 -53.56
C ASN B 25 4.72 -12.30 -55.05
N SER B 26 4.66 -13.42 -55.77
CA SER B 26 4.46 -13.42 -57.22
C SER B 26 3.15 -12.76 -57.63
N GLU B 27 2.12 -12.91 -56.79
CA GLU B 27 0.81 -12.32 -57.10
C GLU B 27 0.63 -10.93 -56.50
N GLY B 28 1.72 -10.31 -56.05
CA GLY B 28 1.65 -8.98 -55.49
C GLY B 28 1.58 -8.93 -53.98
N THR B 29 1.39 -7.72 -53.45
CA THR B 29 1.34 -7.50 -52.01
C THR B 29 -0.03 -7.79 -51.40
N GLY B 30 -0.07 -7.97 -50.09
CA GLY B 30 -1.31 -8.23 -49.38
C GLY B 30 -1.17 -8.11 -47.88
N GLN B 31 -2.30 -8.14 -47.17
CA GLN B 31 -2.31 -8.03 -45.71
C GLN B 31 -3.49 -8.80 -45.11
N ALA B 32 -3.32 -9.28 -43.88
CA ALA B 32 -4.36 -10.02 -43.18
C ALA B 32 -4.11 -10.03 -41.69
N ALA B 33 -5.18 -10.01 -40.90
CA ALA B 33 -5.07 -10.00 -39.44
C ALA B 33 -5.11 -11.41 -38.86
N ASP B 34 -4.47 -11.58 -37.71
CA ASP B 34 -4.53 -12.83 -36.95
C ASP B 34 -5.53 -12.67 -35.81
N LEU B 35 -6.66 -13.36 -35.92
CA LEU B 35 -7.79 -13.15 -35.02
C LEU B 35 -7.61 -13.80 -33.64
N LYS B 36 -7.04 -15.00 -33.61
CA LYS B 36 -6.90 -15.73 -32.34
C LYS B 36 -5.90 -15.05 -31.39
N SER B 37 -4.78 -14.58 -31.93
CA SER B 37 -3.79 -13.88 -31.11
C SER B 37 -4.35 -12.55 -30.60
N THR B 38 -5.16 -11.90 -31.43
CA THR B 38 -5.81 -10.65 -31.06
C THR B 38 -6.74 -10.84 -29.86
N GLN B 39 -7.61 -11.84 -29.95
CA GLN B 39 -8.59 -12.11 -28.90
C GLN B 39 -7.91 -12.60 -27.63
N ALA B 40 -6.81 -13.32 -27.79
CA ALA B 40 -6.05 -13.83 -26.64
C ALA B 40 -5.52 -12.68 -25.78
N ALA B 41 -5.01 -11.65 -26.43
CA ALA B 41 -4.51 -10.47 -25.71
C ALA B 41 -5.66 -9.74 -25.03
N ILE B 42 -6.76 -9.58 -25.75
CA ILE B 42 -7.95 -8.90 -25.23
C ILE B 42 -8.53 -9.67 -24.04
N ASP B 43 -8.57 -10.99 -24.15
CA ASP B 43 -9.06 -11.84 -23.06
C ASP B 43 -8.27 -11.62 -21.78
N GLN B 44 -6.97 -11.42 -21.90
CA GLN B 44 -6.11 -11.17 -20.74
C GLN B 44 -6.40 -9.80 -20.12
N ILE B 45 -6.57 -8.79 -20.98
CA ILE B 45 -6.88 -7.44 -20.52
C ILE B 45 -8.24 -7.41 -19.83
N ASN B 46 -9.21 -8.12 -20.41
CA ASN B 46 -10.51 -8.28 -19.78
C ASN B 46 -10.38 -8.84 -18.37
N GLY B 47 -9.55 -9.88 -18.25
CA GLY B 47 -9.32 -10.54 -16.98
C GLY B 47 -8.82 -9.65 -15.86
N LYS B 48 -7.82 -8.82 -16.14
CA LYS B 48 -7.28 -7.93 -15.12
C LYS B 48 -8.20 -6.74 -14.88
N LEU B 49 -8.87 -6.27 -15.94
CA LEU B 49 -9.87 -5.22 -15.81
C LEU B 49 -11.00 -5.67 -14.87
N ASN B 50 -11.41 -6.92 -15.00
CA ASN B 50 -12.43 -7.49 -14.10
C ASN B 50 -12.02 -7.53 -12.62
N ARG B 51 -10.78 -7.92 -12.37
CA ARG B 51 -10.23 -8.06 -11.02
C ARG B 51 -10.07 -6.73 -10.27
N VAL B 52 -9.67 -5.68 -10.98
CA VAL B 52 -9.49 -4.37 -10.35
C VAL B 52 -10.85 -3.84 -9.89
N ILE B 53 -11.92 -4.22 -10.59
CA ILE B 53 -13.27 -3.78 -10.23
C ILE B 53 -14.16 -4.88 -9.64
N GLU B 54 -13.58 -6.00 -9.18
CA GLU B 54 -14.40 -7.07 -8.62
C GLU B 54 -14.97 -6.83 -7.21
N LYS B 55 -14.35 -5.97 -6.38
CA LYS B 55 -14.94 -5.73 -5.06
C LYS B 55 -15.70 -4.42 -5.02
N THR B 56 -16.85 -4.44 -4.37
CA THR B 56 -17.63 -3.23 -4.11
C THR B 56 -17.59 -2.92 -2.62
N ASN B 57 -16.86 -1.87 -2.24
CA ASN B 57 -16.76 -1.49 -0.84
C ASN B 57 -18.00 -0.73 -0.40
N GLU B 58 -18.94 -1.46 0.20
CA GLU B 58 -20.20 -0.88 0.65
C GLU B 58 -20.09 -0.37 2.08
N LYS B 59 -20.11 0.94 2.24
CA LYS B 59 -19.95 1.57 3.55
C LYS B 59 -21.14 2.46 3.86
N PHE B 60 -21.59 2.45 5.11
CA PHE B 60 -22.75 3.21 5.50
C PHE B 60 -22.41 4.31 6.50
N HIS B 61 -22.77 4.16 7.77
CA HIS B 61 -22.45 5.20 8.75
C HIS B 61 -20.95 5.24 9.05
N GLN B 62 -20.37 6.43 8.91
CA GLN B 62 -18.94 6.64 9.15
C GLN B 62 -18.74 7.87 10.02
N ILE B 63 -17.49 8.23 10.28
CA ILE B 63 -17.18 9.40 11.10
C ILE B 63 -17.36 10.70 10.32
N GLU B 64 -17.44 11.81 11.04
CA GLU B 64 -17.54 13.13 10.43
C GLU B 64 -16.20 13.52 9.81
N LYS B 65 -16.24 14.10 8.62
CA LYS B 65 -15.00 14.44 7.92
C LYS B 65 -14.85 15.94 7.65
N GLU B 66 -15.91 16.71 7.91
CA GLU B 66 -15.85 18.16 7.80
C GLU B 66 -16.35 18.81 9.09
N PHE B 67 -15.68 19.89 9.50
CA PHE B 67 -16.02 20.54 10.76
C PHE B 67 -16.15 22.06 10.61
N SER B 68 -17.26 22.60 11.11
CA SER B 68 -17.53 24.03 11.03
C SER B 68 -16.81 24.84 12.10
N GLU B 69 -16.38 24.18 13.16
CA GLU B 69 -15.78 24.89 14.29
C GLU B 69 -14.52 24.23 14.83
N VAL B 70 -13.72 25.04 15.53
CA VAL B 70 -12.49 24.59 16.14
C VAL B 70 -12.76 23.98 17.52
N GLU B 71 -12.53 22.67 17.65
CA GLU B 71 -12.84 21.96 18.89
C GLU B 71 -11.60 21.60 19.70
N GLY B 72 -10.69 20.83 19.10
CA GLY B 72 -9.45 20.49 19.77
C GLY B 72 -8.82 19.15 19.45
N ARG B 73 -8.54 18.37 20.50
CA ARG B 73 -7.76 17.15 20.40
C ARG B 73 -8.44 16.03 19.60
N ILE B 74 -9.73 15.84 19.83
CA ILE B 74 -10.48 14.78 19.16
C ILE B 74 -10.63 15.08 17.66
N GLN B 75 -10.90 16.35 17.35
CA GLN B 75 -11.00 16.79 15.97
C GLN B 75 -9.71 16.53 15.19
N ASP B 76 -8.58 16.86 15.80
CA ASP B 76 -7.27 16.65 15.18
C ASP B 76 -7.02 15.17 14.87
N LEU B 77 -7.52 14.30 15.74
CA LEU B 77 -7.36 12.87 15.55
C LEU B 77 -8.23 12.36 14.39
N GLU B 78 -9.48 12.81 14.37
CA GLU B 78 -10.41 12.45 13.30
C GLU B 78 -9.86 12.88 11.94
N LYS B 79 -9.31 14.10 11.88
CA LYS B 79 -8.68 14.59 10.66
C LYS B 79 -7.47 13.76 10.27
N TYR B 80 -6.65 13.40 11.26
CA TYR B 80 -5.43 12.62 11.02
C TYR B 80 -5.75 11.22 10.51
N VAL B 81 -6.74 10.57 11.12
CA VAL B 81 -7.14 9.23 10.73
C VAL B 81 -7.59 9.18 9.28
N GLU B 82 -8.38 10.16 8.86
CA GLU B 82 -8.87 10.24 7.49
C GLU B 82 -7.77 10.62 6.52
N ASP B 83 -6.95 11.59 6.89
CA ASP B 83 -5.83 12.01 6.05
C ASP B 83 -4.88 10.85 5.82
N THR B 84 -4.69 10.05 6.87
CA THR B 84 -3.84 8.86 6.78
C THR B 84 -4.45 7.84 5.82
N LYS B 85 -5.73 7.58 5.98
CA LYS B 85 -6.45 6.62 5.14
C LYS B 85 -6.34 6.96 3.66
N ILE B 86 -6.57 8.23 3.33
CA ILE B 86 -6.54 8.70 1.94
C ILE B 86 -5.15 8.55 1.33
N ASP B 87 -4.11 8.87 2.08
CA ASP B 87 -2.73 8.74 1.59
C ASP B 87 -2.37 7.29 1.28
N LEU B 88 -2.79 6.36 2.14
CA LEU B 88 -2.51 4.95 1.91
C LEU B 88 -3.23 4.41 0.68
N TRP B 89 -4.48 4.79 0.49
CA TRP B 89 -5.25 4.33 -0.66
C TRP B 89 -4.78 4.98 -1.95
N SER B 90 -4.38 6.23 -1.88
CA SER B 90 -3.84 6.93 -3.05
C SER B 90 -2.54 6.28 -3.52
N TYR B 91 -1.77 5.76 -2.57
CA TYR B 91 -0.55 5.03 -2.91
C TYR B 91 -0.88 3.71 -3.60
N ASN B 92 -1.83 2.97 -3.02
CA ASN B 92 -2.25 1.70 -3.58
C ASN B 92 -2.78 1.84 -5.00
N ALA B 93 -3.48 2.94 -5.26
CA ALA B 93 -4.04 3.21 -6.58
C ALA B 93 -2.94 3.50 -7.59
N GLU B 94 -2.00 4.38 -7.22
CA GLU B 94 -0.89 4.74 -8.09
C GLU B 94 -0.04 3.53 -8.46
N LEU B 95 0.27 2.71 -7.45
CA LEU B 95 1.09 1.52 -7.65
C LEU B 95 0.40 0.45 -8.50
N LEU B 96 -0.88 0.22 -8.22
CA LEU B 96 -1.66 -0.80 -8.93
C LEU B 96 -1.67 -0.54 -10.43
N VAL B 97 -1.99 0.68 -10.81
CA VAL B 97 -2.09 1.06 -12.22
C VAL B 97 -0.73 0.93 -12.92
N ALA B 98 0.33 1.30 -12.21
CA ALA B 98 1.69 1.18 -12.73
C ALA B 98 2.06 -0.27 -13.02
N LEU B 99 1.74 -1.15 -12.09
CA LEU B 99 2.04 -2.58 -12.24
C LEU B 99 1.20 -3.20 -13.33
N GLU B 100 -0.08 -2.84 -13.38
CA GLU B 100 -1.00 -3.35 -14.39
C GLU B 100 -0.60 -2.91 -15.79
N ASN B 101 -0.24 -1.64 -15.92
CA ASN B 101 0.18 -1.08 -17.21
C ASN B 101 1.45 -1.74 -17.75
N GLN B 102 2.45 -1.90 -16.89
CA GLN B 102 3.70 -2.54 -17.27
C GLN B 102 3.44 -3.95 -17.77
N HIS B 103 2.57 -4.67 -17.06
CA HIS B 103 2.23 -6.04 -17.42
C HIS B 103 1.45 -6.12 -18.73
N THR B 104 0.54 -5.17 -18.93
CA THR B 104 -0.25 -5.10 -20.16
C THR B 104 0.65 -4.86 -21.37
N ILE B 105 1.64 -3.99 -21.21
CA ILE B 105 2.59 -3.68 -22.27
C ILE B 105 3.46 -4.91 -22.57
N ASP B 106 3.82 -5.66 -21.53
CA ASP B 106 4.63 -6.85 -21.70
C ASP B 106 3.87 -8.00 -22.35
N LEU B 107 2.64 -8.24 -21.93
CA LEU B 107 1.85 -9.35 -22.47
C LEU B 107 1.46 -9.12 -23.93
N THR B 108 1.29 -7.86 -24.31
CA THR B 108 0.98 -7.53 -25.70
C THR B 108 2.19 -7.72 -26.60
N ASP B 109 3.37 -7.35 -26.10
CA ASP B 109 4.61 -7.56 -26.82
C ASP B 109 4.92 -9.05 -26.90
N SER B 110 4.59 -9.77 -25.83
CA SER B 110 4.76 -11.22 -25.77
C SER B 110 3.91 -11.91 -26.82
N GLU B 111 2.69 -11.44 -27.00
CA GLU B 111 1.76 -12.03 -27.96
C GLU B 111 2.29 -11.91 -29.38
N MET B 112 3.00 -10.82 -29.66
CA MET B 112 3.60 -10.61 -30.98
C MET B 112 4.70 -11.65 -31.23
N ASN B 113 5.58 -11.83 -30.25
CA ASN B 113 6.67 -12.78 -30.37
C ASN B 113 6.20 -14.23 -30.49
N LYS B 114 5.15 -14.58 -29.74
CA LYS B 114 4.58 -15.92 -29.85
C LYS B 114 4.10 -16.20 -31.27
N LEU B 115 3.53 -15.20 -31.92
CA LEU B 115 3.06 -15.34 -33.30
C LEU B 115 4.23 -15.51 -34.25
N PHE B 116 5.31 -14.77 -34.00
CA PHE B 116 6.51 -14.85 -34.82
C PHE B 116 7.16 -16.24 -34.72
N GLU B 117 7.23 -16.76 -33.51
CA GLU B 117 7.84 -18.06 -33.27
C GLU B 117 6.99 -19.19 -33.85
N LYS B 118 5.67 -19.06 -33.71
CA LYS B 118 4.74 -20.02 -34.31
C LYS B 118 4.99 -20.14 -35.81
N THR B 119 5.21 -19.00 -36.46
CA THR B 119 5.46 -18.95 -37.89
C THR B 119 6.82 -19.53 -38.23
N ARG B 120 7.82 -19.16 -37.43
CA ARG B 120 9.19 -19.67 -37.60
C ARG B 120 9.21 -21.19 -37.52
N ARG B 121 8.45 -21.74 -36.57
CA ARG B 121 8.33 -23.20 -36.42
C ARG B 121 7.76 -23.87 -37.65
N GLN B 122 6.75 -23.23 -38.27
CA GLN B 122 6.11 -23.78 -39.46
C GLN B 122 7.07 -23.87 -40.66
N LEU B 123 7.77 -22.79 -40.93
CA LEU B 123 8.61 -22.68 -42.11
C LEU B 123 9.86 -23.58 -42.07
N ARG B 124 10.28 -23.95 -40.87
CA ARG B 124 11.46 -24.80 -40.67
C ARG B 124 12.70 -24.26 -41.40
N GLU B 125 13.15 -24.99 -42.41
CA GLU B 125 14.36 -24.63 -43.15
C GLU B 125 14.04 -23.96 -44.49
N ASN B 126 12.77 -23.62 -44.70
CA ASN B 126 12.35 -23.03 -45.97
C ASN B 126 12.42 -21.51 -45.98
N ALA B 127 12.82 -20.92 -44.87
CA ALA B 127 12.90 -19.47 -44.76
C ALA B 127 13.97 -19.02 -43.78
N GLU B 128 14.33 -17.74 -43.85
CA GLU B 128 15.31 -17.15 -42.94
C GLU B 128 14.79 -15.86 -42.34
N ASP B 129 15.14 -15.63 -41.07
CA ASP B 129 14.75 -14.40 -40.38
C ASP B 129 15.58 -13.23 -40.87
N MET B 130 14.95 -12.29 -41.57
CA MET B 130 15.64 -11.14 -42.11
C MET B 130 16.05 -10.14 -41.03
N GLY B 131 15.43 -10.25 -39.86
CA GLY B 131 15.82 -9.45 -38.72
C GLY B 131 14.95 -8.24 -38.40
N ASN B 132 14.08 -7.88 -39.32
CA ASN B 132 13.19 -6.73 -39.12
C ASN B 132 11.77 -7.17 -38.83
N GLY B 133 11.61 -8.41 -38.39
CA GLY B 133 10.29 -8.97 -38.16
C GLY B 133 9.70 -9.58 -39.43
N CYS B 134 10.56 -9.90 -40.38
CA CYS B 134 10.12 -10.50 -41.63
C CYS B 134 10.85 -11.80 -41.91
N PHE B 135 10.24 -12.64 -42.75
CA PHE B 135 10.82 -13.89 -43.17
C PHE B 135 11.10 -13.85 -44.66
N LYS B 136 12.29 -14.30 -45.07
CA LYS B 136 12.55 -14.46 -46.49
C LYS B 136 12.24 -15.91 -46.85
N ILE B 137 11.10 -16.13 -47.47
CA ILE B 137 10.71 -17.48 -47.88
C ILE B 137 11.38 -17.81 -49.20
N TYR B 138 12.16 -18.89 -49.20
CA TYR B 138 13.02 -19.23 -50.33
C TYR B 138 12.39 -20.16 -51.36
N HIS B 139 11.11 -19.95 -51.64
CA HIS B 139 10.45 -20.71 -52.70
C HIS B 139 9.23 -19.94 -53.20
N LYS B 140 8.74 -20.30 -54.39
CA LYS B 140 7.58 -19.63 -54.96
C LYS B 140 6.36 -19.89 -54.09
N CYS B 141 5.96 -18.88 -53.34
CA CYS B 141 4.83 -19.00 -52.43
C CYS B 141 3.70 -18.09 -52.89
N ASP B 142 2.77 -18.66 -53.66
CA ASP B 142 1.62 -17.91 -54.15
C ASP B 142 0.66 -17.60 -53.00
N ASN B 143 -0.44 -16.92 -53.32
CA ASN B 143 -1.40 -16.51 -52.30
C ASN B 143 -1.93 -17.68 -51.48
N ALA B 144 -2.19 -18.81 -52.14
CA ALA B 144 -2.68 -19.99 -51.44
C ALA B 144 -1.64 -20.54 -50.45
N CYS B 145 -0.37 -20.42 -50.81
CA CYS B 145 0.71 -20.87 -49.93
C CYS B 145 0.83 -19.99 -48.69
N ILE B 146 0.63 -18.68 -48.89
CA ILE B 146 0.68 -17.73 -47.78
C ILE B 146 -0.46 -18.00 -46.82
N GLU B 147 -1.64 -18.17 -47.39
CA GLU B 147 -2.85 -18.46 -46.65
C GLU B 147 -2.71 -19.71 -45.78
N SER B 148 -1.99 -20.70 -46.29
CA SER B 148 -1.74 -21.94 -45.56
C SER B 148 -0.84 -21.71 -44.36
N ILE B 149 0.08 -20.76 -44.48
CA ILE B 149 0.94 -20.37 -43.37
C ILE B 149 0.11 -19.67 -42.31
N ARG B 150 -0.76 -18.76 -42.75
CA ARG B 150 -1.62 -18.01 -41.85
C ARG B 150 -2.64 -18.89 -41.13
N ASN B 151 -3.21 -19.88 -41.81
CA ASN B 151 -4.19 -20.74 -41.13
C ASN B 151 -3.56 -22.01 -40.54
N GLY B 152 -2.23 -22.05 -40.52
CA GLY B 152 -1.50 -23.10 -39.84
C GLY B 152 -1.49 -24.50 -40.45
N THR B 153 -1.53 -24.58 -41.78
CA THR B 153 -1.53 -25.87 -42.45
C THR B 153 -0.37 -26.04 -43.44
N TYR B 154 0.63 -25.17 -43.33
CA TYR B 154 1.79 -25.19 -44.22
C TYR B 154 2.64 -26.45 -44.04
N ASP B 155 2.83 -27.20 -45.12
CA ASP B 155 3.64 -28.41 -45.11
C ASP B 155 5.03 -28.10 -45.69
N HIS B 156 6.03 -28.02 -44.82
CA HIS B 156 7.39 -27.64 -45.22
C HIS B 156 8.06 -28.63 -46.17
N ASP B 157 7.77 -29.92 -46.01
CA ASP B 157 8.38 -30.95 -46.86
C ASP B 157 8.06 -30.79 -48.34
N VAL B 158 6.91 -30.19 -48.64
CA VAL B 158 6.49 -29.96 -50.02
C VAL B 158 7.46 -29.02 -50.74
N TYR B 159 7.97 -28.02 -50.02
CA TYR B 159 8.84 -27.01 -50.61
C TYR B 159 10.30 -27.10 -50.17
N ARG B 160 10.64 -28.14 -49.42
CA ARG B 160 11.98 -28.23 -48.83
C ARG B 160 13.12 -28.29 -49.86
N ASP B 161 13.00 -29.19 -50.83
CA ASP B 161 14.04 -29.33 -51.85
C ASP B 161 14.23 -28.05 -52.66
N GLU B 162 13.12 -27.41 -53.04
CA GLU B 162 13.18 -26.15 -53.76
C GLU B 162 13.86 -25.07 -52.93
N ALA B 163 13.51 -25.01 -51.65
CA ALA B 163 14.02 -23.98 -50.76
C ALA B 163 15.51 -24.19 -50.42
N LEU B 164 15.88 -25.42 -50.13
CA LEU B 164 17.27 -25.73 -49.77
C LEU B 164 18.23 -25.45 -50.91
N ASN B 165 17.74 -25.62 -52.13
CA ASN B 165 18.53 -25.34 -53.32
C ASN B 165 18.76 -23.83 -53.47
N ASN B 166 17.70 -23.05 -53.23
CA ASN B 166 17.79 -21.59 -53.31
C ASN B 166 18.60 -20.98 -52.17
N ARG B 167 18.60 -21.61 -51.01
CA ARG B 167 19.32 -21.08 -49.86
C ARG B 167 20.82 -21.32 -49.96
N PHE B 168 21.19 -22.60 -50.10
CA PHE B 168 22.59 -23.00 -50.08
C PHE B 168 23.18 -23.25 -51.45
N GLN B 169 23.52 -22.17 -52.16
CA GLN B 169 24.11 -22.27 -53.49
C GLN B 169 25.28 -21.28 -53.56
N ILE B 170 26.42 -21.73 -54.09
CA ILE B 170 27.60 -20.87 -54.17
C ILE B 170 27.67 -20.33 -55.59
N LYS B 171 27.09 -21.12 -56.48
CA LYS B 171 26.94 -20.78 -57.88
C LYS B 171 25.94 -21.79 -58.42
N GLY B 172 26.31 -23.06 -58.29
CA GLY B 172 25.40 -24.16 -58.55
C GLY B 172 25.33 -25.04 -57.31
N VAL B 173 24.15 -25.59 -57.04
CA VAL B 173 23.95 -26.41 -55.86
C VAL B 173 24.82 -27.66 -55.88
N ASN C 1 16.41 -46.57 -36.16
CA ASN C 1 17.55 -46.49 -37.07
C ASN C 1 17.54 -45.21 -37.90
N SER C 2 18.74 -44.74 -38.22
CA SER C 2 19.02 -43.53 -39.00
C SER C 2 18.79 -42.20 -38.26
N THR C 3 17.67 -42.07 -37.55
CA THR C 3 17.39 -40.84 -36.82
C THR C 3 16.84 -41.13 -35.42
N ALA C 4 16.61 -40.06 -34.65
CA ALA C 4 16.04 -40.18 -33.32
C ALA C 4 15.27 -38.92 -32.94
N THR C 5 14.35 -39.06 -32.00
CA THR C 5 13.55 -37.95 -31.52
C THR C 5 13.83 -37.67 -30.04
N LEU C 6 13.97 -36.40 -29.70
CA LEU C 6 14.21 -36.00 -28.31
C LEU C 6 13.24 -34.91 -27.87
N CYS C 7 12.24 -35.29 -27.08
CA CYS C 7 11.24 -34.34 -26.60
C CYS C 7 11.51 -33.89 -25.17
N LEU C 8 11.20 -32.63 -24.89
CA LEU C 8 11.35 -32.08 -23.55
C LEU C 8 9.98 -31.72 -22.97
N GLY C 9 9.77 -32.03 -21.70
CA GLY C 9 8.48 -31.82 -21.08
C GLY C 9 8.51 -31.57 -19.58
N HIS C 10 7.33 -31.37 -19.02
CA HIS C 10 7.18 -31.14 -17.59
C HIS C 10 6.08 -32.04 -17.02
N HIS C 11 6.07 -32.21 -15.71
CA HIS C 11 5.13 -33.12 -15.08
C HIS C 11 3.74 -32.52 -14.94
N ALA C 12 2.77 -33.37 -14.63
CA ALA C 12 1.40 -32.92 -14.40
C ALA C 12 0.69 -33.84 -13.41
N VAL C 13 -0.40 -33.35 -12.84
CA VAL C 13 -1.14 -34.10 -11.84
C VAL C 13 -2.61 -34.27 -12.27
N PRO C 14 -3.24 -35.37 -11.85
CA PRO C 14 -4.64 -35.64 -12.22
C PRO C 14 -5.62 -34.57 -11.77
N ASN C 15 -5.45 -34.05 -10.56
CA ASN C 15 -6.30 -32.99 -10.05
C ASN C 15 -5.49 -31.94 -9.31
N GLY C 16 -5.46 -30.72 -9.86
CA GLY C 16 -4.70 -29.63 -9.30
C GLY C 16 -5.53 -28.62 -8.52
N THR C 17 -4.83 -27.64 -7.93
CA THR C 17 -5.46 -26.60 -7.13
C THR C 17 -5.68 -25.32 -7.95
N LEU C 18 -6.76 -24.61 -7.67
CA LEU C 18 -7.04 -23.33 -8.31
C LEU C 18 -6.44 -22.17 -7.51
N VAL C 19 -5.75 -21.26 -8.19
CA VAL C 19 -5.18 -20.08 -7.55
C VAL C 19 -5.50 -18.84 -8.37
N LYS C 20 -5.14 -17.68 -7.83
CA LYS C 20 -5.44 -16.40 -8.50
C LYS C 20 -4.17 -15.66 -8.89
N THR C 21 -4.22 -14.97 -10.02
CA THR C 21 -3.11 -14.12 -10.46
C THR C 21 -3.67 -12.76 -10.81
N ILE C 22 -2.86 -11.88 -11.39
CA ILE C 22 -3.32 -10.53 -11.69
C ILE C 22 -4.35 -10.55 -12.82
N THR C 23 -4.25 -11.54 -13.70
CA THR C 23 -5.15 -11.64 -14.85
C THR C 23 -6.26 -12.68 -14.72
N ASP C 24 -6.04 -13.71 -13.91
CA ASP C 24 -7.01 -14.82 -13.84
C ASP C 24 -7.58 -15.06 -12.45
N ASP C 25 -8.88 -15.32 -12.40
CA ASP C 25 -9.55 -15.67 -11.14
C ASP C 25 -9.36 -17.14 -10.79
N GLN C 26 -9.16 -17.98 -11.80
CA GLN C 26 -9.02 -19.41 -11.57
C GLN C 26 -8.08 -20.06 -12.58
N ILE C 27 -6.85 -20.32 -12.14
CA ILE C 27 -5.88 -21.03 -12.96
C ILE C 27 -5.37 -22.23 -12.18
N GLU C 28 -5.47 -23.41 -12.79
CA GLU C 28 -5.07 -24.65 -12.13
C GLU C 28 -3.56 -24.83 -12.05
N VAL C 29 -3.08 -25.19 -10.87
CA VAL C 29 -1.65 -25.43 -10.65
C VAL C 29 -1.46 -26.80 -9.98
N THR C 30 -0.24 -27.33 -10.07
CA THR C 30 0.05 -28.66 -9.54
C THR C 30 -0.02 -28.72 -8.02
N ASN C 31 0.22 -27.57 -7.37
CA ASN C 31 0.25 -27.53 -5.91
C ASN C 31 0.05 -26.11 -5.39
N ALA C 32 -0.45 -25.98 -4.17
CA ALA C 32 -0.63 -24.67 -3.55
C ALA C 32 -0.70 -24.78 -2.03
N THR C 33 -0.42 -23.69 -1.34
CA THR C 33 -0.48 -23.67 0.12
C THR C 33 -1.39 -22.54 0.62
N GLU C 34 -2.12 -22.82 1.70
CA GLU C 34 -3.02 -21.85 2.31
C GLU C 34 -2.26 -20.80 3.11
N LEU C 35 -2.61 -19.53 2.93
CA LEU C 35 -1.95 -18.45 3.66
C LEU C 35 -2.86 -17.80 4.70
N VAL C 36 -4.09 -18.29 4.82
CA VAL C 36 -5.02 -17.73 5.80
C VAL C 36 -5.45 -18.78 6.83
N GLN C 37 -5.07 -18.55 8.08
CA GLN C 37 -5.49 -19.40 9.19
C GLN C 37 -6.96 -19.13 9.52
N SER C 38 -7.78 -20.17 9.47
CA SER C 38 -9.22 -20.01 9.74
C SER C 38 -9.74 -20.95 10.82
N SER C 39 -8.84 -21.72 11.43
CA SER C 39 -9.25 -22.72 12.43
C SER C 39 -8.55 -22.52 13.76
N SER C 40 -9.22 -22.95 14.83
CA SER C 40 -8.66 -22.87 16.18
C SER C 40 -8.93 -24.15 16.95
N THR C 41 -8.07 -24.44 17.92
CA THR C 41 -8.24 -25.61 18.78
C THR C 41 -9.37 -25.39 19.77
N GLY C 42 -9.68 -24.14 20.04
CA GLY C 42 -10.74 -23.79 20.97
C GLY C 42 -10.24 -23.63 22.39
N LYS C 43 -8.95 -23.88 22.59
CA LYS C 43 -8.34 -23.82 23.92
C LYS C 43 -7.15 -22.87 23.95
N ILE C 44 -6.82 -22.37 25.14
CA ILE C 44 -5.71 -21.43 25.31
C ILE C 44 -4.46 -22.11 25.87
N CYS C 45 -3.36 -21.94 25.16
CA CYS C 45 -2.09 -22.56 25.53
C CYS C 45 -1.42 -21.85 26.70
N ASN C 46 -1.11 -22.59 27.76
CA ASN C 46 -0.51 -22.00 28.96
C ASN C 46 0.95 -21.59 28.78
N ASN C 47 1.55 -22.02 27.68
CA ASN C 47 2.90 -21.62 27.32
C ASN C 47 2.93 -21.03 25.91
N PRO C 48 3.90 -20.16 25.62
CA PRO C 48 4.99 -19.64 26.46
C PRO C 48 4.60 -18.47 27.38
N HIS C 49 3.45 -17.86 27.11
CA HIS C 49 3.02 -16.69 27.89
C HIS C 49 2.40 -17.10 29.20
N ARG C 50 2.64 -16.31 30.24
CA ARG C 50 2.05 -16.55 31.55
C ARG C 50 0.59 -16.14 31.55
N ILE C 51 -0.30 -17.13 31.50
CA ILE C 51 -1.72 -16.87 31.44
C ILE C 51 -2.33 -16.92 32.84
N LEU C 52 -3.14 -15.91 33.17
CA LEU C 52 -3.79 -15.85 34.47
C LEU C 52 -5.30 -15.91 34.30
N ASP C 53 -5.91 -17.01 34.74
CA ASP C 53 -7.35 -17.20 34.61
C ASP C 53 -8.07 -16.47 35.73
N GLY C 54 -8.90 -15.51 35.37
CA GLY C 54 -9.68 -14.75 36.32
C GLY C 54 -10.78 -15.57 36.97
N ILE C 55 -11.35 -16.49 36.19
CA ILE C 55 -12.42 -17.39 36.63
C ILE C 55 -13.66 -16.58 37.05
N ASP C 56 -13.89 -16.44 38.35
CA ASP C 56 -15.07 -15.71 38.82
C ASP C 56 -14.78 -14.24 39.10
N CYS C 57 -13.53 -13.83 38.93
CA CYS C 57 -13.13 -12.47 39.26
C CYS C 57 -12.73 -11.66 38.03
N THR C 58 -12.99 -10.36 38.09
CA THR C 58 -12.52 -9.43 37.07
C THR C 58 -11.25 -8.76 37.59
N LEU C 59 -10.53 -8.07 36.70
CA LEU C 59 -9.30 -7.39 37.09
C LEU C 59 -9.53 -6.32 38.15
N ILE C 60 -10.66 -5.62 38.04
CA ILE C 60 -10.99 -4.56 38.99
C ILE C 60 -11.36 -5.12 40.37
N ASP C 61 -12.15 -6.21 40.38
CA ASP C 61 -12.50 -6.87 41.63
C ASP C 61 -11.25 -7.33 42.38
N ALA C 62 -10.27 -7.82 41.63
CA ALA C 62 -9.01 -8.26 42.21
C ALA C 62 -8.19 -7.06 42.68
N LEU C 63 -8.25 -5.98 41.91
CA LEU C 63 -7.56 -4.73 42.24
C LEU C 63 -8.03 -4.18 43.58
N LEU C 64 -9.36 -4.04 43.71
CA LEU C 64 -9.95 -3.49 44.94
C LEU C 64 -9.81 -4.43 46.13
N GLY C 65 -9.83 -5.73 45.86
CA GLY C 65 -9.70 -6.73 46.90
C GLY C 65 -11.03 -7.32 47.35
N ASP C 66 -11.85 -7.71 46.38
CA ASP C 66 -13.11 -8.40 46.65
C ASP C 66 -12.78 -9.72 47.33
N PRO C 67 -13.46 -10.02 48.45
CA PRO C 67 -13.25 -11.22 49.26
C PRO C 67 -12.95 -12.51 48.48
N HIS C 68 -13.75 -12.82 47.47
CA HIS C 68 -13.53 -14.04 46.70
C HIS C 68 -12.39 -13.90 45.69
N CYS C 69 -11.80 -12.71 45.60
CA CYS C 69 -10.68 -12.46 44.71
C CYS C 69 -9.36 -12.23 45.46
N ASP C 70 -9.27 -12.73 46.69
CA ASP C 70 -8.08 -12.52 47.51
C ASP C 70 -6.87 -13.35 47.07
N VAL C 71 -7.13 -14.40 46.29
CA VAL C 71 -6.05 -15.25 45.79
C VAL C 71 -5.19 -14.51 44.76
N PHE C 72 -5.75 -13.46 44.16
CA PHE C 72 -5.04 -12.69 43.15
C PHE C 72 -4.18 -11.57 43.74
N GLN C 73 -4.08 -11.52 45.05
CA GLN C 73 -3.25 -10.50 45.68
C GLN C 73 -1.79 -10.69 45.29
N ASN C 74 -1.16 -9.59 44.88
CA ASN C 74 0.24 -9.57 44.48
C ASN C 74 0.54 -10.55 43.34
N GLU C 75 -0.46 -10.79 42.50
CA GLU C 75 -0.33 -11.73 41.38
C GLU C 75 0.11 -11.02 40.10
N THR C 76 0.84 -11.74 39.24
CA THR C 76 1.35 -11.18 37.98
C THR C 76 0.91 -12.00 36.78
N TRP C 77 1.03 -11.40 35.59
CA TRP C 77 0.59 -12.06 34.36
C TRP C 77 1.21 -11.45 33.10
N ASP C 78 1.07 -12.17 31.99
CA ASP C 78 1.34 -11.63 30.66
C ASP C 78 0.01 -11.31 30.02
N LEU C 79 -0.93 -12.25 30.15
CA LEU C 79 -2.29 -12.07 29.69
C LEU C 79 -3.29 -12.43 30.78
N PHE C 80 -4.15 -11.49 31.14
CA PHE C 80 -5.23 -11.76 32.08
C PHE C 80 -6.48 -12.14 31.31
N VAL C 81 -7.06 -13.29 31.64
CA VAL C 81 -8.24 -13.76 30.92
C VAL C 81 -9.50 -13.56 31.76
N GLU C 82 -10.43 -12.76 31.23
CA GLU C 82 -11.66 -12.43 31.92
C GLU C 82 -12.82 -13.27 31.40
N ARG C 83 -13.55 -13.89 32.32
CA ARG C 83 -14.65 -14.77 31.96
C ARG C 83 -16.00 -14.06 32.05
N SER C 84 -16.96 -14.51 31.25
CA SER C 84 -18.29 -13.93 31.25
C SER C 84 -19.08 -14.28 32.51
N LYS C 85 -18.74 -15.41 33.12
CA LYS C 85 -19.39 -15.86 34.34
C LYS C 85 -19.00 -15.04 35.57
N ALA C 86 -17.97 -14.21 35.43
CA ALA C 86 -17.46 -13.40 36.53
C ALA C 86 -18.54 -12.53 37.18
N PHE C 87 -18.43 -12.34 38.49
CA PHE C 87 -19.42 -11.58 39.24
C PHE C 87 -18.77 -10.79 40.39
N SER C 88 -19.49 -9.80 40.89
CA SER C 88 -19.05 -9.03 42.05
C SER C 88 -19.79 -9.52 43.29
N ASN C 89 -19.10 -9.56 44.43
CA ASN C 89 -19.71 -10.05 45.66
C ASN C 89 -19.31 -9.21 46.87
N CYS C 90 -19.04 -7.93 46.63
CA CYS C 90 -18.71 -7.00 47.71
C CYS C 90 -19.75 -5.89 47.75
N TYR C 91 -19.35 -4.72 48.25
CA TYR C 91 -20.26 -3.58 48.27
C TYR C 91 -20.47 -3.15 46.82
N PRO C 92 -21.73 -2.86 46.44
CA PRO C 92 -22.02 -2.44 45.07
C PRO C 92 -21.32 -1.13 44.73
N TYR C 93 -20.67 -1.06 43.58
CA TYR C 93 -19.90 0.13 43.24
C TYR C 93 -20.02 0.52 41.78
N ASP C 94 -19.63 1.76 41.50
CA ASP C 94 -19.54 2.26 40.15
C ASP C 94 -18.22 2.97 40.02
N VAL C 95 -17.61 2.92 38.83
CA VAL C 95 -16.34 3.61 38.64
C VAL C 95 -16.31 4.37 37.32
N PRO C 96 -16.45 5.70 37.40
CA PRO C 96 -16.34 6.56 36.21
C PRO C 96 -14.98 6.36 35.54
N ASP C 97 -14.99 6.11 34.24
CA ASP C 97 -13.80 5.82 33.45
C ASP C 97 -13.22 4.45 33.85
N TYR C 98 -14.09 3.45 33.84
CA TYR C 98 -13.74 2.07 34.14
C TYR C 98 -12.72 1.53 33.15
N ALA C 99 -12.98 1.75 31.86
CA ALA C 99 -12.14 1.27 30.78
C ALA C 99 -10.68 1.69 30.90
N SER C 100 -10.46 2.96 31.26
CA SER C 100 -9.10 3.49 31.40
C SER C 100 -8.34 2.83 32.54
N LEU C 101 -9.02 2.61 33.66
CA LEU C 101 -8.40 1.94 34.81
C LEU C 101 -8.09 0.49 34.52
N ARG C 102 -9.03 -0.18 33.85
CA ARG C 102 -8.85 -1.57 33.45
C ARG C 102 -7.64 -1.71 32.53
N SER C 103 -7.59 -0.86 31.52
CA SER C 103 -6.47 -0.83 30.57
C SER C 103 -5.15 -0.52 31.27
N LEU C 104 -5.18 0.44 32.19
CA LEU C 104 -3.99 0.86 32.92
C LEU C 104 -3.38 -0.26 33.75
N VAL C 105 -4.22 -0.93 34.54
CA VAL C 105 -3.77 -2.02 35.40
C VAL C 105 -3.34 -3.23 34.57
N ALA C 106 -4.10 -3.54 33.53
CA ALA C 106 -3.79 -4.63 32.63
C ALA C 106 -2.40 -4.48 32.01
N SER C 107 -2.08 -3.27 31.58
CA SER C 107 -0.78 -2.98 30.98
C SER C 107 0.35 -3.17 31.98
N SER C 108 0.08 -2.85 33.25
CA SER C 108 1.07 -2.99 34.31
C SER C 108 1.47 -4.44 34.52
N GLY C 109 0.49 -5.34 34.40
CA GLY C 109 0.74 -6.76 34.52
C GLY C 109 1.01 -7.27 35.92
N THR C 110 0.61 -6.48 36.92
CA THR C 110 0.83 -6.86 38.32
C THR C 110 -0.12 -6.13 39.26
N LEU C 111 -0.40 -6.75 40.40
CA LEU C 111 -1.24 -6.14 41.44
C LEU C 111 -0.44 -5.91 42.71
N GLU C 112 0.84 -5.62 42.55
CA GLU C 112 1.76 -5.40 43.67
C GLU C 112 1.36 -4.19 44.50
N PHE C 113 0.81 -4.45 45.68
CA PHE C 113 0.32 -3.40 46.58
C PHE C 113 1.23 -3.16 47.77
N ILE C 114 1.57 -1.89 48.00
CA ILE C 114 2.38 -1.51 49.15
C ILE C 114 1.53 -0.72 50.16
N THR C 115 1.43 -1.23 51.38
CA THR C 115 0.64 -0.59 52.43
C THR C 115 1.38 0.59 53.07
N GLU C 116 0.64 1.66 53.37
CA GLU C 116 1.25 2.85 53.97
C GLU C 116 0.60 3.28 55.29
N GLY C 117 1.39 3.97 56.12
CA GLY C 117 0.98 4.42 57.43
C GLY C 117 0.13 5.69 57.50
N PHE C 118 -1.07 5.64 56.93
CA PHE C 118 -1.98 6.78 56.96
C PHE C 118 -2.58 6.97 58.36
N THR C 119 -2.29 8.10 59.00
CA THR C 119 -2.88 8.39 60.29
C THR C 119 -4.24 9.09 60.12
N TRP C 120 -5.31 8.39 60.49
CA TRP C 120 -6.66 8.94 60.43
C TRP C 120 -7.17 9.22 61.83
N THR C 121 -7.02 10.47 62.27
CA THR C 121 -7.39 10.84 63.64
C THR C 121 -8.84 11.28 63.76
N GLY C 122 -9.48 10.87 64.85
CA GLY C 122 -10.86 11.25 65.14
C GLY C 122 -11.93 10.52 64.33
N VAL C 123 -11.55 9.40 63.71
CA VAL C 123 -12.51 8.61 62.94
C VAL C 123 -12.31 7.12 63.20
N THR C 124 -13.36 6.34 62.97
CA THR C 124 -13.29 4.89 63.14
C THR C 124 -12.90 4.24 61.82
N GLN C 125 -11.87 3.40 61.86
CA GLN C 125 -11.36 2.75 60.65
C GLN C 125 -11.95 1.37 60.44
N ASN C 126 -11.63 0.79 59.28
CA ASN C 126 -11.98 -0.59 58.95
C ASN C 126 -13.47 -0.89 59.04
N GLY C 127 -14.28 -0.04 58.41
CA GLY C 127 -15.71 -0.27 58.35
C GLY C 127 -16.05 -1.37 57.37
N GLY C 128 -17.15 -2.07 57.62
CA GLY C 128 -17.55 -3.18 56.77
C GLY C 128 -19.05 -3.31 56.58
N SER C 129 -19.45 -4.34 55.84
CA SER C 129 -20.86 -4.56 55.53
C SER C 129 -21.15 -6.04 55.31
N ASN C 130 -22.42 -6.43 55.48
CA ASN C 130 -22.84 -7.80 55.24
C ASN C 130 -22.92 -8.13 53.76
N ALA C 131 -22.93 -7.10 52.92
CA ALA C 131 -22.91 -7.29 51.48
C ALA C 131 -21.54 -7.74 51.00
N CYS C 132 -20.52 -7.46 51.82
CA CYS C 132 -19.14 -7.81 51.48
C CYS C 132 -18.51 -8.66 52.58
N LYS C 133 -19.08 -9.83 52.82
CA LYS C 133 -18.61 -10.68 53.91
C LYS C 133 -17.25 -11.32 53.65
N ARG C 134 -16.41 -11.32 54.68
CA ARG C 134 -15.14 -12.04 54.67
C ARG C 134 -15.14 -12.98 55.87
N GLY C 135 -15.29 -14.28 55.59
CA GLY C 135 -15.48 -15.26 56.65
C GLY C 135 -16.93 -15.22 57.11
N PRO C 136 -17.19 -15.62 58.36
CA PRO C 136 -18.56 -15.55 58.88
C PRO C 136 -19.02 -14.12 59.14
N GLY C 137 -18.07 -13.25 59.48
CA GLY C 137 -18.37 -11.86 59.78
C GLY C 137 -18.34 -10.93 58.59
N SER C 138 -18.78 -9.70 58.81
CA SER C 138 -18.80 -8.68 57.76
C SER C 138 -17.39 -8.24 57.37
N GLY C 139 -17.29 -7.59 56.22
CA GLY C 139 -16.00 -7.12 55.72
C GLY C 139 -16.10 -6.05 54.67
N PHE C 140 -15.00 -5.84 53.93
CA PHE C 140 -14.91 -4.78 52.94
C PHE C 140 -13.75 -5.04 51.98
N PHE C 141 -13.62 -4.21 50.95
CA PHE C 141 -12.49 -4.29 50.03
C PHE C 141 -11.17 -4.20 50.79
N SER C 142 -10.30 -5.19 50.58
CA SER C 142 -9.04 -5.27 51.32
C SER C 142 -8.12 -4.07 51.08
N ARG C 143 -8.18 -3.49 49.89
CA ARG C 143 -7.30 -2.37 49.55
C ARG C 143 -7.92 -1.01 49.83
N LEU C 144 -9.09 -1.00 50.46
CA LEU C 144 -9.77 0.25 50.79
C LEU C 144 -10.15 0.31 52.26
N ASN C 145 -10.17 1.53 52.82
CA ASN C 145 -10.45 1.73 54.23
C ASN C 145 -11.68 2.62 54.42
N TRP C 146 -12.76 2.03 54.93
CA TRP C 146 -14.00 2.76 55.13
C TRP C 146 -13.97 3.51 56.46
N LEU C 147 -13.84 4.84 56.38
CA LEU C 147 -13.80 5.68 57.56
C LEU C 147 -15.19 6.21 57.92
N THR C 148 -15.55 6.08 59.19
CA THR C 148 -16.84 6.59 59.68
C THR C 148 -16.60 7.41 60.96
N LYS C 149 -17.67 7.98 61.50
CA LYS C 149 -17.56 8.85 62.66
C LYS C 149 -17.03 8.13 63.90
N SER C 150 -16.41 8.91 64.79
CA SER C 150 -15.96 8.41 66.09
C SER C 150 -16.71 9.11 67.20
N GLY C 151 -17.58 8.36 67.88
CA GLY C 151 -18.41 8.94 68.92
C GLY C 151 -19.56 9.71 68.31
N SER C 152 -19.43 11.04 68.28
CA SER C 152 -20.47 11.89 67.69
C SER C 152 -19.88 12.96 66.78
N THR C 153 -18.67 12.72 66.28
CA THR C 153 -18.00 13.69 65.41
C THR C 153 -17.20 13.05 64.27
N TYR C 154 -17.25 13.69 63.12
CA TYR C 154 -16.42 13.34 61.97
C TYR C 154 -15.63 14.59 61.61
N PRO C 155 -14.38 14.68 62.06
CA PRO C 155 -13.59 15.90 61.86
C PRO C 155 -13.13 16.05 60.42
N VAL C 156 -12.57 17.22 60.10
CA VAL C 156 -12.06 17.46 58.76
C VAL C 156 -10.69 16.79 58.62
N LEU C 157 -10.64 15.75 57.79
CA LEU C 157 -9.40 14.99 57.58
C LEU C 157 -8.46 15.78 56.68
N ASN C 158 -7.18 15.76 57.01
CA ASN C 158 -6.19 16.58 56.33
C ASN C 158 -4.85 15.86 56.34
N VAL C 159 -4.76 14.76 55.60
CA VAL C 159 -3.59 13.90 55.62
C VAL C 159 -2.74 14.08 54.37
N THR C 160 -1.44 13.83 54.51
CA THR C 160 -0.49 14.01 53.43
C THR C 160 0.49 12.83 53.31
N MET C 161 0.76 12.41 52.07
CA MET C 161 1.67 11.30 51.80
C MET C 161 2.58 11.63 50.62
N PRO C 162 3.86 11.95 50.91
CA PRO C 162 4.79 12.36 49.86
C PRO C 162 5.41 11.19 49.10
N ASN C 163 5.82 11.42 47.86
CA ASN C 163 6.48 10.41 47.04
C ASN C 163 7.98 10.70 46.95
N ASN C 164 8.76 10.01 47.77
CA ASN C 164 10.21 10.22 47.78
C ASN C 164 10.95 9.13 47.01
N ASP C 165 10.20 8.20 46.43
CA ASP C 165 10.79 7.10 45.67
C ASP C 165 11.03 7.51 44.22
N ASN C 166 11.63 6.60 43.45
CA ASN C 166 11.95 6.89 42.05
C ASN C 166 10.99 6.24 41.06
N PHE C 167 9.71 6.19 41.41
CA PHE C 167 8.70 5.62 40.54
C PHE C 167 7.32 6.24 40.77
N ASP C 168 6.41 6.03 39.83
CA ASP C 168 5.06 6.53 39.95
C ASP C 168 4.22 5.65 40.88
N LYS C 169 3.45 6.29 41.76
CA LYS C 169 2.55 5.58 42.67
C LYS C 169 1.11 5.69 42.20
N LEU C 170 0.40 4.56 42.17
CA LEU C 170 -1.01 4.57 41.81
C LEU C 170 -1.88 4.37 43.06
N TYR C 171 -2.74 5.35 43.32
CA TYR C 171 -3.63 5.30 44.47
C TYR C 171 -5.08 5.06 44.06
N ILE C 172 -5.73 4.12 44.74
CA ILE C 172 -7.14 3.86 44.49
C ILE C 172 -7.96 4.26 45.71
N TRP C 173 -8.95 5.13 45.49
CA TRP C 173 -9.79 5.61 46.59
C TRP C 173 -11.23 5.75 46.13
N GLY C 174 -12.14 6.05 47.05
CA GLY C 174 -13.55 6.17 46.69
C GLY C 174 -14.38 7.13 47.51
N VAL C 175 -15.66 7.25 47.12
CA VAL C 175 -16.60 8.14 47.76
C VAL C 175 -17.93 7.43 47.99
N HIS C 176 -18.39 7.38 49.23
CA HIS C 176 -19.63 6.70 49.56
C HIS C 176 -20.87 7.53 49.23
N HIS C 177 -21.85 6.89 48.61
CA HIS C 177 -23.12 7.55 48.26
C HIS C 177 -24.28 6.89 48.99
N PRO C 178 -24.68 7.44 50.15
CA PRO C 178 -25.77 6.86 50.92
C PRO C 178 -27.11 6.96 50.20
N SER C 179 -28.04 6.07 50.55
CA SER C 179 -29.36 6.05 49.93
C SER C 179 -30.35 6.98 50.63
N THR C 180 -30.07 7.28 51.89
CA THR C 180 -30.95 8.14 52.68
C THR C 180 -30.18 9.16 53.51
N ASN C 181 -30.86 10.23 53.91
CA ASN C 181 -30.26 11.25 54.74
C ASN C 181 -29.93 10.75 56.14
N GLN C 182 -30.66 9.72 56.58
CA GLN C 182 -30.41 9.12 57.89
C GLN C 182 -29.07 8.38 57.87
N GLU C 183 -28.84 7.63 56.81
CA GLU C 183 -27.59 6.91 56.62
C GLU C 183 -26.39 7.86 56.63
N GLN C 184 -26.52 8.95 55.88
CA GLN C 184 -25.48 9.97 55.79
C GLN C 184 -25.07 10.51 57.16
N THR C 185 -26.05 10.89 57.96
CA THR C 185 -25.79 11.47 59.29
C THR C 185 -25.31 10.44 60.29
N SER C 186 -25.84 9.22 60.21
CA SER C 186 -25.43 8.15 61.12
C SER C 186 -23.96 7.78 60.96
N LEU C 187 -23.46 7.90 59.74
CA LEU C 187 -22.07 7.55 59.43
C LEU C 187 -21.11 8.72 59.55
N TYR C 188 -21.49 9.86 58.96
CA TYR C 188 -20.57 10.97 58.79
C TYR C 188 -20.99 12.25 59.52
N VAL C 189 -22.06 12.15 60.32
CA VAL C 189 -22.59 13.26 61.11
C VAL C 189 -23.17 14.39 60.25
N GLN C 190 -22.33 14.97 59.40
CA GLN C 190 -22.73 16.10 58.57
C GLN C 190 -23.67 15.70 57.43
N ALA C 191 -24.67 16.55 57.18
CA ALA C 191 -25.69 16.29 56.18
C ALA C 191 -25.14 16.21 54.77
N SER C 192 -23.98 16.83 54.53
CA SER C 192 -23.35 16.80 53.22
C SER C 192 -21.84 16.64 53.35
N GLY C 193 -21.33 15.52 52.84
CA GLY C 193 -19.91 15.25 52.87
C GLY C 193 -19.16 15.90 51.73
N ARG C 194 -17.86 15.68 51.69
CA ARG C 194 -16.99 16.20 50.64
C ARG C 194 -15.67 15.46 50.64
N VAL C 195 -15.16 15.14 49.45
CA VAL C 195 -13.89 14.45 49.33
C VAL C 195 -13.01 15.14 48.30
N THR C 196 -11.79 15.46 48.68
CA THR C 196 -10.84 16.08 47.77
C THR C 196 -9.48 15.42 47.86
N VAL C 197 -8.94 15.02 46.70
CA VAL C 197 -7.61 14.44 46.61
C VAL C 197 -6.81 15.27 45.64
N SER C 198 -5.58 15.62 46.00
CA SER C 198 -4.81 16.53 45.17
C SER C 198 -3.32 16.21 45.11
N THR C 199 -2.68 16.78 44.10
CA THR C 199 -1.25 16.74 43.92
C THR C 199 -0.85 18.13 43.45
N ARG C 200 0.44 18.33 43.20
CA ARG C 200 0.91 19.60 42.65
C ARG C 200 0.45 19.77 41.21
N ARG C 201 0.10 18.67 40.55
CA ARG C 201 -0.30 18.72 39.15
C ARG C 201 -1.80 18.59 38.97
N SER C 202 -2.45 17.84 39.85
CA SER C 202 -3.86 17.57 39.66
C SER C 202 -4.70 17.77 40.92
N GLN C 203 -6.00 17.68 40.73
CA GLN C 203 -7.00 17.70 41.78
C GLN C 203 -8.33 17.10 41.39
N GLN C 204 -8.91 16.34 42.31
CA GLN C 204 -10.24 15.79 42.12
C GLN C 204 -11.16 16.06 43.31
N THR C 205 -12.19 16.88 43.13
CA THR C 205 -13.17 17.13 44.18
C THR C 205 -14.50 16.46 43.84
N ILE C 206 -15.08 15.74 44.79
CA ILE C 206 -16.35 15.06 44.58
C ILE C 206 -17.31 15.32 45.73
N ILE C 207 -18.52 15.75 45.38
CA ILE C 207 -19.56 15.96 46.36
C ILE C 207 -20.49 14.76 46.31
N PRO C 208 -20.51 13.96 47.39
CA PRO C 208 -21.36 12.77 47.34
C PRO C 208 -22.84 13.17 47.23
N ASN C 209 -23.66 12.44 46.48
CA ASN C 209 -25.10 12.72 46.38
C ASN C 209 -25.85 11.60 47.09
N ILE C 210 -26.86 11.97 47.85
CA ILE C 210 -27.70 11.02 48.57
C ILE C 210 -28.89 10.64 47.71
N GLU C 211 -28.97 9.38 47.32
CA GLU C 211 -30.02 8.93 46.40
C GLU C 211 -30.22 7.43 46.45
N SER C 212 -31.43 7.01 46.16
CA SER C 212 -31.75 5.60 46.02
C SER C 212 -31.44 5.11 44.61
N ARG C 213 -30.79 3.96 44.51
CA ARG C 213 -30.50 3.33 43.23
C ARG C 213 -31.18 1.96 43.30
N PRO C 214 -31.37 1.28 42.15
CA PRO C 214 -31.97 -0.07 42.17
C PRO C 214 -31.23 -1.05 43.06
N TRP C 215 -31.97 -1.94 43.72
CA TRP C 215 -31.37 -2.84 44.70
C TRP C 215 -30.33 -3.77 44.11
N VAL C 216 -29.10 -3.68 44.63
CA VAL C 216 -28.01 -4.57 44.24
C VAL C 216 -27.39 -5.20 45.47
N ARG C 217 -27.54 -6.51 45.61
CA ARG C 217 -27.07 -7.24 46.79
C ARG C 217 -27.62 -6.64 48.08
N GLY C 218 -28.94 -6.43 48.09
CA GLY C 218 -29.63 -5.89 49.26
C GLY C 218 -29.27 -4.48 49.67
N LEU C 219 -28.71 -3.69 48.75
CA LEU C 219 -28.33 -2.32 49.07
C LEU C 219 -28.80 -1.33 48.01
N SER C 220 -29.23 -0.16 48.45
CA SER C 220 -29.67 0.90 47.54
C SER C 220 -28.57 1.95 47.38
N SER C 221 -27.55 1.87 48.21
CA SER C 221 -26.42 2.79 48.17
C SER C 221 -25.27 2.23 47.32
N ARG C 222 -24.28 3.06 47.01
CA ARG C 222 -23.16 2.68 46.15
C ARG C 222 -21.84 3.33 46.58
N ILE C 223 -20.75 2.95 45.94
CA ILE C 223 -19.45 3.60 46.11
C ILE C 223 -18.89 3.97 44.75
N SER C 224 -18.33 5.17 44.63
CA SER C 224 -17.69 5.60 43.40
C SER C 224 -16.17 5.50 43.53
N ILE C 225 -15.56 4.75 42.62
CA ILE C 225 -14.11 4.52 42.66
C ILE C 225 -13.37 5.52 41.77
N TYR C 226 -12.30 6.09 42.31
CA TYR C 226 -11.46 7.03 41.57
C TYR C 226 -10.01 6.62 41.74
N TRP C 227 -9.11 7.16 40.92
CA TRP C 227 -7.70 6.82 41.08
C TRP C 227 -6.84 8.04 40.83
N THR C 228 -5.67 8.08 41.47
CA THR C 228 -4.73 9.18 41.33
C THR C 228 -3.32 8.63 41.16
N ILE C 229 -2.54 9.26 40.29
CA ILE C 229 -1.15 8.88 40.10
C ILE C 229 -0.24 9.99 40.64
N VAL C 230 0.77 9.60 41.40
CA VAL C 230 1.70 10.54 42.02
C VAL C 230 3.13 10.30 41.51
N LYS C 231 3.68 11.31 40.84
CA LYS C 231 5.03 11.22 40.31
C LYS C 231 6.06 11.47 41.40
N PRO C 232 7.33 11.07 41.18
CA PRO C 232 8.38 11.36 42.16
C PRO C 232 8.53 12.85 42.44
N GLY C 233 8.74 13.19 43.71
CA GLY C 233 8.87 14.58 44.11
C GLY C 233 7.53 15.25 44.27
N ASP C 234 6.46 14.52 43.98
CA ASP C 234 5.11 15.05 44.13
C ASP C 234 4.51 14.52 45.43
N VAL C 235 3.37 15.05 45.81
CA VAL C 235 2.77 14.67 47.08
C VAL C 235 1.26 14.44 46.97
N LEU C 236 0.76 13.43 47.69
CA LEU C 236 -0.66 13.13 47.74
C LEU C 236 -1.31 13.82 48.93
N VAL C 237 -2.34 14.63 48.67
CA VAL C 237 -3.07 15.31 49.73
C VAL C 237 -4.54 14.89 49.73
N ILE C 238 -5.01 14.43 50.89
CA ILE C 238 -6.39 14.01 51.03
C ILE C 238 -7.10 14.88 52.07
N ASN C 239 -8.18 15.50 51.66
CA ASN C 239 -8.99 16.33 52.54
C ASN C 239 -10.42 15.83 52.48
N SER C 240 -11.05 15.64 53.64
CA SER C 240 -12.39 15.07 53.65
C SER C 240 -13.23 15.58 54.80
N ASN C 241 -14.46 15.97 54.45
CA ASN C 241 -15.46 16.40 55.39
C ASN C 241 -16.47 15.30 55.66
N GLY C 242 -16.39 14.22 54.88
CA GLY C 242 -17.26 13.08 55.03
C GLY C 242 -17.22 12.15 53.83
N ASN C 243 -17.71 10.92 54.01
CA ASN C 243 -17.91 9.96 52.92
C ASN C 243 -16.66 9.45 52.22
N LEU C 244 -15.49 9.63 52.82
CA LEU C 244 -14.25 9.18 52.20
C LEU C 244 -14.02 7.68 52.35
N ILE C 245 -13.72 7.01 51.24
CA ILE C 245 -13.28 5.63 51.27
C ILE C 245 -11.78 5.65 51.02
N ALA C 246 -11.01 5.71 52.10
CA ALA C 246 -9.58 5.98 52.05
C ALA C 246 -8.77 4.84 51.45
N PRO C 247 -7.60 5.18 50.86
CA PRO C 247 -6.66 4.16 50.38
C PRO C 247 -5.80 3.62 51.51
N ARG C 248 -5.33 2.38 51.37
CA ARG C 248 -4.47 1.77 52.38
C ARG C 248 -3.01 1.88 51.99
N GLY C 249 -2.77 2.29 50.74
CA GLY C 249 -1.43 2.39 50.20
C GLY C 249 -1.46 2.63 48.71
N TYR C 250 -0.45 2.14 48.00
CA TYR C 250 -0.36 2.37 46.56
C TYR C 250 -0.01 1.11 45.77
N PHE C 251 -0.22 1.19 44.46
CA PHE C 251 0.17 0.12 43.54
C PHE C 251 1.38 0.53 42.71
N LYS C 252 2.37 -0.35 42.63
CA LYS C 252 3.58 -0.08 41.84
C LYS C 252 3.27 -0.21 40.36
N MET C 253 3.52 0.86 39.62
CA MET C 253 3.23 0.90 38.18
C MET C 253 4.39 0.35 37.34
N ARG C 254 4.07 -0.41 36.30
CA ARG C 254 5.09 -0.93 35.39
C ARG C 254 4.73 -0.68 33.93
N THR C 255 5.75 -0.59 33.08
CA THR C 255 5.56 -0.49 31.64
C THR C 255 6.02 -1.80 31.02
N GLY C 256 5.09 -2.54 30.43
CA GLY C 256 5.43 -3.85 29.89
C GLY C 256 4.61 -4.36 28.74
N LYS C 257 4.81 -5.65 28.43
CA LYS C 257 4.15 -6.31 27.32
C LYS C 257 2.90 -7.07 27.74
N SER C 258 2.28 -6.63 28.83
CA SER C 258 1.11 -7.30 29.39
C SER C 258 -0.20 -6.74 28.86
N SER C 259 -1.26 -7.53 28.95
CA SER C 259 -2.59 -7.11 28.48
C SER C 259 -3.70 -7.93 29.12
N ILE C 260 -4.93 -7.71 28.65
CA ILE C 260 -6.11 -8.42 29.16
C ILE C 260 -6.99 -8.85 27.99
N MET C 261 -7.70 -9.96 28.14
CA MET C 261 -8.56 -10.48 27.09
C MET C 261 -9.84 -11.09 27.63
N ARG C 262 -10.95 -10.84 26.96
CA ARG C 262 -12.23 -11.46 27.30
C ARG C 262 -12.44 -12.73 26.50
N SER C 263 -12.52 -13.86 27.20
CA SER C 263 -12.68 -15.15 26.54
C SER C 263 -13.34 -16.18 27.45
N ASP C 264 -14.01 -17.15 26.84
CA ASP C 264 -14.61 -18.25 27.59
C ASP C 264 -13.98 -19.57 27.18
N ALA C 265 -12.80 -19.50 26.57
CA ALA C 265 -12.09 -20.68 26.12
C ALA C 265 -11.32 -21.31 27.27
N PRO C 266 -11.30 -22.66 27.33
CA PRO C 266 -10.56 -23.35 28.38
C PRO C 266 -9.05 -23.26 28.18
N ILE C 267 -8.29 -23.42 29.25
CA ILE C 267 -6.84 -23.38 29.17
C ILE C 267 -6.30 -24.80 29.14
N ASP C 268 -5.21 -25.02 28.41
CA ASP C 268 -4.65 -26.35 28.24
C ASP C 268 -3.13 -26.32 28.27
N THR C 269 -2.51 -27.45 28.56
CA THR C 269 -1.06 -27.54 28.62
C THR C 269 -0.47 -27.83 27.25
N CYS C 270 0.02 -26.77 26.59
CA CYS C 270 0.59 -26.84 25.26
C CYS C 270 1.21 -25.49 24.89
N ILE C 271 1.85 -25.42 23.72
CA ILE C 271 2.61 -24.23 23.34
C ILE C 271 2.06 -23.51 22.11
N SER C 272 1.86 -22.20 22.23
CA SER C 272 1.43 -21.37 21.10
C SER C 272 1.69 -19.89 21.36
N GLU C 273 2.43 -19.25 20.46
CA GLU C 273 2.77 -17.83 20.58
C GLU C 273 1.54 -16.93 20.46
N CYS C 274 0.64 -17.27 19.54
CA CYS C 274 -0.54 -16.45 19.27
C CYS C 274 -1.77 -16.90 20.05
N ILE C 275 -2.45 -15.94 20.67
CA ILE C 275 -3.67 -16.21 21.42
C ILE C 275 -4.80 -15.29 21.00
N THR C 276 -6.00 -15.86 20.82
CA THR C 276 -7.20 -15.11 20.47
C THR C 276 -8.34 -15.52 21.40
N PRO C 277 -9.43 -14.72 21.46
CA PRO C 277 -10.59 -15.11 22.27
C PRO C 277 -11.17 -16.48 21.90
N ASN C 278 -11.01 -16.87 20.64
CA ASN C 278 -11.46 -18.18 20.18
C ASN C 278 -10.56 -19.32 20.62
N GLY C 279 -9.42 -18.96 21.21
CA GLY C 279 -8.42 -19.93 21.61
C GLY C 279 -7.11 -19.63 20.92
N SER C 280 -6.11 -20.47 21.16
CA SER C 280 -4.81 -20.29 20.51
C SER C 280 -4.87 -20.74 19.05
N ILE C 281 -4.03 -20.13 18.22
CA ILE C 281 -3.93 -20.49 16.81
C ILE C 281 -2.45 -20.56 16.40
N PRO C 282 -2.12 -21.41 15.41
CA PRO C 282 -0.73 -21.47 14.92
C PRO C 282 -0.35 -20.23 14.12
N ASN C 283 0.90 -19.79 14.25
CA ASN C 283 1.38 -18.60 13.56
C ASN C 283 2.24 -18.93 12.34
N ASP C 284 2.03 -20.09 11.75
CA ASP C 284 2.78 -20.51 10.58
C ASP C 284 2.40 -19.71 9.33
N LYS C 285 1.12 -19.37 9.23
CA LYS C 285 0.63 -18.62 8.08
C LYS C 285 0.73 -17.11 8.32
N PRO C 286 0.88 -16.33 7.24
CA PRO C 286 1.03 -14.88 7.36
C PRO C 286 -0.26 -14.15 7.74
N PHE C 287 -1.41 -14.71 7.39
CA PHE C 287 -2.69 -14.06 7.67
C PHE C 287 -3.62 -14.98 8.46
N GLN C 288 -4.73 -14.43 8.94
CA GLN C 288 -5.70 -15.19 9.72
C GLN C 288 -7.10 -14.59 9.65
N ASN C 289 -8.11 -15.44 9.81
CA ASN C 289 -9.50 -15.03 9.69
C ASN C 289 -10.32 -15.31 10.94
N VAL C 290 -9.67 -15.75 12.01
CA VAL C 290 -10.38 -16.16 13.21
C VAL C 290 -10.89 -15.00 14.07
N ASN C 291 -10.05 -14.01 14.34
CA ASN C 291 -10.45 -12.89 15.19
C ASN C 291 -9.52 -11.69 15.09
N LYS C 292 -10.09 -10.49 15.04
CA LYS C 292 -9.30 -9.27 14.99
C LYS C 292 -8.60 -9.00 16.32
N ILE C 293 -9.15 -9.51 17.41
CA ILE C 293 -8.51 -9.43 18.72
C ILE C 293 -7.45 -10.51 18.85
N THR C 294 -6.22 -10.11 19.19
CA THR C 294 -5.10 -11.04 19.28
C THR C 294 -4.10 -10.66 20.36
N TYR C 295 -3.21 -11.58 20.67
CA TYR C 295 -2.10 -11.33 21.60
C TYR C 295 -0.91 -12.21 21.27
N GLY C 296 0.26 -11.59 21.16
CA GLY C 296 1.49 -12.32 20.86
C GLY C 296 1.86 -12.23 19.39
N ALA C 297 2.76 -13.12 18.97
CA ALA C 297 3.18 -13.16 17.57
C ALA C 297 2.09 -13.79 16.72
N CYS C 298 1.19 -12.94 16.20
CA CYS C 298 0.01 -13.40 15.50
C CYS C 298 0.03 -13.02 14.04
N PRO C 299 -0.64 -13.83 13.19
CA PRO C 299 -0.85 -13.43 11.79
C PRO C 299 -1.78 -12.23 11.69
N LYS C 300 -1.63 -11.44 10.63
CA LYS C 300 -2.46 -10.25 10.44
C LYS C 300 -3.89 -10.65 10.10
N TYR C 301 -4.87 -9.99 10.73
CA TYR C 301 -6.26 -10.30 10.44
C TYR C 301 -6.66 -9.80 9.06
N VAL C 302 -7.40 -10.63 8.33
CA VAL C 302 -7.90 -10.30 7.00
C VAL C 302 -9.34 -10.77 6.85
N LYS C 303 -10.06 -10.20 5.89
CA LYS C 303 -11.47 -10.55 5.69
C LYS C 303 -11.65 -11.86 4.91
N GLN C 304 -10.67 -12.21 4.08
CA GLN C 304 -10.75 -13.42 3.26
C GLN C 304 -10.67 -14.68 4.12
N ASN C 305 -11.41 -15.70 3.74
CA ASN C 305 -11.36 -16.98 4.44
C ASN C 305 -10.33 -17.92 3.82
N THR C 306 -9.90 -17.60 2.60
CA THR C 306 -8.89 -18.41 1.92
C THR C 306 -8.04 -17.60 0.93
N LEU C 307 -6.74 -17.84 0.97
CA LEU C 307 -5.80 -17.27 0.01
C LEU C 307 -4.74 -18.31 -0.35
N LYS C 308 -4.84 -18.88 -1.54
CA LYS C 308 -3.94 -19.95 -1.95
C LYS C 308 -2.70 -19.45 -2.68
N LEU C 309 -1.54 -19.87 -2.21
CA LEU C 309 -0.27 -19.50 -2.82
C LEU C 309 0.31 -20.67 -3.62
N ALA C 310 0.49 -20.46 -4.92
CA ALA C 310 1.01 -21.50 -5.80
C ALA C 310 2.40 -21.98 -5.39
N THR C 311 2.55 -23.29 -5.25
CA THR C 311 3.83 -23.91 -4.90
C THR C 311 4.23 -24.92 -5.98
N GLY C 312 3.82 -24.65 -7.20
CA GLY C 312 4.10 -25.50 -8.33
C GLY C 312 3.72 -24.82 -9.63
N MET C 313 4.04 -25.45 -10.75
CA MET C 313 3.73 -24.88 -12.06
C MET C 313 2.26 -25.07 -12.43
N ARG C 314 1.84 -24.47 -13.53
CA ARG C 314 0.46 -24.59 -13.98
C ARG C 314 0.22 -26.01 -14.51
N ASN C 315 -0.95 -26.56 -14.20
CA ASN C 315 -1.27 -27.94 -14.51
C ASN C 315 -1.95 -28.13 -15.87
N VAL C 316 -1.30 -28.89 -16.75
CA VAL C 316 -1.83 -29.19 -18.07
C VAL C 316 -2.00 -30.70 -18.29
N PRO C 317 -3.18 -31.11 -18.79
CA PRO C 317 -3.49 -32.54 -18.99
C PRO C 317 -2.74 -33.12 -20.18
N GLU C 318 -2.36 -34.39 -20.11
CA GLU C 318 -1.63 -35.02 -21.22
C GLU C 318 -2.56 -35.32 -22.39
N LYS C 319 -1.98 -35.47 -23.58
CA LYS C 319 -2.69 -35.76 -24.82
C LYS C 319 -3.70 -34.67 -25.14
N GLY D 1 2.54 -43.85 -32.65
CA GLY D 1 2.81 -43.51 -31.27
C GLY D 1 3.92 -42.50 -31.12
N ALA D 2 3.79 -41.38 -31.81
CA ALA D 2 4.80 -40.32 -31.78
C ALA D 2 4.85 -39.62 -30.42
N ILE D 3 6.03 -39.15 -30.06
CA ILE D 3 6.23 -38.45 -28.79
C ILE D 3 5.95 -36.95 -28.96
N ALA D 4 5.47 -36.31 -27.89
CA ALA D 4 5.18 -34.87 -27.93
C ALA D 4 5.83 -34.13 -26.76
N GLY D 5 6.19 -32.87 -26.99
CA GLY D 5 6.87 -32.06 -25.99
C GLY D 5 5.96 -31.21 -25.12
N PHE D 6 6.52 -30.14 -24.57
CA PHE D 6 5.81 -29.32 -23.59
C PHE D 6 4.79 -28.36 -24.20
N ILE D 7 4.84 -28.19 -25.52
CA ILE D 7 3.95 -27.24 -26.19
C ILE D 7 2.50 -27.67 -25.98
N GLU D 8 1.81 -27.01 -25.05
CA GLU D 8 0.42 -27.31 -24.74
C GLU D 8 0.17 -28.76 -24.28
N ASN D 9 1.12 -29.31 -23.54
CA ASN D 9 1.04 -30.70 -23.10
C ASN D 9 1.88 -30.93 -21.85
N GLY D 10 1.38 -31.79 -20.96
CA GLY D 10 2.09 -32.19 -19.76
C GLY D 10 2.30 -33.69 -19.69
N TRP D 11 3.25 -34.13 -18.87
CA TRP D 11 3.50 -35.56 -18.72
C TRP D 11 3.03 -36.07 -17.35
N GLU D 12 1.90 -36.77 -17.32
CA GLU D 12 1.32 -37.23 -16.07
C GLU D 12 2.19 -38.26 -15.34
N GLY D 13 2.71 -39.23 -16.09
CA GLY D 13 3.53 -40.29 -15.52
C GLY D 13 4.97 -39.85 -15.28
N MET D 14 5.16 -39.00 -14.29
CA MET D 14 6.49 -38.44 -14.02
C MET D 14 6.74 -38.19 -12.53
N ILE D 15 7.58 -39.02 -11.92
CA ILE D 15 7.81 -38.95 -10.48
C ILE D 15 9.23 -38.57 -10.08
N ASP D 16 10.21 -38.81 -10.94
CA ASP D 16 11.61 -38.47 -10.63
C ASP D 16 11.92 -36.97 -10.64
N GLY D 17 11.10 -36.17 -11.29
CA GLY D 17 11.36 -34.73 -11.32
C GLY D 17 10.23 -33.86 -11.81
N TRP D 18 10.53 -32.58 -12.03
CA TRP D 18 9.55 -31.61 -12.52
C TRP D 18 9.68 -31.44 -14.03
N TYR D 19 10.92 -31.40 -14.50
CA TYR D 19 11.21 -31.28 -15.92
C TYR D 19 12.04 -32.47 -16.36
N GLY D 20 11.95 -32.84 -17.63
CA GLY D 20 12.69 -33.99 -18.11
C GLY D 20 12.74 -34.19 -19.61
N PHE D 21 13.28 -35.34 -20.01
CA PHE D 21 13.43 -35.70 -21.41
C PHE D 21 12.65 -36.97 -21.73
N ARG D 22 12.24 -37.11 -22.98
CA ARG D 22 11.59 -38.31 -23.46
C ARG D 22 12.12 -38.55 -24.86
N HIS D 23 12.52 -39.79 -25.16
CA HIS D 23 13.15 -40.04 -26.45
C HIS D 23 12.61 -41.26 -27.18
N GLN D 24 12.89 -41.29 -28.49
CA GLN D 24 12.52 -42.39 -29.35
C GLN D 24 13.68 -42.66 -30.31
N ASN D 25 14.35 -43.80 -30.13
CA ASN D 25 15.51 -44.12 -30.97
C ASN D 25 15.59 -45.57 -31.42
N SER D 26 16.76 -45.96 -31.91
CA SER D 26 16.99 -47.31 -32.41
C SER D 26 16.76 -48.37 -31.34
N GLU D 27 17.09 -48.04 -30.10
CA GLU D 27 16.92 -48.98 -28.99
C GLU D 27 15.57 -48.85 -28.29
N GLY D 28 14.64 -48.14 -28.91
CA GLY D 28 13.31 -47.97 -28.36
C GLY D 28 13.11 -46.67 -27.59
N THR D 29 11.94 -46.54 -26.97
CA THR D 29 11.58 -45.33 -26.23
C THR D 29 12.12 -45.30 -24.81
N GLY D 30 12.15 -44.11 -24.21
CA GLY D 30 12.62 -43.95 -22.85
C GLY D 30 12.29 -42.57 -22.27
N GLN D 31 12.51 -42.42 -20.96
CA GLN D 31 12.23 -41.17 -20.28
C GLN D 31 13.18 -40.95 -19.11
N ALA D 32 13.45 -39.69 -18.79
CA ALA D 32 14.34 -39.32 -17.69
C ALA D 32 14.10 -37.90 -17.24
N ALA D 33 14.26 -37.65 -15.94
CA ALA D 33 14.04 -36.32 -15.38
C ALA D 33 15.32 -35.48 -15.34
N ASP D 34 15.15 -34.16 -15.41
CA ASP D 34 16.26 -33.24 -15.25
C ASP D 34 16.24 -32.68 -13.83
N LEU D 35 17.23 -33.09 -13.04
CA LEU D 35 17.21 -32.83 -11.60
C LEU D 35 17.59 -31.39 -11.23
N LYS D 36 18.58 -30.83 -11.92
CA LYS D 36 19.06 -29.49 -11.60
C LYS D 36 18.03 -28.41 -11.88
N SER D 37 17.34 -28.51 -13.01
CA SER D 37 16.30 -27.56 -13.36
C SER D 37 15.10 -27.66 -12.42
N THR D 38 14.80 -28.87 -11.98
CA THR D 38 13.74 -29.12 -11.02
C THR D 38 14.00 -28.43 -9.69
N GLN D 39 15.19 -28.66 -9.14
CA GLN D 39 15.57 -28.09 -7.86
C GLN D 39 15.71 -26.57 -7.93
N ALA D 40 16.14 -26.08 -9.09
CA ALA D 40 16.28 -24.64 -9.30
C ALA D 40 14.94 -23.93 -9.16
N ALA D 41 13.91 -24.53 -9.73
CA ALA D 41 12.56 -23.99 -9.65
C ALA D 41 12.06 -24.02 -8.20
N ILE D 42 12.28 -25.16 -7.55
CA ILE D 42 11.87 -25.36 -6.16
C ILE D 42 12.59 -24.39 -5.22
N ASP D 43 13.89 -24.19 -5.45
CA ASP D 43 14.69 -23.25 -4.66
C ASP D 43 14.11 -21.83 -4.70
N GLN D 44 13.62 -21.42 -5.86
CA GLN D 44 13.01 -20.11 -6.01
C GLN D 44 11.70 -20.03 -5.23
N ILE D 45 10.90 -21.09 -5.33
CA ILE D 45 9.63 -21.16 -4.63
C ILE D 45 9.83 -21.15 -3.12
N ASN D 46 10.83 -21.90 -2.65
CA ASN D 46 11.22 -21.86 -1.24
C ASN D 46 11.54 -20.45 -0.80
N GLY D 47 12.32 -19.74 -1.63
CA GLY D 47 12.74 -18.38 -1.36
C GLY D 47 11.62 -17.40 -1.11
N LYS D 48 10.60 -17.40 -1.98
CA LYS D 48 9.48 -16.47 -1.81
C LYS D 48 8.55 -16.92 -0.69
N LEU D 49 8.40 -18.22 -0.53
CA LEU D 49 7.62 -18.79 0.57
C LEU D 49 8.23 -18.36 1.91
N ASN D 50 9.56 -18.39 1.99
CA ASN D 50 10.26 -17.92 3.17
C ASN D 50 10.04 -16.43 3.45
N ARG D 51 10.09 -15.61 2.40
CA ARG D 51 9.94 -14.18 2.60
C ARG D 51 8.54 -13.77 3.05
N VAL D 52 7.51 -14.43 2.52
CA VAL D 52 6.14 -14.09 2.90
C VAL D 52 5.88 -14.42 4.37
N ILE D 53 6.58 -15.43 4.89
CA ILE D 53 6.41 -15.79 6.30
C ILE D 53 7.58 -15.36 7.16
N GLU D 54 8.46 -14.51 6.62
CA GLU D 54 9.47 -13.90 7.48
C GLU D 54 8.72 -12.80 8.21
N LYS D 55 9.35 -12.19 9.20
CA LYS D 55 8.72 -11.17 10.04
C LYS D 55 7.63 -11.78 10.91
N THR D 56 7.73 -11.57 12.22
CA THR D 56 6.66 -11.95 13.13
C THR D 56 6.10 -10.71 13.80
N ASN D 57 4.88 -10.31 13.45
CA ASN D 57 4.32 -9.10 14.03
C ASN D 57 3.83 -9.38 15.45
N GLU D 58 4.70 -9.09 16.42
CA GLU D 58 4.39 -9.32 17.83
C GLU D 58 3.73 -8.09 18.44
N LYS D 59 2.45 -8.22 18.76
CA LYS D 59 1.68 -7.10 19.30
C LYS D 59 1.09 -7.50 20.64
N PHE D 60 1.06 -6.56 21.59
CA PHE D 60 0.59 -6.86 22.93
C PHE D 60 -0.68 -6.06 23.26
N HIS D 61 -0.57 -5.06 24.14
CA HIS D 61 -1.76 -4.28 24.49
C HIS D 61 -2.20 -3.40 23.34
N GLN D 62 -3.48 -3.51 22.97
CA GLN D 62 -4.04 -2.74 21.87
C GLN D 62 -5.37 -2.12 22.32
N ILE D 63 -6.04 -1.43 21.40
CA ILE D 63 -7.33 -0.81 21.71
C ILE D 63 -8.46 -1.82 21.75
N GLU D 64 -9.58 -1.43 22.35
CA GLU D 64 -10.77 -2.28 22.40
C GLU D 64 -11.42 -2.34 21.02
N LYS D 65 -11.86 -3.54 20.62
CA LYS D 65 -12.41 -3.71 19.28
C LYS D 65 -13.86 -4.19 19.30
N GLU D 66 -14.35 -4.56 20.49
CA GLU D 66 -15.74 -4.94 20.66
C GLU D 66 -16.39 -4.15 21.79
N PHE D 67 -17.64 -3.72 21.59
CA PHE D 67 -18.32 -2.88 22.56
C PHE D 67 -19.73 -3.38 22.88
N SER D 68 -20.02 -3.52 24.17
CA SER D 68 -21.32 -4.00 24.62
C SER D 68 -22.41 -2.92 24.64
N GLU D 69 -21.99 -1.66 24.65
CA GLU D 69 -22.92 -0.55 24.79
C GLU D 69 -22.66 0.59 23.83
N VAL D 70 -23.69 1.40 23.60
CA VAL D 70 -23.64 2.54 22.68
C VAL D 70 -23.11 3.76 23.46
N GLU D 71 -21.92 4.23 23.08
CA GLU D 71 -21.27 5.33 23.78
C GLU D 71 -21.29 6.65 23.00
N GLY D 72 -20.74 6.64 21.79
CA GLY D 72 -20.81 7.83 20.95
C GLY D 72 -19.67 8.10 19.99
N ARG D 73 -19.11 9.30 20.08
CA ARG D 73 -18.13 9.80 19.09
C ARG D 73 -16.81 9.04 19.10
N ILE D 74 -16.30 8.75 20.29
CA ILE D 74 -15.03 8.06 20.44
C ILE D 74 -15.15 6.62 19.96
N GLN D 75 -16.26 5.99 20.30
CA GLN D 75 -16.53 4.61 19.85
C GLN D 75 -16.54 4.51 18.33
N ASP D 76 -17.22 5.46 17.68
CA ASP D 76 -17.30 5.51 16.23
C ASP D 76 -15.92 5.62 15.59
N LEU D 77 -15.03 6.37 16.24
CA LEU D 77 -13.67 6.56 15.74
C LEU D 77 -12.85 5.29 15.89
N GLU D 78 -12.94 4.65 17.05
CA GLU D 78 -12.25 3.39 17.31
C GLU D 78 -12.67 2.32 16.30
N LYS D 79 -13.98 2.25 16.03
CA LYS D 79 -14.50 1.34 15.03
C LYS D 79 -13.98 1.66 13.63
N TYR D 80 -13.95 2.95 13.31
CA TYR D 80 -13.50 3.41 11.99
C TYR D 80 -12.02 3.11 11.76
N VAL D 81 -11.20 3.37 12.77
CA VAL D 81 -9.76 3.12 12.69
C VAL D 81 -9.46 1.66 12.41
N GLU D 82 -10.16 0.77 13.10
CA GLU D 82 -9.96 -0.67 12.92
C GLU D 82 -10.51 -1.17 11.60
N ASP D 83 -11.69 -0.69 11.21
CA ASP D 83 -12.30 -1.07 9.94
C ASP D 83 -11.42 -0.64 8.78
N THR D 84 -10.80 0.53 8.91
CA THR D 84 -9.88 1.03 7.91
C THR D 84 -8.64 0.16 7.81
N LYS D 85 -8.07 -0.17 8.97
CA LYS D 85 -6.88 -1.02 9.05
C LYS D 85 -7.08 -2.36 8.37
N ILE D 86 -8.20 -3.01 8.66
CA ILE D 86 -8.51 -4.33 8.12
C ILE D 86 -8.68 -4.32 6.60
N ASP D 87 -9.36 -3.29 6.07
CA ASP D 87 -9.55 -3.16 4.62
C ASP D 87 -8.22 -3.00 3.90
N LEU D 88 -7.32 -2.21 4.49
CA LEU D 88 -6.01 -1.99 3.90
C LEU D 88 -5.15 -3.25 3.89
N TRP D 89 -5.19 -4.01 4.98
CA TRP D 89 -4.41 -5.25 5.07
C TRP D 89 -5.02 -6.35 4.20
N SER D 90 -6.34 -6.36 4.09
CA SER D 90 -7.02 -7.32 3.22
C SER D 90 -6.65 -7.07 1.76
N TYR D 91 -6.44 -5.81 1.41
CA TYR D 91 -6.01 -5.46 0.06
C TYR D 91 -4.58 -5.95 -0.19
N ASN D 92 -3.70 -5.69 0.76
CA ASN D 92 -2.30 -6.09 0.66
C ASN D 92 -2.15 -7.61 0.50
N ALA D 93 -3.00 -8.36 1.18
CA ALA D 93 -2.98 -9.81 1.11
C ALA D 93 -3.43 -10.31 -0.26
N GLU D 94 -4.54 -9.77 -0.75
CA GLU D 94 -5.08 -10.14 -2.06
C GLU D 94 -4.08 -9.87 -3.16
N LEU D 95 -3.46 -8.69 -3.12
CA LEU D 95 -2.49 -8.29 -4.13
C LEU D 95 -1.21 -9.13 -4.08
N LEU D 96 -0.73 -9.39 -2.87
CA LEU D 96 0.52 -10.13 -2.67
C LEU D 96 0.50 -11.51 -3.32
N VAL D 97 -0.55 -12.29 -3.03
CA VAL D 97 -0.64 -13.64 -3.59
C VAL D 97 -0.80 -13.60 -5.10
N ALA D 98 -1.52 -12.60 -5.61
CA ALA D 98 -1.70 -12.45 -7.05
C ALA D 98 -0.37 -12.20 -7.75
N LEU D 99 0.45 -11.34 -7.17
CA LEU D 99 1.77 -11.03 -7.73
C LEU D 99 2.71 -12.23 -7.59
N GLU D 100 2.67 -12.88 -6.43
CA GLU D 100 3.51 -14.05 -6.19
C GLU D 100 3.14 -15.22 -7.11
N ASN D 101 1.84 -15.45 -7.27
CA ASN D 101 1.36 -16.53 -8.13
C ASN D 101 1.72 -16.31 -9.60
N GLN D 102 1.52 -15.09 -10.08
CA GLN D 102 1.87 -14.75 -11.45
C GLN D 102 3.36 -14.99 -11.70
N HIS D 103 4.18 -14.58 -10.73
CA HIS D 103 5.62 -14.75 -10.83
C HIS D 103 6.03 -16.22 -10.79
N THR D 104 5.37 -17.00 -9.93
CA THR D 104 5.65 -18.43 -9.82
C THR D 104 5.35 -19.16 -11.12
N ILE D 105 4.25 -18.78 -11.76
CA ILE D 105 3.85 -19.38 -13.02
C ILE D 105 4.83 -19.01 -14.13
N ASP D 106 5.34 -17.78 -14.08
CA ASP D 106 6.31 -17.33 -15.08
C ASP D 106 7.68 -17.99 -14.90
N LEU D 107 8.15 -18.09 -13.67
CA LEU D 107 9.48 -18.66 -13.43
C LEU D 107 9.52 -20.15 -13.73
N THR D 108 8.39 -20.84 -13.54
CA THR D 108 8.32 -22.27 -13.86
C THR D 108 8.30 -22.50 -15.36
N ASP D 109 7.59 -21.63 -16.08
CA ASP D 109 7.55 -21.70 -17.54
C ASP D 109 8.93 -21.33 -18.10
N SER D 110 9.58 -20.39 -17.43
CA SER D 110 10.93 -19.96 -17.82
C SER D 110 11.92 -21.11 -17.71
N GLU D 111 11.79 -21.89 -16.66
CA GLU D 111 12.72 -22.99 -16.40
C GLU D 111 12.65 -24.03 -17.51
N MET D 112 11.46 -24.22 -18.07
CA MET D 112 11.25 -25.16 -19.16
C MET D 112 11.97 -24.71 -20.43
N ASN D 113 11.80 -23.43 -20.77
CA ASN D 113 12.43 -22.86 -21.95
C ASN D 113 13.95 -22.84 -21.83
N LYS D 114 14.44 -22.55 -20.64
CA LYS D 114 15.87 -22.54 -20.36
C LYS D 114 16.49 -23.90 -20.68
N LEU D 115 15.76 -24.96 -20.34
CA LEU D 115 16.21 -26.32 -20.60
C LEU D 115 16.20 -26.65 -22.10
N PHE D 116 15.18 -26.16 -22.79
CA PHE D 116 15.06 -26.39 -24.23
C PHE D 116 16.19 -25.72 -25.00
N GLU D 117 16.53 -24.48 -24.61
CA GLU D 117 17.58 -23.74 -25.26
C GLU D 117 18.96 -24.33 -24.98
N LYS D 118 19.17 -24.78 -23.75
CA LYS D 118 20.41 -25.47 -23.39
C LYS D 118 20.65 -26.67 -24.30
N THR D 119 19.58 -27.41 -24.58
CA THR D 119 19.66 -28.58 -25.44
C THR D 119 19.89 -28.18 -26.89
N ARG D 120 19.16 -27.16 -27.34
CA ARG D 120 19.31 -26.62 -28.69
C ARG D 120 20.76 -26.20 -28.95
N ARG D 121 21.35 -25.54 -27.96
CA ARG D 121 22.76 -25.13 -28.05
C ARG D 121 23.71 -26.31 -28.23
N GLN D 122 23.44 -27.39 -27.50
CA GLN D 122 24.27 -28.60 -27.59
C GLN D 122 24.28 -29.23 -28.98
N LEU D 123 23.09 -29.42 -29.53
CA LEU D 123 22.92 -30.15 -30.78
C LEU D 123 23.47 -29.39 -32.01
N ARG D 124 23.56 -28.07 -31.90
CA ARG D 124 24.05 -27.21 -32.98
C ARG D 124 23.31 -27.45 -34.30
N GLU D 125 24.03 -28.00 -35.28
CA GLU D 125 23.46 -28.23 -36.61
C GLU D 125 23.07 -29.69 -36.82
N ASN D 126 23.09 -30.49 -35.76
CA ASN D 126 22.80 -31.91 -35.86
C ASN D 126 21.31 -32.24 -35.66
N ALA D 127 20.50 -31.22 -35.40
CA ALA D 127 19.08 -31.44 -35.16
C ALA D 127 18.24 -30.24 -35.57
N GLU D 128 16.93 -30.45 -35.70
CA GLU D 128 16.00 -29.38 -36.02
C GLU D 128 14.81 -29.36 -35.07
N ASP D 129 14.33 -28.16 -34.76
CA ASP D 129 13.17 -27.98 -33.89
C ASP D 129 11.89 -28.34 -34.63
N MET D 130 11.25 -29.43 -34.22
CA MET D 130 10.02 -29.88 -34.86
C MET D 130 8.84 -28.96 -34.54
N GLY D 131 8.96 -28.17 -33.49
CA GLY D 131 7.95 -27.18 -33.17
C GLY D 131 6.99 -27.55 -32.05
N ASN D 132 6.99 -28.82 -31.66
CA ASN D 132 6.11 -29.28 -30.60
C ASN D 132 6.87 -29.53 -29.30
N GLY D 133 8.03 -28.91 -29.17
CA GLY D 133 8.88 -29.12 -28.01
C GLY D 133 9.77 -30.33 -28.17
N CYS D 134 9.99 -30.74 -29.41
CA CYS D 134 10.83 -31.89 -29.72
C CYS D 134 11.93 -31.53 -30.70
N PHE D 135 13.00 -32.33 -30.70
CA PHE D 135 14.10 -32.16 -31.64
C PHE D 135 14.18 -33.38 -32.55
N LYS D 136 14.33 -33.15 -33.85
CA LYS D 136 14.61 -34.25 -34.76
C LYS D 136 16.11 -34.36 -34.92
N ILE D 137 16.71 -35.33 -34.23
CA ILE D 137 18.14 -35.54 -34.31
C ILE D 137 18.46 -36.35 -35.56
N TYR D 138 19.28 -35.78 -36.43
CA TYR D 138 19.52 -36.35 -37.76
C TYR D 138 20.69 -37.31 -37.84
N HIS D 139 20.86 -38.14 -36.82
CA HIS D 139 21.88 -39.19 -36.86
C HIS D 139 21.53 -40.30 -35.89
N LYS D 140 22.15 -41.47 -36.07
CA LYS D 140 21.90 -42.60 -35.21
C LYS D 140 22.38 -42.29 -33.79
N CYS D 141 21.43 -42.03 -32.91
CA CYS D 141 21.73 -41.67 -31.53
C CYS D 141 21.22 -42.75 -30.57
N ASP D 142 22.11 -43.68 -30.21
CA ASP D 142 21.74 -44.75 -29.30
C ASP D 142 21.54 -44.21 -27.89
N ASN D 143 21.22 -45.09 -26.95
CA ASN D 143 20.93 -44.70 -25.57
C ASN D 143 22.08 -43.94 -24.92
N ALA D 144 23.31 -44.35 -25.21
CA ALA D 144 24.48 -43.67 -24.67
C ALA D 144 24.61 -42.25 -25.22
N CYS D 145 24.23 -42.07 -26.47
CA CYS D 145 24.27 -40.75 -27.11
C CYS D 145 23.24 -39.82 -26.49
N ILE D 146 22.06 -40.37 -26.17
CA ILE D 146 21.00 -39.61 -25.54
C ILE D 146 21.41 -39.16 -24.14
N GLU D 147 21.94 -40.09 -23.36
CA GLU D 147 22.43 -39.80 -22.02
C GLU D 147 23.48 -38.69 -22.02
N SER D 148 24.31 -38.66 -23.06
CA SER D 148 25.35 -37.64 -23.17
C SER D 148 24.76 -36.25 -23.37
N ILE D 149 23.61 -36.20 -24.06
CA ILE D 149 22.90 -34.95 -24.24
C ILE D 149 22.31 -34.52 -22.90
N ARG D 150 21.71 -35.48 -22.20
CA ARG D 150 21.11 -35.20 -20.90
C ARG D 150 22.12 -34.79 -19.83
N ASN D 151 23.30 -35.40 -19.82
CA ASN D 151 24.30 -35.01 -18.82
C ASN D 151 25.29 -33.96 -19.33
N GLY D 152 24.99 -33.38 -20.50
CA GLY D 152 25.73 -32.25 -21.01
C GLY D 152 27.14 -32.47 -21.54
N THR D 153 27.39 -33.63 -22.12
CA THR D 153 28.73 -33.93 -22.65
C THR D 153 28.70 -34.29 -24.14
N TYR D 154 27.59 -33.98 -24.80
CA TYR D 154 27.42 -34.27 -26.22
C TYR D 154 28.37 -33.46 -27.11
N ASP D 155 29.19 -34.16 -27.89
CA ASP D 155 30.13 -33.52 -28.82
C ASP D 155 29.55 -33.54 -30.23
N HIS D 156 29.08 -32.38 -30.69
CA HIS D 156 28.40 -32.28 -31.97
C HIS D 156 29.29 -32.62 -33.18
N ASP D 157 30.58 -32.29 -33.09
CA ASP D 157 31.52 -32.54 -34.19
C ASP D 157 31.63 -34.01 -34.57
N VAL D 158 31.40 -34.89 -33.60
CA VAL D 158 31.46 -36.33 -33.83
C VAL D 158 30.41 -36.80 -34.84
N TYR D 159 29.22 -36.20 -34.77
CA TYR D 159 28.10 -36.61 -35.63
C TYR D 159 27.75 -35.58 -36.70
N ARG D 160 28.58 -34.54 -36.83
CA ARG D 160 28.26 -33.41 -37.70
C ARG D 160 28.15 -33.82 -39.18
N ASP D 161 29.16 -34.54 -39.68
CA ASP D 161 29.16 -34.99 -41.07
C ASP D 161 27.97 -35.88 -41.40
N GLU D 162 27.67 -36.82 -40.50
CA GLU D 162 26.53 -37.72 -40.66
C GLU D 162 25.23 -36.93 -40.70
N ALA D 163 25.11 -35.94 -39.81
CA ALA D 163 23.89 -35.15 -39.68
C ALA D 163 23.63 -34.24 -40.87
N LEU D 164 24.66 -33.53 -41.32
CA LEU D 164 24.51 -32.61 -42.45
C LEU D 164 24.16 -33.34 -43.75
N ASN D 165 24.62 -34.57 -43.88
CA ASN D 165 24.28 -35.37 -45.05
C ASN D 165 22.80 -35.73 -45.03
N ASN D 166 22.32 -36.11 -43.84
CA ASN D 166 20.92 -36.45 -43.67
C ASN D 166 20.00 -35.23 -43.74
N ARG D 167 20.48 -34.06 -43.34
CA ARG D 167 19.64 -32.87 -43.36
C ARG D 167 19.47 -32.25 -44.74
N PHE D 168 20.59 -31.85 -45.34
CA PHE D 168 20.49 -31.12 -46.59
C PHE D 168 20.76 -31.93 -47.84
N GLN D 169 20.82 -33.26 -47.69
CA GLN D 169 21.16 -34.16 -48.79
C GLN D 169 22.17 -33.50 -49.74
N ILE D 170 23.45 -33.59 -49.39
CA ILE D 170 24.49 -32.89 -50.14
C ILE D 170 25.10 -33.81 -51.20
N LYS D 171 24.85 -35.11 -51.04
CA LYS D 171 25.20 -36.09 -52.07
C LYS D 171 26.71 -36.27 -52.18
N ASN E 1 43.89 -17.00 -40.19
CA ASN E 1 43.00 -18.16 -40.21
C ASN E 1 41.85 -17.91 -41.20
N SER E 2 40.84 -18.77 -41.15
CA SER E 2 39.69 -18.69 -42.04
C SER E 2 38.41 -18.37 -41.29
N THR E 3 38.51 -18.25 -39.97
CA THR E 3 37.35 -17.96 -39.13
C THR E 3 37.65 -16.86 -38.11
N ALA E 4 36.62 -16.48 -37.35
CA ALA E 4 36.76 -15.48 -36.29
C ALA E 4 35.74 -15.72 -35.20
N THR E 5 36.03 -15.23 -33.99
CA THR E 5 35.12 -15.38 -32.86
C THR E 5 34.61 -14.03 -32.38
N LEU E 6 33.31 -13.94 -32.10
CA LEU E 6 32.71 -12.71 -31.61
C LEU E 6 31.85 -12.99 -30.37
N CYS E 7 32.37 -12.64 -29.20
CA CYS E 7 31.65 -12.87 -27.95
C CYS E 7 30.94 -11.62 -27.43
N LEU E 8 29.79 -11.81 -26.83
CA LEU E 8 29.03 -10.71 -26.23
C LEU E 8 28.97 -10.85 -24.73
N GLY E 9 29.15 -9.74 -24.02
CA GLY E 9 29.20 -9.76 -22.57
C GLY E 9 28.75 -8.51 -21.87
N HIS E 10 28.78 -8.55 -20.54
CA HIS E 10 28.40 -7.41 -19.71
C HIS E 10 29.47 -7.17 -18.66
N HIS E 11 29.45 -5.98 -18.07
CA HIS E 11 30.50 -5.61 -17.12
C HIS E 11 30.26 -6.21 -15.75
N ALA E 12 31.29 -6.16 -14.91
CA ALA E 12 31.19 -6.62 -13.53
C ALA E 12 32.14 -5.83 -12.64
N VAL E 13 31.91 -5.90 -11.33
CA VAL E 13 32.70 -5.15 -10.36
C VAL E 13 33.31 -6.13 -9.35
N PRO E 14 34.48 -5.78 -8.77
CA PRO E 14 35.13 -6.70 -7.84
C PRO E 14 34.26 -7.07 -6.62
N ASN E 15 33.56 -6.11 -6.02
CA ASN E 15 32.63 -6.44 -4.94
C ASN E 15 31.37 -5.58 -5.09
N GLY E 16 30.22 -6.22 -5.29
CA GLY E 16 28.96 -5.53 -5.47
C GLY E 16 28.12 -5.45 -4.21
N THR E 17 26.97 -4.80 -4.30
CA THR E 17 26.08 -4.61 -3.15
C THR E 17 24.98 -5.67 -3.10
N LEU E 18 24.58 -6.06 -1.91
CA LEU E 18 23.48 -7.02 -1.73
C LEU E 18 22.13 -6.33 -1.64
N VAL E 19 21.15 -6.84 -2.38
CA VAL E 19 19.80 -6.30 -2.35
C VAL E 19 18.78 -7.43 -2.20
N LYS E 20 17.51 -7.05 -2.05
CA LYS E 20 16.44 -8.03 -1.84
C LYS E 20 15.43 -8.00 -2.98
N THR E 21 14.88 -9.17 -3.31
CA THR E 21 13.83 -9.28 -4.30
C THR E 21 12.69 -10.08 -3.69
N ILE E 22 11.71 -10.43 -4.52
CA ILE E 22 10.54 -11.15 -4.04
C ILE E 22 10.92 -12.59 -3.67
N THR E 23 11.95 -13.12 -4.33
CA THR E 23 12.39 -14.49 -4.11
C THR E 23 13.66 -14.63 -3.27
N ASP E 24 14.51 -13.62 -3.29
CA ASP E 24 15.82 -13.73 -2.64
C ASP E 24 16.08 -12.67 -1.58
N ASP E 25 16.68 -13.10 -0.47
CA ASP E 25 17.09 -12.19 0.59
C ASP E 25 18.43 -11.51 0.28
N GLN E 26 19.24 -12.15 -0.56
CA GLN E 26 20.58 -11.64 -0.86
C GLN E 26 21.03 -11.90 -2.30
N ILE E 27 20.99 -10.86 -3.12
CA ILE E 27 21.49 -10.92 -4.49
C ILE E 27 22.51 -9.82 -4.72
N GLU E 28 23.70 -10.20 -5.15
CA GLU E 28 24.74 -9.21 -5.39
C GLU E 28 24.50 -8.48 -6.70
N VAL E 29 24.57 -7.15 -6.65
CA VAL E 29 24.39 -6.32 -7.84
C VAL E 29 25.56 -5.35 -7.96
N THR E 30 25.75 -4.79 -9.14
CA THR E 30 26.89 -3.90 -9.38
C THR E 30 26.78 -2.58 -8.62
N ASN E 31 25.55 -2.16 -8.34
CA ASN E 31 25.33 -0.88 -7.66
C ASN E 31 23.95 -0.82 -7.01
N ALA E 32 23.83 -0.01 -5.95
CA ALA E 32 22.55 0.20 -5.29
C ALA E 32 22.57 1.51 -4.50
N THR E 33 21.38 2.04 -4.22
CA THR E 33 21.26 3.26 -3.44
C THR E 33 20.34 3.06 -2.22
N GLU E 34 20.70 3.70 -1.12
CA GLU E 34 19.93 3.62 0.11
C GLU E 34 18.66 4.47 0.00
N LEU E 35 17.53 3.90 0.40
CA LEU E 35 16.26 4.63 0.35
C LEU E 35 15.76 5.02 1.73
N VAL E 36 16.51 4.68 2.77
CA VAL E 36 16.11 5.01 4.13
C VAL E 36 17.13 5.92 4.82
N GLN E 37 16.69 7.14 5.13
CA GLN E 37 17.51 8.08 5.88
C GLN E 37 17.58 7.67 7.34
N SER E 38 18.78 7.46 7.85
CA SER E 38 18.94 7.02 9.23
C SER E 38 19.87 7.91 10.05
N SER E 39 20.34 9.01 9.45
CA SER E 39 21.30 9.87 10.13
C SER E 39 20.82 11.31 10.23
N SER E 40 21.31 12.02 11.25
CA SER E 40 20.97 13.42 11.43
C SER E 40 22.21 14.25 11.82
N THR E 41 22.19 15.52 11.48
CA THR E 41 23.27 16.45 11.84
C THR E 41 23.20 16.79 13.33
N GLY E 42 22.02 16.62 13.91
CA GLY E 42 21.81 16.92 15.32
C GLY E 42 21.36 18.35 15.58
N LYS E 43 21.28 19.14 14.52
CA LYS E 43 20.93 20.56 14.65
C LYS E 43 19.72 20.93 13.79
N ILE E 44 19.04 22.01 14.14
CA ILE E 44 17.86 22.46 13.40
C ILE E 44 18.20 23.63 12.49
N CYS E 45 17.87 23.47 11.21
CA CYS E 45 18.16 24.48 10.19
C CYS E 45 17.21 25.67 10.29
N ASN E 46 17.75 26.88 10.43
CA ASN E 46 16.91 28.08 10.57
C ASN E 46 16.22 28.49 9.28
N ASN E 47 16.60 27.87 8.17
CA ASN E 47 15.94 28.09 6.89
C ASN E 47 15.50 26.76 6.29
N PRO E 48 14.46 26.76 5.43
CA PRO E 48 13.64 27.89 4.98
C PRO E 48 12.53 28.28 5.94
N HIS E 49 12.22 27.43 6.91
CA HIS E 49 11.13 27.69 7.84
C HIS E 49 11.55 28.65 8.95
N ARG E 50 10.64 29.51 9.36
CA ARG E 50 10.90 30.45 10.45
C ARG E 50 10.83 29.72 11.79
N ILE E 51 11.99 29.47 12.39
CA ILE E 51 12.06 28.75 13.65
C ILE E 51 12.13 29.70 14.83
N LEU E 52 11.29 29.44 15.84
CA LEU E 52 11.26 30.27 17.04
C LEU E 52 11.65 29.46 18.27
N ASP E 53 12.79 29.78 18.85
CA ASP E 53 13.30 29.06 20.01
C ASP E 53 12.64 29.57 21.29
N GLY E 54 11.92 28.68 21.97
CA GLY E 54 11.25 29.01 23.21
C GLY E 54 12.20 29.24 24.38
N ILE E 55 13.29 28.48 24.38
CA ILE E 55 14.34 28.56 25.40
C ILE E 55 13.76 28.20 26.79
N ASP E 56 13.51 29.20 27.64
CA ASP E 56 12.99 28.94 28.98
C ASP E 56 11.47 29.02 29.05
N CYS E 57 10.84 29.35 27.93
CA CYS E 57 9.39 29.55 27.92
C CYS E 57 8.65 28.51 27.09
N THR E 58 7.43 28.20 27.51
CA THR E 58 6.53 27.35 26.76
C THR E 58 5.56 28.24 25.97
N LEU E 59 4.84 27.66 25.03
CA LEU E 59 3.89 28.42 24.23
C LEU E 59 2.77 29.04 25.08
N ILE E 60 2.32 28.32 26.09
CA ILE E 60 1.25 28.81 26.96
C ILE E 60 1.75 29.93 27.88
N ASP E 61 2.94 29.74 28.44
CA ASP E 61 3.55 30.78 29.28
C ASP E 61 3.73 32.07 28.50
N ALA E 62 4.09 31.94 27.23
CA ALA E 62 4.25 33.08 26.34
C ALA E 62 2.89 33.67 25.98
N LEU E 63 1.91 32.80 25.78
CA LEU E 63 0.54 33.22 25.47
C LEU E 63 -0.04 34.09 26.58
N LEU E 64 0.04 33.59 27.82
CA LEU E 64 -0.51 34.28 28.98
C LEU E 64 0.25 35.56 29.33
N GLY E 65 1.55 35.57 29.08
CA GLY E 65 2.38 36.73 29.37
C GLY E 65 3.15 36.63 30.67
N ASP E 66 3.78 35.48 30.87
CA ASP E 66 4.67 35.27 32.01
C ASP E 66 5.83 36.25 31.89
N PRO E 67 6.15 36.97 32.98
CA PRO E 67 7.19 38.00 33.03
C PRO E 67 8.46 37.68 32.24
N HIS E 68 9.03 36.50 32.41
CA HIS E 68 10.26 36.15 31.70
C HIS E 68 10.00 35.76 30.24
N CYS E 69 8.73 35.75 29.83
CA CYS E 69 8.36 35.45 28.46
C CYS E 69 7.81 36.67 27.70
N ASP E 70 8.18 37.87 28.15
CA ASP E 70 7.68 39.09 27.53
C ASP E 70 8.29 39.39 26.17
N VAL E 71 9.43 38.79 25.88
CA VAL E 71 10.10 38.99 24.58
C VAL E 71 9.30 38.38 23.43
N PHE E 72 8.40 37.45 23.76
CA PHE E 72 7.59 36.77 22.76
C PHE E 72 6.26 37.47 22.39
N GLN E 73 6.05 38.68 22.91
CA GLN E 73 4.82 39.42 22.61
C GLN E 73 4.74 39.76 21.12
N ASN E 74 3.58 39.47 20.51
CA ASN E 74 3.38 39.64 19.07
C ASN E 74 4.43 38.93 18.20
N GLU E 75 4.94 37.81 18.68
CA GLU E 75 5.92 37.05 17.91
C GLU E 75 5.21 36.02 17.03
N THR E 76 5.79 35.75 15.86
CA THR E 76 5.20 34.80 14.92
C THR E 76 6.19 33.70 14.57
N TRP E 77 5.69 32.59 14.00
CA TRP E 77 6.56 31.46 13.69
C TRP E 77 5.98 30.50 12.66
N ASP E 78 6.83 29.61 12.16
CA ASP E 78 6.39 28.46 11.37
C ASP E 78 6.46 27.23 12.27
N LEU E 79 7.57 27.10 13.00
CA LEU E 79 7.71 26.04 13.99
C LEU E 79 8.18 26.62 15.33
N PHE E 80 7.41 26.37 16.38
CA PHE E 80 7.80 26.76 17.72
C PHE E 80 8.52 25.60 18.38
N VAL E 81 9.74 25.85 18.88
CA VAL E 81 10.51 24.78 19.50
C VAL E 81 10.50 24.90 21.01
N GLU E 82 9.98 23.87 21.67
CA GLU E 82 9.84 23.85 23.12
C GLU E 82 10.97 23.05 23.76
N ARG E 83 11.63 23.64 24.76
CA ARG E 83 12.76 22.99 25.41
C ARG E 83 12.35 22.33 26.72
N SER E 84 13.08 21.29 27.11
CA SER E 84 12.81 20.57 28.34
C SER E 84 13.16 21.39 29.58
N LYS E 85 14.10 22.30 29.44
CA LYS E 85 14.53 23.16 30.55
C LYS E 85 13.52 24.24 30.91
N ALA E 86 12.51 24.42 30.07
CA ALA E 86 11.48 25.44 30.27
C ALA E 86 10.79 25.34 31.62
N PHE E 87 10.44 26.49 32.19
CA PHE E 87 9.80 26.54 33.51
C PHE E 87 8.79 27.67 33.60
N SER E 88 7.90 27.58 34.58
CA SER E 88 6.94 28.64 34.87
C SER E 88 7.42 29.46 36.06
N ASN E 89 7.21 30.78 36.02
CA ASN E 89 7.66 31.66 37.08
C ASN E 89 6.63 32.74 37.41
N CYS E 90 5.35 32.42 37.19
CA CYS E 90 4.27 33.33 37.51
C CYS E 90 3.35 32.71 38.56
N TYR E 91 2.09 33.11 38.54
CA TYR E 91 1.10 32.56 39.47
C TYR E 91 0.83 31.11 39.08
N PRO E 92 0.74 30.22 40.08
CA PRO E 92 0.50 28.79 39.78
C PRO E 92 -0.84 28.59 39.10
N TYR E 93 -0.85 27.85 38.00
CA TYR E 93 -2.07 27.67 37.23
C TYR E 93 -2.23 26.27 36.64
N ASP E 94 -3.44 25.97 36.20
CA ASP E 94 -3.73 24.74 35.48
C ASP E 94 -4.60 25.11 34.29
N VAL E 95 -4.56 24.31 33.24
CA VAL E 95 -5.37 24.55 32.06
C VAL E 95 -6.11 23.29 31.69
N PRO E 96 -7.40 23.21 32.05
CA PRO E 96 -8.22 22.09 31.60
C PRO E 96 -8.26 22.10 30.08
N ASP E 97 -7.90 20.97 29.46
CA ASP E 97 -7.78 20.84 28.02
C ASP E 97 -6.59 21.69 27.54
N TYR E 98 -5.45 21.49 28.19
CA TYR E 98 -4.19 22.17 27.86
C TYR E 98 -3.75 21.84 26.44
N ALA E 99 -3.76 20.55 26.11
CA ALA E 99 -3.33 20.06 24.81
C ALA E 99 -4.04 20.74 23.65
N SER E 100 -5.35 20.92 23.77
CA SER E 100 -6.14 21.54 22.72
C SER E 100 -5.76 23.00 22.51
N LEU E 101 -5.53 23.72 23.60
CA LEU E 101 -5.13 25.12 23.52
C LEU E 101 -3.73 25.27 22.93
N ARG E 102 -2.83 24.39 23.35
CA ARG E 102 -1.47 24.37 22.83
C ARG E 102 -1.49 24.12 21.33
N SER E 103 -2.23 23.10 20.91
CA SER E 103 -2.39 22.77 19.50
C SER E 103 -3.04 23.91 18.73
N LEU E 104 -4.06 24.51 19.32
CA LEU E 104 -4.79 25.62 18.69
C LEU E 104 -3.91 26.82 18.40
N VAL E 105 -3.18 27.27 19.41
CA VAL E 105 -2.32 28.44 19.28
C VAL E 105 -1.15 28.15 18.35
N ALA E 106 -0.57 26.95 18.49
CA ALA E 106 0.52 26.52 17.62
C ALA E 106 0.14 26.58 16.14
N SER E 107 -1.06 26.12 15.83
CA SER E 107 -1.56 26.13 14.45
C SER E 107 -1.72 27.55 13.93
N SER E 108 -2.11 28.47 14.80
CA SER E 108 -2.29 29.86 14.42
C SER E 108 -0.98 30.50 14.00
N GLY E 109 0.09 30.12 14.69
CA GLY E 109 1.42 30.58 14.34
C GLY E 109 1.74 32.02 14.70
N THR E 110 0.96 32.60 15.61
CA THR E 110 1.18 33.98 16.02
C THR E 110 0.58 34.29 17.39
N LEU E 111 1.18 35.27 18.07
CA LEU E 111 0.70 35.72 19.36
C LEU E 111 0.28 37.18 19.27
N GLU E 112 -0.22 37.58 18.11
CA GLU E 112 -0.64 38.95 17.86
C GLU E 112 -1.81 39.32 18.78
N PHE E 113 -1.52 40.12 19.80
CA PHE E 113 -2.53 40.49 20.78
C PHE E 113 -3.02 41.93 20.59
N ILE E 114 -4.34 42.09 20.53
CA ILE E 114 -4.96 43.40 20.41
C ILE E 114 -5.68 43.74 21.70
N THR E 115 -5.29 44.85 22.34
CA THR E 115 -5.90 45.27 23.59
C THR E 115 -7.24 45.94 23.34
N GLU E 116 -8.22 45.67 24.21
CA GLU E 116 -9.56 46.23 24.07
C GLU E 116 -10.02 47.02 25.29
N GLY E 117 -10.93 47.96 25.05
CA GLY E 117 -11.46 48.84 26.07
C GLY E 117 -12.54 48.28 26.98
N PHE E 118 -12.21 47.25 27.75
CA PHE E 118 -13.17 46.65 28.67
C PHE E 118 -13.40 47.57 29.88
N THR E 119 -14.62 48.07 30.03
CA THR E 119 -14.95 48.88 31.20
C THR E 119 -15.39 48.00 32.36
N TRP E 120 -14.57 47.95 33.41
CA TRP E 120 -14.88 47.19 34.61
C TRP E 120 -15.24 48.13 35.75
N THR E 121 -16.53 48.37 35.94
CA THR E 121 -17.00 49.32 36.95
C THR E 121 -17.21 48.70 38.32
N GLY E 122 -16.81 49.43 39.35
CA GLY E 122 -16.99 48.99 40.72
C GLY E 122 -16.01 47.93 41.21
N VAL E 123 -14.91 47.77 40.49
CA VAL E 123 -13.89 46.80 40.89
C VAL E 123 -12.49 47.37 40.71
N THR E 124 -11.53 46.83 41.45
CA THR E 124 -10.14 47.27 41.35
C THR E 124 -9.41 46.41 40.33
N GLN E 125 -8.75 47.06 39.37
CA GLN E 125 -8.06 46.35 38.30
C GLN E 125 -6.58 46.14 38.60
N ASN E 126 -5.92 45.40 37.71
CA ASN E 126 -4.48 45.19 37.72
C ASN E 126 -3.92 44.65 39.03
N GLY E 127 -4.50 43.58 39.53
CA GLY E 127 -4.01 42.91 40.72
C GLY E 127 -2.77 42.10 40.41
N GLY E 128 -1.90 41.94 41.40
CA GLY E 128 -0.65 41.21 41.22
C GLY E 128 -0.21 40.40 42.42
N SER E 129 0.93 39.73 42.30
CA SER E 129 1.43 38.85 43.35
C SER E 129 2.96 38.78 43.34
N ASN E 130 3.53 38.42 44.48
CA ASN E 130 4.99 38.25 44.58
C ASN E 130 5.44 36.95 43.91
N ALA E 131 4.49 36.06 43.65
CA ALA E 131 4.81 34.84 42.91
C ALA E 131 5.03 35.12 41.43
N CYS E 132 4.52 36.27 40.98
CA CYS E 132 4.65 36.65 39.57
C CYS E 132 5.28 38.03 39.45
N LYS E 133 6.52 38.16 39.91
CA LYS E 133 7.19 39.47 39.90
C LYS E 133 7.61 39.96 38.52
N ARG E 134 7.39 41.24 38.28
CA ARG E 134 7.88 41.92 37.10
C ARG E 134 8.71 43.12 37.55
N GLY E 135 10.03 43.02 37.41
CA GLY E 135 10.93 44.01 37.96
C GLY E 135 11.09 43.75 39.44
N PRO E 136 11.40 44.79 40.23
CA PRO E 136 11.53 44.61 41.67
C PRO E 136 10.17 44.41 42.36
N GLY E 137 9.13 45.00 41.80
CA GLY E 137 7.79 44.91 42.36
C GLY E 137 6.97 43.73 41.89
N SER E 138 5.83 43.52 42.52
CA SER E 138 4.92 42.42 42.17
C SER E 138 4.26 42.64 40.81
N GLY E 139 3.71 41.57 40.25
CA GLY E 139 3.06 41.65 38.94
C GLY E 139 2.13 40.50 38.65
N PHE E 140 1.79 40.33 37.37
CA PHE E 140 0.82 39.32 36.94
C PHE E 140 0.98 39.05 35.45
N PHE E 141 0.23 38.06 34.94
CA PHE E 141 0.20 37.77 33.51
C PHE E 141 -0.19 39.03 32.74
N SER E 142 0.65 39.41 31.76
CA SER E 142 0.44 40.64 31.00
C SER E 142 -0.88 40.65 30.23
N ARG E 143 -1.32 39.49 29.77
CA ARG E 143 -2.54 39.41 28.96
C ARG E 143 -3.79 39.13 29.79
N LEU E 144 -3.65 39.13 31.10
CA LEU E 144 -4.79 38.90 31.99
C LEU E 144 -4.93 40.00 33.04
N ASN E 145 -6.16 40.26 33.44
CA ASN E 145 -6.47 41.33 34.38
C ASN E 145 -7.13 40.80 35.64
N TRP E 146 -6.42 40.86 36.77
CA TRP E 146 -6.93 40.36 38.03
C TRP E 146 -7.82 41.40 38.71
N LEU E 147 -9.13 41.15 38.70
CA LEU E 147 -10.11 42.05 39.29
C LEU E 147 -10.43 41.67 40.74
N THR E 148 -10.43 42.66 41.61
CA THR E 148 -10.78 42.45 43.01
C THR E 148 -11.82 43.47 43.47
N LYS E 149 -12.26 43.36 44.71
CA LYS E 149 -13.30 44.25 45.23
C LYS E 149 -12.84 45.70 45.29
N SER E 150 -13.80 46.62 45.22
CA SER E 150 -13.53 48.04 45.39
C SER E 150 -14.22 48.55 46.65
N GLY E 151 -13.44 48.86 47.67
CA GLY E 151 -13.99 49.29 48.94
C GLY E 151 -14.51 48.09 49.72
N SER E 152 -15.83 47.90 49.70
CA SER E 152 -16.44 46.78 50.41
C SER E 152 -17.48 46.06 49.55
N THR E 153 -17.37 46.20 48.23
CA THR E 153 -18.32 45.58 47.31
C THR E 153 -17.67 45.06 46.04
N TYR E 154 -18.13 43.91 45.58
CA TYR E 154 -17.78 43.36 44.28
C TYR E 154 -19.09 43.18 43.52
N PRO E 155 -19.43 44.14 42.65
CA PRO E 155 -20.73 44.09 41.98
C PRO E 155 -20.79 43.02 40.91
N VAL E 156 -21.99 42.77 40.38
CA VAL E 156 -22.17 41.79 39.32
C VAL E 156 -21.71 42.39 38.01
N LEU E 157 -20.62 41.88 37.46
CA LEU E 157 -20.06 42.38 36.22
C LEU E 157 -20.88 41.87 35.04
N ASN E 158 -21.11 42.76 34.07
CA ASN E 158 -22.01 42.46 32.95
C ASN E 158 -21.54 43.21 31.70
N VAL E 159 -20.39 42.80 31.18
CA VAL E 159 -19.76 43.49 30.05
C VAL E 159 -19.92 42.72 28.74
N THR E 160 -19.93 43.44 27.63
CA THR E 160 -20.09 42.84 26.31
C THR E 160 -19.08 43.40 25.30
N MET E 161 -18.54 42.54 24.45
CA MET E 161 -17.58 42.95 23.44
C MET E 161 -17.91 42.28 22.11
N PRO E 162 -18.49 43.04 21.17
CA PRO E 162 -18.94 42.47 19.90
C PRO E 162 -17.80 42.31 18.88
N ASN E 163 -17.97 41.36 17.97
CA ASN E 163 -16.99 41.12 16.91
C ASN E 163 -17.51 41.65 15.58
N ASN E 164 -17.07 42.84 15.20
CA ASN E 164 -17.49 43.47 13.96
C ASN E 164 -16.45 43.33 12.85
N ASP E 165 -15.36 42.66 13.15
CA ASP E 165 -14.28 42.45 12.18
C ASP E 165 -14.55 41.21 11.32
N ASN E 166 -13.68 40.96 10.35
CA ASN E 166 -13.84 39.83 9.44
C ASN E 166 -12.93 38.64 9.77
N PHE E 167 -12.71 38.39 11.06
CA PHE E 167 -11.88 37.27 11.49
C PHE E 167 -12.29 36.75 12.86
N ASP E 168 -11.83 35.55 13.20
CA ASP E 168 -12.11 34.95 14.49
C ASP E 168 -11.21 35.53 15.58
N LYS E 169 -11.81 35.85 16.72
CA LYS E 169 -11.08 36.36 17.87
C LYS E 169 -10.93 35.29 18.95
N LEU E 170 -9.73 35.13 19.48
CA LEU E 170 -9.49 34.19 20.57
C LEU E 170 -9.31 34.94 21.88
N TYR E 171 -10.17 34.66 22.85
CA TYR E 171 -10.12 35.31 24.15
C TYR E 171 -9.61 34.35 25.21
N ILE E 172 -8.65 34.79 26.00
CA ILE E 172 -8.11 33.98 27.11
C ILE E 172 -8.49 34.61 28.44
N TRP E 173 -9.13 33.82 29.30
CA TRP E 173 -9.58 34.30 30.60
C TRP E 173 -9.39 33.21 31.65
N GLY E 174 -9.64 33.54 32.91
CA GLY E 174 -9.47 32.58 33.97
C GLY E 174 -10.37 32.73 35.19
N VAL E 175 -10.22 31.81 36.13
CA VAL E 175 -11.01 31.79 37.36
C VAL E 175 -10.10 31.53 38.56
N HIS E 176 -10.12 32.44 39.53
CA HIS E 176 -9.28 32.30 40.71
C HIS E 176 -9.84 31.32 41.73
N HIS E 177 -8.96 30.47 42.25
CA HIS E 177 -9.34 29.47 43.25
C HIS E 177 -8.61 29.72 44.56
N PRO E 178 -9.26 30.42 45.50
CA PRO E 178 -8.64 30.75 46.79
C PRO E 178 -8.42 29.52 47.66
N SER E 179 -7.47 29.60 48.59
CA SER E 179 -7.15 28.48 49.47
C SER E 179 -8.02 28.44 50.72
N THR E 180 -8.55 29.59 51.13
CA THR E 180 -9.38 29.68 52.32
C THR E 180 -10.59 30.58 52.09
N ASN E 181 -11.60 30.41 52.94
CA ASN E 181 -12.81 31.22 52.87
C ASN E 181 -12.55 32.68 53.21
N GLN E 182 -11.51 32.91 54.00
CA GLN E 182 -11.10 34.27 54.36
C GLN E 182 -10.53 35.00 53.15
N GLU E 183 -9.68 34.29 52.40
CA GLU E 183 -9.11 34.82 51.17
C GLU E 183 -10.21 35.20 50.17
N GLN E 184 -11.18 34.29 50.01
CA GLN E 184 -12.31 34.50 49.12
C GLN E 184 -13.06 35.78 49.42
N THR E 185 -13.40 35.99 50.68
CA THR E 185 -14.15 37.17 51.12
C THR E 185 -13.33 38.45 51.07
N SER E 186 -12.04 38.35 51.40
CA SER E 186 -11.15 39.52 51.38
C SER E 186 -10.99 40.09 49.98
N LEU E 187 -11.03 39.22 48.98
CA LEU E 187 -10.85 39.63 47.59
C LEU E 187 -12.16 39.93 46.87
N TYR E 188 -13.14 39.05 47.04
CA TYR E 188 -14.35 39.09 46.23
C TYR E 188 -15.64 39.31 47.02
N VAL E 189 -15.49 39.57 48.32
CA VAL E 189 -16.60 39.83 49.24
C VAL E 189 -17.52 38.63 49.45
N GLN E 190 -18.12 38.15 48.37
CA GLN E 190 -19.07 37.04 48.44
C GLN E 190 -18.40 35.70 48.73
N ALA E 191 -19.04 34.90 49.57
CA ALA E 191 -18.50 33.61 49.99
C ALA E 191 -18.34 32.63 48.83
N SER E 192 -19.09 32.85 47.76
CA SER E 192 -18.99 31.99 46.59
C SER E 192 -19.09 32.80 45.29
N GLY E 193 -18.02 32.78 44.52
CA GLY E 193 -17.99 33.51 43.26
C GLY E 193 -18.61 32.72 42.12
N ARG E 194 -18.61 33.33 40.93
CA ARG E 194 -19.13 32.69 39.74
C ARG E 194 -18.64 33.44 38.50
N VAL E 195 -18.25 32.70 37.47
CA VAL E 195 -17.78 33.29 36.24
C VAL E 195 -18.46 32.63 35.05
N THR E 196 -19.03 33.43 34.16
CA THR E 196 -19.67 32.91 32.97
C THR E 196 -19.26 33.71 31.74
N VAL E 197 -18.80 32.99 30.72
CA VAL E 197 -18.44 33.60 29.45
C VAL E 197 -19.26 32.93 28.35
N SER E 198 -19.87 33.73 27.50
CA SER E 198 -20.79 33.18 26.50
C SER E 198 -20.78 33.89 25.16
N THR E 199 -21.36 33.20 24.17
CA THR E 199 -21.61 33.74 22.85
C THR E 199 -22.99 33.24 22.44
N ARG E 200 -23.43 33.57 21.24
CA ARG E 200 -24.72 33.09 20.77
C ARG E 200 -24.68 31.57 20.53
N ARG E 201 -23.48 31.04 20.36
CA ARG E 201 -23.30 29.63 20.07
C ARG E 201 -22.87 28.80 21.28
N SER E 202 -22.12 29.42 22.19
CA SER E 202 -21.55 28.68 23.32
C SER E 202 -21.73 29.37 24.68
N GLN E 203 -21.42 28.62 25.74
CA GLN E 203 -21.42 29.12 27.12
C GLN E 203 -20.50 28.27 28.01
N GLN E 204 -19.75 28.95 28.87
CA GLN E 204 -18.91 28.28 29.85
C GLN E 204 -19.13 28.90 31.22
N THR E 205 -19.73 28.13 32.14
CA THR E 205 -19.94 28.58 33.50
C THR E 205 -19.02 27.81 34.44
N ILE E 206 -18.33 28.53 35.32
CA ILE E 206 -17.42 27.90 36.27
C ILE E 206 -17.63 28.41 37.68
N ILE E 207 -17.79 27.48 38.63
CA ILE E 207 -17.91 27.81 40.04
C ILE E 207 -16.56 27.55 40.71
N PRO E 208 -15.92 28.61 41.22
CA PRO E 208 -14.59 28.50 41.82
C PRO E 208 -14.56 27.59 43.05
N ASN E 209 -13.44 26.89 43.24
CA ASN E 209 -13.29 25.98 44.37
C ASN E 209 -12.34 26.52 45.45
N ILE E 210 -12.81 26.52 46.69
CA ILE E 210 -12.03 26.94 47.87
C ILE E 210 -11.41 25.80 48.66
N GLU E 211 -10.09 25.71 48.68
CA GLU E 211 -9.43 24.55 49.26
C GLU E 211 -7.92 24.69 49.40
N SER E 212 -7.34 24.04 50.40
CA SER E 212 -5.89 24.06 50.55
C SER E 212 -5.22 23.04 49.59
N ARG E 213 -4.20 23.50 48.88
CA ARG E 213 -3.50 22.68 47.90
C ARG E 213 -2.00 22.63 48.22
N PRO E 214 -1.26 21.67 47.64
CA PRO E 214 0.20 21.66 47.84
C PRO E 214 0.86 22.95 47.36
N TRP E 215 1.82 23.46 48.11
CA TRP E 215 2.47 24.72 47.78
C TRP E 215 3.28 24.67 46.48
N VAL E 216 2.97 25.59 45.58
CA VAL E 216 3.70 25.76 44.34
C VAL E 216 4.17 27.21 44.27
N ARG E 217 5.49 27.40 44.33
CA ARG E 217 6.08 28.73 44.41
C ARG E 217 5.49 29.50 45.58
N GLY E 218 5.47 28.85 46.74
CA GLY E 218 4.97 29.45 47.97
C GLY E 218 3.50 29.79 48.01
N LEU E 219 2.68 29.16 47.17
CA LEU E 219 1.25 29.44 47.13
C LEU E 219 0.38 28.20 47.13
N SER E 220 -0.73 28.28 47.85
CA SER E 220 -1.72 27.19 47.91
C SER E 220 -2.91 27.45 46.99
N SER E 221 -2.96 28.65 46.43
CA SER E 221 -4.05 29.03 45.54
C SER E 221 -3.69 28.71 44.09
N ARG E 222 -4.67 28.79 43.20
CA ARG E 222 -4.47 28.47 41.79
C ARG E 222 -5.30 29.38 40.88
N ILE E 223 -5.05 29.27 39.58
CA ILE E 223 -5.88 29.88 38.54
C ILE E 223 -6.19 28.84 37.49
N SER E 224 -7.44 28.79 37.04
CA SER E 224 -7.84 27.88 35.97
C SER E 224 -8.00 28.69 34.69
N ILE E 225 -7.27 28.31 33.64
CA ILE E 225 -7.30 29.04 32.38
C ILE E 225 -8.33 28.44 31.42
N TYR E 226 -9.11 29.32 30.79
CA TYR E 226 -10.12 28.90 29.83
C TYR E 226 -10.00 29.78 28.58
N TRP E 227 -10.61 29.36 27.48
CA TRP E 227 -10.56 30.17 26.26
C TRP E 227 -11.89 30.14 25.52
N THR E 228 -12.17 31.21 24.77
CA THR E 228 -13.39 31.32 24.00
C THR E 228 -13.04 31.88 22.62
N ILE E 229 -13.70 31.37 21.59
CA ILE E 229 -13.53 31.90 20.24
C ILE E 229 -14.81 32.60 19.79
N VAL E 230 -14.64 33.78 19.22
CA VAL E 230 -15.78 34.57 18.77
C VAL E 230 -15.72 34.81 17.26
N LYS E 231 -16.69 34.29 16.54
CA LYS E 231 -16.77 34.45 15.10
C LYS E 231 -17.31 35.82 14.74
N PRO E 232 -17.09 36.27 13.49
CA PRO E 232 -17.67 37.56 13.06
C PRO E 232 -19.19 37.60 13.19
N GLY E 233 -19.72 38.73 13.62
CA GLY E 233 -21.14 38.89 13.83
C GLY E 233 -21.62 38.32 15.15
N ASP E 234 -20.69 37.73 15.90
CA ASP E 234 -21.01 37.17 17.22
C ASP E 234 -20.58 38.14 18.31
N VAL E 235 -20.94 37.87 19.55
CA VAL E 235 -20.61 38.76 20.66
C VAL E 235 -20.09 38.01 21.88
N LEU E 236 -19.11 38.60 22.56
CA LEU E 236 -18.58 38.04 23.79
C LEU E 236 -19.28 38.67 24.99
N VAL E 237 -19.86 37.83 25.84
CA VAL E 237 -20.53 38.31 27.05
C VAL E 237 -19.87 37.72 28.29
N ILE E 238 -19.46 38.59 29.21
CA ILE E 238 -18.83 38.15 30.45
C ILE E 238 -19.65 38.58 31.66
N ASN E 239 -20.06 37.60 32.47
CA ASN E 239 -20.81 37.90 33.68
C ASN E 239 -20.16 37.27 34.91
N SER E 240 -19.96 38.06 35.96
CA SER E 240 -19.28 37.55 37.14
C SER E 240 -19.64 38.29 38.43
N ASN E 241 -19.90 37.54 39.49
CA ASN E 241 -20.09 38.14 40.81
C ASN E 241 -18.82 37.96 41.63
N GLY E 242 -17.82 37.29 41.06
CA GLY E 242 -16.55 37.09 41.74
C GLY E 242 -15.57 36.13 41.07
N ASN E 243 -14.30 36.26 41.46
CA ASN E 243 -13.21 35.37 41.06
C ASN E 243 -12.79 35.41 39.59
N LEU E 244 -13.22 36.44 38.86
CA LEU E 244 -12.89 36.54 37.44
C LEU E 244 -11.48 37.06 37.18
N ILE E 245 -10.74 36.35 36.33
CA ILE E 245 -9.46 36.84 35.82
C ILE E 245 -9.70 37.28 34.38
N ALA E 246 -10.02 38.56 34.22
CA ALA E 246 -10.52 39.10 32.97
C ALA E 246 -9.47 39.14 31.85
N PRO E 247 -9.93 39.08 30.59
CA PRO E 247 -9.05 39.26 29.45
C PRO E 247 -8.80 40.75 29.17
N ARG E 248 -7.65 41.06 28.58
CA ARG E 248 -7.32 42.45 28.26
C ARG E 248 -7.64 42.75 26.80
N GLY E 249 -7.94 41.70 26.04
CA GLY E 249 -8.22 41.82 24.63
C GLY E 249 -8.27 40.45 23.98
N TYR E 250 -7.87 40.37 22.72
CA TYR E 250 -7.93 39.10 21.99
C TYR E 250 -6.67 38.79 21.22
N PHE E 251 -6.54 37.53 20.81
CA PHE E 251 -5.46 37.07 19.95
C PHE E 251 -6.05 36.85 18.56
N LYS E 252 -5.39 37.37 17.53
CA LYS E 252 -5.90 37.22 16.17
C LYS E 252 -5.66 35.80 15.67
N MET E 253 -6.74 35.14 15.25
CA MET E 253 -6.67 33.75 14.80
C MET E 253 -6.32 33.64 13.32
N ARG E 254 -5.47 32.67 13.00
CA ARG E 254 -5.09 32.39 11.63
C ARG E 254 -5.16 30.88 11.32
N THR E 255 -5.37 30.55 10.05
CA THR E 255 -5.30 29.18 9.60
C THR E 255 -4.06 29.05 8.71
N GLY E 256 -3.09 28.25 9.14
CA GLY E 256 -1.85 28.16 8.40
C GLY E 256 -1.07 26.86 8.53
N LYS E 257 0.17 26.90 8.04
CA LYS E 257 1.06 25.74 8.03
C LYS E 257 1.98 25.70 9.23
N SER E 258 1.55 26.29 10.34
CA SER E 258 2.39 26.39 11.53
C SER E 258 2.17 25.24 12.51
N SER E 259 3.15 25.00 13.37
CA SER E 259 3.08 23.93 14.37
C SER E 259 4.05 24.14 15.52
N ILE E 260 4.15 23.14 16.39
CA ILE E 260 5.03 23.18 17.55
C ILE E 260 5.76 21.85 17.70
N MET E 261 6.99 21.88 18.23
CA MET E 261 7.79 20.66 18.41
C MET E 261 8.60 20.69 19.70
N ARG E 262 8.67 19.55 20.37
CA ARG E 262 9.50 19.41 21.56
C ARG E 262 10.87 18.86 21.19
N SER E 263 11.92 19.65 21.42
CA SER E 263 13.27 19.25 21.06
C SER E 263 14.32 19.95 21.91
N ASP E 264 15.48 19.30 22.05
CA ASP E 264 16.61 19.89 22.75
C ASP E 264 17.79 20.06 21.82
N ALA E 265 17.51 20.05 20.51
CA ALA E 265 18.56 20.20 19.51
C ALA E 265 18.89 21.67 19.28
N PRO E 266 20.17 21.99 19.10
CA PRO E 266 20.58 23.37 18.84
C PRO E 266 20.16 23.84 17.46
N ILE E 267 20.04 25.16 17.29
CA ILE E 267 19.67 25.73 16.00
C ILE E 267 20.93 26.23 15.29
N ASP E 268 20.95 26.11 13.96
CA ASP E 268 22.13 26.48 13.19
C ASP E 268 21.74 27.18 11.89
N THR E 269 22.66 27.94 11.31
CA THR E 269 22.42 28.65 10.06
C THR E 269 22.71 27.78 8.85
N CYS E 270 21.64 27.21 8.29
CA CYS E 270 21.72 26.32 7.14
C CYS E 270 20.31 26.01 6.61
N ILE E 271 20.21 25.26 5.52
CA ILE E 271 18.93 25.03 4.86
C ILE E 271 18.48 23.57 4.85
N SER E 272 17.25 23.33 5.29
CA SER E 272 16.64 21.99 5.26
C SER E 272 15.12 22.04 5.40
N GLU E 273 14.43 21.46 4.42
CA GLU E 273 12.98 21.42 4.40
C GLU E 273 12.39 20.59 5.54
N CYS E 274 13.01 19.45 5.83
CA CYS E 274 12.51 18.52 6.84
C CYS E 274 13.15 18.75 8.22
N ILE E 275 12.32 18.80 9.25
CA ILE E 275 12.80 18.98 10.62
C ILE E 275 12.21 17.93 11.56
N THR E 276 13.06 17.36 12.41
CA THR E 276 12.65 16.38 13.41
C THR E 276 13.23 16.75 14.77
N PRO E 277 12.69 16.18 15.86
CA PRO E 277 13.26 16.45 17.19
C PRO E 277 14.75 16.12 17.30
N ASN E 278 15.22 15.18 16.49
CA ASN E 278 16.64 14.82 16.45
C ASN E 278 17.48 15.84 15.69
N GLY E 279 16.82 16.79 15.04
CA GLY E 279 17.48 17.77 14.20
C GLY E 279 16.94 17.68 12.79
N SER E 280 17.47 18.50 11.89
CA SER E 280 17.03 18.49 10.50
C SER E 280 17.59 17.28 9.75
N ILE E 281 16.88 16.80 8.74
CA ILE E 281 17.39 15.69 7.94
C ILE E 281 17.17 15.96 6.45
N PRO E 282 18.04 15.42 5.59
CA PRO E 282 17.82 15.63 4.16
C PRO E 282 16.62 14.84 3.65
N ASN E 283 15.88 15.43 2.71
CA ASN E 283 14.70 14.79 2.15
C ASN E 283 14.93 14.18 0.77
N ASP E 284 16.16 13.79 0.48
CA ASP E 284 16.50 13.20 -0.80
C ASP E 284 15.94 11.78 -0.94
N LYS E 285 15.91 11.05 0.17
CA LYS E 285 15.41 9.68 0.18
C LYS E 285 13.91 9.64 0.46
N PRO E 286 13.22 8.61 -0.06
CA PRO E 286 11.76 8.51 0.11
C PRO E 286 11.33 8.11 1.52
N PHE E 287 12.18 7.40 2.25
CA PHE E 287 11.83 6.95 3.60
C PHE E 287 12.88 7.40 4.62
N GLN E 288 12.57 7.24 5.90
CA GLN E 288 13.48 7.64 6.97
C GLN E 288 13.21 6.86 8.25
N ASN E 289 14.25 6.70 9.07
CA ASN E 289 14.18 5.90 10.28
C ASN E 289 14.50 6.71 11.54
N VAL E 290 14.61 8.03 11.37
CA VAL E 290 15.04 8.91 12.46
C VAL E 290 13.98 9.18 13.52
N ASN E 291 12.78 9.57 13.10
CA ASN E 291 11.72 9.92 14.03
C ASN E 291 10.35 9.98 13.38
N LYS E 292 9.33 9.43 14.06
CA LYS E 292 7.97 9.50 13.54
C LYS E 292 7.43 10.92 13.60
N ILE E 293 7.97 11.73 14.51
CA ILE E 293 7.62 13.14 14.59
C ILE E 293 8.41 13.94 13.55
N THR E 294 7.71 14.71 12.73
CA THR E 294 8.34 15.46 11.64
C THR E 294 7.63 16.78 11.34
N TYR E 295 8.29 17.62 10.57
CA TYR E 295 7.70 18.87 10.09
C TYR E 295 8.31 19.28 8.75
N GLY E 296 7.45 19.58 7.79
CA GLY E 296 7.88 20.00 6.47
C GLY E 296 7.85 18.87 5.47
N ALA E 297 8.54 19.06 4.34
CA ALA E 297 8.62 18.03 3.31
C ALA E 297 9.57 16.92 3.76
N CYS E 298 9.00 15.92 4.42
CA CYS E 298 9.79 14.87 5.04
C CYS E 298 9.58 13.51 4.39
N PRO E 299 10.59 12.64 4.45
CA PRO E 299 10.41 11.25 4.03
C PRO E 299 9.48 10.51 4.98
N LYS E 300 8.77 9.50 4.48
CA LYS E 300 7.84 8.74 5.30
C LYS E 300 8.59 7.89 6.32
N TYR E 301 8.12 7.89 7.57
CA TYR E 301 8.77 7.08 8.60
C TYR E 301 8.52 5.60 8.38
N VAL E 302 9.57 4.79 8.54
CA VAL E 302 9.49 3.34 8.39
C VAL E 302 10.30 2.68 9.51
N LYS E 303 10.00 1.41 9.78
CA LYS E 303 10.68 0.69 10.85
C LYS E 303 12.05 0.17 10.42
N GLN E 304 12.24 -0.06 9.13
CA GLN E 304 13.52 -0.57 8.62
C GLN E 304 14.63 0.46 8.75
N ASN E 305 15.84 -0.01 9.04
CA ASN E 305 16.99 0.88 9.11
C ASN E 305 17.72 0.96 7.78
N THR E 306 17.42 0.04 6.86
CA THR E 306 18.03 0.04 5.54
C THR E 306 17.15 -0.61 4.47
N LEU E 307 17.06 0.04 3.31
CA LEU E 307 16.39 -0.50 2.14
C LEU E 307 17.16 -0.13 0.88
N LYS E 308 17.88 -1.11 0.33
CA LYS E 308 18.74 -0.85 -0.82
C LYS E 308 18.01 -1.07 -2.14
N LEU E 309 18.07 -0.07 -3.02
CA LEU E 309 17.45 -0.15 -4.33
C LEU E 309 18.51 -0.35 -5.42
N ALA E 310 18.40 -1.46 -6.14
CA ALA E 310 19.36 -1.79 -7.18
C ALA E 310 19.42 -0.73 -8.28
N THR E 311 20.63 -0.26 -8.59
CA THR E 311 20.84 0.72 -9.64
C THR E 311 21.81 0.16 -10.68
N GLY E 312 21.79 -1.16 -10.83
CA GLY E 312 22.66 -1.84 -11.75
C GLY E 312 22.27 -3.30 -11.90
N MET E 313 22.92 -4.00 -12.81
CA MET E 313 22.62 -5.41 -13.05
C MET E 313 23.25 -6.30 -11.99
N ARG E 314 22.93 -7.60 -12.04
CA ARG E 314 23.47 -8.55 -11.08
C ARG E 314 24.95 -8.80 -11.37
N ASN E 315 25.74 -8.92 -10.31
CA ASN E 315 27.20 -9.02 -10.40
C ASN E 315 27.72 -10.47 -10.47
N VAL E 316 28.45 -10.77 -11.55
CA VAL E 316 29.06 -12.08 -11.78
C VAL E 316 30.59 -11.92 -11.83
N PRO E 317 31.34 -12.81 -11.13
CA PRO E 317 32.79 -12.68 -10.86
C PRO E 317 33.89 -12.87 -11.92
N GLU E 318 33.81 -13.83 -12.85
CA GLU E 318 34.96 -14.03 -13.76
C GLU E 318 35.09 -12.87 -14.73
N LYS E 319 36.26 -12.74 -15.35
CA LYS E 319 36.57 -11.69 -16.30
C LYS E 319 36.92 -12.25 -17.67
N GLY F 1 43.78 -19.61 -24.91
CA GLY F 1 43.23 -18.36 -24.43
C GLY F 1 41.93 -17.98 -25.12
N ALA F 2 40.98 -18.90 -25.12
CA ALA F 2 39.69 -18.67 -25.77
C ALA F 2 38.85 -17.63 -25.03
N ILE F 3 38.04 -16.89 -25.78
CA ILE F 3 37.17 -15.85 -25.22
C ILE F 3 35.83 -16.48 -24.79
N ALA F 4 35.20 -15.90 -23.78
CA ALA F 4 33.91 -16.40 -23.30
C ALA F 4 32.86 -15.30 -23.21
N GLY F 5 31.60 -15.67 -23.41
CA GLY F 5 30.51 -14.71 -23.41
C GLY F 5 29.80 -14.53 -22.08
N PHE F 6 28.55 -14.08 -22.13
CA PHE F 6 27.81 -13.70 -20.92
C PHE F 6 27.19 -14.84 -20.11
N ILE F 7 27.10 -16.04 -20.68
CA ILE F 7 26.41 -17.15 -20.02
C ILE F 7 27.05 -17.52 -18.68
N GLU F 8 28.37 -17.73 -18.70
CA GLU F 8 29.08 -18.15 -17.49
C GLU F 8 29.59 -17.00 -16.62
N ASN F 9 29.76 -15.80 -17.20
CA ASN F 9 30.38 -14.71 -16.45
C ASN F 9 30.11 -13.30 -16.96
N GLY F 10 30.71 -12.34 -16.26
CA GLY F 10 30.68 -10.93 -16.58
C GLY F 10 32.09 -10.47 -16.89
N TRP F 11 32.25 -9.28 -17.44
CA TRP F 11 33.58 -8.78 -17.77
C TRP F 11 34.03 -7.68 -16.81
N GLU F 12 34.95 -8.00 -15.91
CA GLU F 12 35.41 -7.05 -14.89
C GLU F 12 36.11 -5.85 -15.51
N GLY F 13 37.01 -6.10 -16.46
CA GLY F 13 37.75 -5.03 -17.09
C GLY F 13 36.99 -4.33 -18.20
N MET F 14 35.94 -3.61 -17.82
CA MET F 14 35.10 -2.92 -18.80
C MET F 14 34.51 -1.64 -18.21
N ILE F 15 35.03 -0.51 -18.67
CA ILE F 15 34.65 0.80 -18.11
C ILE F 15 33.89 1.68 -19.10
N ASP F 16 34.03 1.40 -20.39
CA ASP F 16 33.38 2.22 -21.42
C ASP F 16 31.85 2.05 -21.46
N GLY F 17 31.34 0.93 -20.94
CA GLY F 17 29.91 0.70 -20.96
C GLY F 17 29.43 -0.46 -20.11
N TRP F 18 28.15 -0.80 -20.27
CA TRP F 18 27.55 -1.89 -19.50
C TRP F 18 27.54 -3.19 -20.29
N TYR F 19 27.25 -3.09 -21.59
CA TYR F 19 27.25 -4.25 -22.46
C TYR F 19 28.25 -4.03 -23.59
N GLY F 20 28.80 -5.11 -24.14
CA GLY F 20 29.77 -4.96 -25.21
C GLY F 20 30.18 -6.22 -25.96
N PHE F 21 31.20 -6.05 -26.79
CA PHE F 21 31.70 -7.13 -27.63
C PHE F 21 33.17 -7.43 -27.32
N ARG F 22 33.56 -8.67 -27.60
CA ARG F 22 34.95 -9.12 -27.49
C ARG F 22 35.20 -10.01 -28.68
N HIS F 23 36.32 -9.81 -29.36
CA HIS F 23 36.56 -10.60 -30.57
C HIS F 23 37.95 -11.20 -30.62
N GLN F 24 38.09 -12.21 -31.47
CA GLN F 24 39.35 -12.87 -31.73
C GLN F 24 39.44 -13.16 -33.22
N ASN F 25 40.32 -12.47 -33.91
CA ASN F 25 40.42 -12.64 -35.36
C ASN F 25 41.86 -12.64 -35.89
N SER F 26 41.98 -12.49 -37.21
CA SER F 26 43.27 -12.50 -37.88
C SER F 26 44.20 -11.40 -37.37
N GLU F 27 43.63 -10.25 -37.01
CA GLU F 27 44.41 -9.12 -36.52
C GLU F 27 44.56 -9.11 -34.99
N GLY F 28 44.21 -10.22 -34.34
CA GLY F 28 44.32 -10.32 -32.91
C GLY F 28 43.04 -10.03 -32.14
N THR F 29 43.14 -10.01 -30.82
CA THR F 29 41.99 -9.80 -29.96
C THR F 29 41.64 -8.33 -29.76
N GLY F 30 40.42 -8.07 -29.29
CA GLY F 30 39.95 -6.72 -29.04
C GLY F 30 38.66 -6.67 -28.24
N GLN F 31 38.27 -5.48 -27.82
CA GLN F 31 37.06 -5.30 -27.03
C GLN F 31 36.44 -3.92 -27.31
N ALA F 32 35.12 -3.82 -27.15
CA ALA F 32 34.40 -2.58 -27.41
C ALA F 32 33.04 -2.59 -26.71
N ALA F 33 32.60 -1.43 -26.25
CA ALA F 33 31.32 -1.31 -25.57
C ALA F 33 30.18 -0.98 -26.52
N ASP F 34 28.98 -1.41 -26.16
CA ASP F 34 27.77 -1.03 -26.88
C ASP F 34 27.10 0.08 -26.11
N LEU F 35 27.12 1.29 -26.65
CA LEU F 35 26.71 2.48 -25.92
C LEU F 35 25.19 2.64 -25.82
N LYS F 36 24.48 2.34 -26.91
CA LYS F 36 23.03 2.53 -26.92
C LYS F 36 22.31 1.57 -25.98
N SER F 37 22.72 0.31 -25.96
CA SER F 37 22.12 -0.66 -25.05
C SER F 37 22.44 -0.31 -23.60
N THR F 38 23.64 0.21 -23.37
CA THR F 38 24.06 0.65 -22.05
C THR F 38 23.19 1.79 -21.53
N GLN F 39 23.04 2.83 -22.35
CA GLN F 39 22.26 4.01 -21.97
C GLN F 39 20.78 3.66 -21.85
N ALA F 40 20.31 2.73 -22.67
CA ALA F 40 18.93 2.28 -22.64
C ALA F 40 18.58 1.66 -21.30
N ALA F 41 19.48 0.85 -20.77
CA ALA F 41 19.30 0.23 -19.46
C ALA F 41 19.28 1.29 -18.36
N ILE F 42 20.22 2.22 -18.44
CA ILE F 42 20.35 3.30 -17.47
C ILE F 42 19.13 4.22 -17.50
N ASP F 43 18.64 4.53 -18.70
CA ASP F 43 17.45 5.36 -18.86
C ASP F 43 16.24 4.79 -18.14
N GLN F 44 16.10 3.46 -18.17
CA GLN F 44 15.00 2.79 -17.49
C GLN F 44 15.15 2.90 -15.97
N ILE F 45 16.37 2.69 -15.48
CA ILE F 45 16.64 2.78 -14.05
C ILE F 45 16.43 4.22 -13.55
N ASN F 46 16.86 5.20 -14.35
CA ASN F 46 16.58 6.59 -14.03
C ASN F 46 15.09 6.83 -13.87
N GLY F 47 14.32 6.29 -14.81
CA GLY F 47 12.87 6.42 -14.81
C GLY F 47 12.18 5.94 -13.54
N LYS F 48 12.56 4.76 -13.06
CA LYS F 48 11.94 4.22 -11.86
C LYS F 48 12.49 4.90 -10.61
N LEU F 49 13.76 5.26 -10.64
CA LEU F 49 14.37 6.03 -9.56
C LEU F 49 13.65 7.36 -9.40
N ASN F 50 13.33 8.00 -10.53
CA ASN F 50 12.55 9.23 -10.51
C ASN F 50 11.16 9.06 -9.92
N ARG F 51 10.48 7.97 -10.29
CA ARG F 51 9.11 7.78 -9.82
C ARG F 51 9.02 7.48 -8.33
N VAL F 52 9.99 6.74 -7.79
CA VAL F 52 9.96 6.42 -6.36
C VAL F 52 10.16 7.69 -5.52
N ILE F 53 10.87 8.65 -6.07
CA ILE F 53 11.09 9.90 -5.34
C ILE F 53 10.25 11.06 -5.88
N GLU F 54 9.27 10.78 -6.73
CA GLU F 54 8.35 11.84 -7.12
C GLU F 54 7.40 12.03 -5.93
N LYS F 55 6.63 13.10 -5.94
CA LYS F 55 5.83 13.59 -4.80
C LYS F 55 6.70 13.83 -3.57
N THR F 56 6.46 14.99 -2.97
CA THR F 56 7.05 15.35 -1.70
C THR F 56 5.92 15.48 -0.69
N ASN F 57 5.82 14.55 0.25
CA ASN F 57 4.74 14.61 1.21
C ASN F 57 4.99 15.70 2.25
N GLU F 58 4.43 16.87 1.97
CA GLU F 58 4.61 18.03 2.84
C GLU F 58 3.52 18.07 3.89
N LYS F 59 3.90 17.82 5.14
CA LYS F 59 2.96 17.76 6.24
C LYS F 59 3.36 18.76 7.33
N PHE F 60 2.37 19.42 7.91
CA PHE F 60 2.65 20.45 8.90
C PHE F 60 2.12 20.06 10.29
N HIS F 61 1.06 20.69 10.76
CA HIS F 61 0.55 20.34 12.08
C HIS F 61 -0.09 18.94 12.07
N GLN F 62 0.36 18.10 12.99
CA GLN F 62 -0.14 16.73 13.10
C GLN F 62 -0.47 16.43 14.56
N ILE F 63 -0.87 15.20 14.84
CA ILE F 63 -1.20 14.81 16.21
C ILE F 63 0.06 14.58 17.03
N GLU F 64 -0.08 14.57 18.36
CA GLU F 64 1.02 14.29 19.26
C GLU F 64 1.36 12.80 19.21
N LYS F 65 2.66 12.49 19.21
CA LYS F 65 3.09 11.11 19.07
C LYS F 65 3.90 10.61 20.27
N GLU F 66 4.27 11.52 21.16
CA GLU F 66 4.95 11.16 22.41
C GLU F 66 4.21 11.77 23.60
N PHE F 67 4.10 11.02 24.70
CA PHE F 67 3.35 11.47 25.85
C PHE F 67 4.11 11.28 27.16
N SER F 68 4.17 12.36 27.94
CA SER F 68 4.90 12.35 29.22
C SER F 68 4.09 11.74 30.38
N GLU F 69 2.78 11.65 30.22
CA GLU F 69 1.92 11.20 31.32
C GLU F 69 0.87 10.20 30.87
N VAL F 70 0.37 9.40 31.80
CA VAL F 70 -0.67 8.42 31.52
C VAL F 70 -2.06 9.06 31.59
N GLU F 71 -2.75 9.09 30.45
CA GLU F 71 -4.05 9.73 30.37
C GLU F 71 -5.18 8.71 30.28
N GLY F 72 -5.17 7.88 29.25
CA GLY F 72 -6.17 6.83 29.13
C GLY F 72 -6.60 6.42 27.74
N ARG F 73 -7.90 6.46 27.50
CA ARG F 73 -8.51 5.92 26.29
C ARG F 73 -8.13 6.65 25.01
N ILE F 74 -8.10 7.98 25.06
CA ILE F 74 -7.77 8.77 23.88
C ILE F 74 -6.30 8.59 23.51
N GLN F 75 -5.44 8.57 24.52
CA GLN F 75 -4.01 8.33 24.32
C GLN F 75 -3.76 7.00 23.63
N ASP F 76 -4.43 5.95 24.10
CA ASP F 76 -4.30 4.62 23.53
C ASP F 76 -4.68 4.60 22.05
N LEU F 77 -5.68 5.39 21.69
CA LEU F 77 -6.14 5.48 20.32
C LEU F 77 -5.12 6.20 19.44
N GLU F 78 -4.61 7.31 19.94
CA GLU F 78 -3.58 8.07 19.23
C GLU F 78 -2.34 7.21 18.97
N LYS F 79 -1.94 6.44 19.98
CA LYS F 79 -0.83 5.51 19.83
C LYS F 79 -1.13 4.42 18.80
N TYR F 80 -2.35 3.89 18.85
CA TYR F 80 -2.76 2.83 17.94
C TYR F 80 -2.80 3.30 16.48
N VAL F 81 -3.36 4.50 16.27
CA VAL F 81 -3.48 5.06 14.93
C VAL F 81 -2.10 5.23 14.27
N GLU F 82 -1.14 5.72 15.05
CA GLU F 82 0.21 5.93 14.53
C GLU F 82 0.96 4.61 14.32
N ASP F 83 0.83 3.70 15.28
CA ASP F 83 1.47 2.39 15.18
C ASP F 83 0.95 1.64 13.95
N THR F 84 -0.34 1.79 13.68
CA THR F 84 -0.97 1.20 12.51
C THR F 84 -0.41 1.81 11.23
N LYS F 85 -0.34 3.13 11.20
CA LYS F 85 0.19 3.87 10.05
C LYS F 85 1.60 3.43 9.68
N ILE F 86 2.47 3.34 10.69
CA ILE F 86 3.87 2.98 10.48
C ILE F 86 4.05 1.56 9.94
N ASP F 87 3.28 0.62 10.46
CA ASP F 87 3.34 -0.77 10.00
C ASP F 87 2.94 -0.89 8.53
N LEU F 88 1.90 -0.16 8.15
CA LEU F 88 1.41 -0.17 6.78
C LEU F 88 2.41 0.43 5.80
N TRP F 89 3.05 1.53 6.18
CA TRP F 89 4.04 2.17 5.33
C TRP F 89 5.34 1.35 5.26
N SER F 90 5.70 0.72 6.37
CA SER F 90 6.87 -0.14 6.39
C SER F 90 6.68 -1.34 5.47
N TYR F 91 5.44 -1.82 5.36
CA TYR F 91 5.12 -2.91 4.44
C TYR F 91 5.26 -2.43 3.00
N ASN F 92 4.68 -1.27 2.71
CA ASN F 92 4.74 -0.70 1.37
C ASN F 92 6.18 -0.47 0.90
N ALA F 93 7.04 -0.07 1.83
CA ALA F 93 8.44 0.17 1.52
C ALA F 93 9.18 -1.13 1.19
N GLU F 94 9.00 -2.15 2.04
CA GLU F 94 9.63 -3.44 1.85
C GLU F 94 9.23 -4.07 0.51
N LEU F 95 7.95 -4.02 0.20
CA LEU F 95 7.41 -4.59 -1.03
C LEU F 95 7.90 -3.84 -2.27
N LEU F 96 7.88 -2.51 -2.21
CA LEU F 96 8.26 -1.68 -3.35
C LEU F 96 9.66 -1.96 -3.88
N VAL F 97 10.65 -1.97 -2.99
CA VAL F 97 12.03 -2.21 -3.40
C VAL F 97 12.18 -3.63 -3.95
N ALA F 98 11.47 -4.59 -3.36
CA ALA F 98 11.51 -5.97 -3.83
C ALA F 98 11.01 -6.09 -5.27
N LEU F 99 9.91 -5.40 -5.56
CA LEU F 99 9.33 -5.41 -6.90
C LEU F 99 10.23 -4.66 -7.88
N GLU F 100 10.74 -3.51 -7.45
CA GLU F 100 11.62 -2.70 -8.28
C GLU F 100 12.93 -3.42 -8.58
N ASN F 101 13.51 -4.06 -7.57
CA ASN F 101 14.75 -4.79 -7.73
C ASN F 101 14.64 -5.97 -8.69
N GLN F 102 13.56 -6.75 -8.53
CA GLN F 102 13.29 -7.88 -9.40
C GLN F 102 13.18 -7.42 -10.85
N HIS F 103 12.48 -6.31 -11.06
CA HIS F 103 12.28 -5.75 -12.39
C HIS F 103 13.59 -5.21 -12.97
N THR F 104 14.40 -4.58 -12.13
CA THR F 104 15.69 -4.05 -12.57
C THR F 104 16.61 -5.18 -13.03
N ILE F 105 16.59 -6.28 -12.29
CA ILE F 105 17.40 -7.44 -12.63
C ILE F 105 16.92 -8.07 -13.93
N ASP F 106 15.61 -8.07 -14.14
CA ASP F 106 15.04 -8.63 -15.37
C ASP F 106 15.31 -7.78 -16.60
N LEU F 107 15.16 -6.47 -16.49
CA LEU F 107 15.34 -5.58 -17.64
C LEU F 107 16.81 -5.50 -18.07
N THR F 108 17.72 -5.66 -17.12
CA THR F 108 19.15 -5.67 -17.44
C THR F 108 19.55 -6.96 -18.13
N ASP F 109 18.98 -8.08 -17.70
CA ASP F 109 19.21 -9.36 -18.34
C ASP F 109 18.58 -9.36 -19.74
N SER F 110 17.45 -8.68 -19.86
CA SER F 110 16.75 -8.55 -21.14
C SER F 110 17.60 -7.81 -22.19
N GLU F 111 18.28 -6.75 -21.77
CA GLU F 111 19.13 -5.98 -22.68
C GLU F 111 20.28 -6.80 -23.24
N MET F 112 20.79 -7.72 -22.45
CA MET F 112 21.88 -8.58 -22.91
C MET F 112 21.39 -9.48 -24.03
N ASN F 113 20.24 -10.12 -23.81
CA ASN F 113 19.65 -11.02 -24.79
C ASN F 113 19.22 -10.31 -26.08
N LYS F 114 18.65 -9.12 -25.96
CA LYS F 114 18.29 -8.33 -27.15
C LYS F 114 19.51 -8.05 -28.02
N LEU F 115 20.63 -7.76 -27.39
CA LEU F 115 21.86 -7.49 -28.10
C LEU F 115 22.40 -8.73 -28.79
N PHE F 116 22.27 -9.88 -28.13
CA PHE F 116 22.72 -11.15 -28.70
C PHE F 116 21.88 -11.52 -29.92
N GLU F 117 20.56 -11.33 -29.82
CA GLU F 117 19.66 -11.65 -30.91
C GLU F 117 19.83 -10.69 -32.08
N LYS F 118 20.04 -9.41 -31.78
CA LYS F 118 20.32 -8.42 -32.82
C LYS F 118 21.52 -8.84 -33.66
N THR F 119 22.56 -9.34 -32.99
CA THR F 119 23.77 -9.78 -33.65
C THR F 119 23.54 -11.06 -34.45
N ARG F 120 22.82 -12.00 -33.85
CA ARG F 120 22.46 -13.25 -34.50
C ARG F 120 21.72 -12.99 -35.81
N ARG F 121 20.79 -12.04 -35.75
CA ARG F 121 20.03 -11.62 -36.93
C ARG F 121 20.92 -11.10 -38.05
N GLN F 122 21.94 -10.31 -37.70
CA GLN F 122 22.86 -9.75 -38.68
C GLN F 122 23.66 -10.82 -39.43
N LEU F 123 24.24 -11.75 -38.69
CA LEU F 123 25.15 -12.75 -39.25
C LEU F 123 24.45 -13.77 -40.14
N ARG F 124 23.14 -13.96 -39.92
CA ARG F 124 22.35 -14.92 -40.70
C ARG F 124 22.96 -16.32 -40.70
N GLU F 125 23.41 -16.76 -41.86
CA GLU F 125 23.97 -18.10 -42.02
C GLU F 125 25.50 -18.10 -42.04
N ASN F 126 26.10 -16.97 -41.71
CA ASN F 126 27.56 -16.83 -41.76
C ASN F 126 28.24 -17.18 -40.44
N ALA F 127 27.45 -17.55 -39.43
CA ALA F 127 28.00 -17.88 -38.12
C ALA F 127 27.13 -18.87 -37.37
N GLU F 128 27.68 -19.47 -36.32
CA GLU F 128 26.94 -20.40 -35.47
C GLU F 128 27.10 -20.06 -34.00
N ASP F 129 26.03 -20.26 -33.24
CA ASP F 129 26.05 -20.02 -31.80
C ASP F 129 26.82 -21.13 -31.08
N MET F 130 27.97 -20.77 -30.52
CA MET F 130 28.81 -21.73 -29.82
C MET F 130 28.21 -22.15 -28.48
N GLY F 131 27.26 -21.36 -27.97
CA GLY F 131 26.54 -21.73 -26.77
C GLY F 131 26.99 -21.06 -25.49
N ASN F 132 28.15 -20.42 -25.53
CA ASN F 132 28.68 -19.74 -24.35
C ASN F 132 28.55 -18.23 -24.46
N GLY F 133 27.65 -17.78 -25.32
CA GLY F 133 27.49 -16.36 -25.57
C GLY F 133 28.44 -15.84 -26.62
N CYS F 134 28.95 -16.74 -27.45
CA CYS F 134 29.87 -16.37 -28.51
C CYS F 134 29.38 -16.87 -29.87
N PHE F 135 29.86 -16.24 -30.92
CA PHE F 135 29.54 -16.64 -32.28
C PHE F 135 30.80 -17.12 -32.98
N LYS F 136 30.71 -18.24 -33.67
CA LYS F 136 31.81 -18.66 -34.52
C LYS F 136 31.54 -18.16 -35.93
N ILE F 137 32.22 -17.08 -36.31
CA ILE F 137 32.04 -16.51 -37.64
C ILE F 137 32.90 -17.29 -38.63
N TYR F 138 32.25 -17.85 -39.64
CA TYR F 138 32.90 -18.77 -40.56
C TYR F 138 33.53 -18.14 -41.79
N HIS F 139 34.14 -16.97 -41.61
CA HIS F 139 34.87 -16.33 -42.70
C HIS F 139 35.90 -15.35 -42.16
N LYS F 140 36.86 -14.98 -42.99
CA LYS F 140 37.90 -14.05 -42.57
C LYS F 140 37.28 -12.68 -42.27
N CYS F 141 37.17 -12.37 -41.00
CA CYS F 141 36.56 -11.12 -40.56
C CYS F 141 37.58 -10.22 -39.88
N ASP F 142 38.18 -9.32 -40.64
CA ASP F 142 39.18 -8.41 -40.09
C ASP F 142 38.51 -7.38 -39.18
N ASN F 143 39.32 -6.48 -38.63
CA ASN F 143 38.82 -5.48 -37.68
C ASN F 143 37.70 -4.62 -38.25
N ALA F 144 37.81 -4.27 -39.51
CA ALA F 144 36.78 -3.48 -40.18
C ALA F 144 35.47 -4.26 -40.29
N CYS F 145 35.57 -5.57 -40.50
CA CYS F 145 34.40 -6.43 -40.61
C CYS F 145 33.70 -6.55 -39.25
N ILE F 146 34.50 -6.60 -38.19
CA ILE F 146 33.97 -6.66 -36.83
C ILE F 146 33.26 -5.35 -36.47
N GLU F 147 33.88 -4.21 -36.73
CA GLU F 147 33.24 -2.93 -36.49
C GLU F 147 31.91 -2.77 -37.22
N SER F 148 31.82 -3.34 -38.41
CA SER F 148 30.58 -3.25 -39.19
C SER F 148 29.43 -4.01 -38.51
N ILE F 149 29.77 -5.10 -37.83
CA ILE F 149 28.80 -5.85 -37.04
C ILE F 149 28.37 -5.02 -35.85
N ARG F 150 29.34 -4.41 -35.19
CA ARG F 150 29.08 -3.59 -34.01
C ARG F 150 28.27 -2.33 -34.34
N ASN F 151 28.53 -1.69 -35.47
CA ASN F 151 27.76 -0.49 -35.81
C ASN F 151 26.56 -0.78 -36.71
N GLY F 152 26.26 -2.07 -36.88
CA GLY F 152 25.04 -2.49 -37.57
C GLY F 152 24.95 -2.32 -39.07
N THR F 153 26.09 -2.45 -39.76
CA THR F 153 26.09 -2.30 -41.22
C THR F 153 26.64 -3.53 -41.94
N TYR F 154 26.73 -4.65 -41.22
CA TYR F 154 27.25 -5.90 -41.77
C TYR F 154 26.35 -6.48 -42.86
N ASP F 155 26.92 -6.66 -44.06
CA ASP F 155 26.20 -7.23 -45.19
C ASP F 155 26.56 -8.71 -45.35
N HIS F 156 25.63 -9.59 -44.96
CA HIS F 156 25.88 -11.03 -44.96
C HIS F 156 26.13 -11.63 -46.33
N ASP F 157 25.47 -11.09 -47.36
CA ASP F 157 25.61 -11.62 -48.72
C ASP F 157 27.04 -11.54 -49.25
N VAL F 158 27.80 -10.56 -48.75
CA VAL F 158 29.19 -10.39 -49.16
C VAL F 158 30.03 -11.61 -48.77
N TYR F 159 29.75 -12.17 -47.60
CA TYR F 159 30.54 -13.29 -47.08
C TYR F 159 29.81 -14.63 -47.09
N ARG F 160 28.62 -14.67 -47.69
CA ARG F 160 27.79 -15.88 -47.63
C ARG F 160 28.44 -17.11 -48.28
N ASP F 161 28.90 -16.95 -49.51
CA ASP F 161 29.51 -18.07 -50.23
C ASP F 161 30.73 -18.61 -49.50
N GLU F 162 31.58 -17.71 -49.00
CA GLU F 162 32.75 -18.10 -48.22
C GLU F 162 32.37 -18.86 -46.96
N ALA F 163 31.36 -18.35 -46.25
CA ALA F 163 30.94 -18.92 -44.98
C ALA F 163 30.24 -20.28 -45.12
N LEU F 164 29.33 -20.38 -46.08
CA LEU F 164 28.58 -21.61 -46.31
C LEU F 164 29.54 -22.71 -46.72
N ASN F 165 30.62 -22.31 -47.39
CA ASN F 165 31.66 -23.22 -47.83
C ASN F 165 32.43 -23.80 -46.67
N ASN F 166 32.78 -22.93 -45.72
CA ASN F 166 33.50 -23.33 -44.51
C ASN F 166 32.64 -24.12 -43.53
N ARG F 167 31.34 -23.88 -43.56
CA ARG F 167 30.41 -24.54 -42.64
C ARG F 167 30.15 -26.00 -42.99
N PHE F 168 29.82 -26.27 -44.25
CA PHE F 168 29.37 -27.61 -44.65
C PHE F 168 30.47 -28.52 -45.23
N GLN F 169 31.44 -27.96 -45.96
CA GLN F 169 32.49 -28.80 -46.56
C GLN F 169 33.49 -29.33 -45.53
N ILE F 170 33.74 -30.64 -45.61
CA ILE F 170 34.68 -31.29 -44.70
C ILE F 170 35.71 -32.16 -45.44
N GLN G 1 13.80 -46.07 12.58
CA GLN G 1 14.89 -45.31 13.20
C GLN G 1 15.89 -44.83 12.15
N VAL G 2 16.21 -43.54 12.21
CA VAL G 2 17.12 -42.90 11.27
C VAL G 2 18.55 -42.86 11.83
N GLN G 3 19.53 -43.25 11.01
CA GLN G 3 20.90 -43.35 11.49
C GLN G 3 21.94 -42.97 10.42
N LEU G 4 23.08 -42.44 10.86
CA LEU G 4 24.18 -42.05 9.98
C LEU G 4 25.49 -42.71 10.41
N ALA G 5 25.86 -43.80 9.74
CA ALA G 5 27.07 -44.53 10.10
C ALA G 5 28.31 -44.00 9.36
N GLN G 6 29.27 -43.49 10.12
CA GLN G 6 30.51 -42.96 9.56
C GLN G 6 31.62 -44.00 9.50
N SER G 7 32.65 -43.71 8.72
CA SER G 7 33.82 -44.58 8.60
C SER G 7 34.73 -44.48 9.83
N GLU G 8 35.64 -45.44 9.96
CA GLU G 8 36.54 -45.51 11.11
C GLU G 8 37.59 -44.40 11.10
N ASN G 9 38.19 -44.15 12.26
CA ASN G 9 39.20 -43.11 12.43
C ASN G 9 40.44 -43.35 11.58
N GLU G 10 41.06 -42.25 11.13
CA GLU G 10 42.21 -42.34 10.24
C GLU G 10 43.45 -41.61 10.76
N LEU G 11 44.62 -42.14 10.44
CA LEU G 11 45.90 -41.53 10.78
C LEU G 11 46.68 -41.23 9.50
N LYS G 12 47.01 -39.96 9.29
CA LYS G 12 47.68 -39.57 8.05
C LYS G 12 48.91 -38.68 8.27
N LYS G 13 49.72 -38.56 7.22
CA LYS G 13 50.93 -37.75 7.24
C LYS G 13 50.69 -36.43 6.50
N PRO G 14 51.47 -35.38 6.82
CA PRO G 14 51.34 -34.11 6.11
C PRO G 14 51.46 -34.30 4.61
N GLY G 15 50.60 -33.62 3.86
CA GLY G 15 50.45 -33.90 2.45
C GLY G 15 49.34 -34.94 2.39
N ALA G 16 49.36 -35.79 1.36
CA ALA G 16 48.39 -36.87 1.22
C ALA G 16 46.93 -36.38 1.26
N SER G 17 45.99 -37.33 1.33
CA SER G 17 44.57 -37.00 1.37
C SER G 17 43.75 -38.02 2.15
N VAL G 18 42.51 -37.67 2.46
CA VAL G 18 41.60 -38.55 3.18
C VAL G 18 40.24 -38.62 2.50
N LYS G 19 39.57 -39.75 2.64
CA LYS G 19 38.21 -39.90 2.13
C LYS G 19 37.30 -40.50 3.20
N VAL G 20 36.60 -39.64 3.93
CA VAL G 20 35.67 -40.08 4.97
C VAL G 20 34.29 -40.36 4.37
N SER G 21 33.73 -41.52 4.72
CA SER G 21 32.42 -41.91 4.21
C SER G 21 31.34 -41.85 5.28
N CYS G 22 30.08 -41.82 4.84
CA CYS G 22 28.94 -41.73 5.75
C CYS G 22 27.71 -42.45 5.19
N LYS G 23 27.44 -43.65 5.70
CA LYS G 23 26.32 -44.47 5.23
C LYS G 23 24.99 -44.02 5.83
N THR G 24 23.99 -43.84 4.97
CA THR G 24 22.67 -43.39 5.40
C THR G 24 21.65 -44.54 5.47
N SER G 25 20.78 -44.51 6.47
CA SER G 25 19.71 -45.49 6.62
C SER G 25 18.49 -44.89 7.31
N GLY G 26 17.33 -45.49 7.08
CA GLY G 26 16.08 -45.06 7.70
C GLY G 26 15.40 -43.85 7.07
N TYR G 27 16.01 -43.28 6.05
CA TYR G 27 15.37 -42.18 5.31
C TYR G 27 15.85 -42.22 3.87
N THR G 28 15.10 -41.58 2.99
CA THR G 28 15.48 -41.55 1.59
C THR G 28 16.71 -40.68 1.42
N PHE G 29 17.78 -41.27 0.90
CA PHE G 29 19.03 -40.53 0.70
C PHE G 29 18.79 -39.36 -0.24
N THR G 30 18.06 -39.61 -1.31
CA THR G 30 17.57 -38.55 -2.19
C THR G 30 16.51 -37.80 -1.37
N ARG G 31 16.12 -36.60 -1.81
CA ARG G 31 15.18 -35.73 -1.09
C ARG G 31 15.82 -35.07 0.13
N PHE G 32 17.13 -35.23 0.27
CA PHE G 32 17.84 -34.60 1.37
C PHE G 32 19.24 -34.16 0.96
N GLY G 33 19.81 -33.24 1.74
CA GLY G 33 21.16 -32.77 1.52
C GLY G 33 22.04 -33.22 2.68
N MET G 34 23.36 -33.12 2.50
CA MET G 34 24.30 -33.55 3.51
C MET G 34 25.36 -32.49 3.77
N SER G 35 25.49 -32.07 5.03
CA SER G 35 26.52 -31.11 5.40
C SER G 35 27.65 -31.76 6.18
N TRP G 36 28.84 -31.20 6.05
CA TRP G 36 30.01 -31.69 6.76
C TRP G 36 30.61 -30.58 7.61
N VAL G 37 30.80 -30.85 8.91
CA VAL G 37 31.41 -29.87 9.80
C VAL G 37 32.51 -30.56 10.62
N ARG G 38 33.56 -29.80 10.95
CA ARG G 38 34.67 -30.35 11.71
C ARG G 38 34.89 -29.57 13.01
N GLN G 39 35.55 -30.23 13.96
CA GLN G 39 35.83 -29.64 15.25
C GLN G 39 37.24 -30.00 15.72
N ALA G 40 38.13 -29.01 15.73
CA ALA G 40 39.48 -29.22 16.23
C ALA G 40 39.44 -29.35 17.75
N PRO G 41 40.41 -30.08 18.32
CA PRO G 41 40.45 -30.26 19.78
C PRO G 41 40.36 -28.95 20.56
N GLY G 42 39.32 -28.83 21.37
CA GLY G 42 39.11 -27.63 22.18
C GLY G 42 38.53 -26.45 21.44
N GLN G 43 38.33 -26.58 20.14
CA GLN G 43 37.81 -25.49 19.33
C GLN G 43 36.32 -25.65 19.04
N GLY G 44 35.74 -24.66 18.36
CA GLY G 44 34.33 -24.69 18.02
C GLY G 44 34.06 -25.41 16.71
N LEU G 45 32.82 -25.33 16.25
CA LEU G 45 32.41 -26.00 15.02
C LEU G 45 32.74 -25.16 13.79
N GLU G 46 33.13 -25.83 12.72
CA GLU G 46 33.44 -25.15 11.46
C GLU G 46 32.73 -25.85 10.30
N TRP G 47 31.90 -25.11 9.58
CA TRP G 47 31.16 -25.67 8.46
C TRP G 47 32.06 -25.77 7.24
N MET G 48 32.11 -26.96 6.64
CA MET G 48 33.00 -27.21 5.52
C MET G 48 32.29 -27.14 4.19
N GLY G 49 31.15 -27.80 4.09
CA GLY G 49 30.39 -27.79 2.85
C GLY G 49 29.08 -28.55 2.89
N TRP G 50 28.36 -28.49 1.77
CA TRP G 50 27.07 -29.14 1.64
C TRP G 50 26.93 -29.76 0.26
N ILE G 51 26.21 -30.88 0.16
CA ILE G 51 25.98 -31.53 -1.12
C ILE G 51 24.55 -32.05 -1.20
N SER G 52 23.93 -31.90 -2.36
CA SER G 52 22.57 -32.38 -2.57
C SER G 52 22.57 -33.86 -2.90
N GLY G 53 21.75 -34.62 -2.20
CA GLY G 53 21.60 -36.03 -2.49
C GLY G 53 20.78 -36.21 -3.74
N TYR G 54 20.12 -35.14 -4.17
CA TYR G 54 19.29 -35.15 -5.38
C TYR G 54 20.05 -34.72 -6.63
N THR G 55 20.54 -33.49 -6.65
CA THR G 55 21.20 -32.95 -7.85
C THR G 55 22.70 -33.21 -7.86
N GLY G 56 23.28 -33.42 -6.68
CA GLY G 56 24.71 -33.56 -6.57
C GLY G 56 25.43 -32.23 -6.47
N ASP G 57 24.68 -31.14 -6.57
CA ASP G 57 25.23 -29.79 -6.47
C ASP G 57 25.90 -29.58 -5.12
N THR G 58 27.02 -28.85 -5.13
CA THR G 58 27.80 -28.63 -3.92
C THR G 58 27.95 -27.17 -3.56
N LYS G 59 28.12 -26.92 -2.26
CA LYS G 59 28.41 -25.59 -1.73
C LYS G 59 29.60 -25.71 -0.78
N TYR G 60 30.67 -24.96 -1.04
CA TYR G 60 31.87 -25.06 -0.20
C TYR G 60 32.16 -23.76 0.56
N ALA G 61 32.93 -23.89 1.63
CA ALA G 61 33.37 -22.74 2.41
C ALA G 61 34.63 -22.13 1.80
N ARG G 62 34.84 -20.84 2.02
CA ARG G 62 35.98 -20.12 1.48
C ARG G 62 37.33 -20.73 1.91
N SER G 63 37.37 -21.24 3.14
CA SER G 63 38.59 -21.83 3.70
C SER G 63 39.06 -23.05 2.92
N PHE G 64 38.11 -23.83 2.43
CA PHE G 64 38.39 -25.02 1.67
C PHE G 64 38.15 -24.75 0.18
N GLN G 65 38.79 -23.70 -0.35
CA GLN G 65 38.58 -23.24 -1.72
C GLN G 65 38.72 -24.35 -2.75
N GLY G 66 39.82 -25.10 -2.71
CA GLY G 66 40.04 -26.17 -3.67
C GLY G 66 40.65 -27.43 -3.08
N ARG G 67 40.74 -27.50 -1.75
CA ARG G 67 41.31 -28.66 -1.10
C ARG G 67 40.24 -29.69 -0.78
N LEU G 68 38.99 -29.25 -0.62
CA LEU G 68 37.89 -30.13 -0.27
C LEU G 68 37.02 -30.49 -1.47
N THR G 69 36.59 -31.74 -1.54
CA THR G 69 35.67 -32.21 -2.59
C THR G 69 34.62 -33.15 -2.01
N LEU G 70 33.36 -32.80 -2.21
CA LEU G 70 32.25 -33.60 -1.70
C LEU G 70 31.60 -34.38 -2.84
N THR G 71 31.45 -35.69 -2.66
CA THR G 71 30.84 -36.53 -3.67
C THR G 71 29.72 -37.37 -3.05
N THR G 72 28.98 -38.06 -3.89
CA THR G 72 27.84 -38.84 -3.42
C THR G 72 27.60 -40.09 -4.25
N ASP G 73 27.16 -41.15 -3.59
CA ASP G 73 26.77 -42.38 -4.25
C ASP G 73 25.31 -42.63 -3.92
N THR G 74 24.44 -42.51 -4.92
CA THR G 74 23.01 -42.66 -4.67
C THR G 74 22.65 -44.12 -4.38
N SER G 75 23.31 -45.03 -5.09
CA SER G 75 23.10 -46.47 -4.88
C SER G 75 24.39 -47.24 -4.55
N THR G 76 24.55 -47.74 -3.34
CA THR G 76 23.72 -47.45 -2.21
C THR G 76 24.06 -46.07 -1.63
N GLY G 77 23.07 -45.46 -1.00
CA GLY G 77 23.10 -44.08 -0.55
C GLY G 77 24.10 -43.67 0.53
N THR G 78 25.30 -43.33 0.08
CA THR G 78 26.37 -42.92 0.97
C THR G 78 26.97 -41.60 0.50
N ALA G 79 27.55 -40.85 1.43
CA ALA G 79 28.18 -39.58 1.09
C ALA G 79 29.65 -39.58 1.49
N TYR G 80 30.49 -38.96 0.66
CA TYR G 80 31.93 -38.92 0.91
C TYR G 80 32.45 -37.49 0.98
N MET G 81 33.59 -37.31 1.64
CA MET G 81 34.30 -36.04 1.60
C MET G 81 35.78 -36.31 1.42
N GLU G 82 36.44 -35.52 0.58
CA GLU G 82 37.86 -35.71 0.31
C GLU G 82 38.65 -34.43 0.56
N LEU G 83 39.56 -34.48 1.53
CA LEU G 83 40.40 -33.33 1.85
C LEU G 83 41.86 -33.60 1.49
N ARG G 84 42.38 -32.86 0.52
CA ARG G 84 43.76 -33.04 0.05
C ARG G 84 44.75 -32.13 0.77
N SER G 85 46.04 -32.40 0.56
CA SER G 85 47.14 -31.60 1.10
C SER G 85 46.98 -31.31 2.58
N LEU G 86 46.92 -32.37 3.38
CA LEU G 86 46.67 -32.27 4.81
C LEU G 86 47.78 -31.58 5.58
N ARG G 87 47.40 -30.87 6.63
CA ARG G 87 48.34 -30.17 7.49
C ARG G 87 48.08 -30.56 8.94
N SER G 88 48.98 -30.19 9.84
CA SER G 88 48.81 -30.45 11.26
C SER G 88 47.56 -29.72 11.76
N ASP G 89 47.22 -28.63 11.08
CA ASP G 89 46.08 -27.79 11.41
C ASP G 89 44.77 -28.53 11.11
N ASP G 90 44.81 -29.47 10.17
CA ASP G 90 43.63 -30.23 9.78
C ASP G 90 43.23 -31.35 10.75
N THR G 91 44.03 -31.60 11.78
CA THR G 91 43.69 -32.60 12.79
C THR G 91 42.42 -32.23 13.54
N ALA G 92 41.36 -33.01 13.34
CA ALA G 92 40.07 -32.71 13.94
C ALA G 92 39.10 -33.89 13.81
N ILE G 93 37.95 -33.75 14.44
CA ILE G 93 36.88 -34.75 14.30
C ILE G 93 35.84 -34.24 13.29
N TYR G 94 35.56 -35.06 12.29
CA TYR G 94 34.73 -34.64 11.15
C TYR G 94 33.33 -35.24 11.22
N TYR G 95 32.32 -34.37 11.31
CA TYR G 95 30.94 -34.82 11.43
C TYR G 95 30.18 -34.86 10.11
N CYS G 96 29.30 -35.85 10.01
CA CYS G 96 28.41 -36.02 8.87
C CYS G 96 27.01 -35.65 9.32
N VAL G 97 26.37 -34.70 8.63
CA VAL G 97 25.10 -34.15 9.10
C VAL G 97 24.05 -34.01 8.01
N ARG G 98 22.88 -34.60 8.25
CA ARG G 98 21.73 -34.44 7.36
C ARG G 98 21.24 -33.01 7.44
N ASN G 99 21.01 -32.39 6.29
CA ASN G 99 20.64 -30.98 6.28
C ASN G 99 19.35 -30.78 5.47
N ARG G 100 19.31 -29.75 4.64
CA ARG G 100 18.11 -29.39 3.87
C ARG G 100 17.42 -30.49 3.04
N VAL G 101 16.17 -30.21 2.70
CA VAL G 101 15.28 -31.08 1.92
C VAL G 101 15.40 -30.68 0.43
N GLN G 102 15.18 -31.62 -0.50
CA GLN G 102 15.42 -31.30 -1.91
C GLN G 102 14.30 -31.41 -2.96
N MET G 103 13.77 -32.59 -3.24
CA MET G 103 12.80 -32.65 -4.34
C MET G 103 11.38 -32.23 -3.96
N GLU G 104 11.26 -31.44 -2.90
CA GLU G 104 9.96 -30.90 -2.49
C GLU G 104 10.10 -29.57 -1.74
N VAL G 105 9.08 -28.73 -1.86
CA VAL G 105 9.06 -27.40 -1.26
C VAL G 105 8.98 -27.52 0.26
N SER G 106 9.96 -26.93 0.93
CA SER G 106 10.02 -26.94 2.39
C SER G 106 10.57 -25.61 2.87
N PRO G 107 9.80 -24.91 3.71
CA PRO G 107 10.22 -23.61 4.24
C PRO G 107 11.24 -23.75 5.36
N ALA G 108 11.80 -22.62 5.78
CA ALA G 108 12.84 -22.60 6.80
C ALA G 108 12.29 -22.66 8.22
N THR G 109 11.00 -22.89 8.34
CA THR G 109 10.36 -23.02 9.65
C THR G 109 10.36 -24.48 10.12
N GLN G 110 11.01 -25.35 9.35
CA GLN G 110 11.04 -26.78 9.65
C GLN G 110 12.41 -27.20 10.15
N SER G 111 12.45 -28.16 11.07
CA SER G 111 13.69 -28.66 11.63
C SER G 111 14.63 -29.21 10.57
N THR G 112 14.06 -29.76 9.50
CA THR G 112 14.83 -30.36 8.42
C THR G 112 15.69 -29.35 7.66
N TRP G 113 15.28 -28.08 7.69
CA TRP G 113 16.05 -27.02 7.04
C TRP G 113 17.42 -26.88 7.69
N TYR G 114 17.48 -27.16 8.98
CA TYR G 114 18.70 -27.03 9.75
C TYR G 114 19.38 -28.38 9.89
N MET G 115 20.44 -28.44 10.68
CA MET G 115 21.22 -29.66 10.82
C MET G 115 20.65 -30.58 11.89
N ASP G 116 19.59 -31.29 11.52
CA ASP G 116 18.81 -32.10 12.47
C ASP G 116 19.46 -33.43 12.87
N LEU G 117 20.08 -34.14 11.93
CA LEU G 117 20.67 -35.44 12.26
C LEU G 117 22.19 -35.45 12.12
N TRP G 118 22.86 -35.76 13.22
CA TRP G 118 24.31 -35.82 13.24
C TRP G 118 24.80 -37.24 13.37
N GLY G 119 25.90 -37.56 12.69
CA GLY G 119 26.55 -38.84 12.86
C GLY G 119 27.59 -38.78 13.95
N ARG G 120 28.02 -39.94 14.44
CA ARG G 120 29.14 -39.99 15.36
C ARG G 120 30.40 -39.60 14.59
N GLY G 121 31.18 -38.69 15.16
CA GLY G 121 32.34 -38.14 14.48
C GLY G 121 33.38 -39.12 13.98
N THR G 122 34.22 -38.64 13.07
CA THR G 122 35.35 -39.42 12.57
C THR G 122 36.62 -38.61 12.78
N LEU G 123 37.46 -39.11 13.67
CA LEU G 123 38.73 -38.44 13.97
C LEU G 123 39.78 -38.75 12.91
N VAL G 124 40.37 -37.70 12.35
CA VAL G 124 41.51 -37.88 11.46
C VAL G 124 42.69 -37.13 12.07
N SER G 125 43.82 -37.82 12.16
CA SER G 125 45.01 -37.26 12.79
C SER G 125 46.12 -37.06 11.76
N VAL G 126 46.62 -35.83 11.66
CA VAL G 126 47.67 -35.52 10.70
C VAL G 126 48.99 -35.19 11.39
N SER G 127 49.94 -36.11 11.33
CA SER G 127 51.23 -35.89 11.96
C SER G 127 52.34 -36.68 11.25
N SER G 128 53.56 -36.15 11.32
CA SER G 128 54.72 -36.75 10.66
C SER G 128 55.46 -37.94 11.34
N PRO G 129 55.49 -38.01 12.69
CA PRO G 129 56.26 -39.11 13.29
C PRO G 129 55.66 -40.52 13.26
N SER G 130 56.56 -41.50 13.36
CA SER G 130 56.22 -42.92 13.44
C SER G 130 55.77 -43.26 14.86
N THR G 131 55.28 -44.48 15.06
CA THR G 131 54.83 -44.91 16.39
C THR G 131 56.01 -45.02 17.35
N LYS G 132 55.86 -44.44 18.54
CA LYS G 132 56.93 -44.42 19.53
C LYS G 132 56.39 -44.67 20.95
N GLY G 133 57.10 -45.47 21.72
CA GLY G 133 56.71 -45.77 23.09
C GLY G 133 57.10 -44.65 24.03
N PRO G 134 56.39 -44.53 25.16
CA PRO G 134 56.65 -43.46 26.13
C PRO G 134 57.90 -43.69 26.98
N SER G 135 58.34 -42.63 27.65
CA SER G 135 59.44 -42.70 28.59
C SER G 135 58.93 -42.20 29.94
N VAL G 136 58.73 -43.12 30.88
CA VAL G 136 58.14 -42.76 32.17
C VAL G 136 59.19 -42.32 33.18
N PHE G 137 58.96 -41.18 33.80
CA PHE G 137 59.87 -40.62 34.78
C PHE G 137 59.09 -40.31 36.07
N PRO G 138 59.72 -40.51 37.23
CA PRO G 138 59.06 -40.30 38.52
C PRO G 138 59.07 -38.86 39.01
N LEU G 139 57.95 -38.43 39.60
CA LEU G 139 57.85 -37.11 40.22
C LEU G 139 57.78 -37.30 41.72
N ALA G 140 58.94 -37.24 42.37
CA ALA G 140 59.05 -37.56 43.78
C ALA G 140 58.66 -36.39 44.68
N PRO G 141 58.14 -36.69 45.88
CA PRO G 141 57.77 -35.64 46.84
C PRO G 141 59.01 -34.95 47.41
N SER G 142 59.11 -33.64 47.15
CA SER G 142 60.29 -32.87 47.53
C SER G 142 60.12 -32.08 48.83
N SER G 143 61.22 -31.45 49.26
CA SER G 143 61.30 -30.61 50.44
C SER G 143 61.12 -31.43 51.72
N LYS G 144 61.15 -30.74 52.85
CA LYS G 144 61.03 -31.41 54.14
C LYS G 144 59.59 -31.74 54.50
N SER G 145 59.22 -32.99 54.29
CA SER G 145 57.87 -33.48 54.56
C SER G 145 56.81 -32.68 53.83
N THR G 146 57.11 -32.31 52.59
CA THR G 146 56.24 -31.49 51.74
C THR G 146 55.66 -30.31 52.52
N SER G 147 54.34 -30.14 52.47
CA SER G 147 53.68 -29.08 53.22
C SER G 147 53.73 -29.37 54.72
N GLY G 148 53.31 -30.58 55.08
CA GLY G 148 53.29 -30.99 56.47
C GLY G 148 52.21 -32.02 56.75
N GLY G 149 51.03 -31.78 56.20
CA GLY G 149 49.90 -32.69 56.38
C GLY G 149 49.68 -33.62 55.20
N THR G 150 49.62 -33.06 54.00
CA THR G 150 49.38 -33.84 52.79
C THR G 150 50.53 -33.70 51.81
N ALA G 151 50.86 -34.80 51.13
CA ALA G 151 51.97 -34.82 50.18
C ALA G 151 51.48 -35.23 48.79
N ALA G 152 52.23 -34.83 47.76
CA ALA G 152 51.88 -35.17 46.39
C ALA G 152 53.06 -35.76 45.63
N LEU G 153 52.77 -36.80 44.84
CA LEU G 153 53.77 -37.48 44.02
C LEU G 153 53.14 -37.84 42.69
N GLY G 154 53.96 -38.19 41.70
CA GLY G 154 53.42 -38.52 40.40
C GLY G 154 54.36 -39.19 39.41
N CYS G 155 53.88 -39.31 38.17
CA CYS G 155 54.65 -39.91 37.08
C CYS G 155 54.54 -39.07 35.82
N LEU G 156 55.66 -38.88 35.13
CA LEU G 156 55.70 -38.09 33.91
C LEU G 156 55.87 -38.98 32.68
N VAL G 157 54.78 -39.14 31.93
CA VAL G 157 54.79 -39.93 30.70
C VAL G 157 55.15 -39.04 29.51
N LYS G 158 56.39 -39.15 29.06
CA LYS G 158 56.92 -38.22 28.06
C LYS G 158 57.30 -38.89 26.74
N ASP G 159 57.19 -38.13 25.65
CA ASP G 159 57.60 -38.56 24.31
C ASP G 159 56.96 -39.87 23.85
N TYR G 160 55.70 -39.80 23.41
CA TYR G 160 55.01 -40.96 22.87
C TYR G 160 54.08 -40.56 21.73
N PHE G 161 53.75 -41.52 20.87
CA PHE G 161 52.87 -41.28 19.75
C PHE G 161 52.32 -42.59 19.19
N PRO G 162 51.01 -42.62 18.85
CA PRO G 162 50.01 -41.57 19.08
C PRO G 162 49.24 -41.79 20.38
N GLU G 163 48.18 -41.03 20.58
CA GLU G 163 47.32 -41.22 21.74
C GLU G 163 46.48 -42.48 21.55
N PRO G 164 45.95 -43.06 22.64
CA PRO G 164 46.05 -42.64 24.04
C PRO G 164 47.03 -43.43 24.89
N VAL G 165 47.25 -42.95 26.11
CA VAL G 165 48.03 -43.67 27.11
C VAL G 165 47.20 -43.85 28.38
N THR G 166 47.11 -45.09 28.85
CA THR G 166 46.36 -45.40 30.06
C THR G 166 47.30 -45.38 31.26
N VAL G 167 46.81 -44.85 32.38
CA VAL G 167 47.62 -44.83 33.59
C VAL G 167 46.76 -45.09 34.83
N SER G 168 47.30 -45.91 35.74
CA SER G 168 46.62 -46.24 36.98
C SER G 168 47.64 -46.31 38.11
N TRP G 169 47.17 -46.25 39.35
CA TRP G 169 48.07 -46.30 40.49
C TRP G 169 47.77 -47.53 41.35
N ASN G 170 48.82 -48.29 41.65
CA ASN G 170 48.70 -49.53 42.40
C ASN G 170 47.73 -50.50 41.74
N SER G 171 47.72 -50.49 40.41
CA SER G 171 46.84 -51.34 39.61
C SER G 171 45.36 -51.19 39.99
N GLY G 172 44.92 -49.94 40.11
CA GLY G 172 43.53 -49.65 40.41
C GLY G 172 43.15 -49.58 41.88
N ALA G 173 44.11 -49.83 42.76
CA ALA G 173 43.85 -49.79 44.20
C ALA G 173 43.72 -48.34 44.69
N LEU G 174 44.60 -47.48 44.20
CA LEU G 174 44.60 -46.07 44.57
C LEU G 174 43.86 -45.22 43.54
N THR G 175 42.70 -44.72 43.92
CA THR G 175 41.88 -43.90 43.03
C THR G 175 41.66 -42.48 43.57
N SER G 176 41.42 -42.38 44.87
CA SER G 176 41.15 -41.09 45.50
C SER G 176 42.36 -40.16 45.43
N GLY G 177 42.13 -38.91 45.03
CA GLY G 177 43.18 -37.92 44.94
C GLY G 177 44.00 -37.97 43.66
N VAL G 178 43.67 -38.90 42.77
CA VAL G 178 44.41 -39.05 41.52
C VAL G 178 43.94 -38.04 40.47
N HIS G 179 44.89 -37.49 39.71
CA HIS G 179 44.58 -36.53 38.67
C HIS G 179 45.44 -36.75 37.43
N THR G 180 44.90 -37.49 36.47
CA THR G 180 45.59 -37.69 35.19
C THR G 180 45.24 -36.55 34.25
N PHE G 181 46.25 -35.82 33.82
CA PHE G 181 46.05 -34.64 32.99
C PHE G 181 45.91 -35.00 31.52
N PRO G 182 45.19 -34.18 30.75
CA PRO G 182 45.13 -34.42 29.31
C PRO G 182 46.49 -34.21 28.66
N ALA G 183 46.77 -34.95 27.60
CA ALA G 183 48.08 -34.89 26.94
C ALA G 183 48.30 -33.57 26.22
N VAL G 184 49.57 -33.19 26.10
CA VAL G 184 49.94 -31.97 25.38
C VAL G 184 50.86 -32.33 24.22
N LEU G 185 50.67 -31.65 23.08
CA LEU G 185 51.51 -31.88 21.93
C LEU G 185 52.75 -30.99 21.98
N GLN G 186 53.92 -31.61 21.88
CA GLN G 186 55.18 -30.87 21.91
C GLN G 186 55.51 -30.33 20.52
N SER G 187 56.55 -29.51 20.44
CA SER G 187 57.00 -28.97 19.16
C SER G 187 57.51 -30.08 18.25
N SER G 188 58.05 -31.13 18.86
CA SER G 188 58.58 -32.27 18.12
C SER G 188 57.48 -33.07 17.43
N GLY G 189 56.24 -32.90 17.89
CA GLY G 189 55.12 -33.64 17.34
C GLY G 189 54.76 -34.84 18.19
N LEU G 190 55.46 -34.99 19.31
CA LEU G 190 55.22 -36.08 20.24
C LEU G 190 54.30 -35.60 21.35
N TYR G 191 53.60 -36.55 21.98
CA TYR G 191 52.71 -36.21 23.09
C TYR G 191 53.39 -36.38 24.44
N SER G 192 52.89 -35.66 25.44
CA SER G 192 53.42 -35.72 26.80
C SER G 192 52.27 -35.61 27.79
N LEU G 193 52.41 -36.29 28.92
CA LEU G 193 51.33 -36.34 29.91
C LEU G 193 51.87 -36.53 31.32
N SER G 194 51.10 -36.10 32.31
CA SER G 194 51.48 -36.26 33.71
C SER G 194 50.32 -36.83 34.52
N SER G 195 50.63 -37.62 35.54
CA SER G 195 49.63 -38.14 36.45
C SER G 195 50.13 -38.00 37.87
N VAL G 196 49.30 -37.42 38.74
CA VAL G 196 49.71 -37.15 40.12
C VAL G 196 48.66 -37.66 41.11
N VAL G 197 49.03 -37.74 42.38
CA VAL G 197 48.13 -38.20 43.42
C VAL G 197 48.51 -37.63 44.78
N THR G 198 47.51 -37.19 45.54
CA THR G 198 47.75 -36.65 46.88
C THR G 198 47.54 -37.70 47.96
N VAL G 199 48.53 -37.87 48.82
CA VAL G 199 48.51 -38.88 49.88
C VAL G 199 49.01 -38.28 51.20
N PRO G 200 48.71 -38.94 52.33
CA PRO G 200 49.26 -38.43 53.60
C PRO G 200 50.78 -38.56 53.68
N SER G 201 51.42 -37.56 54.28
CA SER G 201 52.88 -37.52 54.39
C SER G 201 53.44 -38.71 55.18
N SER G 202 52.66 -39.18 56.15
CA SER G 202 53.08 -40.30 57.00
C SER G 202 53.19 -41.63 56.23
N SER G 203 52.45 -41.73 55.13
CA SER G 203 52.41 -42.97 54.35
C SER G 203 53.60 -43.12 53.40
N LEU G 204 54.38 -42.06 53.25
CA LEU G 204 55.48 -42.04 52.30
C LEU G 204 56.49 -43.17 52.50
N GLY G 205 56.94 -43.34 53.73
CA GLY G 205 57.91 -44.39 54.05
C GLY G 205 57.35 -45.79 54.01
N THR G 206 56.12 -45.95 54.52
CA THR G 206 55.49 -47.26 54.64
C THR G 206 54.85 -47.75 53.34
N GLN G 207 54.05 -46.91 52.71
CA GLN G 207 53.31 -47.30 51.51
C GLN G 207 54.16 -47.21 50.24
N THR G 208 53.90 -48.13 49.32
CA THR G 208 54.61 -48.19 48.04
C THR G 208 53.71 -47.70 46.92
N TYR G 209 54.19 -46.75 46.12
CA TYR G 209 53.37 -46.20 45.05
C TYR G 209 53.97 -46.47 43.67
N ILE G 210 53.19 -47.19 42.86
CA ILE G 210 53.57 -47.57 41.51
C ILE G 210 52.56 -47.06 40.50
N CYS G 211 53.04 -46.36 39.46
CA CYS G 211 52.17 -45.93 38.38
C CYS G 211 52.27 -46.91 37.22
N ASN G 212 51.12 -47.39 36.76
CA ASN G 212 51.08 -48.39 35.71
C ASN G 212 50.68 -47.79 34.37
N VAL G 213 51.67 -47.57 33.52
CA VAL G 213 51.45 -46.95 32.21
C VAL G 213 51.31 -47.99 31.11
N ASN G 214 50.29 -47.81 30.27
CA ASN G 214 50.04 -48.71 29.15
C ASN G 214 49.86 -47.97 27.84
N HIS G 215 50.59 -48.40 26.81
CA HIS G 215 50.51 -47.79 25.49
C HIS G 215 50.33 -48.88 24.43
N LYS G 216 49.07 -49.13 24.05
CA LYS G 216 48.75 -50.19 23.09
C LYS G 216 49.41 -50.10 21.71
N PRO G 217 49.50 -48.89 21.10
CA PRO G 217 50.14 -48.84 19.78
C PRO G 217 51.56 -49.41 19.72
N SER G 218 52.39 -49.05 20.69
CA SER G 218 53.76 -49.53 20.73
C SER G 218 53.90 -50.79 21.60
N ASN G 219 52.79 -51.18 22.23
CA ASN G 219 52.77 -52.32 23.15
C ASN G 219 53.79 -52.14 24.26
N THR G 220 53.78 -50.97 24.87
CA THR G 220 54.72 -50.64 25.94
C THR G 220 54.02 -50.64 27.29
N LYS G 221 54.29 -51.66 28.10
CA LYS G 221 53.71 -51.76 29.44
C LYS G 221 54.76 -51.49 30.49
N VAL G 222 54.65 -50.32 31.14
CA VAL G 222 55.63 -49.89 32.12
C VAL G 222 55.04 -49.70 33.51
N ASP G 223 55.76 -50.16 34.52
CA ASP G 223 55.36 -50.01 35.91
C ASP G 223 56.49 -49.37 36.72
N LYS G 224 56.40 -48.07 36.96
CA LYS G 224 57.46 -47.36 37.69
C LYS G 224 57.09 -47.16 39.15
N LYS G 225 58.11 -47.13 39.99
CA LYS G 225 57.93 -46.97 41.42
C LYS G 225 58.36 -45.56 41.80
N VAL G 226 57.68 -44.98 42.78
CA VAL G 226 57.99 -43.61 43.18
C VAL G 226 58.23 -43.50 44.67
N GLU G 227 59.33 -42.85 45.03
CA GLU G 227 59.73 -42.68 46.41
C GLU G 227 60.56 -41.40 46.58
N PRO G 228 60.70 -40.90 47.81
CA PRO G 228 61.55 -39.73 48.08
C PRO G 228 63.00 -39.96 47.65
N LYS G 229 63.66 -38.91 47.16
CA LYS G 229 65.03 -39.02 46.64
C LYS G 229 66.01 -39.47 47.71
N SER G 230 67.03 -40.21 47.29
CA SER G 230 68.08 -40.71 48.18
C SER G 230 69.23 -39.71 48.32
N CYS G 231 69.24 -38.98 49.44
CA CYS G 231 70.28 -38.00 49.70
C CYS G 231 71.59 -38.68 50.09
N GLN H 1 -32.98 -1.25 -34.30
CA GLN H 1 -33.54 -2.34 -33.50
C GLN H 1 -32.73 -3.63 -33.68
N VAL H 2 -32.36 -4.24 -32.57
CA VAL H 2 -31.57 -5.46 -32.58
C VAL H 2 -32.49 -6.69 -32.55
N GLN H 3 -32.22 -7.66 -33.42
CA GLN H 3 -33.11 -8.80 -33.57
C GLN H 3 -32.37 -10.12 -33.84
N LEU H 4 -32.94 -11.22 -33.39
CA LEU H 4 -32.39 -12.55 -33.63
C LEU H 4 -33.45 -13.46 -34.24
N ALA H 5 -33.44 -13.60 -35.56
CA ALA H 5 -34.45 -14.40 -36.24
C ALA H 5 -34.00 -15.86 -36.37
N GLN H 6 -34.75 -16.76 -35.74
CA GLN H 6 -34.44 -18.18 -35.78
C GLN H 6 -35.16 -18.92 -36.92
N SER H 7 -34.69 -20.13 -37.22
CA SER H 7 -35.29 -20.97 -38.23
C SER H 7 -36.59 -21.60 -37.75
N GLU H 8 -37.36 -22.15 -38.69
CA GLU H 8 -38.67 -22.73 -38.39
C GLU H 8 -38.56 -24.01 -37.57
N ASN H 9 -39.66 -24.37 -36.91
CA ASN H 9 -39.71 -25.59 -36.10
C ASN H 9 -39.48 -26.84 -36.94
N GLU H 10 -38.86 -27.85 -36.34
CA GLU H 10 -38.50 -29.06 -37.07
C GLU H 10 -39.05 -30.34 -36.43
N LEU H 11 -39.37 -31.30 -37.29
CA LEU H 11 -39.83 -32.62 -36.85
C LEU H 11 -38.84 -33.67 -37.36
N LYS H 12 -38.25 -34.43 -36.45
CA LYS H 12 -37.23 -35.39 -36.83
C LYS H 12 -37.44 -36.78 -36.22
N LYS H 13 -36.75 -37.76 -36.78
CA LYS H 13 -36.83 -39.14 -36.34
C LYS H 13 -35.60 -39.48 -35.50
N PRO H 14 -35.72 -40.46 -34.60
CA PRO H 14 -34.57 -40.89 -33.80
C PRO H 14 -33.39 -41.33 -34.67
N GLY H 15 -32.18 -40.91 -34.33
CA GLY H 15 -31.02 -41.16 -35.16
C GLY H 15 -30.69 -40.11 -36.19
N ALA H 16 -31.64 -39.23 -36.50
CA ALA H 16 -31.41 -38.15 -37.46
C ALA H 16 -30.61 -37.02 -36.82
N SER H 17 -30.53 -35.89 -37.52
CA SER H 17 -29.81 -34.73 -37.00
C SER H 17 -30.50 -33.45 -37.42
N VAL H 18 -30.16 -32.34 -36.76
CA VAL H 18 -30.80 -31.06 -37.04
C VAL H 18 -29.81 -29.93 -37.22
N LYS H 19 -30.22 -28.92 -38.00
CA LYS H 19 -29.43 -27.72 -38.20
C LYS H 19 -30.29 -26.49 -37.97
N VAL H 20 -30.26 -25.97 -36.75
CA VAL H 20 -31.02 -24.78 -36.41
C VAL H 20 -30.18 -23.54 -36.72
N SER H 21 -30.77 -22.58 -37.43
CA SER H 21 -30.05 -21.36 -37.80
C SER H 21 -30.57 -20.16 -37.01
N CYS H 22 -29.76 -19.10 -36.96
CA CYS H 22 -30.13 -17.90 -36.22
C CYS H 22 -29.55 -16.64 -36.87
N LYS H 23 -30.40 -15.93 -37.61
CA LYS H 23 -29.99 -14.72 -38.34
C LYS H 23 -30.00 -13.47 -37.45
N THR H 24 -28.93 -12.69 -37.51
CA THR H 24 -28.77 -11.46 -36.74
C THR H 24 -29.10 -10.23 -37.59
N SER H 25 -29.41 -9.11 -36.95
CA SER H 25 -29.81 -7.91 -37.72
C SER H 25 -29.28 -6.56 -37.24
N GLY H 26 -29.72 -6.12 -36.06
CA GLY H 26 -29.35 -4.81 -35.54
C GLY H 26 -27.95 -4.55 -35.01
N TYR H 27 -27.07 -5.54 -35.10
CA TYR H 27 -25.71 -5.36 -34.60
C TYR H 27 -24.67 -6.10 -35.43
N THR H 28 -23.40 -5.71 -35.27
CA THR H 28 -22.33 -6.33 -36.01
C THR H 28 -22.15 -7.75 -35.49
N PHE H 29 -22.29 -8.72 -36.39
CA PHE H 29 -22.19 -10.13 -36.03
C PHE H 29 -20.83 -10.47 -35.42
N THR H 30 -19.76 -9.99 -36.04
CA THR H 30 -18.45 -10.06 -35.42
C THR H 30 -18.49 -9.08 -34.25
N ARG H 31 -17.52 -9.15 -33.35
CA ARG H 31 -17.48 -8.39 -32.10
C ARG H 31 -18.47 -8.92 -31.06
N PHE H 32 -19.08 -10.06 -31.35
CA PHE H 32 -19.98 -10.68 -30.39
C PHE H 32 -19.88 -12.20 -30.45
N GLY H 33 -20.33 -12.85 -29.39
CA GLY H 33 -20.37 -14.29 -29.34
C GLY H 33 -21.81 -14.75 -29.30
N MET H 34 -22.04 -16.04 -29.53
CA MET H 34 -23.38 -16.58 -29.56
C MET H 34 -23.48 -17.85 -28.72
N SER H 35 -24.42 -17.86 -27.78
CA SER H 35 -24.66 -19.04 -26.96
C SER H 35 -25.94 -19.75 -27.36
N TRP H 36 -25.99 -21.05 -27.15
CA TRP H 36 -27.18 -21.85 -27.44
C TRP H 36 -27.64 -22.57 -26.18
N VAL H 37 -28.91 -22.39 -25.82
CA VAL H 37 -29.46 -23.07 -24.65
C VAL H 37 -30.80 -23.70 -25.01
N ARG H 38 -31.12 -24.83 -24.38
CA ARG H 38 -32.37 -25.52 -24.68
C ARG H 38 -33.23 -25.71 -23.44
N GLN H 39 -34.53 -25.92 -23.66
CA GLN H 39 -35.47 -26.13 -22.57
C GLN H 39 -36.47 -27.23 -22.91
N ALA H 40 -36.35 -28.37 -22.24
CA ALA H 40 -37.30 -29.47 -22.44
C ALA H 40 -38.63 -29.09 -21.80
N PRO H 41 -39.74 -29.65 -22.32
CA PRO H 41 -41.07 -29.35 -21.76
C PRO H 41 -41.15 -29.54 -20.25
N GLY H 42 -41.47 -28.45 -19.54
CA GLY H 42 -41.59 -28.50 -18.09
C GLY H 42 -40.28 -28.46 -17.33
N GLN H 43 -39.16 -28.48 -18.04
CA GLN H 43 -37.84 -28.49 -17.41
C GLN H 43 -37.20 -27.11 -17.42
N GLY H 44 -36.03 -27.01 -16.80
CA GLY H 44 -35.30 -25.76 -16.73
C GLY H 44 -34.39 -25.53 -17.92
N LEU H 45 -33.58 -24.49 -17.85
CA LEU H 45 -32.67 -24.14 -18.94
C LEU H 45 -31.37 -24.94 -18.88
N GLU H 46 -30.86 -25.30 -20.05
CA GLU H 46 -29.61 -26.04 -20.14
C GLU H 46 -28.68 -25.40 -21.17
N TRP H 47 -27.50 -24.99 -20.74
CA TRP H 47 -26.53 -24.37 -21.62
C TRP H 47 -25.81 -25.42 -22.46
N MET H 48 -25.81 -25.23 -23.76
CA MET H 48 -25.22 -26.20 -24.68
C MET H 48 -23.83 -25.82 -25.13
N GLY H 49 -23.66 -24.58 -25.55
CA GLY H 49 -22.36 -24.12 -26.01
C GLY H 49 -22.30 -22.66 -26.41
N TRP H 50 -21.10 -22.22 -26.76
CA TRP H 50 -20.85 -20.84 -27.14
C TRP H 50 -19.87 -20.81 -28.32
N ILE H 51 -20.03 -19.83 -29.20
CA ILE H 51 -19.13 -19.68 -30.33
C ILE H 51 -18.82 -18.20 -30.58
N SER H 52 -17.56 -17.91 -30.89
CA SER H 52 -17.14 -16.54 -31.17
C SER H 52 -17.44 -16.15 -32.61
N GLY H 53 -18.08 -15.00 -32.78
CA GLY H 53 -18.36 -14.48 -34.10
C GLY H 53 -17.10 -13.90 -34.73
N TYR H 54 -16.08 -13.70 -33.90
CA TYR H 54 -14.82 -13.13 -34.35
C TYR H 54 -13.83 -14.21 -34.75
N THR H 55 -13.47 -15.07 -33.80
CA THR H 55 -12.47 -16.10 -34.02
C THR H 55 -13.03 -17.44 -34.49
N GLY H 56 -14.31 -17.69 -34.20
CA GLY H 56 -14.91 -18.98 -34.51
C GLY H 56 -14.68 -20.04 -33.44
N ASP H 57 -13.90 -19.69 -32.42
CA ASP H 57 -13.61 -20.60 -31.31
C ASP H 57 -14.88 -21.03 -30.60
N THR H 58 -14.94 -22.29 -30.18
CA THR H 58 -16.13 -22.84 -29.55
C THR H 58 -15.89 -23.34 -28.14
N LYS H 59 -16.94 -23.31 -27.32
CA LYS H 59 -16.93 -23.87 -25.98
C LYS H 59 -18.17 -24.75 -25.84
N TYR H 60 -17.98 -26.02 -25.50
CA TYR H 60 -19.12 -26.93 -25.39
C TYR H 60 -19.33 -27.44 -23.97
N ALA H 61 -20.55 -27.90 -23.70
CA ALA H 61 -20.90 -28.50 -22.42
C ALA H 61 -20.55 -29.99 -22.42
N ARG H 62 -20.28 -30.53 -21.23
CA ARG H 62 -19.91 -31.92 -21.08
C ARG H 62 -20.95 -32.89 -21.64
N SER H 63 -22.23 -32.53 -21.51
CA SER H 63 -23.33 -33.36 -21.96
C SER H 63 -23.31 -33.59 -23.47
N PHE H 64 -22.90 -32.55 -24.19
CA PHE H 64 -22.84 -32.61 -25.64
C PHE H 64 -21.37 -32.77 -26.07
N GLN H 65 -20.71 -33.81 -25.54
CA GLN H 65 -19.29 -34.04 -25.77
C GLN H 65 -18.91 -34.03 -27.26
N GLY H 66 -19.61 -34.81 -28.07
CA GLY H 66 -19.31 -34.88 -29.50
C GLY H 66 -20.53 -34.95 -30.39
N ARG H 67 -21.71 -34.75 -29.82
CA ARG H 67 -22.94 -34.81 -30.60
C ARG H 67 -23.28 -33.43 -31.16
N LEU H 68 -22.84 -32.38 -30.47
CA LEU H 68 -23.13 -31.01 -30.88
C LEU H 68 -21.97 -30.35 -31.60
N THR H 69 -22.28 -29.58 -32.64
CA THR H 69 -21.28 -28.81 -33.35
C THR H 69 -21.82 -27.41 -33.69
N LEU H 70 -21.10 -26.39 -33.24
CA LEU H 70 -21.50 -25.01 -33.46
C LEU H 70 -20.66 -24.38 -34.55
N THR H 71 -21.31 -23.81 -35.56
CA THR H 71 -20.61 -23.18 -36.66
C THR H 71 -21.11 -21.77 -36.90
N THR H 72 -20.43 -21.05 -37.79
CA THR H 72 -20.78 -19.67 -38.06
C THR H 72 -20.49 -19.27 -39.50
N ASP H 73 -21.32 -18.38 -40.02
CA ASP H 73 -21.14 -17.81 -41.35
C ASP H 73 -20.98 -16.32 -41.16
N THR H 74 -19.80 -15.79 -41.46
CA THR H 74 -19.51 -14.37 -41.24
C THR H 74 -20.19 -13.44 -42.26
N SER H 75 -20.28 -13.91 -43.50
CA SER H 75 -20.88 -13.11 -44.58
C SER H 75 -22.31 -12.70 -44.27
N THR H 76 -23.23 -13.67 -44.36
CA THR H 76 -24.56 -13.43 -43.82
C THR H 76 -24.42 -13.53 -42.30
N GLY H 77 -25.07 -12.65 -41.55
CA GLY H 77 -24.90 -12.67 -40.11
C GLY H 77 -25.66 -13.84 -39.53
N THR H 78 -25.11 -15.05 -39.64
CA THR H 78 -25.84 -16.22 -39.17
C THR H 78 -25.01 -17.19 -38.35
N ALA H 79 -25.68 -17.84 -37.40
CA ALA H 79 -25.05 -18.85 -36.55
C ALA H 79 -25.85 -20.15 -36.66
N TYR H 80 -25.16 -21.28 -36.65
CA TYR H 80 -25.82 -22.58 -36.76
C TYR H 80 -25.47 -23.48 -35.59
N MET H 81 -26.33 -24.47 -35.33
CA MET H 81 -26.02 -25.53 -34.39
C MET H 81 -26.44 -26.85 -34.99
N GLU H 82 -25.61 -27.87 -34.82
CA GLU H 82 -25.91 -29.17 -35.37
C GLU H 82 -25.85 -30.25 -34.30
N LEU H 83 -27.00 -30.87 -34.03
CA LEU H 83 -27.08 -31.93 -33.03
C LEU H 83 -27.36 -33.27 -33.70
N ARG H 84 -26.40 -34.19 -33.64
CA ARG H 84 -26.54 -35.49 -34.27
C ARG H 84 -27.11 -36.55 -33.34
N SER H 85 -27.46 -37.69 -33.92
CA SER H 85 -27.97 -38.86 -33.19
C SER H 85 -29.09 -38.50 -32.21
N LEU H 86 -30.17 -37.94 -32.75
CA LEU H 86 -31.27 -37.47 -31.91
C LEU H 86 -31.99 -38.59 -31.17
N ARG H 87 -32.47 -38.25 -29.97
CA ARG H 87 -33.20 -39.18 -29.12
C ARG H 87 -34.51 -38.51 -28.71
N SER H 88 -35.41 -39.27 -28.11
CA SER H 88 -36.68 -38.71 -27.65
C SER H 88 -36.49 -37.64 -26.58
N ASP H 89 -35.41 -37.76 -25.79
CA ASP H 89 -35.13 -36.80 -24.72
C ASP H 89 -34.66 -35.45 -25.27
N ASP H 90 -34.14 -35.46 -26.50
CA ASP H 90 -33.66 -34.23 -27.13
C ASP H 90 -34.80 -33.32 -27.61
N THR H 91 -36.04 -33.79 -27.47
CA THR H 91 -37.20 -32.97 -27.81
C THR H 91 -37.28 -31.76 -26.89
N ALA H 92 -37.08 -30.57 -27.45
CA ALA H 92 -37.05 -29.35 -26.66
C ALA H 92 -37.10 -28.10 -27.53
N ILE H 93 -37.21 -26.95 -26.89
CA ILE H 93 -37.16 -25.67 -27.59
C ILE H 93 -35.75 -25.08 -27.44
N TYR H 94 -35.13 -24.77 -28.57
CA TYR H 94 -33.73 -24.36 -28.61
C TYR H 94 -33.56 -22.87 -28.84
N TYR H 95 -32.96 -22.17 -27.86
CA TYR H 95 -32.79 -20.73 -27.93
C TYR H 95 -31.43 -20.28 -28.46
N CYS H 96 -31.45 -19.18 -29.20
CA CYS H 96 -30.25 -18.55 -29.73
C CYS H 96 -30.02 -17.24 -28.97
N VAL H 97 -28.85 -17.06 -28.37
CA VAL H 97 -28.61 -15.94 -27.47
C VAL H 97 -27.29 -15.22 -27.71
N ARG H 98 -27.33 -13.91 -27.89
CA ARG H 98 -26.11 -13.12 -28.00
C ARG H 98 -25.37 -13.09 -26.67
N ASN H 99 -24.13 -13.57 -26.67
CA ASN H 99 -23.35 -13.66 -25.43
C ASN H 99 -21.89 -13.22 -25.59
N ARG H 100 -21.45 -12.31 -24.71
CA ARG H 100 -20.06 -11.83 -24.64
C ARG H 100 -19.65 -10.96 -25.83
N VAL H 101 -18.69 -10.07 -25.58
CA VAL H 101 -18.14 -9.16 -26.58
C VAL H 101 -16.80 -9.65 -27.14
N GLN H 102 -16.54 -9.40 -28.43
CA GLN H 102 -15.30 -9.82 -29.06
C GLN H 102 -14.62 -8.62 -29.76
N MET H 103 -13.34 -8.80 -30.07
CA MET H 103 -12.46 -7.81 -30.73
C MET H 103 -12.43 -6.42 -30.04
N GLU H 104 -12.85 -6.34 -28.79
CA GLU H 104 -12.67 -5.13 -27.98
C GLU H 104 -12.77 -5.46 -26.48
N VAL H 105 -12.07 -4.68 -25.67
CA VAL H 105 -12.06 -4.87 -24.22
C VAL H 105 -13.39 -4.52 -23.56
N SER H 106 -13.98 -5.49 -22.87
CA SER H 106 -15.23 -5.27 -22.15
C SER H 106 -15.25 -6.09 -20.87
N PRO H 107 -15.44 -5.41 -19.72
CA PRO H 107 -15.47 -6.09 -18.42
C PRO H 107 -16.79 -6.81 -18.14
N ALA H 108 -16.82 -7.59 -17.06
CA ALA H 108 -17.99 -8.39 -16.70
C ALA H 108 -19.04 -7.59 -15.94
N THR H 109 -18.86 -6.27 -15.86
CA THR H 109 -19.84 -5.41 -15.22
C THR H 109 -20.85 -4.90 -16.23
N GLN H 110 -20.76 -5.38 -17.46
CA GLN H 110 -21.64 -4.95 -18.53
C GLN H 110 -22.66 -6.04 -18.88
N SER H 111 -23.86 -5.61 -19.25
CA SER H 111 -24.93 -6.53 -19.61
C SER H 111 -24.55 -7.44 -20.77
N THR H 112 -23.71 -6.94 -21.66
CA THR H 112 -23.27 -7.70 -22.84
C THR H 112 -22.45 -8.93 -22.49
N TRP H 113 -21.81 -8.92 -21.32
CA TRP H 113 -21.05 -10.07 -20.85
C TRP H 113 -21.96 -11.28 -20.66
N TYR H 114 -23.19 -11.00 -20.27
CA TYR H 114 -24.16 -12.05 -19.98
C TYR H 114 -25.08 -12.24 -21.19
N MET H 115 -26.10 -13.06 -21.02
CA MET H 115 -26.99 -13.40 -22.13
C MET H 115 -28.10 -12.38 -22.30
N ASP H 116 -27.75 -11.25 -22.92
CA ASP H 116 -28.67 -10.09 -23.00
C ASP H 116 -29.78 -10.23 -24.05
N LEU H 117 -29.47 -10.77 -25.23
CA LEU H 117 -30.47 -10.86 -26.29
C LEU H 117 -30.83 -12.30 -26.65
N TRP H 118 -32.11 -12.62 -26.50
CA TRP H 118 -32.61 -13.95 -26.80
C TRP H 118 -33.48 -13.91 -28.06
N GLY H 119 -33.39 -14.95 -28.86
CA GLY H 119 -34.28 -15.11 -30.00
C GLY H 119 -35.51 -15.88 -29.59
N ARG H 120 -36.56 -15.84 -30.40
CA ARG H 120 -37.73 -16.68 -30.13
C ARG H 120 -37.28 -18.11 -30.37
N GLY H 121 -37.64 -19.00 -29.45
CA GLY H 121 -37.20 -20.38 -29.49
C GLY H 121 -37.52 -21.14 -30.77
N THR H 122 -36.82 -22.25 -30.97
CA THR H 122 -37.09 -23.14 -32.09
C THR H 122 -37.37 -24.54 -31.56
N LEU H 123 -38.61 -24.99 -31.72
CA LEU H 123 -39.02 -26.31 -31.27
C LEU H 123 -38.61 -27.39 -32.26
N VAL H 124 -37.89 -28.40 -31.78
CA VAL H 124 -37.60 -29.57 -32.59
C VAL H 124 -38.16 -30.80 -31.89
N SER H 125 -38.92 -31.59 -32.64
CA SER H 125 -39.61 -32.75 -32.07
C SER H 125 -39.05 -34.06 -32.62
N VAL H 126 -38.67 -34.95 -31.71
CA VAL H 126 -38.14 -36.24 -32.09
C VAL H 126 -39.17 -37.31 -31.75
N SER H 127 -39.84 -37.84 -32.77
CA SER H 127 -40.87 -38.85 -32.54
C SER H 127 -40.97 -39.87 -33.69
N SER H 128 -41.36 -39.42 -34.89
CA SER H 128 -41.55 -40.21 -36.15
C SER H 128 -42.97 -40.24 -36.75
N PRO H 129 -44.04 -40.14 -35.92
CA PRO H 129 -45.31 -40.21 -36.63
C PRO H 129 -45.51 -39.06 -37.62
N SER H 130 -46.36 -39.24 -38.62
CA SER H 130 -46.45 -38.25 -39.69
C SER H 130 -47.17 -36.97 -39.29
N THR H 131 -46.92 -35.94 -40.09
CA THR H 131 -47.52 -34.62 -39.93
C THR H 131 -48.98 -34.60 -40.35
N LYS H 132 -49.84 -34.00 -39.51
CA LYS H 132 -51.25 -33.92 -39.83
C LYS H 132 -51.82 -32.55 -39.47
N GLY H 133 -52.66 -32.01 -40.37
CA GLY H 133 -53.28 -30.72 -40.15
C GLY H 133 -54.47 -30.83 -39.21
N PRO H 134 -54.80 -29.74 -38.53
CA PRO H 134 -55.91 -29.74 -37.57
C PRO H 134 -57.30 -29.69 -38.21
N SER H 135 -58.31 -30.00 -37.41
CA SER H 135 -59.70 -29.88 -37.83
C SER H 135 -60.40 -28.94 -36.87
N VAL H 136 -60.71 -27.73 -37.34
CA VAL H 136 -61.29 -26.71 -36.47
C VAL H 136 -62.82 -26.81 -36.41
N PHE H 137 -63.35 -26.80 -35.20
CA PHE H 137 -64.79 -26.87 -34.98
C PHE H 137 -65.20 -25.73 -34.07
N PRO H 138 -66.40 -25.16 -34.28
CA PRO H 138 -66.88 -24.02 -33.50
C PRO H 138 -67.56 -24.39 -32.18
N LEU H 139 -67.29 -23.62 -31.14
CA LEU H 139 -67.97 -23.78 -29.85
C LEU H 139 -68.91 -22.60 -29.66
N ALA H 140 -70.16 -22.80 -30.05
CA ALA H 140 -71.16 -21.73 -30.05
C ALA H 140 -71.79 -21.52 -28.68
N PRO H 141 -72.22 -20.28 -28.40
CA PRO H 141 -72.90 -19.98 -27.13
C PRO H 141 -74.30 -20.60 -27.07
N SER H 142 -74.50 -21.50 -26.12
CA SER H 142 -75.75 -22.26 -26.00
C SER H 142 -76.71 -21.69 -24.97
N SER H 143 -77.91 -22.28 -24.91
CA SER H 143 -78.97 -21.93 -23.96
C SER H 143 -79.53 -20.53 -24.21
N LYS H 144 -80.47 -20.11 -23.35
CA LYS H 144 -81.14 -18.83 -23.54
C LYS H 144 -80.29 -17.68 -23.00
N SER H 145 -79.61 -16.99 -23.91
CA SER H 145 -78.75 -15.86 -23.59
C SER H 145 -77.67 -16.25 -22.58
N THR H 146 -77.13 -17.46 -22.74
CA THR H 146 -76.16 -18.03 -21.82
C THR H 146 -76.61 -17.84 -20.37
N SER H 147 -75.73 -17.29 -19.53
CA SER H 147 -76.10 -17.00 -18.16
C SER H 147 -77.10 -15.84 -18.09
N GLY H 148 -76.77 -14.75 -18.76
CA GLY H 148 -77.62 -13.58 -18.77
C GLY H 148 -76.82 -12.30 -18.95
N GLY H 149 -75.71 -12.20 -18.22
CA GLY H 149 -74.85 -11.04 -18.29
C GLY H 149 -73.63 -11.24 -19.18
N THR H 150 -72.92 -12.34 -18.96
CA THR H 150 -71.71 -12.63 -19.73
C THR H 150 -71.83 -13.96 -20.49
N ALA H 151 -71.29 -13.99 -21.70
CA ALA H 151 -71.36 -15.17 -22.56
C ALA H 151 -69.97 -15.66 -22.97
N ALA H 152 -69.86 -16.95 -23.29
CA ALA H 152 -68.59 -17.52 -23.71
C ALA H 152 -68.73 -18.31 -25.01
N LEU H 153 -67.75 -18.16 -25.90
CA LEU H 153 -67.72 -18.87 -27.16
C LEU H 153 -66.29 -19.29 -27.47
N GLY H 154 -66.10 -20.20 -28.42
CA GLY H 154 -64.75 -20.66 -28.73
C GLY H 154 -64.56 -21.49 -29.98
N CYS H 155 -63.35 -22.03 -30.12
CA CYS H 155 -62.99 -22.89 -31.24
C CYS H 155 -62.24 -24.12 -30.76
N LEU H 156 -62.57 -25.28 -31.33
CA LEU H 156 -61.95 -26.54 -30.96
C LEU H 156 -60.99 -27.04 -32.05
N VAL H 157 -59.70 -26.91 -31.79
CA VAL H 157 -58.66 -27.37 -32.72
C VAL H 157 -58.30 -28.82 -32.42
N LYS H 158 -58.78 -29.74 -33.25
CA LYS H 158 -58.67 -31.16 -32.96
C LYS H 158 -57.84 -31.94 -33.98
N ASP H 159 -57.20 -33.01 -33.51
CA ASP H 159 -56.43 -33.94 -34.34
C ASP H 159 -55.35 -33.31 -35.21
N TYR H 160 -54.21 -32.97 -34.59
CA TYR H 160 -53.07 -32.42 -35.31
C TYR H 160 -51.75 -32.90 -34.71
N PHE H 161 -50.69 -32.86 -35.52
CA PHE H 161 -49.36 -33.27 -35.07
C PHE H 161 -48.33 -32.74 -36.06
N PRO H 162 -47.19 -32.22 -35.56
CA PRO H 162 -46.85 -32.01 -34.16
C PRO H 162 -47.23 -30.61 -33.66
N GLU H 163 -46.78 -30.29 -32.45
CA GLU H 163 -46.98 -28.97 -31.86
C GLU H 163 -46.06 -27.98 -32.56
N PRO H 164 -46.38 -26.67 -32.51
CA PRO H 164 -47.51 -25.98 -31.88
C PRO H 164 -48.58 -25.52 -32.87
N VAL H 165 -49.69 -25.02 -32.33
CA VAL H 165 -50.74 -24.39 -33.13
C VAL H 165 -51.01 -22.98 -32.60
N THR H 166 -50.97 -22.01 -33.50
CA THR H 166 -51.23 -20.62 -33.11
C THR H 166 -52.70 -20.29 -33.31
N VAL H 167 -53.27 -19.54 -32.38
CA VAL H 167 -54.67 -19.12 -32.50
C VAL H 167 -54.86 -17.69 -32.00
N SER H 168 -55.64 -16.92 -32.74
CA SER H 168 -55.94 -15.54 -32.38
C SER H 168 -57.40 -15.25 -32.68
N TRP H 169 -57.92 -14.18 -32.09
CA TRP H 169 -59.31 -13.81 -32.30
C TRP H 169 -59.41 -12.43 -32.92
N ASN H 170 -60.16 -12.32 -34.02
CA ASN H 170 -60.30 -11.09 -34.78
C ASN H 170 -58.94 -10.54 -35.22
N SER H 171 -58.03 -11.46 -35.54
CA SER H 171 -56.67 -11.12 -35.97
C SER H 171 -55.96 -10.22 -34.96
N GLY H 172 -56.04 -10.57 -33.69
CA GLY H 172 -55.35 -9.84 -32.64
C GLY H 172 -56.11 -8.67 -32.04
N ALA H 173 -57.30 -8.40 -32.54
CA ALA H 173 -58.12 -7.30 -32.02
C ALA H 173 -58.72 -7.64 -30.67
N LEU H 174 -59.20 -8.87 -30.53
CA LEU H 174 -59.81 -9.34 -29.29
C LEU H 174 -58.79 -10.11 -28.44
N THR H 175 -58.37 -9.50 -27.33
CA THR H 175 -57.39 -10.12 -26.45
C THR H 175 -57.94 -10.37 -25.05
N SER H 176 -58.71 -9.42 -24.53
CA SER H 176 -59.27 -9.53 -23.18
C SER H 176 -60.27 -10.68 -23.07
N GLY H 177 -60.12 -11.47 -22.02
CA GLY H 177 -61.01 -12.60 -21.78
C GLY H 177 -60.68 -13.86 -22.56
N VAL H 178 -59.61 -13.82 -23.34
CA VAL H 178 -59.22 -14.96 -24.15
C VAL H 178 -58.42 -15.97 -23.33
N HIS H 179 -58.67 -17.26 -23.55
CA HIS H 179 -57.96 -18.32 -22.85
C HIS H 179 -57.66 -19.49 -23.78
N THR H 180 -56.45 -19.49 -24.35
CA THR H 180 -56.00 -20.61 -25.16
C THR H 180 -55.37 -21.65 -24.26
N PHE H 181 -55.93 -22.85 -24.27
CA PHE H 181 -55.50 -23.92 -23.39
C PHE H 181 -54.29 -24.65 -23.95
N PRO H 182 -53.46 -25.22 -23.06
CA PRO H 182 -52.36 -26.06 -23.55
C PRO H 182 -52.90 -27.33 -24.22
N ALA H 183 -52.18 -27.82 -25.21
CA ALA H 183 -52.64 -28.98 -25.97
C ALA H 183 -52.59 -30.25 -25.13
N VAL H 184 -53.45 -31.20 -25.47
CA VAL H 184 -53.48 -32.49 -24.80
C VAL H 184 -53.21 -33.60 -25.80
N LEU H 185 -52.45 -34.61 -25.36
CA LEU H 185 -52.14 -35.74 -26.22
C LEU H 185 -53.23 -36.81 -26.09
N GLN H 186 -53.80 -37.20 -27.24
CA GLN H 186 -54.83 -38.22 -27.25
C GLN H 186 -54.22 -39.61 -27.22
N SER H 187 -55.06 -40.62 -27.08
CA SER H 187 -54.61 -42.01 -27.12
C SER H 187 -54.06 -42.36 -28.49
N SER H 188 -54.61 -41.72 -29.53
CA SER H 188 -54.19 -41.94 -30.90
C SER H 188 -52.78 -41.42 -31.17
N GLY H 189 -52.30 -40.54 -30.30
CA GLY H 189 -50.99 -39.94 -30.46
C GLY H 189 -51.04 -38.56 -31.08
N LEU H 190 -52.26 -38.08 -31.34
CA LEU H 190 -52.46 -36.75 -31.90
C LEU H 190 -52.77 -35.73 -30.82
N TYR H 191 -52.51 -34.47 -31.11
CA TYR H 191 -52.79 -33.39 -30.17
C TYR H 191 -54.13 -32.73 -30.43
N SER H 192 -54.70 -32.13 -29.38
CA SER H 192 -55.97 -31.44 -29.45
C SER H 192 -55.94 -30.22 -28.54
N LEU H 193 -56.64 -29.17 -28.93
CA LEU H 193 -56.58 -27.92 -28.17
C LEU H 193 -57.88 -27.13 -28.29
N SER H 194 -58.13 -26.27 -27.30
CA SER H 194 -59.31 -25.42 -27.30
C SER H 194 -58.95 -23.98 -27.00
N SER H 195 -59.70 -23.04 -27.58
CA SER H 195 -59.51 -21.62 -27.30
C SER H 195 -60.87 -20.97 -27.11
N VAL H 196 -61.03 -20.25 -26.00
CA VAL H 196 -62.32 -19.65 -25.66
C VAL H 196 -62.17 -18.18 -25.30
N VAL H 197 -63.28 -17.46 -25.26
CA VAL H 197 -63.27 -16.04 -24.92
C VAL H 197 -64.62 -15.61 -24.33
N THR H 198 -64.56 -14.80 -23.27
CA THR H 198 -65.77 -14.31 -22.62
C THR H 198 -66.12 -12.90 -23.11
N VAL H 199 -67.36 -12.73 -23.57
CA VAL H 199 -67.83 -11.47 -24.12
C VAL H 199 -69.22 -11.14 -23.58
N PRO H 200 -69.65 -9.87 -23.68
CA PRO H 200 -71.01 -9.55 -23.25
C PRO H 200 -72.08 -10.20 -24.13
N SER H 201 -73.17 -10.64 -23.51
CA SER H 201 -74.25 -11.31 -24.23
C SER H 201 -74.89 -10.42 -25.30
N SER H 202 -74.91 -9.13 -25.05
CA SER H 202 -75.50 -8.17 -25.98
C SER H 202 -74.74 -8.08 -27.31
N SER H 203 -73.45 -8.42 -27.27
CA SER H 203 -72.60 -8.30 -28.45
C SER H 203 -72.69 -9.47 -29.44
N LEU H 204 -73.33 -10.56 -29.04
CA LEU H 204 -73.40 -11.75 -29.88
C LEU H 204 -74.02 -11.49 -31.26
N GLY H 205 -75.17 -10.84 -31.27
CA GLY H 205 -75.86 -10.52 -32.51
C GLY H 205 -75.14 -9.47 -33.33
N THR H 206 -74.60 -8.47 -32.64
CA THR H 206 -73.94 -7.35 -33.32
C THR H 206 -72.52 -7.65 -33.76
N GLN H 207 -71.70 -8.16 -32.84
CA GLN H 207 -70.28 -8.41 -33.12
C GLN H 207 -70.05 -9.76 -33.80
N THR H 208 -69.04 -9.80 -34.66
CA THR H 208 -68.67 -11.02 -35.37
C THR H 208 -67.34 -11.53 -34.81
N TYR H 209 -67.29 -12.81 -34.46
CA TYR H 209 -66.09 -13.38 -33.85
C TYR H 209 -65.44 -14.45 -34.72
N ILE H 210 -64.18 -14.22 -35.07
CA ILE H 210 -63.42 -15.11 -35.94
C ILE H 210 -62.18 -15.64 -35.23
N CYS H 211 -62.00 -16.96 -35.22
CA CYS H 211 -60.78 -17.54 -34.67
C CYS H 211 -59.83 -17.90 -35.81
N ASN H 212 -58.60 -17.41 -35.72
CA ASN H 212 -57.62 -17.64 -36.78
C ASN H 212 -56.58 -18.67 -36.37
N VAL H 213 -56.73 -19.90 -36.88
CA VAL H 213 -55.85 -20.99 -36.53
C VAL H 213 -54.74 -21.17 -37.56
N ASN H 214 -53.50 -21.30 -37.09
CA ASN H 214 -52.36 -21.50 -37.97
C ASN H 214 -51.49 -22.67 -37.54
N HIS H 215 -51.19 -23.56 -38.49
CA HIS H 215 -50.35 -24.71 -38.22
C HIS H 215 -49.25 -24.81 -39.28
N LYS H 216 -48.08 -24.25 -38.96
CA LYS H 216 -46.95 -24.21 -39.90
C LYS H 216 -46.43 -25.55 -40.44
N PRO H 217 -46.33 -26.60 -39.58
CA PRO H 217 -45.84 -27.87 -40.12
C PRO H 217 -46.64 -28.40 -41.32
N SER H 218 -47.96 -28.36 -41.23
CA SER H 218 -48.80 -28.83 -42.33
C SER H 218 -49.21 -27.69 -43.26
N ASN H 219 -48.81 -26.47 -42.91
CA ASN H 219 -49.18 -25.27 -43.66
C ASN H 219 -50.70 -25.15 -43.78
N THR H 220 -51.38 -25.29 -42.65
CA THR H 220 -52.84 -25.23 -42.60
C THR H 220 -53.31 -23.93 -41.96
N LYS H 221 -53.83 -23.02 -42.78
CA LYS H 221 -54.33 -21.75 -42.29
C LYS H 221 -55.85 -21.70 -42.36
N VAL H 222 -56.50 -21.78 -41.20
CA VAL H 222 -57.96 -21.81 -41.15
C VAL H 222 -58.53 -20.62 -40.38
N ASP H 223 -59.60 -20.03 -40.91
CA ASP H 223 -60.29 -18.92 -40.28
C ASP H 223 -61.78 -19.20 -40.17
N LYS H 224 -62.22 -19.64 -38.99
CA LYS H 224 -63.64 -19.96 -38.81
C LYS H 224 -64.38 -18.86 -38.06
N LYS H 225 -65.68 -18.77 -38.33
CA LYS H 225 -66.56 -17.80 -37.70
C LYS H 225 -67.46 -18.50 -36.71
N VAL H 226 -67.81 -17.83 -35.63
CA VAL H 226 -68.64 -18.45 -34.59
C VAL H 226 -69.87 -17.61 -34.30
N GLU H 227 -71.02 -18.28 -34.28
CA GLU H 227 -72.32 -17.66 -34.07
C GLU H 227 -73.26 -18.64 -33.37
N PRO H 228 -74.36 -18.14 -32.77
CA PRO H 228 -75.36 -19.03 -32.16
C PRO H 228 -75.97 -19.97 -33.20
N LYS H 229 -76.29 -21.19 -32.79
CA LYS H 229 -76.82 -22.21 -33.71
C LYS H 229 -78.14 -21.80 -34.35
N SER H 230 -78.33 -22.26 -35.58
CA SER H 230 -79.55 -21.96 -36.33
C SER H 230 -80.64 -22.99 -36.07
N CYS H 231 -81.60 -22.62 -35.22
CA CYS H 231 -82.70 -23.50 -34.87
C CYS H 231 -83.71 -23.61 -36.02
N ASP I 1 30.10 -13.60 3.16
CA ASP I 1 29.89 -14.50 4.30
C ASP I 1 29.24 -13.76 5.46
N ILE I 2 28.50 -14.51 6.28
CA ILE I 2 27.83 -13.93 7.45
C ILE I 2 28.53 -14.38 8.73
N GLN I 3 29.15 -13.42 9.42
CA GLN I 3 29.85 -13.71 10.66
C GLN I 3 28.88 -13.74 11.84
N MET I 4 28.96 -14.80 12.65
CA MET I 4 28.13 -14.94 13.84
C MET I 4 28.97 -14.65 15.09
N THR I 5 28.39 -13.92 16.04
CA THR I 5 29.12 -13.53 17.25
C THR I 5 28.41 -13.91 18.55
N GLN I 6 28.92 -14.91 19.25
CA GLN I 6 28.39 -15.33 20.54
C GLN I 6 29.14 -14.63 21.66
N VAL I 7 28.41 -13.92 22.51
CA VAL I 7 29.01 -13.01 23.48
C VAL I 7 29.58 -13.66 24.77
N PRO I 8 28.82 -14.54 25.44
CA PRO I 8 29.28 -15.04 26.75
C PRO I 8 30.55 -15.90 26.75
N VAL I 9 30.82 -16.61 25.66
CA VAL I 9 31.96 -17.55 25.48
C VAL I 9 32.19 -18.51 26.65
N SER I 10 32.28 -18.02 27.89
CA SER I 10 32.39 -18.90 29.05
C SER I 10 31.42 -18.45 30.13
N LEU I 11 30.81 -19.40 30.84
CA LEU I 11 29.75 -19.05 31.76
C LEU I 11 29.65 -19.98 32.98
N SER I 12 29.36 -19.39 34.13
CA SER I 12 29.20 -20.15 35.37
C SER I 12 27.90 -19.81 36.08
N ALA I 13 27.06 -20.82 36.32
CA ALA I 13 25.81 -20.63 37.03
C ALA I 13 25.41 -21.90 37.76
N PHE I 14 24.97 -21.77 39.01
CA PHE I 14 24.64 -22.94 39.81
C PHE I 14 23.29 -23.52 39.39
N VAL I 15 23.01 -24.74 39.83
CA VAL I 15 21.75 -25.40 39.52
C VAL I 15 20.56 -24.58 40.03
N GLY I 16 19.52 -24.47 39.22
CA GLY I 16 18.34 -23.71 39.57
C GLY I 16 18.37 -22.24 39.17
N ASP I 17 19.47 -21.79 38.58
CA ASP I 17 19.60 -20.40 38.14
C ASP I 17 19.14 -20.18 36.71
N ARG I 18 19.14 -18.92 36.29
CA ARG I 18 18.81 -18.54 34.92
C ARG I 18 20.05 -18.04 34.20
N VAL I 19 20.23 -18.45 32.95
CA VAL I 19 21.41 -18.09 32.18
C VAL I 19 21.06 -17.66 30.76
N SER I 20 21.66 -16.56 30.31
CA SER I 20 21.35 -15.99 29.00
C SER I 20 22.54 -16.01 28.04
N ILE I 21 22.31 -16.49 26.83
CA ILE I 21 23.35 -16.55 25.79
C ILE I 21 22.92 -15.71 24.59
N THR I 22 23.84 -14.89 24.07
CA THR I 22 23.53 -13.96 23.00
C THR I 22 24.24 -14.30 21.69
N CYS I 23 23.59 -14.03 20.56
CA CYS I 23 24.17 -14.25 19.23
C CYS I 23 23.89 -13.05 18.31
N ARG I 24 24.95 -12.38 17.91
CA ARG I 24 24.88 -11.17 17.08
C ARG I 24 25.25 -11.47 15.62
N ALA I 25 24.38 -11.06 14.69
CA ALA I 25 24.63 -11.35 13.28
C ALA I 25 25.28 -10.17 12.55
N SER I 26 26.14 -10.48 11.60
CA SER I 26 26.76 -9.45 10.76
C SER I 26 25.75 -8.85 9.79
N GLN I 27 24.77 -9.65 9.39
CA GLN I 27 23.74 -9.21 8.45
C GLN I 27 22.37 -9.68 8.93
N ASP I 28 21.32 -9.23 8.24
CA ASP I 28 19.96 -9.58 8.61
C ASP I 28 19.69 -11.05 8.33
N ILE I 29 19.46 -11.83 9.38
CA ILE I 29 19.18 -13.25 9.25
C ILE I 29 17.68 -13.50 9.08
N SER I 30 16.88 -12.62 9.67
CA SER I 30 15.42 -12.71 9.63
C SER I 30 14.89 -14.07 10.10
N ARG I 31 15.01 -14.32 11.40
CA ARG I 31 14.42 -15.47 12.09
C ARG I 31 15.07 -16.84 11.89
N TRP I 32 15.81 -17.03 10.80
CA TRP I 32 16.30 -18.38 10.48
C TRP I 32 17.67 -18.70 11.07
N LEU I 33 17.64 -19.00 12.37
CA LEU I 33 18.80 -19.34 13.17
C LEU I 33 18.51 -20.66 13.89
N ALA I 34 19.54 -21.34 14.36
CA ALA I 34 19.32 -22.55 15.17
C ALA I 34 20.34 -22.64 16.30
N TRP I 35 19.93 -23.25 17.41
CA TRP I 35 20.82 -23.46 18.56
C TRP I 35 21.12 -24.93 18.72
N TYR I 36 22.37 -25.25 19.06
CA TYR I 36 22.78 -26.63 19.25
C TYR I 36 23.41 -26.84 20.62
N GLN I 37 23.21 -28.03 21.16
CA GLN I 37 23.80 -28.40 22.45
C GLN I 37 24.79 -29.54 22.26
N GLN I 38 25.98 -29.39 22.82
CA GLN I 38 26.99 -30.44 22.72
C GLN I 38 27.57 -30.80 24.07
N LYS I 39 27.15 -31.95 24.60
CA LYS I 39 27.69 -32.45 25.86
C LYS I 39 29.06 -33.06 25.56
N PRO I 40 29.97 -33.04 26.55
CA PRO I 40 31.34 -33.49 26.33
C PRO I 40 31.45 -34.94 25.86
N GLY I 41 32.31 -35.17 24.87
CA GLY I 41 32.52 -36.49 24.31
C GLY I 41 31.37 -37.00 23.46
N ARG I 42 30.51 -36.09 23.01
CA ARG I 42 29.35 -36.46 22.20
C ARG I 42 29.11 -35.45 21.09
N ALA I 43 28.30 -35.83 20.10
CA ALA I 43 28.04 -34.98 18.95
C ALA I 43 26.99 -33.92 19.27
N PRO I 44 27.00 -32.81 18.52
CA PRO I 44 25.99 -31.76 18.76
C PRO I 44 24.57 -32.24 18.48
N LYS I 45 23.62 -31.63 19.18
CA LYS I 45 22.21 -31.99 19.05
C LYS I 45 21.38 -30.73 18.81
N LEU I 46 20.42 -30.80 17.89
CA LEU I 46 19.59 -29.63 17.61
C LEU I 46 18.63 -29.38 18.76
N LEU I 47 18.69 -28.16 19.30
CA LEU I 47 17.85 -27.80 20.44
C LEU I 47 16.60 -27.06 19.99
N ILE I 48 16.79 -25.92 19.35
CA ILE I 48 15.67 -25.15 18.83
C ILE I 48 15.99 -24.66 17.41
N TYR I 49 14.97 -24.71 16.55
CA TYR I 49 15.13 -24.29 15.16
C TYR I 49 14.24 -23.08 14.91
N ALA I 50 14.59 -22.31 13.87
CA ALA I 50 14.04 -20.97 13.66
C ALA I 50 14.48 -20.13 14.86
N ALA I 51 13.82 -19.00 15.07
CA ALA I 51 14.21 -18.16 16.20
C ALA I 51 13.85 -18.83 17.53
N SER I 52 12.67 -19.45 17.58
CA SER I 52 12.12 -19.90 18.85
C SER I 52 11.49 -21.31 18.90
N SER I 53 11.48 -22.04 17.80
CA SER I 53 10.79 -23.34 17.78
C SER I 53 11.61 -24.44 18.42
N LEU I 54 11.08 -25.04 19.48
CA LEU I 54 11.75 -26.13 20.19
C LEU I 54 11.67 -27.45 19.44
N GLN I 55 12.76 -28.21 19.49
CA GLN I 55 12.82 -29.53 18.89
C GLN I 55 12.06 -30.52 19.76
N GLY I 56 11.55 -31.59 19.17
CA GLY I 56 10.84 -32.61 19.90
C GLY I 56 11.64 -33.21 21.05
N GLY I 57 11.06 -33.20 22.24
CA GLY I 57 11.70 -33.74 23.42
C GLY I 57 12.48 -32.73 24.24
N VAL I 58 12.57 -31.50 23.77
CA VAL I 58 13.26 -30.45 24.49
C VAL I 58 12.34 -29.76 25.50
N PRO I 59 12.81 -29.59 26.74
CA PRO I 59 11.97 -29.00 27.81
C PRO I 59 11.74 -27.50 27.58
N SER I 60 10.68 -26.98 28.19
CA SER I 60 10.32 -25.58 28.05
C SER I 60 11.24 -24.65 28.84
N ARG I 61 12.17 -25.22 29.59
CA ARG I 61 13.22 -24.43 30.26
C ARG I 61 13.95 -23.57 29.25
N PHE I 62 14.16 -24.13 28.07
CA PHE I 62 14.84 -23.48 26.97
C PHE I 62 13.92 -22.55 26.21
N ARG I 63 14.31 -21.29 26.08
CA ARG I 63 13.52 -20.32 25.33
C ARG I 63 14.39 -19.50 24.39
N GLY I 64 14.09 -19.60 23.10
CA GLY I 64 14.81 -18.83 22.09
C GLY I 64 14.06 -17.57 21.73
N SER I 65 14.80 -16.49 21.52
CA SER I 65 14.20 -15.22 21.15
C SER I 65 15.07 -14.50 20.12
N GLY I 66 14.45 -13.65 19.31
CA GLY I 66 15.21 -12.85 18.39
C GLY I 66 14.66 -12.76 16.98
N SER I 67 15.20 -11.79 16.23
CA SER I 67 14.81 -11.55 14.85
C SER I 67 15.83 -10.61 14.23
N GLY I 68 15.98 -10.66 12.91
CA GLY I 68 16.89 -9.78 12.22
C GLY I 68 18.35 -10.10 12.50
N THR I 69 18.90 -9.48 13.54
CA THR I 69 20.32 -9.63 13.84
C THR I 69 20.63 -9.93 15.30
N GLU I 70 19.64 -9.75 16.18
CA GLU I 70 19.84 -9.99 17.60
C GLU I 70 19.11 -11.25 18.06
N PHE I 71 19.85 -12.26 18.53
CA PHE I 71 19.22 -13.50 18.98
C PHE I 71 19.75 -13.95 20.34
N THR I 72 18.89 -14.61 21.11
CA THR I 72 19.25 -15.07 22.46
C THR I 72 18.67 -16.43 22.82
N LEU I 73 19.43 -17.19 23.60
CA LEU I 73 18.96 -18.44 24.19
C LEU I 73 19.06 -18.31 25.70
N THR I 74 17.94 -18.48 26.40
CA THR I 74 17.97 -18.41 27.85
C THR I 74 17.48 -19.72 28.47
N ILE I 75 18.20 -20.19 29.48
CA ILE I 75 17.86 -21.43 30.16
C ILE I 75 17.45 -21.17 31.60
N SER I 76 16.20 -21.46 31.92
CA SER I 76 15.70 -21.29 33.28
C SER I 76 15.71 -22.62 34.01
N GLY I 77 15.78 -22.57 35.34
CA GLY I 77 15.81 -23.77 36.15
C GLY I 77 16.88 -24.77 35.76
N LEU I 78 18.13 -24.33 35.74
CA LEU I 78 19.24 -25.17 35.31
C LEU I 78 19.27 -26.51 36.03
N GLN I 79 19.65 -27.53 35.29
CA GLN I 79 19.74 -28.89 35.80
C GLN I 79 21.13 -29.39 35.47
N PRO I 80 21.59 -30.42 36.19
CA PRO I 80 22.92 -30.96 35.88
C PRO I 80 23.07 -31.41 34.43
N GLU I 81 22.02 -31.91 33.78
CA GLU I 81 22.14 -32.32 32.39
C GLU I 81 22.33 -31.13 31.43
N ASP I 82 22.02 -29.91 31.87
CA ASP I 82 22.12 -28.75 30.97
C ASP I 82 23.52 -28.15 30.80
N PHE I 83 24.50 -28.69 31.52
CA PHE I 83 25.84 -28.12 31.42
C PHE I 83 26.62 -28.72 30.24
N ALA I 84 26.74 -27.91 29.20
CA ALA I 84 27.34 -28.30 27.93
C ALA I 84 27.75 -27.06 27.14
N THR I 85 28.26 -27.26 25.94
CA THR I 85 28.63 -26.14 25.07
C THR I 85 27.52 -25.88 24.04
N TYR I 86 27.16 -24.61 23.88
CA TYR I 86 26.04 -24.22 23.00
C TYR I 86 26.52 -23.39 21.80
N TYR I 87 25.96 -23.68 20.63
CA TYR I 87 26.33 -22.99 19.39
C TYR I 87 25.12 -22.48 18.63
N CYS I 88 25.16 -21.24 18.16
CA CYS I 88 24.11 -20.78 17.24
C CYS I 88 24.58 -20.94 15.79
N GLN I 89 23.63 -20.97 14.87
CA GLN I 89 23.90 -21.20 13.45
C GLN I 89 22.92 -20.47 12.54
N GLN I 90 23.44 -19.72 11.57
CA GLN I 90 22.57 -19.07 10.59
C GLN I 90 22.28 -20.02 9.43
N GLY I 91 21.03 -20.03 8.99
CA GLY I 91 20.62 -20.85 7.87
C GLY I 91 20.03 -20.01 6.75
N SER I 92 20.29 -18.70 6.81
CA SER I 92 19.73 -17.77 5.83
C SER I 92 20.37 -17.95 4.45
N THR I 93 21.68 -18.12 4.40
CA THR I 93 22.41 -18.21 3.14
C THR I 93 23.69 -19.03 3.26
N PHE I 94 24.13 -19.59 2.14
CA PHE I 94 25.43 -20.24 2.06
C PHE I 94 26.50 -19.17 1.91
N PRO I 95 27.67 -19.38 2.55
CA PRO I 95 28.04 -20.50 3.41
C PRO I 95 27.42 -20.43 4.80
N TYR I 96 26.92 -21.55 5.30
CA TYR I 96 26.36 -21.60 6.65
C TYR I 96 27.49 -21.47 7.65
N THR I 97 27.22 -20.79 8.77
CA THR I 97 28.26 -20.50 9.75
C THR I 97 27.83 -20.80 11.18
N SER I 98 28.69 -21.53 11.89
CA SER I 98 28.50 -21.77 13.32
C SER I 98 29.27 -20.72 14.12
N VAL I 99 29.64 -21.02 15.36
CA VAL I 99 30.26 -19.99 16.21
C VAL I 99 31.35 -20.57 17.15
N LEU I 100 31.98 -19.68 17.93
CA LEU I 100 32.95 -20.04 18.98
C LEU I 100 32.28 -20.83 20.10
N GLY I 101 31.02 -20.50 20.36
CA GLY I 101 30.20 -21.25 21.30
C GLY I 101 30.37 -20.80 22.73
N THR I 102 29.39 -21.15 23.57
CA THR I 102 29.44 -20.79 24.98
C THR I 102 29.52 -22.03 25.86
N ILE I 103 30.58 -22.10 26.67
CA ILE I 103 30.79 -23.21 27.59
C ILE I 103 30.11 -22.92 28.93
N LEU I 104 29.29 -23.85 29.41
CA LEU I 104 28.57 -23.66 30.67
C LEU I 104 29.18 -24.50 31.78
N GLY I 105 29.70 -23.81 32.78
CA GLY I 105 30.39 -24.39 33.93
C GLY I 105 29.66 -24.29 35.26
N ILE I 106 30.20 -24.99 36.27
CA ILE I 106 29.60 -25.06 37.61
C ILE I 106 30.39 -24.27 38.65
N PRO I 107 29.74 -23.27 39.27
CA PRO I 107 30.30 -22.53 40.41
C PRO I 107 30.11 -23.22 41.76
N GLY I 108 31.21 -23.64 42.35
CA GLY I 108 31.19 -24.28 43.66
C GLY I 108 32.07 -23.58 44.67
N THR I 109 31.83 -22.28 44.86
CA THR I 109 32.58 -21.39 45.77
C THR I 109 34.09 -21.37 45.51
N VAL I 110 34.73 -20.29 45.97
CA VAL I 110 36.16 -20.09 45.74
C VAL I 110 37.03 -21.05 46.54
N ALA I 111 37.98 -21.69 45.86
CA ALA I 111 38.92 -22.59 46.50
C ALA I 111 40.34 -22.31 46.05
N ALA I 112 41.23 -22.04 47.00
CA ALA I 112 42.61 -21.75 46.68
C ALA I 112 43.36 -23.03 46.34
N PRO I 113 44.33 -22.96 45.42
CA PRO I 113 45.10 -24.14 45.03
C PRO I 113 46.22 -24.52 45.99
N SER I 114 46.49 -25.81 46.09
CA SER I 114 47.64 -26.32 46.82
C SER I 114 48.81 -26.49 45.84
N VAL I 115 49.84 -25.66 46.02
CA VAL I 115 50.96 -25.63 45.09
C VAL I 115 52.08 -26.59 45.47
N PHE I 116 52.55 -27.36 44.49
CA PHE I 116 53.60 -28.34 44.69
C PHE I 116 54.69 -28.17 43.64
N ILE I 117 55.93 -28.48 44.00
CA ILE I 117 57.03 -28.35 43.06
C ILE I 117 57.78 -29.67 42.89
N PHE I 118 58.16 -29.97 41.65
CA PHE I 118 58.83 -31.21 41.33
C PHE I 118 60.09 -30.99 40.50
N PRO I 119 61.25 -31.39 41.04
CA PRO I 119 62.51 -31.32 40.30
C PRO I 119 62.58 -32.40 39.23
N PRO I 120 63.49 -32.28 38.27
CA PRO I 120 63.66 -33.33 37.25
C PRO I 120 64.42 -34.54 37.80
N SER I 121 64.02 -35.73 37.38
CA SER I 121 64.63 -36.95 37.88
C SER I 121 66.04 -37.17 37.33
N ASP I 122 66.78 -38.04 38.00
CA ASP I 122 68.13 -38.39 37.59
C ASP I 122 68.11 -39.32 36.39
N GLU I 123 66.97 -39.98 36.20
CA GLU I 123 66.78 -40.87 35.06
C GLU I 123 66.65 -40.07 33.78
N GLN I 124 66.08 -38.89 33.88
CA GLN I 124 65.78 -38.11 32.71
C GLN I 124 67.01 -37.35 32.20
N LEU I 125 67.84 -36.87 33.13
CA LEU I 125 69.03 -36.08 32.79
C LEU I 125 70.04 -36.87 31.98
N LYS I 126 69.91 -38.20 32.01
CA LYS I 126 70.75 -39.06 31.20
C LYS I 126 70.45 -38.86 29.71
N SER I 127 69.19 -38.65 29.39
CA SER I 127 68.76 -38.45 28.01
C SER I 127 69.25 -37.13 27.43
N GLY I 128 69.52 -36.16 28.29
CA GLY I 128 69.97 -34.85 27.83
C GLY I 128 68.93 -33.76 27.93
N THR I 129 67.84 -34.01 28.64
CA THR I 129 66.77 -33.04 28.80
C THR I 129 66.33 -32.86 30.26
N ALA I 130 65.81 -31.68 30.58
CA ALA I 130 65.38 -31.39 31.93
C ALA I 130 63.98 -30.78 31.95
N SER I 131 63.11 -31.40 32.77
CA SER I 131 61.71 -31.01 32.94
C SER I 131 61.37 -30.76 34.41
N VAL I 132 60.89 -29.55 34.70
CA VAL I 132 60.42 -29.18 36.02
C VAL I 132 58.90 -29.05 35.99
N VAL I 133 58.21 -29.55 37.00
CA VAL I 133 56.75 -29.52 36.99
C VAL I 133 56.18 -28.80 38.20
N CYS I 134 55.21 -27.91 37.96
CA CYS I 134 54.53 -27.17 39.01
C CYS I 134 53.06 -27.54 39.04
N LEU I 135 52.62 -28.13 40.16
CA LEU I 135 51.26 -28.63 40.28
C LEU I 135 50.36 -27.77 41.16
N LEU I 136 49.20 -27.39 40.61
CA LEU I 136 48.18 -26.67 41.36
C LEU I 136 47.00 -27.61 41.58
N ASN I 137 46.72 -27.96 42.83
CA ASN I 137 45.71 -28.97 43.10
C ASN I 137 44.39 -28.43 43.66
N ASN I 138 43.28 -28.88 43.09
CA ASN I 138 41.93 -28.57 43.56
C ASN I 138 41.66 -27.10 43.84
N PHE I 139 41.27 -26.36 42.81
CA PHE I 139 40.96 -24.95 42.95
C PHE I 139 39.79 -24.49 42.08
N TYR I 140 39.20 -23.36 42.43
CA TYR I 140 38.14 -22.75 41.64
C TYR I 140 38.17 -21.24 41.90
N PRO I 141 38.00 -20.42 40.86
CA PRO I 141 37.76 -20.73 39.45
C PRO I 141 39.00 -21.17 38.68
N ARG I 142 38.80 -21.49 37.41
CA ARG I 142 39.85 -21.96 36.51
C ARG I 142 40.97 -20.92 36.34
N GLU I 143 40.61 -19.65 36.33
CA GLU I 143 41.56 -18.58 36.07
C GLU I 143 42.68 -18.53 37.11
N ALA I 144 43.85 -19.01 36.71
CA ALA I 144 45.03 -19.04 37.57
C ALA I 144 46.27 -18.70 36.76
N LYS I 145 47.11 -17.80 37.26
CA LYS I 145 48.29 -17.39 36.54
C LYS I 145 49.54 -18.06 37.14
N VAL I 146 50.36 -18.65 36.28
CA VAL I 146 51.56 -19.35 36.73
C VAL I 146 52.81 -18.86 36.00
N GLN I 147 53.83 -18.50 36.77
CA GLN I 147 55.08 -17.96 36.21
C GLN I 147 56.29 -18.70 36.76
N TRP I 148 57.23 -19.03 35.87
CA TRP I 148 58.44 -19.70 36.30
C TRP I 148 59.57 -18.71 36.53
N LYS I 149 60.40 -19.00 37.54
CA LYS I 149 61.58 -18.17 37.84
C LYS I 149 62.83 -19.01 38.12
N VAL I 150 63.81 -18.83 37.24
CA VAL I 150 65.10 -19.47 37.33
C VAL I 150 66.15 -18.41 37.65
N ASP I 151 66.63 -18.41 38.89
CA ASP I 151 67.52 -17.38 39.43
C ASP I 151 66.91 -15.98 39.30
N ASN I 152 65.64 -15.87 39.71
CA ASN I 152 64.88 -14.63 39.64
C ASN I 152 64.80 -14.10 38.22
N ALA I 153 64.62 -14.99 37.26
CA ALA I 153 64.51 -14.55 35.87
C ALA I 153 63.27 -15.13 35.23
N LEU I 154 62.32 -14.28 34.85
CA LEU I 154 61.08 -14.77 34.24
C LEU I 154 61.34 -15.57 32.94
N GLN I 155 60.63 -16.68 32.77
CA GLN I 155 60.79 -17.53 31.59
C GLN I 155 59.63 -17.33 30.64
N SER I 156 59.89 -17.46 29.34
CA SER I 156 58.83 -17.37 28.35
C SER I 156 59.16 -18.24 27.15
N GLY I 157 58.12 -18.88 26.63
CA GLY I 157 58.24 -19.74 25.47
C GLY I 157 58.95 -21.06 25.68
N ASN I 158 58.99 -21.55 26.91
CA ASN I 158 59.66 -22.81 27.20
C ASN I 158 58.89 -23.67 28.20
N SER I 159 57.60 -23.38 28.35
CA SER I 159 56.76 -24.12 29.28
C SER I 159 55.34 -24.32 28.72
N GLN I 160 54.68 -25.39 29.14
CA GLN I 160 53.35 -25.75 28.64
C GLN I 160 52.42 -26.15 29.77
N GLU I 161 51.18 -25.67 29.73
CA GLU I 161 50.20 -25.98 30.77
C GLU I 161 49.15 -27.00 30.32
N SER I 162 48.57 -27.67 31.30
CA SER I 162 47.48 -28.62 31.06
C SER I 162 46.46 -28.54 32.19
N VAL I 163 45.18 -28.58 31.84
CA VAL I 163 44.12 -28.47 32.84
C VAL I 163 43.18 -29.67 32.79
N THR I 164 42.75 -30.13 33.96
CA THR I 164 41.80 -31.23 34.03
C THR I 164 40.39 -30.72 33.83
N GLU I 165 39.45 -31.62 33.57
CA GLU I 165 38.06 -31.21 33.49
C GLU I 165 37.56 -30.95 34.90
N GLN I 166 36.42 -30.26 35.01
CA GLN I 166 35.83 -29.99 36.31
C GLN I 166 35.53 -31.32 36.99
N ASP I 167 35.83 -31.42 38.28
CA ASP I 167 35.63 -32.70 38.97
C ASP I 167 34.14 -32.94 39.21
N SER I 168 33.77 -34.22 39.21
CA SER I 168 32.36 -34.62 39.34
C SER I 168 31.88 -34.48 40.77
N LYS I 169 32.81 -34.53 41.72
CA LYS I 169 32.43 -34.56 43.12
C LYS I 169 32.51 -33.19 43.79
N ASP I 170 33.69 -32.57 43.80
CA ASP I 170 33.85 -31.26 44.43
C ASP I 170 33.82 -30.08 43.43
N SER I 171 33.73 -30.39 42.14
CA SER I 171 33.66 -29.37 41.08
C SER I 171 34.87 -28.43 41.02
N THR I 172 36.06 -28.96 41.30
CA THR I 172 37.27 -28.14 41.24
C THR I 172 38.16 -28.49 40.04
N TYR I 173 39.19 -27.68 39.82
CA TYR I 173 40.15 -27.91 38.75
C TYR I 173 41.54 -28.24 39.29
N SER I 174 42.39 -28.79 38.42
CA SER I 174 43.79 -29.04 38.75
C SER I 174 44.64 -28.68 37.54
N LEU I 175 45.80 -28.07 37.79
CA LEU I 175 46.64 -27.58 36.70
C LEU I 175 48.08 -28.05 36.85
N SER I 176 48.75 -28.27 35.72
CA SER I 176 50.16 -28.66 35.73
C SER I 176 50.97 -27.95 34.65
N SER I 177 51.83 -27.04 35.10
CA SER I 177 52.76 -26.37 34.19
C SER I 177 54.07 -27.14 34.14
N THR I 178 54.70 -27.18 32.97
CA THR I 178 55.92 -27.95 32.81
C THR I 178 57.00 -27.15 32.06
N LEU I 179 58.07 -26.85 32.77
CA LEU I 179 59.20 -26.12 32.22
C LEU I 179 60.21 -27.11 31.63
N THR I 180 60.56 -26.92 30.35
CA THR I 180 61.46 -27.84 29.68
C THR I 180 62.75 -27.14 29.27
N LEU I 181 63.88 -27.73 29.66
CA LEU I 181 65.18 -27.16 29.39
C LEU I 181 66.18 -28.25 29.02
N SER I 182 67.27 -27.86 28.35
CA SER I 182 68.32 -28.81 28.03
C SER I 182 69.15 -29.07 29.28
N LYS I 183 69.87 -30.19 29.29
CA LYS I 183 70.74 -30.54 30.41
C LYS I 183 71.79 -29.45 30.66
N ALA I 184 72.36 -28.95 29.56
CA ALA I 184 73.34 -27.87 29.62
C ALA I 184 72.77 -26.59 30.23
N ASP I 185 71.58 -26.19 29.79
CA ASP I 185 70.95 -24.98 30.32
C ASP I 185 70.47 -25.21 31.74
N TYR I 186 70.01 -26.43 32.01
CA TYR I 186 69.56 -26.76 33.37
C TYR I 186 70.76 -26.76 34.33
N GLU I 187 71.94 -27.20 33.90
CA GLU I 187 73.06 -27.17 34.79
C GLU I 187 73.71 -25.80 35.03
N LYS I 188 73.27 -24.75 34.34
CA LYS I 188 73.85 -23.42 34.58
C LYS I 188 73.31 -22.64 35.79
N HIS I 189 72.04 -22.83 36.10
CA HIS I 189 71.38 -22.04 37.13
C HIS I 189 71.06 -22.88 38.35
N LYS I 190 70.92 -22.19 39.48
CA LYS I 190 70.73 -22.84 40.78
C LYS I 190 69.28 -22.92 41.27
N VAL I 191 68.64 -21.77 41.50
CA VAL I 191 67.31 -21.75 42.09
C VAL I 191 66.18 -21.80 41.06
N TYR I 192 65.26 -22.74 41.27
CA TYR I 192 64.10 -22.92 40.40
C TYR I 192 62.80 -22.76 41.19
N ALA I 193 61.86 -21.99 40.62
CA ALA I 193 60.62 -21.69 41.31
C ALA I 193 59.46 -21.41 40.37
N CYS I 194 58.25 -21.65 40.88
CA CYS I 194 57.04 -21.31 40.15
C CYS I 194 56.13 -20.45 41.02
N GLU I 195 55.84 -19.23 40.57
CA GLU I 195 54.99 -18.32 41.34
C GLU I 195 53.54 -18.38 40.87
N VAL I 196 52.63 -18.67 41.80
CA VAL I 196 51.22 -18.84 41.48
C VAL I 196 50.35 -17.69 41.97
N THR I 197 49.42 -17.25 41.12
CA THR I 197 48.48 -16.20 41.48
C THR I 197 47.04 -16.64 41.24
N HIS I 198 46.21 -16.58 42.28
CA HIS I 198 44.83 -17.01 42.18
C HIS I 198 44.01 -16.21 43.20
N GLN I 199 42.73 -15.95 42.90
CA GLN I 199 41.90 -15.10 43.76
C GLN I 199 41.68 -15.68 45.16
N GLY I 200 41.87 -16.98 45.31
CA GLY I 200 41.74 -17.62 46.61
C GLY I 200 42.88 -17.22 47.52
N LEU I 201 43.98 -16.77 46.92
CA LEU I 201 45.18 -16.32 47.64
C LEU I 201 45.20 -14.82 47.91
N ARG I 202 45.74 -14.45 49.06
CA ARG I 202 45.91 -13.04 49.42
C ARG I 202 47.16 -12.47 48.75
N SER I 203 48.17 -13.32 48.57
CA SER I 203 49.41 -12.96 47.91
C SER I 203 49.90 -14.12 47.06
N PRO I 204 50.69 -13.84 46.02
CA PRO I 204 51.19 -14.91 45.16
C PRO I 204 52.12 -15.88 45.89
N VAL I 205 51.74 -17.16 45.94
CA VAL I 205 52.55 -18.20 46.58
C VAL I 205 53.64 -18.70 45.64
N THR I 206 54.84 -18.88 46.19
CA THR I 206 56.01 -19.30 45.44
C THR I 206 56.63 -20.55 46.07
N LYS I 207 56.65 -21.66 45.33
CA LYS I 207 57.26 -22.90 45.80
C LYS I 207 58.60 -23.12 45.10
N SER I 208 59.67 -23.36 45.83
CA SER I 208 60.96 -23.44 45.15
C SER I 208 61.89 -24.57 45.59
N PHE I 209 62.94 -24.75 44.79
CA PHE I 209 64.04 -25.64 45.10
C PHE I 209 65.25 -25.10 44.35
N ASN I 210 66.41 -25.39 44.91
CA ASN I 210 67.66 -25.03 44.27
C ASN I 210 68.17 -26.26 43.64
N ARG I 211 69.06 -26.16 42.67
CA ARG I 211 69.50 -27.44 42.18
C ARG I 211 70.69 -28.06 42.94
N GLY I 212 70.53 -29.34 43.25
CA GLY I 212 71.63 -30.11 43.80
C GLY I 212 71.46 -30.44 45.23
N GLU I 213 70.67 -29.65 45.94
CA GLU I 213 70.49 -29.87 47.36
C GLU I 213 69.17 -30.60 47.61
N CYS I 214 69.06 -31.21 48.79
CA CYS I 214 67.87 -31.98 49.14
C CYS I 214 66.74 -31.08 49.64
N GLN J 1 37.81 24.35 -12.09
CA GLN J 1 36.82 25.27 -12.65
C GLN J 1 36.27 24.73 -13.97
N VAL J 2 34.94 24.71 -14.07
CA VAL J 2 34.25 24.21 -15.26
C VAL J 2 33.89 25.36 -16.22
N GLN J 3 34.16 25.15 -17.50
CA GLN J 3 33.96 26.21 -18.50
C GLN J 3 33.47 25.70 -19.86
N LEU J 4 32.73 26.56 -20.55
CA LEU J 4 32.24 26.27 -21.89
C LEU J 4 32.63 27.39 -22.86
N ALA J 5 33.71 27.19 -23.60
CA ALA J 5 34.21 28.21 -24.51
C ALA J 5 33.59 28.09 -25.90
N GLN J 6 32.85 29.11 -26.31
CA GLN J 6 32.19 29.13 -27.62
C GLN J 6 33.03 29.80 -28.70
N SER J 7 32.66 29.56 -29.95
CA SER J 7 33.32 30.16 -31.10
C SER J 7 32.91 31.63 -31.29
N GLU J 8 33.66 32.35 -32.13
CA GLU J 8 33.42 33.77 -32.36
C GLU J 8 32.12 34.03 -33.12
N ASN J 9 31.64 35.26 -33.04
CA ASN J 9 30.41 35.69 -33.70
C ASN J 9 30.53 35.57 -35.22
N GLU J 10 29.40 35.28 -35.87
CA GLU J 10 29.41 35.07 -37.32
C GLU J 10 28.45 35.96 -38.08
N LEU J 11 28.83 36.33 -39.30
CA LEU J 11 27.98 37.11 -40.19
C LEU J 11 27.70 36.33 -41.47
N LYS J 12 26.42 36.07 -41.74
CA LYS J 12 26.05 35.27 -42.90
C LYS J 12 24.91 35.89 -43.72
N LYS J 13 24.74 35.36 -44.92
CA LYS J 13 23.71 35.82 -45.85
C LYS J 13 22.53 34.84 -45.88
N PRO J 14 21.33 35.31 -46.28
CA PRO J 14 20.18 34.41 -46.39
C PRO J 14 20.49 33.20 -47.28
N GLY J 15 20.05 32.03 -46.83
CA GLY J 15 20.49 30.78 -47.43
C GLY J 15 21.70 30.38 -46.61
N ALA J 16 22.61 29.61 -47.20
CA ALA J 16 23.85 29.21 -46.55
C ALA J 16 23.62 28.51 -45.21
N SER J 17 24.71 28.28 -44.47
CA SER J 17 24.64 27.63 -43.17
C SER J 17 25.73 28.08 -42.21
N VAL J 18 25.59 27.74 -40.94
CA VAL J 18 26.55 28.10 -39.91
C VAL J 18 26.95 26.88 -39.07
N LYS J 19 28.18 26.89 -38.56
CA LYS J 19 28.62 25.83 -37.65
C LYS J 19 29.26 26.44 -36.40
N VAL J 20 28.47 26.56 -35.35
CA VAL J 20 28.94 27.10 -34.07
C VAL J 20 29.53 25.97 -33.22
N SER J 21 30.72 26.20 -32.68
CA SER J 21 31.38 25.20 -31.85
C SER J 21 31.38 25.60 -30.36
N CYS J 22 31.60 24.62 -29.50
CA CYS J 22 31.61 24.86 -28.06
C CYS J 22 32.59 23.92 -27.36
N LYS J 23 33.75 24.43 -27.00
CA LYS J 23 34.80 23.64 -26.35
C LYS J 23 34.52 23.47 -24.86
N THR J 24 34.66 22.23 -24.38
CA THR J 24 34.37 21.91 -22.98
C THR J 24 35.65 21.87 -22.13
N SER J 25 35.52 22.29 -20.86
CA SER J 25 36.64 22.30 -19.92
C SER J 25 36.21 22.03 -18.48
N GLY J 26 37.09 21.39 -17.73
CA GLY J 26 36.86 21.09 -16.32
C GLY J 26 35.95 19.94 -15.96
N TYR J 27 35.38 19.27 -16.95
CA TYR J 27 34.56 18.10 -16.69
C TYR J 27 34.69 17.11 -17.84
N THR J 28 34.35 15.85 -17.58
CA THR J 28 34.43 14.83 -18.61
C THR J 28 33.33 15.08 -19.62
N PHE J 29 33.71 15.27 -20.88
CA PHE J 29 32.76 15.54 -21.94
C PHE J 29 31.76 14.39 -22.07
N THR J 30 32.26 13.17 -22.01
CA THR J 30 31.42 11.98 -21.92
C THR J 30 30.78 12.03 -20.52
N ARG J 31 29.73 11.23 -20.27
CA ARG J 31 28.99 11.26 -18.99
C ARG J 31 28.13 12.53 -18.90
N PHE J 32 28.05 13.28 -19.99
CA PHE J 32 27.20 14.47 -20.03
C PHE J 32 26.55 14.71 -21.39
N GLY J 33 25.47 15.49 -21.40
CA GLY J 33 24.79 15.88 -22.62
C GLY J 33 24.92 17.37 -22.84
N MET J 34 24.60 17.82 -24.06
CA MET J 34 24.72 19.23 -24.41
C MET J 34 23.45 19.73 -25.09
N SER J 35 22.87 20.79 -24.55
CA SER J 35 21.70 21.42 -25.15
C SER J 35 22.06 22.75 -25.79
N TRP J 36 21.31 23.11 -26.84
CA TRP J 36 21.52 24.37 -27.54
C TRP J 36 20.23 25.17 -27.54
N VAL J 37 20.28 26.42 -27.06
CA VAL J 37 19.10 27.28 -27.05
C VAL J 37 19.47 28.65 -27.61
N ARG J 38 18.53 29.31 -28.27
CA ARG J 38 18.80 30.61 -28.87
C ARG J 38 17.86 31.69 -28.35
N GLN J 39 18.30 32.95 -28.50
CA GLN J 39 17.51 34.09 -28.07
C GLN J 39 17.57 35.23 -29.09
N ALA J 40 16.46 35.49 -29.76
CA ALA J 40 16.37 36.60 -30.71
C ALA J 40 16.35 37.90 -29.93
N PRO J 41 16.84 39.00 -30.55
CA PRO J 41 16.85 40.31 -29.89
C PRO J 41 15.49 40.71 -29.30
N GLY J 42 15.45 40.90 -27.99
CA GLY J 42 14.24 41.29 -27.29
C GLY J 42 13.25 40.15 -27.03
N GLN J 43 13.57 38.96 -27.53
CA GLN J 43 12.67 37.82 -27.37
C GLN J 43 13.13 36.89 -26.27
N GLY J 44 12.33 35.85 -26.00
CA GLY J 44 12.64 34.88 -24.96
C GLY J 44 13.53 33.75 -25.44
N LEU J 45 13.72 32.76 -24.59
CA LEU J 45 14.58 31.62 -24.92
C LEU J 45 13.83 30.55 -25.72
N GLU J 46 14.54 29.93 -26.66
CA GLU J 46 13.97 28.87 -27.47
C GLU J 46 14.89 27.66 -27.52
N TRP J 47 14.40 26.51 -27.07
CA TRP J 47 15.19 25.29 -27.05
C TRP J 47 15.25 24.68 -28.45
N MET J 48 16.46 24.40 -28.92
CA MET J 48 16.66 23.90 -30.27
C MET J 48 16.86 22.40 -30.31
N GLY J 49 17.75 21.91 -29.44
CA GLY J 49 18.03 20.48 -29.40
C GLY J 49 19.02 20.05 -28.33
N TRP J 50 19.22 18.74 -28.26
CA TRP J 50 20.10 18.14 -27.27
C TRP J 50 20.88 16.98 -27.91
N ILE J 51 22.11 16.76 -27.44
CA ILE J 51 22.92 15.66 -27.95
C ILE J 51 23.70 14.99 -26.81
N SER J 52 23.77 13.67 -26.85
CA SER J 52 24.49 12.92 -25.82
C SER J 52 25.98 12.88 -26.13
N GLY J 53 26.79 13.21 -25.14
CA GLY J 53 28.24 13.12 -25.28
C GLY J 53 28.70 11.69 -25.21
N TYR J 54 27.81 10.81 -24.75
CA TYR J 54 28.12 9.39 -24.61
C TYR J 54 27.74 8.60 -25.86
N THR J 55 26.45 8.61 -26.20
CA THR J 55 25.94 7.82 -27.32
C THR J 55 25.90 8.57 -28.65
N GLY J 56 25.87 9.90 -28.58
CA GLY J 56 25.72 10.71 -29.78
C GLY J 56 24.28 10.89 -30.22
N ASP J 57 23.36 10.26 -29.51
CA ASP J 57 21.93 10.38 -29.81
C ASP J 57 21.45 11.82 -29.70
N THR J 58 20.55 12.21 -30.59
CA THR J 58 20.08 13.59 -30.62
C THR J 58 18.57 13.71 -30.43
N LYS J 59 18.16 14.87 -29.91
CA LYS J 59 16.75 15.22 -29.74
C LYS J 59 16.55 16.62 -30.32
N TYR J 60 15.65 16.78 -31.28
CA TYR J 60 15.44 18.08 -31.91
C TYR J 60 14.04 18.64 -31.64
N ALA J 61 13.92 19.96 -31.79
CA ALA J 61 12.63 20.64 -31.66
C ALA J 61 11.88 20.60 -32.98
N ARG J 62 10.56 20.67 -32.92
CA ARG J 62 9.71 20.61 -34.12
C ARG J 62 10.04 21.71 -35.11
N SER J 63 10.40 22.89 -34.59
CA SER J 63 10.71 24.05 -35.43
C SER J 63 11.92 23.79 -36.33
N PHE J 64 12.89 23.05 -35.81
CA PHE J 64 14.10 22.73 -36.55
C PHE J 64 14.04 21.29 -37.05
N GLN J 65 12.97 20.95 -37.76
CA GLN J 65 12.71 19.58 -38.21
C GLN J 65 13.90 18.95 -38.96
N GLY J 66 14.42 19.64 -39.97
CA GLY J 66 15.54 19.12 -40.75
C GLY J 66 16.55 20.20 -41.09
N ARG J 67 16.40 21.35 -40.43
CA ARG J 67 17.29 22.49 -40.60
C ARG J 67 18.47 22.49 -39.65
N LEU J 68 18.29 21.89 -38.47
CA LEU J 68 19.35 21.84 -37.49
C LEU J 68 19.99 20.46 -37.41
N THR J 69 21.31 20.42 -37.23
CA THR J 69 22.03 19.17 -37.05
C THR J 69 23.08 19.33 -35.95
N LEU J 70 22.98 18.48 -34.93
CA LEU J 70 23.90 18.51 -33.80
C LEU J 70 24.91 17.37 -33.90
N THR J 71 26.19 17.71 -33.82
CA THR J 71 27.24 16.70 -33.90
C THR J 71 28.17 16.85 -32.71
N THR J 72 29.08 15.89 -32.56
CA THR J 72 29.99 15.89 -31.42
C THR J 72 31.35 15.28 -31.75
N ASP J 73 32.38 15.82 -31.11
CA ASP J 73 33.73 15.30 -31.20
C ASP J 73 34.13 14.92 -29.78
N THR J 74 34.32 13.63 -29.53
CA THR J 74 34.60 13.17 -28.17
C THR J 74 36.03 13.53 -27.74
N SER J 75 36.95 13.51 -28.69
CA SER J 75 38.35 13.85 -28.44
C SER J 75 38.95 14.53 -29.66
N THR J 76 39.10 15.85 -29.62
CA THR J 76 38.86 16.71 -28.45
C THR J 76 37.38 16.94 -28.12
N GLY J 77 37.10 17.04 -26.82
CA GLY J 77 35.73 17.17 -26.33
C GLY J 77 35.02 18.47 -26.64
N THR J 78 34.49 18.57 -27.86
CA THR J 78 33.80 19.76 -28.31
C THR J 78 32.47 19.40 -28.97
N ALA J 79 31.51 20.33 -28.94
CA ALA J 79 30.20 20.10 -29.54
C ALA J 79 29.89 21.14 -30.60
N TYR J 80 29.22 20.72 -31.67
CA TYR J 80 28.89 21.59 -32.78
C TYR J 80 27.38 21.64 -33.06
N MET J 81 26.95 22.70 -33.72
CA MET J 81 25.58 22.79 -34.23
C MET J 81 25.61 23.37 -35.65
N GLU J 82 24.78 22.81 -36.53
CA GLU J 82 24.72 23.28 -37.91
C GLU J 82 23.30 23.66 -38.29
N LEU J 83 23.10 24.94 -38.59
CA LEU J 83 21.78 25.43 -38.99
C LEU J 83 21.79 25.85 -40.46
N ARG J 84 21.04 25.13 -41.28
CA ARG J 84 21.01 25.37 -42.73
C ARG J 84 19.88 26.32 -43.15
N SER J 85 19.95 26.77 -44.39
CA SER J 85 18.93 27.63 -45.00
C SER J 85 18.52 28.80 -44.12
N LEU J 86 19.50 29.65 -43.78
CA LEU J 86 19.28 30.75 -42.84
C LEU J 86 18.34 31.83 -43.36
N ARG J 87 17.61 32.45 -42.44
CA ARG J 87 16.67 33.51 -42.74
C ARG J 87 16.97 34.70 -41.84
N SER J 88 16.35 35.84 -42.12
CA SER J 88 16.54 37.04 -41.30
C SER J 88 16.04 36.80 -39.87
N ASP J 89 15.05 35.93 -39.73
CA ASP J 89 14.46 35.62 -38.44
C ASP J 89 15.43 34.81 -37.57
N ASP J 90 16.37 34.11 -38.22
CA ASP J 90 17.35 33.29 -37.50
C ASP J 90 18.44 34.11 -36.82
N THR J 91 18.43 35.42 -37.03
CA THR J 91 19.39 36.30 -36.36
C THR J 91 19.15 36.28 -34.85
N ALA J 92 20.12 35.75 -34.11
CA ALA J 92 19.99 35.59 -32.66
C ALA J 92 21.31 35.21 -32.01
N ILE J 93 21.32 35.18 -30.68
CA ILE J 93 22.48 34.72 -29.93
C ILE J 93 22.27 33.27 -29.50
N TYR J 94 23.23 32.41 -29.83
CA TYR J 94 23.08 30.96 -29.65
C TYR J 94 23.91 30.44 -28.48
N TYR J 95 23.23 29.90 -27.47
CA TYR J 95 23.90 29.40 -26.27
C TYR J 95 24.15 27.89 -26.31
N CYS J 96 25.28 27.46 -25.77
CA CYS J 96 25.58 26.05 -25.61
C CYS J 96 25.51 25.72 -24.12
N VAL J 97 24.73 24.70 -23.77
CA VAL J 97 24.44 24.43 -22.36
C VAL J 97 24.59 22.96 -21.97
N ARG J 98 25.37 22.70 -20.93
CA ARG J 98 25.50 21.35 -20.38
C ARG J 98 24.13 21.00 -19.79
N ASN J 99 23.59 19.83 -20.14
CA ASN J 99 22.21 19.54 -19.75
C ASN J 99 21.88 18.21 -19.05
N ARG J 100 22.44 17.10 -19.47
CA ARG J 100 22.12 15.82 -18.81
C ARG J 100 23.32 14.97 -18.46
N VAL J 101 23.11 14.03 -17.54
CA VAL J 101 24.17 13.10 -17.15
C VAL J 101 24.02 11.81 -17.96
N GLN J 102 25.15 11.24 -18.36
CA GLN J 102 25.14 10.02 -19.16
C GLN J 102 26.09 8.99 -18.51
N MET J 103 26.04 7.76 -19.00
CA MET J 103 26.82 6.62 -18.49
C MET J 103 26.72 6.37 -16.98
N GLU J 104 25.76 7.01 -16.31
CA GLU J 104 25.54 6.70 -14.90
C GLU J 104 24.15 7.12 -14.46
N VAL J 105 23.62 6.42 -13.46
CA VAL J 105 22.30 6.69 -12.94
C VAL J 105 22.24 8.01 -12.17
N SER J 106 21.37 8.91 -12.61
CA SER J 106 21.19 10.20 -11.95
C SER J 106 19.72 10.63 -12.03
N PRO J 107 19.09 10.86 -10.86
CA PRO J 107 17.68 11.26 -10.83
C PRO J 107 17.45 12.71 -11.19
N ALA J 108 16.19 13.11 -11.36
CA ALA J 108 15.85 14.46 -11.77
C ALA J 108 15.81 15.44 -10.61
N THR J 109 16.27 15.01 -9.44
CA THR J 109 16.34 15.87 -8.27
C THR J 109 17.70 16.56 -8.18
N GLN J 110 18.52 16.37 -9.21
CA GLN J 110 19.86 16.93 -9.24
C GLN J 110 19.94 18.08 -10.22
N SER J 111 20.77 19.08 -9.90
CA SER J 111 20.95 20.25 -10.76
C SER J 111 21.44 19.88 -12.15
N THR J 112 22.21 18.80 -12.23
CA THR J 112 22.79 18.34 -13.49
C THR J 112 21.74 17.90 -14.49
N TRP J 113 20.57 17.48 -14.01
CA TRP J 113 19.47 17.09 -14.87
C TRP J 113 19.00 18.24 -15.74
N TYR J 114 19.10 19.44 -15.18
CA TYR J 114 18.64 20.64 -15.85
C TYR J 114 19.81 21.36 -16.52
N MET J 115 19.56 22.55 -17.03
CA MET J 115 20.57 23.28 -17.78
C MET J 115 21.52 24.01 -16.84
N ASP J 116 22.48 23.24 -16.35
CA ASP J 116 23.39 23.62 -15.27
C ASP J 116 24.48 24.63 -15.62
N LEU J 117 25.15 24.44 -16.76
CA LEU J 117 26.25 25.31 -17.17
C LEU J 117 26.01 25.97 -18.52
N TRP J 118 26.06 27.30 -18.56
CA TRP J 118 25.84 28.05 -19.79
C TRP J 118 27.13 28.66 -20.36
N GLY J 119 27.18 28.77 -21.68
CA GLY J 119 28.27 29.45 -22.36
C GLY J 119 27.96 30.94 -22.43
N ARG J 120 28.95 31.74 -22.77
CA ARG J 120 28.76 33.19 -22.90
C ARG J 120 27.78 33.57 -24.01
N GLY J 121 27.65 32.67 -24.98
CA GLY J 121 26.81 32.88 -26.15
C GLY J 121 27.55 33.30 -27.40
N THR J 122 26.95 32.99 -28.55
CA THR J 122 27.51 33.38 -29.85
C THR J 122 26.47 34.04 -30.77
N LEU J 123 26.70 35.31 -31.11
CA LEU J 123 25.80 36.03 -32.01
C LEU J 123 26.04 35.66 -33.48
N VAL J 124 24.99 35.25 -34.18
CA VAL J 124 25.07 35.05 -35.61
C VAL J 124 24.07 35.99 -36.29
N SER J 125 24.55 36.71 -37.29
CA SER J 125 23.73 37.72 -37.95
C SER J 125 23.46 37.33 -39.40
N VAL J 126 22.18 37.28 -39.76
CA VAL J 126 21.79 36.92 -41.13
C VAL J 126 21.19 38.12 -41.84
N SER J 127 21.96 38.72 -42.75
CA SER J 127 21.50 39.87 -43.51
C SER J 127 22.21 39.94 -44.86
N SER J 128 21.64 40.66 -45.80
CA SER J 128 22.21 40.76 -47.15
C SER J 128 23.40 41.74 -47.34
N PRO J 129 23.43 42.88 -46.62
CA PRO J 129 24.58 43.76 -46.85
C PRO J 129 25.90 43.29 -46.23
N SER J 130 27.00 43.77 -46.81
CA SER J 130 28.35 43.46 -46.34
C SER J 130 28.72 44.27 -45.10
N THR J 131 29.87 43.94 -44.51
CA THR J 131 30.34 44.62 -43.30
C THR J 131 30.67 46.08 -43.60
N LYS J 132 30.16 46.99 -42.77
CA LYS J 132 30.41 48.41 -42.98
C LYS J 132 30.66 49.16 -41.68
N GLY J 133 31.62 50.08 -41.72
CA GLY J 133 32.00 50.86 -40.56
C GLY J 133 31.03 52.00 -40.28
N PRO J 134 30.99 52.46 -39.03
CA PRO J 134 30.06 53.53 -38.62
C PRO J 134 30.46 54.93 -39.11
N SER J 135 29.51 55.85 -39.05
CA SER J 135 29.74 57.25 -39.39
C SER J 135 29.38 58.13 -38.20
N VAL J 136 30.38 58.70 -37.56
CA VAL J 136 30.15 59.48 -36.36
C VAL J 136 29.83 60.92 -36.73
N PHE J 137 28.80 61.50 -36.10
CA PHE J 137 28.38 62.88 -36.35
C PHE J 137 28.34 63.68 -35.05
N PRO J 138 28.64 64.99 -35.12
CA PRO J 138 28.67 65.73 -33.86
C PRO J 138 27.28 66.22 -33.42
N LEU J 139 26.99 66.04 -32.13
CA LEU J 139 25.74 66.50 -31.52
C LEU J 139 26.00 67.63 -30.51
N ALA J 140 25.88 68.88 -30.95
CA ALA J 140 26.19 70.03 -30.12
C ALA J 140 25.02 70.47 -29.22
N PRO J 141 25.33 71.08 -28.06
CA PRO J 141 24.33 71.62 -27.15
C PRO J 141 23.64 72.87 -27.71
N SER J 142 22.31 72.82 -27.88
CA SER J 142 21.58 73.91 -28.52
C SER J 142 20.89 74.87 -27.54
N SER J 143 20.33 75.95 -28.11
CA SER J 143 19.58 76.98 -27.38
C SER J 143 20.47 77.78 -26.42
N LYS J 144 19.83 78.69 -25.68
CA LYS J 144 20.55 79.57 -24.78
C LYS J 144 20.89 78.89 -23.45
N SER J 145 22.12 78.41 -23.34
CA SER J 145 22.58 77.74 -22.12
C SER J 145 21.65 76.59 -21.76
N THR J 146 21.23 75.84 -22.77
CA THR J 146 20.27 74.72 -22.66
C THR J 146 19.11 75.10 -21.75
N SER J 147 18.79 74.26 -20.76
CA SER J 147 17.74 74.58 -19.81
C SER J 147 18.16 75.75 -18.92
N GLY J 148 19.35 75.64 -18.35
CA GLY J 148 19.87 76.66 -17.47
C GLY J 148 20.82 76.08 -16.43
N GLY J 149 20.41 74.96 -15.86
CA GLY J 149 21.20 74.28 -14.84
C GLY J 149 22.02 73.12 -15.36
N THR J 150 21.37 72.21 -16.08
CA THR J 150 22.03 71.02 -16.61
C THR J 150 22.02 70.94 -18.13
N ALA J 151 23.11 70.44 -18.70
CA ALA J 151 23.25 70.37 -20.17
C ALA J 151 23.48 68.94 -20.65
N ALA J 152 23.13 68.69 -21.92
CA ALA J 152 23.33 67.38 -22.52
C ALA J 152 24.01 67.46 -23.89
N LEU J 153 24.93 66.53 -24.13
CA LEU J 153 25.64 66.43 -25.39
C LEU J 153 25.80 64.96 -25.74
N GLY J 154 26.19 64.65 -26.98
CA GLY J 154 26.34 63.26 -27.37
C GLY J 154 27.02 62.98 -28.70
N CYS J 155 26.98 61.71 -29.09
CA CYS J 155 27.55 61.25 -30.34
C CYS J 155 26.57 60.32 -31.04
N LEU J 156 26.41 60.50 -32.35
CA LEU J 156 25.48 59.67 -33.13
C LEU J 156 26.24 58.69 -34.00
N VAL J 157 26.22 57.42 -33.62
CA VAL J 157 26.88 56.37 -34.38
C VAL J 157 25.89 55.82 -35.39
N LYS J 158 26.03 56.23 -36.64
CA LYS J 158 25.03 55.92 -37.66
C LYS J 158 25.58 55.03 -38.76
N ASP J 159 24.69 54.22 -39.33
CA ASP J 159 25.04 53.37 -40.46
C ASP J 159 26.24 52.49 -40.18
N TYR J 160 26.03 51.37 -39.50
CA TYR J 160 27.09 50.38 -39.30
C TYR J 160 26.50 48.99 -39.30
N PHE J 161 27.34 47.99 -39.58
CA PHE J 161 26.89 46.60 -39.62
C PHE J 161 28.07 45.62 -39.58
N PRO J 162 27.94 44.55 -38.79
CA PRO J 162 26.85 44.26 -37.85
C PRO J 162 27.16 44.76 -36.43
N GLU J 163 26.33 44.37 -35.47
CA GLU J 163 26.59 44.69 -34.07
C GLU J 163 27.74 43.85 -33.53
N PRO J 164 28.38 44.29 -32.43
CA PRO J 164 28.12 45.49 -31.64
C PRO J 164 29.09 46.64 -31.88
N VAL J 165 28.77 47.80 -31.30
CA VAL J 165 29.66 48.95 -31.29
C VAL J 165 29.88 49.41 -29.85
N THR J 166 31.16 49.56 -29.48
CA THR J 166 31.51 50.00 -28.14
C THR J 166 31.69 51.51 -28.13
N VAL J 167 31.25 52.15 -27.05
CA VAL J 167 31.42 53.60 -26.92
C VAL J 167 31.73 53.99 -25.47
N SER J 168 32.67 54.91 -25.32
CA SER J 168 33.06 55.41 -24.00
C SER J 168 33.30 56.91 -24.10
N TRP J 169 33.29 57.59 -22.95
CA TRP J 169 33.51 59.03 -22.92
C TRP J 169 34.74 59.38 -22.11
N ASN J 170 35.62 60.18 -22.72
CA ASN J 170 36.91 60.55 -22.13
C ASN J 170 37.72 59.32 -21.74
N SER J 171 37.62 58.28 -22.55
CA SER J 171 38.31 57.00 -22.33
C SER J 171 38.02 56.43 -20.95
N GLY J 172 36.74 56.43 -20.56
CA GLY J 172 36.33 55.85 -19.31
C GLY J 172 36.36 56.78 -18.10
N ALA J 173 36.79 58.01 -18.30
CA ALA J 173 36.85 58.97 -17.20
C ALA J 173 35.47 59.48 -16.82
N LEU J 174 34.64 59.75 -17.83
CA LEU J 174 33.28 60.24 -17.61
C LEU J 174 32.28 59.09 -17.67
N THR J 175 31.71 58.73 -16.52
CA THR J 175 30.76 57.63 -16.44
C THR J 175 29.38 58.09 -15.98
N SER J 176 29.35 58.98 -14.99
CA SER J 176 28.09 59.47 -14.43
C SER J 176 27.28 60.26 -15.45
N GLY J 177 25.99 59.94 -15.54
CA GLY J 177 25.09 60.63 -16.45
C GLY J 177 25.12 60.13 -17.89
N VAL J 178 25.94 59.12 -18.15
CA VAL J 178 26.06 58.57 -19.50
C VAL J 178 24.92 57.60 -19.80
N HIS J 179 24.41 57.65 -21.03
CA HIS J 179 23.34 56.76 -21.47
C HIS J 179 23.54 56.28 -22.90
N THR J 180 24.15 55.12 -23.07
CA THR J 180 24.29 54.52 -24.39
C THR J 180 23.03 53.71 -24.71
N PHE J 181 22.37 54.09 -25.80
CA PHE J 181 21.10 53.48 -26.17
C PHE J 181 21.31 52.20 -26.96
N PRO J 182 20.35 51.26 -26.88
CA PRO J 182 20.44 50.06 -27.71
C PRO J 182 20.25 50.41 -29.18
N ALA J 183 20.91 49.65 -30.06
CA ALA J 183 20.87 49.93 -31.50
C ALA J 183 19.49 49.66 -32.09
N VAL J 184 19.18 50.37 -33.17
CA VAL J 184 17.93 50.19 -33.89
C VAL J 184 18.21 49.79 -35.33
N LEU J 185 17.40 48.90 -35.87
CA LEU J 185 17.55 48.46 -37.26
C LEU J 185 16.84 49.40 -38.21
N GLN J 186 17.58 49.90 -39.20
CA GLN J 186 17.02 50.83 -40.18
C GLN J 186 16.27 50.07 -41.27
N SER J 187 15.58 50.82 -42.13
CA SER J 187 14.88 50.24 -43.27
C SER J 187 15.88 49.63 -44.24
N SER J 188 17.06 50.26 -44.30
CA SER J 188 18.14 49.80 -45.18
C SER J 188 18.76 48.47 -44.73
N GLY J 189 18.56 48.12 -43.47
CA GLY J 189 19.13 46.90 -42.92
C GLY J 189 20.40 47.13 -42.12
N LEU J 190 20.78 48.40 -41.99
CA LEU J 190 21.96 48.78 -41.22
C LEU J 190 21.59 49.20 -39.82
N TYR J 191 22.53 49.13 -38.88
CA TYR J 191 22.26 49.52 -37.50
C TYR J 191 22.68 50.96 -37.21
N SER J 192 22.02 51.58 -36.22
CA SER J 192 22.35 52.93 -35.77
C SER J 192 22.05 53.10 -34.29
N LEU J 193 22.87 53.89 -33.59
CA LEU J 193 22.66 54.09 -32.15
C LEU J 193 23.22 55.44 -31.70
N SER J 194 22.77 55.88 -30.52
CA SER J 194 23.20 57.14 -29.95
C SER J 194 23.70 57.00 -28.52
N SER J 195 24.64 57.85 -28.14
CA SER J 195 25.17 57.90 -26.79
C SER J 195 25.23 59.34 -26.30
N VAL J 196 24.66 59.59 -25.13
CA VAL J 196 24.57 60.94 -24.59
C VAL J 196 25.04 61.01 -23.15
N VAL J 197 25.27 62.23 -22.66
CA VAL J 197 25.72 62.43 -21.29
C VAL J 197 25.28 63.80 -20.77
N THR J 198 24.81 63.84 -19.52
CA THR J 198 24.38 65.08 -18.89
C THR J 198 25.49 65.68 -18.02
N VAL J 199 25.79 66.95 -18.25
CA VAL J 199 26.85 67.65 -17.54
C VAL J 199 26.38 69.05 -17.13
N PRO J 200 27.07 69.69 -16.17
CA PRO J 200 26.68 71.07 -15.82
C PRO J 200 26.96 72.05 -16.96
N SER J 201 26.04 73.02 -17.12
CA SER J 201 26.15 74.02 -18.18
C SER J 201 27.42 74.86 -18.07
N SER J 202 27.88 75.08 -16.85
CA SER J 202 29.07 75.88 -16.61
C SER J 202 30.34 75.23 -17.14
N SER J 203 30.31 73.90 -17.26
CA SER J 203 31.48 73.14 -17.69
C SER J 203 31.71 73.09 -19.20
N LEU J 204 30.71 73.52 -19.98
CA LEU J 204 30.80 73.44 -21.45
C LEU J 204 32.01 74.17 -22.02
N GLY J 205 32.20 75.42 -21.60
CA GLY J 205 33.31 76.21 -22.10
C GLY J 205 34.66 75.75 -21.59
N THR J 206 34.72 75.38 -20.32
CA THR J 206 35.98 74.96 -19.70
C THR J 206 36.35 73.50 -19.97
N GLN J 207 35.42 72.59 -19.73
CA GLN J 207 35.70 71.16 -19.85
C GLN J 207 35.58 70.61 -21.28
N THR J 208 36.43 69.63 -21.59
CA THR J 208 36.49 68.97 -22.88
C THR J 208 35.94 67.53 -22.85
N TYR J 209 35.03 67.21 -23.76
CA TYR J 209 34.40 65.88 -23.81
C TYR J 209 34.62 65.13 -25.12
N ILE J 210 35.19 63.93 -25.03
CA ILE J 210 35.50 63.10 -26.19
C ILE J 210 34.79 61.74 -26.17
N CYS J 211 34.13 61.38 -27.27
CA CYS J 211 33.53 60.05 -27.39
C CYS J 211 34.40 59.10 -28.21
N ASN J 212 34.71 57.94 -27.64
CA ASN J 212 35.58 56.95 -28.30
C ASN J 212 34.79 55.74 -28.82
N VAL J 213 34.54 55.72 -30.12
CA VAL J 213 33.76 54.65 -30.75
C VAL J 213 34.63 53.54 -31.35
N ASN J 214 34.27 52.29 -31.07
CA ASN J 214 35.02 51.14 -31.59
C ASN J 214 34.13 50.10 -32.25
N HIS J 215 34.50 49.70 -33.47
CA HIS J 215 33.76 48.69 -34.21
C HIS J 215 34.71 47.62 -34.75
N LYS J 216 34.84 46.52 -34.01
CA LYS J 216 35.77 45.44 -34.36
C LYS J 216 35.57 44.76 -35.72
N PRO J 217 34.31 44.50 -36.14
CA PRO J 217 34.15 43.86 -37.45
C PRO J 217 34.83 44.60 -38.61
N SER J 218 34.64 45.92 -38.67
CA SER J 218 35.25 46.73 -39.72
C SER J 218 36.59 47.30 -39.29
N ASN J 219 36.96 47.07 -38.03
CA ASN J 219 38.18 47.62 -37.46
C ASN J 219 38.21 49.14 -37.57
N THR J 220 37.11 49.77 -37.17
CA THR J 220 36.97 51.22 -37.25
C THR J 220 37.06 51.86 -35.86
N LYS J 221 38.18 52.52 -35.58
CA LYS J 221 38.39 53.18 -34.30
C LYS J 221 38.32 54.70 -34.47
N VAL J 222 37.24 55.30 -33.98
CA VAL J 222 37.02 56.73 -34.14
C VAL J 222 36.94 57.47 -32.80
N ASP J 223 37.56 58.64 -32.74
CA ASP J 223 37.51 59.49 -31.55
C ASP J 223 37.08 60.91 -31.92
N LYS J 224 35.79 61.22 -31.78
CA LYS J 224 35.26 62.54 -32.13
C LYS J 224 34.95 63.46 -30.94
N LYS J 225 35.10 64.77 -31.15
CA LYS J 225 34.81 65.77 -30.14
C LYS J 225 33.61 66.69 -30.46
N VAL J 226 32.87 67.12 -29.43
CA VAL J 226 31.75 68.05 -29.61
C VAL J 226 31.75 69.21 -28.60
N GLU J 227 31.47 70.43 -29.10
CA GLU J 227 31.36 71.66 -28.30
C GLU J 227 30.33 72.55 -29.00
N PRO J 228 29.82 73.60 -28.33
CA PRO J 228 28.81 74.40 -29.05
C PRO J 228 29.30 75.03 -30.36
N LYS J 229 28.42 74.94 -31.36
CA LYS J 229 28.70 75.45 -32.70
C LYS J 229 28.80 76.97 -32.74
N SER J 230 29.65 77.48 -33.62
CA SER J 230 29.82 78.91 -33.79
C SER J 230 28.83 79.46 -34.82
N CYS J 231 27.75 80.06 -34.34
CA CYS J 231 26.74 80.64 -35.22
C CYS J 231 27.23 81.95 -35.83
N ASP K 1 4.39 17.54 -27.60
CA ASP K 1 5.14 18.61 -26.96
C ASP K 1 4.39 19.15 -25.74
N ILE K 2 5.15 19.66 -24.77
CA ILE K 2 4.55 20.22 -23.57
C ILE K 2 4.67 21.74 -23.57
N GLN K 3 3.53 22.42 -23.68
CA GLN K 3 3.51 23.87 -23.69
C GLN K 3 3.55 24.44 -22.27
N MET K 4 4.45 25.38 -22.05
CA MET K 4 4.57 26.05 -20.76
C MET K 4 3.93 27.43 -20.83
N THR K 5 3.19 27.82 -19.79
CA THR K 5 2.50 29.10 -19.80
C THR K 5 2.84 29.95 -18.57
N GLN K 6 3.61 31.01 -18.78
CA GLN K 6 3.96 31.94 -17.72
C GLN K 6 2.98 33.11 -17.71
N VAL K 7 2.32 33.32 -16.57
CA VAL K 7 1.17 34.23 -16.48
C VAL K 7 1.48 35.75 -16.37
N PRO K 8 2.38 36.16 -15.46
CA PRO K 8 2.54 37.61 -15.22
C PRO K 8 3.12 38.42 -16.40
N VAL K 9 3.91 37.79 -17.25
CA VAL K 9 4.62 38.38 -18.41
C VAL K 9 5.35 39.70 -18.09
N SER K 10 4.67 40.68 -17.50
CA SER K 10 5.35 41.91 -17.09
C SER K 10 4.94 42.27 -15.66
N LEU K 11 5.88 42.77 -14.87
CA LEU K 11 5.62 42.96 -13.45
C LEU K 11 6.37 44.14 -12.81
N SER K 12 5.71 44.85 -11.90
CA SER K 12 6.33 45.96 -11.19
C SER K 12 6.16 45.84 -9.68
N ALA K 13 7.26 45.84 -8.94
CA ALA K 13 7.21 45.80 -7.49
C ALA K 13 8.42 46.49 -6.88
N PHE K 14 8.18 47.31 -5.85
CA PHE K 14 9.22 48.13 -5.23
C PHE K 14 10.08 47.24 -4.32
N VAL K 15 11.26 47.72 -3.94
CA VAL K 15 12.15 46.95 -3.08
C VAL K 15 11.52 46.63 -1.72
N GLY K 16 11.74 45.40 -1.24
CA GLY K 16 11.18 44.98 0.02
C GLY K 16 9.80 44.36 -0.10
N ASP K 17 9.29 44.31 -1.34
CA ASP K 17 7.97 43.75 -1.58
C ASP K 17 8.05 42.26 -1.83
N ARG K 18 6.88 41.62 -1.93
CA ARG K 18 6.81 40.20 -2.28
C ARG K 18 6.13 40.08 -3.64
N VAL K 19 6.68 39.24 -4.50
CA VAL K 19 6.17 39.11 -5.87
C VAL K 19 6.06 37.66 -6.31
N SER K 20 4.94 37.31 -6.95
CA SER K 20 4.66 35.93 -7.34
C SER K 20 4.60 35.73 -8.86
N ILE K 21 5.30 34.70 -9.33
CA ILE K 21 5.33 34.34 -10.75
C ILE K 21 4.79 32.91 -10.91
N THR K 22 3.90 32.71 -11.89
CA THR K 22 3.22 31.42 -12.06
C THR K 22 3.60 30.69 -13.36
N CYS K 23 3.67 29.36 -13.31
CA CYS K 23 3.92 28.55 -14.48
C CYS K 23 3.01 27.33 -14.51
N ARG K 24 2.08 27.30 -15.47
CA ARG K 24 1.13 26.21 -15.64
C ARG K 24 1.46 25.36 -16.84
N ALA K 25 1.48 24.05 -16.62
CA ALA K 25 1.86 23.10 -17.65
C ALA K 25 0.66 22.52 -18.41
N SER K 26 0.89 22.23 -19.69
CA SER K 26 -0.10 21.57 -20.53
C SER K 26 -0.32 20.13 -20.10
N GLN K 27 0.71 19.51 -19.53
CA GLN K 27 0.63 18.13 -19.06
C GLN K 27 1.28 17.98 -17.70
N ASP K 28 1.14 16.79 -17.11
CA ASP K 28 1.70 16.53 -15.78
C ASP K 28 3.23 16.49 -15.84
N ILE K 29 3.86 17.45 -15.16
CA ILE K 29 5.32 17.52 -15.12
C ILE K 29 5.89 16.74 -13.94
N SER K 30 5.10 16.66 -12.86
CA SER K 30 5.50 15.97 -11.63
C SER K 30 6.85 16.44 -11.10
N ARG K 31 6.86 17.67 -10.57
CA ARG K 31 8.00 18.28 -9.85
C ARG K 31 9.21 18.71 -10.67
N TRP K 32 9.41 18.13 -11.85
CA TRP K 32 10.67 18.36 -12.55
C TRP K 32 10.64 19.57 -13.48
N LEU K 33 10.75 20.74 -12.83
CA LEU K 33 10.75 22.05 -13.47
C LEU K 33 11.98 22.80 -12.98
N ALA K 34 12.39 23.84 -13.70
CA ALA K 34 13.48 24.69 -13.22
C ALA K 34 13.22 26.15 -13.54
N TRP K 35 13.74 27.04 -12.69
CA TRP K 35 13.59 28.47 -12.91
C TRP K 35 14.94 29.09 -13.23
N TYR K 36 14.95 30.03 -14.18
CA TYR K 36 16.18 30.70 -14.57
C TYR K 36 16.08 32.21 -14.44
N GLN K 37 17.18 32.84 -14.09
CA GLN K 37 17.25 34.30 -13.99
C GLN K 37 18.18 34.86 -15.06
N GLN K 38 17.71 35.87 -15.79
CA GLN K 38 18.54 36.51 -16.80
C GLN K 38 18.56 38.02 -16.65
N LYS K 39 19.69 38.53 -16.17
CA LYS K 39 19.91 39.96 -16.03
C LYS K 39 20.23 40.52 -17.41
N PRO K 40 19.88 41.79 -17.67
CA PRO K 40 20.06 42.35 -19.00
C PRO K 40 21.52 42.34 -19.46
N GLY K 41 21.72 41.95 -20.71
CA GLY K 41 23.04 41.86 -21.28
C GLY K 41 23.87 40.69 -20.78
N ARG K 42 23.22 39.69 -20.21
CA ARG K 42 23.94 38.52 -19.69
C ARG K 42 23.17 37.25 -19.98
N ALA K 43 23.84 36.12 -19.82
CA ALA K 43 23.28 34.81 -20.09
C ALA K 43 22.41 34.34 -18.92
N PRO K 44 21.46 33.43 -19.18
CA PRO K 44 20.61 32.90 -18.11
C PRO K 44 21.40 32.12 -17.07
N LYS K 45 20.88 32.12 -15.84
CA LYS K 45 21.51 31.44 -14.72
C LYS K 45 20.48 30.57 -14.02
N LEU K 46 20.87 29.35 -13.65
CA LEU K 46 19.95 28.46 -12.97
C LEU K 46 19.71 28.91 -11.54
N LEU K 47 18.45 29.12 -11.19
CA LEU K 47 18.10 29.61 -9.86
C LEU K 47 17.71 28.46 -8.95
N ILE K 48 16.66 27.75 -9.33
CA ILE K 48 16.21 26.59 -8.56
C ILE K 48 15.90 25.42 -9.51
N TYR K 49 16.26 24.23 -9.07
CA TYR K 49 16.03 23.02 -9.84
C TYR K 49 15.06 22.15 -9.08
N ALA K 50 14.36 21.26 -9.79
CA ALA K 50 13.20 20.56 -9.26
C ALA K 50 12.14 21.60 -8.94
N ALA K 51 11.14 21.26 -8.13
CA ALA K 51 10.12 22.23 -7.81
C ALA K 51 10.65 23.33 -6.89
N SER K 52 11.49 22.95 -5.93
CA SER K 52 11.86 23.88 -4.86
C SER K 52 13.34 23.91 -4.45
N SER K 53 14.19 23.12 -5.09
CA SER K 53 15.59 23.04 -4.65
C SER K 53 16.42 24.22 -5.15
N LEU K 54 16.96 25.01 -4.22
CA LEU K 54 17.79 26.17 -4.54
C LEU K 54 19.19 25.78 -4.99
N GLN K 55 19.70 26.50 -5.98
CA GLN K 55 21.06 26.30 -6.47
C GLN K 55 22.06 26.88 -5.47
N GLY K 56 23.27 26.35 -5.45
CA GLY K 56 24.32 26.86 -4.58
C GLY K 56 24.60 28.34 -4.78
N GLY K 57 24.55 29.10 -3.69
CA GLY K 57 24.81 30.53 -3.75
C GLY K 57 23.57 31.41 -3.88
N VAL K 58 22.42 30.78 -4.02
CA VAL K 58 21.16 31.50 -4.11
C VAL K 58 20.71 31.78 -2.68
N PRO K 59 20.26 33.01 -2.38
CA PRO K 59 19.94 33.44 -1.01
C PRO K 59 18.95 32.53 -0.27
N SER K 60 17.69 32.96 -0.16
CA SER K 60 16.66 32.16 0.52
C SER K 60 15.29 32.81 0.36
N ARG K 61 15.30 34.10 0.00
CA ARG K 61 14.09 34.84 -0.33
C ARG K 61 13.33 34.19 -1.49
N PHE K 62 14.07 33.59 -2.42
CA PHE K 62 13.47 32.93 -3.56
C PHE K 62 12.89 31.62 -3.07
N ARG K 63 11.60 31.40 -3.32
CA ARG K 63 10.94 30.20 -2.86
C ARG K 63 10.12 29.59 -3.99
N GLY K 64 10.47 28.35 -4.35
CA GLY K 64 9.74 27.64 -5.39
C GLY K 64 8.71 26.70 -4.81
N SER K 65 7.56 26.62 -5.47
CA SER K 65 6.49 25.74 -5.03
C SER K 65 5.78 25.14 -6.24
N GLY K 66 5.17 23.98 -6.05
CA GLY K 66 4.38 23.36 -7.10
C GLY K 66 4.62 21.89 -7.30
N SER K 67 3.70 21.27 -8.04
CA SER K 67 3.76 19.85 -8.36
C SER K 67 2.77 19.53 -9.47
N GLY K 68 3.04 18.47 -10.22
CA GLY K 68 2.13 18.07 -11.27
C GLY K 68 2.11 19.04 -12.43
N THR K 69 1.22 20.02 -12.38
CA THR K 69 1.04 20.97 -13.48
C THR K 69 0.97 22.45 -13.06
N GLU K 70 0.90 22.72 -11.76
CA GLU K 70 0.90 24.09 -11.20
C GLU K 70 2.22 24.43 -10.51
N PHE K 71 2.96 25.44 -10.99
CA PHE K 71 4.21 25.83 -10.34
C PHE K 71 4.32 27.35 -10.15
N THR K 72 5.00 27.76 -9.09
CA THR K 72 5.16 29.19 -8.78
C THR K 72 6.54 29.56 -8.22
N LEU K 73 6.99 30.76 -8.55
CA LEU K 73 8.20 31.34 -7.97
C LEU K 73 7.88 32.64 -7.26
N THR K 74 8.19 32.73 -5.98
CA THR K 74 7.93 33.97 -5.24
C THR K 74 9.21 34.56 -4.65
N ILE K 75 9.37 35.86 -4.80
CA ILE K 75 10.55 36.55 -4.28
C ILE K 75 10.14 37.55 -3.20
N SER K 76 10.59 37.31 -1.96
CA SER K 76 10.29 38.20 -0.84
C SER K 76 11.46 39.13 -0.52
N GLY K 77 11.17 40.27 0.11
CA GLY K 77 12.19 41.23 0.48
C GLY K 77 13.08 41.61 -0.68
N LEU K 78 12.47 42.10 -1.76
CA LEU K 78 13.19 42.39 -3.00
C LEU K 78 14.43 43.28 -2.83
N GLN K 79 15.46 42.97 -3.62
CA GLN K 79 16.71 43.73 -3.65
C GLN K 79 17.02 44.07 -5.13
N PRO K 80 17.87 45.09 -5.38
CA PRO K 80 18.13 45.51 -6.78
C PRO K 80 18.66 44.44 -7.73
N GLU K 81 19.45 43.51 -7.22
CA GLU K 81 20.00 42.45 -8.06
C GLU K 81 18.92 41.44 -8.48
N ASP K 82 17.76 41.46 -7.82
CA ASP K 82 16.70 40.50 -8.15
C ASP K 82 15.85 40.93 -9.33
N PHE K 83 16.12 42.12 -9.87
CA PHE K 83 15.36 42.61 -11.01
C PHE K 83 15.95 42.17 -12.35
N ALA K 84 15.28 41.20 -12.95
CA ALA K 84 15.72 40.54 -14.17
C ALA K 84 14.54 39.83 -14.83
N THR K 85 14.80 39.12 -15.93
CA THR K 85 13.75 38.33 -16.58
C THR K 85 13.85 36.87 -16.13
N TYR K 86 12.71 36.27 -15.78
CA TYR K 86 12.68 34.92 -15.24
C TYR K 86 11.95 33.94 -16.16
N TYR K 87 12.51 32.73 -16.30
CA TYR K 87 11.96 31.70 -17.17
C TYR K 87 11.82 30.36 -16.44
N CYS K 88 10.67 29.69 -16.56
CA CYS K 88 10.55 28.31 -16.07
C CYS K 88 10.81 27.32 -17.21
N GLN K 89 11.15 26.09 -16.86
CA GLN K 89 11.50 25.06 -17.84
C GLN K 89 11.12 23.66 -17.38
N GLN K 90 10.42 22.92 -18.23
CA GLN K 90 10.10 21.52 -17.92
C GLN K 90 11.23 20.59 -18.36
N GLY K 91 11.55 19.63 -17.50
CA GLY K 91 12.58 18.65 -17.80
C GLY K 91 12.04 17.24 -17.76
N SER K 92 10.71 17.14 -17.84
CA SER K 92 10.03 15.85 -17.75
C SER K 92 10.26 15.00 -19.01
N THR K 93 10.20 15.65 -20.17
CA THR K 93 10.34 14.94 -21.43
C THR K 93 10.86 15.81 -22.56
N PHE K 94 11.47 15.18 -23.56
CA PHE K 94 11.85 15.86 -24.78
C PHE K 94 10.61 16.01 -25.65
N PRO K 95 10.47 17.15 -26.34
CA PRO K 95 11.35 18.32 -26.36
C PRO K 95 11.25 19.18 -25.10
N TYR K 96 12.38 19.60 -24.56
CA TYR K 96 12.38 20.52 -23.42
C TYR K 96 11.89 21.88 -23.89
N THR K 97 11.14 22.57 -23.04
CA THR K 97 10.53 23.84 -23.42
C THR K 97 10.69 24.94 -22.37
N SER K 98 11.13 26.12 -22.81
CA SER K 98 11.18 27.28 -21.93
C SER K 98 9.86 28.04 -22.09
N VAL K 99 9.84 29.35 -21.79
CA VAL K 99 8.58 30.09 -21.83
C VAL K 99 8.82 31.53 -22.32
N LEU K 100 7.74 32.32 -22.38
CA LEU K 100 7.79 33.74 -22.72
C LEU K 100 8.57 34.54 -21.67
N GLY K 101 8.46 34.15 -20.40
CA GLY K 101 9.22 34.77 -19.34
C GLY K 101 8.58 36.01 -18.73
N THR K 102 9.01 36.34 -17.51
CA THR K 102 8.47 37.50 -16.80
C THR K 102 9.53 38.58 -16.53
N ILE K 103 9.26 39.79 -17.01
CA ILE K 103 10.15 40.94 -16.85
C ILE K 103 9.86 41.69 -15.55
N LEU K 104 10.90 41.93 -14.76
CA LEU K 104 10.73 42.57 -13.47
C LEU K 104 11.25 44.02 -13.46
N GLY K 105 10.37 44.99 -13.24
CA GLY K 105 10.78 46.39 -13.18
C GLY K 105 10.62 47.04 -11.81
N ILE K 106 11.24 48.19 -11.58
CA ILE K 106 11.13 48.86 -10.27
C ILE K 106 10.30 50.13 -10.36
N PRO K 107 9.15 50.13 -9.68
CA PRO K 107 8.26 51.28 -9.46
C PRO K 107 8.69 52.14 -8.28
N GLY K 108 9.34 53.25 -8.57
CA GLY K 108 9.78 54.14 -7.52
C GLY K 108 8.77 55.26 -7.48
N THR K 109 9.25 56.50 -7.45
CA THR K 109 8.37 57.66 -7.44
C THR K 109 8.22 58.16 -8.87
N VAL K 110 7.15 58.91 -9.14
CA VAL K 110 6.92 59.41 -10.49
C VAL K 110 7.97 60.47 -10.80
N ALA K 111 8.61 60.36 -11.95
CA ALA K 111 9.62 61.32 -12.36
C ALA K 111 9.38 61.80 -13.79
N ALA K 112 9.26 63.10 -13.96
CA ALA K 112 9.02 63.68 -15.28
C ALA K 112 10.31 63.63 -16.09
N PRO K 113 10.18 63.45 -17.42
CA PRO K 113 11.34 63.36 -18.30
C PRO K 113 11.94 64.72 -18.63
N SER K 114 13.25 64.76 -18.85
CA SER K 114 13.90 65.96 -19.34
C SER K 114 13.90 65.93 -20.85
N VAL K 115 13.09 66.79 -21.47
CA VAL K 115 12.97 66.77 -22.92
C VAL K 115 13.95 67.74 -23.58
N PHE K 116 14.77 67.22 -24.49
CA PHE K 116 15.78 67.99 -25.22
C PHE K 116 15.68 67.76 -26.72
N ILE K 117 16.06 68.76 -27.50
CA ILE K 117 16.04 68.66 -28.95
C ILE K 117 17.40 68.99 -29.57
N PHE K 118 17.79 68.22 -30.58
CA PHE K 118 19.09 68.42 -31.24
C PHE K 118 18.93 68.41 -32.77
N PRO K 119 19.29 69.51 -33.44
CA PRO K 119 19.19 69.63 -34.90
C PRO K 119 20.24 68.81 -35.63
N PRO K 120 20.04 68.57 -36.94
CA PRO K 120 21.09 67.86 -37.69
C PRO K 120 22.28 68.77 -38.01
N SER K 121 23.48 68.24 -37.85
CA SER K 121 24.73 68.98 -38.07
C SER K 121 25.06 69.15 -39.56
N ASP K 122 26.04 70.01 -39.84
CA ASP K 122 26.46 70.30 -41.21
C ASP K 122 27.21 69.16 -41.91
N GLU K 123 27.80 68.26 -41.13
CA GLU K 123 28.47 67.09 -41.71
C GLU K 123 27.48 66.09 -42.26
N GLN K 124 26.31 66.04 -41.62
CA GLN K 124 25.29 65.07 -41.93
C GLN K 124 24.56 65.42 -43.24
N LEU K 125 24.36 66.73 -43.49
CA LEU K 125 23.69 67.16 -44.72
C LEU K 125 24.51 66.87 -45.99
N LYS K 126 25.81 66.65 -45.84
CA LYS K 126 26.66 66.29 -46.98
C LYS K 126 26.31 64.91 -47.54
N SER K 127 25.96 63.98 -46.66
CA SER K 127 25.62 62.63 -47.08
C SER K 127 24.33 62.60 -47.90
N GLY K 128 23.47 63.57 -47.66
CA GLY K 128 22.21 63.67 -48.37
C GLY K 128 21.03 63.20 -47.54
N THR K 129 21.28 62.95 -46.26
CA THR K 129 20.22 62.55 -45.34
C THR K 129 20.34 63.36 -44.05
N ALA K 130 19.20 63.63 -43.40
CA ALA K 130 19.17 64.42 -42.18
C ALA K 130 18.23 63.78 -41.15
N SER K 131 18.67 63.69 -39.90
CA SER K 131 17.89 63.05 -38.83
C SER K 131 17.62 63.96 -37.64
N VAL K 132 16.35 64.02 -37.22
CA VAL K 132 15.97 64.79 -36.03
C VAL K 132 15.73 63.85 -34.85
N VAL K 133 16.24 64.22 -33.67
CA VAL K 133 16.15 63.38 -32.48
C VAL K 133 15.54 64.12 -31.28
N CYS K 134 14.60 63.47 -30.59
CA CYS K 134 14.00 64.03 -29.39
C CYS K 134 14.36 63.15 -28.20
N LEU K 135 15.09 63.71 -27.24
CA LEU K 135 15.63 62.92 -26.13
C LEU K 135 14.85 63.14 -24.82
N LEU K 136 14.41 62.03 -24.22
CA LEU K 136 13.73 62.04 -22.93
C LEU K 136 14.60 61.40 -21.84
N ASN K 137 15.02 62.19 -20.86
CA ASN K 137 15.95 61.70 -19.84
C ASN K 137 15.38 61.46 -18.44
N ASN K 138 15.75 60.29 -17.89
CA ASN K 138 15.43 59.89 -16.52
C ASN K 138 13.98 60.08 -16.12
N PHE K 139 13.13 59.11 -16.47
CA PHE K 139 11.72 59.19 -16.12
C PHE K 139 11.09 57.84 -15.76
N TYR K 140 9.95 57.92 -15.07
CA TYR K 140 9.14 56.76 -14.70
C TYR K 140 7.69 57.23 -14.57
N PRO K 141 6.72 56.42 -15.05
CA PRO K 141 6.82 55.10 -15.68
C PRO K 141 7.24 55.12 -17.15
N ARG K 142 7.42 53.93 -17.72
CA ARG K 142 7.88 53.76 -19.11
C ARG K 142 6.96 54.26 -20.23
N GLU K 143 5.66 54.04 -20.10
CA GLU K 143 4.72 54.47 -21.15
C GLU K 143 4.73 55.98 -21.34
N ALA K 144 5.35 56.42 -22.42
CA ALA K 144 5.45 57.83 -22.74
C ALA K 144 5.23 58.02 -24.25
N LYS K 145 4.42 59.02 -24.58
CA LYS K 145 4.00 59.29 -25.94
C LYS K 145 4.80 60.42 -26.59
N VAL K 146 5.32 60.18 -27.79
CA VAL K 146 6.12 61.17 -28.50
C VAL K 146 5.60 61.39 -29.92
N GLN K 147 5.35 62.66 -30.26
CA GLN K 147 4.82 63.02 -31.58
C GLN K 147 5.63 64.14 -32.22
N TRP K 148 5.96 63.97 -33.50
CA TRP K 148 6.68 64.99 -34.26
C TRP K 148 5.76 65.88 -35.09
N LYS K 149 6.14 67.14 -35.22
CA LYS K 149 5.32 68.12 -35.92
C LYS K 149 6.16 69.01 -36.83
N VAL K 150 5.95 68.91 -38.14
CA VAL K 150 6.71 69.71 -39.09
C VAL K 150 5.85 70.75 -39.80
N ASP K 151 5.96 72.01 -39.37
CA ASP K 151 5.12 73.10 -39.88
C ASP K 151 3.64 72.72 -39.78
N ASN K 152 3.25 72.14 -38.66
CA ASN K 152 1.88 71.64 -38.45
C ASN K 152 1.43 70.58 -39.50
N ALA K 153 2.32 69.65 -39.83
CA ALA K 153 2.05 68.55 -40.78
C ALA K 153 2.27 67.19 -40.09
N LEU K 154 1.23 66.37 -40.06
CA LEU K 154 1.27 65.06 -39.38
C LEU K 154 2.36 64.11 -39.86
N GLN K 155 3.06 63.47 -38.93
CA GLN K 155 4.11 62.52 -39.28
C GLN K 155 3.67 61.08 -39.01
N SER K 156 3.97 60.19 -39.95
CA SER K 156 3.68 58.76 -39.77
C SER K 156 4.52 57.92 -40.71
N GLY K 157 4.98 56.75 -40.26
CA GLY K 157 5.75 55.86 -41.11
C GLY K 157 7.15 56.37 -41.40
N ASN K 158 7.65 57.22 -40.51
CA ASN K 158 8.97 57.81 -40.69
C ASN K 158 9.83 57.96 -39.42
N SER K 159 9.47 57.28 -38.33
CA SER K 159 10.23 57.44 -37.09
C SER K 159 10.39 56.17 -36.25
N GLN K 160 11.48 56.11 -35.49
CA GLN K 160 11.79 54.95 -34.66
C GLN K 160 12.34 55.35 -33.28
N GLU K 161 11.84 54.71 -32.22
CA GLU K 161 12.28 54.99 -30.86
C GLU K 161 13.17 53.90 -30.28
N SER K 162 13.95 54.25 -29.26
CA SER K 162 14.79 53.30 -28.54
C SER K 162 14.78 53.60 -27.04
N VAL K 163 14.70 52.55 -26.23
CA VAL K 163 14.62 52.72 -24.77
C VAL K 163 15.74 52.00 -24.05
N THR K 164 16.28 52.64 -23.00
CA THR K 164 17.32 51.98 -22.22
C THR K 164 16.72 51.05 -21.21
N GLU K 165 17.55 50.13 -20.71
CA GLU K 165 17.12 49.27 -19.62
C GLU K 165 17.19 50.08 -18.35
N GLN K 166 16.60 49.59 -17.26
CA GLN K 166 16.71 50.31 -15.99
C GLN K 166 18.14 50.46 -15.53
N ASP K 167 18.53 51.71 -15.22
CA ASP K 167 19.87 52.03 -14.70
C ASP K 167 19.96 51.71 -13.19
N SER K 168 21.16 51.81 -12.61
CA SER K 168 21.40 51.33 -11.25
C SER K 168 20.83 52.13 -10.05
N LYS K 169 20.95 53.46 -10.05
CA LYS K 169 20.52 54.23 -8.88
C LYS K 169 19.18 54.96 -8.96
N ASP K 170 18.94 55.76 -9.99
CA ASP K 170 17.71 56.53 -9.98
C ASP K 170 16.52 55.69 -10.40
N SER K 171 16.80 54.48 -10.89
CA SER K 171 15.77 53.52 -11.26
C SER K 171 14.75 54.05 -12.29
N THR K 172 15.19 54.95 -13.16
CA THR K 172 14.34 55.53 -14.19
C THR K 172 14.75 55.09 -15.60
N TYR K 173 13.96 55.49 -16.60
CA TYR K 173 14.25 55.14 -17.99
C TYR K 173 14.68 56.35 -18.82
N SER K 174 15.23 56.07 -20.00
CA SER K 174 15.57 57.11 -20.97
C SER K 174 15.20 56.67 -22.38
N LEU K 175 14.67 57.58 -23.18
CA LEU K 175 14.18 57.25 -24.52
C LEU K 175 14.72 58.22 -25.57
N SER K 176 14.90 57.72 -26.79
CA SER K 176 15.34 58.54 -27.91
C SER K 176 14.55 58.23 -29.17
N SER K 177 13.69 59.16 -29.59
CA SER K 177 12.96 59.03 -30.85
C SER K 177 13.77 59.65 -31.98
N THR K 178 13.76 59.02 -33.15
CA THR K 178 14.56 59.51 -34.28
C THR K 178 13.84 59.48 -35.63
N LEU K 179 13.53 60.68 -36.15
CA LEU K 179 12.93 60.89 -37.47
C LEU K 179 13.95 61.20 -38.56
N THR K 180 13.93 60.43 -39.64
CA THR K 180 14.90 60.57 -40.73
C THR K 180 14.32 60.90 -42.12
N LEU K 181 14.86 61.94 -42.76
CA LEU K 181 14.44 62.37 -44.10
C LEU K 181 15.63 62.81 -44.95
N SER K 182 15.43 62.86 -46.27
CA SER K 182 16.46 63.29 -47.21
C SER K 182 16.68 64.80 -47.19
N LYS K 183 17.80 65.24 -47.75
CA LYS K 183 18.13 66.66 -47.80
C LYS K 183 17.03 67.45 -48.52
N ALA K 184 16.57 66.90 -49.64
CA ALA K 184 15.51 67.50 -50.43
C ALA K 184 14.24 67.73 -49.61
N ASP K 185 13.86 66.71 -48.83
CA ASP K 185 12.66 66.79 -48.00
C ASP K 185 12.86 67.74 -46.82
N TYR K 186 14.08 67.75 -46.30
CA TYR K 186 14.44 68.62 -45.18
C TYR K 186 14.37 70.08 -45.60
N GLU K 187 14.69 70.37 -46.87
CA GLU K 187 14.71 71.74 -47.39
C GLU K 187 13.32 72.39 -47.52
N LYS K 188 12.25 71.60 -47.46
CA LYS K 188 10.92 72.16 -47.69
C LYS K 188 10.30 72.91 -46.50
N HIS K 189 10.59 72.48 -45.28
CA HIS K 189 9.94 73.05 -44.09
C HIS K 189 10.85 73.83 -43.13
N LYS K 190 10.26 74.75 -42.38
CA LYS K 190 11.02 75.63 -41.48
C LYS K 190 10.99 75.17 -40.02
N VAL K 191 9.80 75.06 -39.42
CA VAL K 191 9.66 74.72 -38.00
C VAL K 191 9.56 73.21 -37.74
N TYR K 192 10.42 72.72 -36.84
CA TYR K 192 10.44 71.31 -36.43
C TYR K 192 10.28 71.18 -34.91
N ALA K 193 9.42 70.28 -34.44
CA ALA K 193 9.18 70.14 -33.00
C ALA K 193 8.73 68.74 -32.55
N CYS K 194 8.99 68.40 -31.29
CA CYS K 194 8.52 67.15 -30.71
C CYS K 194 7.71 67.35 -29.43
N GLU K 195 6.47 66.88 -29.44
CA GLU K 195 5.57 66.98 -28.29
C GLU K 195 5.58 65.72 -27.44
N VAL K 196 5.88 65.87 -26.16
CA VAL K 196 5.97 64.73 -25.24
C VAL K 196 4.82 64.70 -24.24
N THR K 197 4.27 63.51 -24.01
CA THR K 197 3.20 63.33 -23.05
C THR K 197 3.54 62.22 -22.05
N HIS K 198 3.53 62.55 -20.76
CA HIS K 198 3.90 61.63 -19.71
C HIS K 198 3.17 61.98 -18.40
N GLN K 199 3.00 60.98 -17.53
CA GLN K 199 2.23 61.14 -16.31
C GLN K 199 2.77 62.23 -15.37
N GLY K 200 4.07 62.52 -15.47
CA GLY K 200 4.67 63.55 -14.65
C GLY K 200 4.33 64.98 -15.07
N LEU K 201 3.97 65.16 -16.33
CA LEU K 201 3.65 66.47 -16.86
C LEU K 201 2.14 66.69 -16.81
N ARG K 202 1.71 67.90 -16.49
CA ARG K 202 0.27 68.19 -16.49
C ARG K 202 -0.19 68.46 -17.92
N SER K 203 0.72 69.00 -18.72
CA SER K 203 0.44 69.32 -20.11
C SER K 203 1.63 68.92 -20.95
N PRO K 204 1.40 68.62 -22.24
CA PRO K 204 2.50 68.21 -23.11
C PRO K 204 3.50 69.34 -23.35
N VAL K 205 4.74 69.14 -22.90
CA VAL K 205 5.82 70.12 -23.09
C VAL K 205 6.48 69.97 -24.45
N THR K 206 6.79 71.10 -25.07
CA THR K 206 7.34 71.11 -26.42
C THR K 206 8.67 71.85 -26.59
N LYS K 207 9.69 71.10 -27.00
CA LYS K 207 10.97 71.68 -27.40
C LYS K 207 11.04 71.67 -28.93
N SER K 208 11.39 72.81 -29.50
CA SER K 208 11.38 73.00 -30.94
C SER K 208 12.62 73.71 -31.45
N PHE K 209 12.77 73.77 -32.76
CA PHE K 209 13.85 74.54 -33.37
C PHE K 209 13.47 75.00 -34.77
N ASN K 210 14.00 76.15 -35.18
CA ASN K 210 13.76 76.63 -36.52
C ASN K 210 15.01 76.43 -37.36
N ARG K 211 14.83 76.03 -38.60
CA ARG K 211 15.94 75.77 -39.51
C ARG K 211 16.49 77.05 -40.15
N GLY K 212 17.81 77.13 -40.20
CA GLY K 212 18.53 78.28 -40.71
C GLY K 212 19.12 79.02 -39.52
N GLU K 213 18.43 78.94 -38.39
CA GLU K 213 18.91 79.53 -37.15
C GLU K 213 19.30 78.48 -36.11
N CYS K 214 20.12 78.85 -35.15
CA CYS K 214 20.53 77.92 -34.10
C CYS K 214 19.48 77.88 -32.99
N ASP L 1 -16.07 -27.93 -13.96
CA ASP L 1 -17.37 -27.30 -14.10
C ASP L 1 -17.84 -26.70 -12.79
N ILE L 2 -18.65 -25.64 -12.86
CA ILE L 2 -19.20 -25.00 -11.68
C ILE L 2 -20.70 -25.28 -11.55
N GLN L 3 -21.08 -26.05 -10.53
CA GLN L 3 -22.49 -26.32 -10.29
C GLN L 3 -23.15 -25.22 -9.48
N MET L 4 -24.31 -24.78 -9.96
CA MET L 4 -25.10 -23.73 -9.33
C MET L 4 -26.27 -24.39 -8.58
N THR L 5 -26.57 -23.90 -7.38
CA THR L 5 -27.63 -24.50 -6.57
C THR L 5 -28.67 -23.47 -6.12
N GLN L 6 -29.85 -23.56 -6.72
CA GLN L 6 -30.97 -22.69 -6.36
C GLN L 6 -31.84 -23.38 -5.32
N VAL L 7 -32.00 -22.72 -4.16
CA VAL L 7 -32.61 -23.37 -2.99
C VAL L 7 -34.15 -23.48 -2.95
N PRO L 8 -34.89 -22.39 -3.22
CA PRO L 8 -36.35 -22.43 -3.03
C PRO L 8 -37.14 -23.38 -3.95
N VAL L 9 -36.62 -23.63 -5.15
CA VAL L 9 -37.23 -24.46 -6.22
C VAL L 9 -38.73 -24.15 -6.49
N SER L 10 -39.57 -24.14 -5.46
CA SER L 10 -40.97 -23.77 -5.64
C SER L 10 -41.38 -22.78 -4.55
N LEU L 11 -42.21 -21.79 -4.90
CA LEU L 11 -42.50 -20.73 -3.95
C LEU L 11 -43.92 -20.13 -4.09
N SER L 12 -44.53 -19.80 -2.94
CA SER L 12 -45.86 -19.21 -2.90
C SER L 12 -45.89 -17.95 -2.03
N ALA L 13 -46.34 -16.84 -2.59
CA ALA L 13 -46.40 -15.58 -1.84
C ALA L 13 -47.51 -14.63 -2.30
N PHE L 14 -48.15 -13.98 -1.33
CA PHE L 14 -49.29 -13.09 -1.56
C PHE L 14 -48.81 -11.81 -2.23
N VAL L 15 -49.73 -11.11 -2.90
CA VAL L 15 -49.39 -9.83 -3.51
C VAL L 15 -49.01 -8.83 -2.42
N GLY L 16 -47.95 -8.06 -2.65
CA GLY L 16 -47.48 -7.10 -1.67
C GLY L 16 -46.48 -7.65 -0.68
N ASP L 17 -46.18 -8.95 -0.80
CA ASP L 17 -45.22 -9.58 0.11
C ASP L 17 -43.79 -9.50 -0.41
N ARG L 18 -42.85 -9.97 0.41
CA ARG L 18 -41.44 -10.04 0.05
C ARG L 18 -41.03 -11.50 -0.11
N VAL L 19 -40.24 -11.78 -1.14
CA VAL L 19 -39.83 -13.14 -1.43
C VAL L 19 -38.34 -13.21 -1.77
N SER L 20 -37.66 -14.19 -1.18
CA SER L 20 -36.20 -14.31 -1.33
C SER L 20 -35.79 -15.59 -2.06
N ILE L 21 -34.92 -15.45 -3.05
CA ILE L 21 -34.41 -16.58 -3.83
C ILE L 21 -32.90 -16.67 -3.66
N THR L 22 -32.38 -17.87 -3.40
CA THR L 22 -30.96 -18.06 -3.12
C THR L 22 -30.22 -18.87 -4.20
N CYS L 23 -28.97 -18.50 -4.46
CA CYS L 23 -28.11 -19.25 -5.38
C CYS L 23 -26.71 -19.41 -4.79
N ARG L 24 -26.34 -20.64 -4.45
CA ARG L 24 -25.05 -20.91 -3.82
C ARG L 24 -24.14 -21.59 -4.85
N ALA L 25 -22.92 -21.10 -4.98
CA ALA L 25 -21.98 -21.56 -6.01
C ALA L 25 -21.05 -22.67 -5.55
N SER L 26 -20.64 -23.53 -6.49
CA SER L 26 -19.70 -24.60 -6.18
C SER L 26 -18.32 -24.05 -5.83
N GLN L 27 -17.94 -22.95 -6.48
CA GLN L 27 -16.68 -22.28 -6.19
C GLN L 27 -16.86 -20.76 -6.29
N ASP L 28 -15.80 -20.01 -6.02
CA ASP L 28 -15.85 -18.56 -6.02
C ASP L 28 -16.16 -17.99 -7.40
N ILE L 29 -17.31 -17.34 -7.52
CA ILE L 29 -17.77 -16.72 -8.75
C ILE L 29 -17.28 -15.27 -8.84
N SER L 30 -17.09 -14.66 -7.68
CA SER L 30 -16.65 -13.27 -7.59
C SER L 30 -17.54 -12.30 -8.38
N ARG L 31 -18.76 -12.10 -7.90
CA ARG L 31 -19.68 -11.08 -8.41
C ARG L 31 -20.28 -11.35 -9.79
N TRP L 32 -19.69 -12.25 -10.56
CA TRP L 32 -20.08 -12.39 -11.97
C TRP L 32 -21.24 -13.37 -12.14
N LEU L 33 -22.43 -12.92 -11.76
CA LEU L 33 -23.63 -13.74 -11.85
C LEU L 33 -24.74 -12.95 -12.55
N ALA L 34 -25.76 -13.64 -13.06
CA ALA L 34 -26.91 -12.96 -13.62
C ALA L 34 -28.22 -13.67 -13.29
N TRP L 35 -29.30 -12.90 -13.17
CA TRP L 35 -30.61 -13.46 -12.90
C TRP L 35 -31.52 -13.29 -14.11
N TYR L 36 -32.31 -14.32 -14.40
CA TYR L 36 -33.22 -14.27 -15.55
C TYR L 36 -34.65 -14.54 -15.14
N GLN L 37 -35.58 -13.89 -15.82
CA GLN L 37 -37.01 -14.10 -15.58
C GLN L 37 -37.65 -14.72 -16.81
N GLN L 38 -38.43 -15.78 -16.61
CA GLN L 38 -39.11 -16.41 -17.73
C GLN L 38 -40.59 -16.58 -17.44
N LYS L 39 -41.42 -15.74 -18.06
CA LYS L 39 -42.85 -15.87 -17.94
C LYS L 39 -43.30 -17.01 -18.85
N PRO L 40 -44.40 -17.69 -18.49
CA PRO L 40 -44.83 -18.86 -19.26
C PRO L 40 -45.13 -18.56 -20.73
N GLY L 41 -44.67 -19.44 -21.61
CA GLY L 41 -44.85 -19.29 -23.05
C GLY L 41 -43.99 -18.19 -23.66
N ARG L 42 -42.93 -17.80 -22.95
CA ARG L 42 -42.05 -16.74 -23.42
C ARG L 42 -40.59 -17.08 -23.15
N ALA L 43 -39.67 -16.40 -23.82
CA ALA L 43 -38.24 -16.67 -23.67
C ALA L 43 -37.72 -15.98 -22.42
N PRO L 44 -36.59 -16.48 -21.87
CA PRO L 44 -36.02 -15.81 -20.69
C PRO L 44 -35.57 -14.38 -20.99
N LYS L 45 -35.61 -13.54 -19.96
CA LYS L 45 -35.24 -12.13 -20.10
C LYS L 45 -34.20 -11.79 -19.04
N LEU L 46 -33.19 -11.02 -19.41
CA LEU L 46 -32.16 -10.66 -18.45
C LEU L 46 -32.72 -9.68 -17.43
N LEU L 47 -32.63 -10.07 -16.16
CA LEU L 47 -33.19 -9.30 -15.06
C LEU L 47 -32.13 -8.46 -14.36
N ILE L 48 -31.10 -9.13 -13.86
CA ILE L 48 -29.99 -8.46 -13.19
C ILE L 48 -28.66 -9.01 -13.68
N TYR L 49 -27.70 -8.12 -13.95
CA TYR L 49 -26.38 -8.56 -14.38
C TYR L 49 -25.39 -8.13 -13.31
N ALA L 50 -24.26 -8.82 -13.24
CA ALA L 50 -23.34 -8.73 -12.11
C ALA L 50 -24.10 -9.20 -10.88
N ALA L 51 -23.62 -8.88 -9.69
CA ALA L 51 -24.34 -9.31 -8.50
C ALA L 51 -25.64 -8.53 -8.34
N SER L 52 -25.59 -7.22 -8.63
CA SER L 52 -26.68 -6.32 -8.27
C SER L 52 -27.14 -5.31 -9.32
N SER L 53 -26.54 -5.31 -10.51
CA SER L 53 -26.89 -4.29 -11.50
C SER L 53 -28.20 -4.59 -12.21
N LEU L 54 -29.14 -3.65 -12.06
CA LEU L 54 -30.46 -3.78 -12.68
C LEU L 54 -30.40 -3.51 -14.18
N GLN L 55 -31.14 -4.30 -14.95
CA GLN L 55 -31.24 -4.09 -16.40
C GLN L 55 -32.17 -2.92 -16.66
N GLY L 56 -31.98 -2.23 -17.79
CA GLY L 56 -32.83 -1.12 -18.17
C GLY L 56 -34.30 -1.51 -18.27
N GLY L 57 -35.15 -0.77 -17.58
CA GLY L 57 -36.58 -1.03 -17.59
C GLY L 57 -37.09 -1.91 -16.46
N VAL L 58 -36.18 -2.42 -15.65
CA VAL L 58 -36.54 -3.25 -14.51
C VAL L 58 -36.86 -2.40 -13.28
N PRO L 59 -37.98 -2.71 -12.59
CA PRO L 59 -38.38 -1.91 -11.43
C PRO L 59 -37.47 -2.15 -10.23
N SER L 60 -37.43 -1.19 -9.30
CA SER L 60 -36.57 -1.29 -8.13
C SER L 60 -37.06 -2.30 -7.09
N ARG L 61 -38.22 -2.90 -7.33
CA ARG L 61 -38.71 -3.99 -6.50
C ARG L 61 -37.67 -5.10 -6.42
N PHE L 62 -37.00 -5.34 -7.53
CA PHE L 62 -35.98 -6.38 -7.65
C PHE L 62 -34.64 -5.91 -7.13
N ARG L 63 -34.06 -6.66 -6.20
CA ARG L 63 -32.77 -6.33 -5.62
C ARG L 63 -31.87 -7.55 -5.55
N GLY L 64 -30.72 -7.48 -6.22
CA GLY L 64 -29.74 -8.55 -6.19
C GLY L 64 -28.65 -8.30 -5.17
N SER L 65 -28.22 -9.36 -4.50
CA SER L 65 -27.15 -9.25 -3.51
C SER L 65 -26.25 -10.46 -3.56
N GLY L 66 -25.00 -10.29 -3.13
CA GLY L 66 -24.09 -11.42 -3.04
C GLY L 66 -22.69 -11.20 -3.59
N SER L 67 -21.80 -12.12 -3.23
CA SER L 67 -20.41 -12.08 -3.67
C SER L 67 -19.77 -13.43 -3.36
N GLY L 68 -18.73 -13.78 -4.12
CA GLY L 68 -18.02 -15.03 -3.90
C GLY L 68 -18.85 -16.23 -4.30
N THR L 69 -19.62 -16.78 -3.36
CA THR L 69 -20.38 -17.99 -3.63
C THR L 69 -21.85 -17.96 -3.17
N GLU L 70 -22.23 -16.97 -2.36
CA GLU L 70 -23.61 -16.84 -1.90
C GLU L 70 -24.30 -15.64 -2.54
N PHE L 71 -25.35 -15.89 -3.31
CA PHE L 71 -26.07 -14.82 -3.99
C PHE L 71 -27.58 -14.94 -3.77
N THR L 72 -28.27 -13.81 -3.77
CA THR L 72 -29.71 -13.78 -3.54
C THR L 72 -30.44 -12.76 -4.40
N LEU L 73 -31.67 -13.11 -4.80
CA LEU L 73 -32.57 -12.20 -5.48
C LEU L 73 -33.85 -12.05 -4.66
N THR L 74 -34.18 -10.83 -4.27
CA THR L 74 -35.40 -10.60 -3.51
C THR L 74 -36.34 -9.65 -4.22
N ILE L 75 -37.62 -9.99 -4.22
CA ILE L 75 -38.65 -9.18 -4.85
C ILE L 75 -39.57 -8.62 -3.77
N SER L 76 -39.57 -7.31 -3.62
CA SER L 76 -40.42 -6.67 -2.63
C SER L 76 -41.68 -6.14 -3.31
N GLY L 77 -42.75 -6.01 -2.53
CA GLY L 77 -44.02 -5.53 -3.06
C GLY L 77 -44.48 -6.30 -4.29
N LEU L 78 -44.64 -7.61 -4.15
CA LEU L 78 -45.01 -8.47 -5.27
C LEU L 78 -46.22 -8.02 -6.06
N GLN L 79 -46.16 -8.31 -7.35
CA GLN L 79 -47.22 -7.97 -8.28
C GLN L 79 -47.61 -9.28 -8.98
N PRO L 80 -48.83 -9.34 -9.54
CA PRO L 80 -49.26 -10.56 -10.23
C PRO L 80 -48.39 -10.91 -11.44
N GLU L 81 -47.87 -9.89 -12.12
CA GLU L 81 -47.02 -10.08 -13.29
C GLU L 81 -45.65 -10.66 -12.96
N ASP L 82 -45.28 -10.67 -11.68
CA ASP L 82 -44.00 -11.22 -11.24
C ASP L 82 -44.09 -12.75 -11.19
N PHE L 83 -45.22 -13.28 -11.66
CA PHE L 83 -45.42 -14.72 -11.68
C PHE L 83 -44.61 -15.29 -12.83
N ALA L 84 -43.48 -15.88 -12.49
CA ALA L 84 -42.57 -16.43 -13.47
C ALA L 84 -41.59 -17.40 -12.83
N THR L 85 -40.74 -17.99 -13.66
CA THR L 85 -39.65 -18.84 -13.20
C THR L 85 -38.34 -18.07 -13.26
N TYR L 86 -37.55 -18.13 -12.19
CA TYR L 86 -36.30 -17.36 -12.13
C TYR L 86 -35.07 -18.26 -12.11
N TYR L 87 -34.04 -17.85 -12.87
CA TYR L 87 -32.81 -18.63 -12.99
C TYR L 87 -31.58 -17.76 -12.73
N CYS L 88 -30.64 -18.25 -11.92
CA CYS L 88 -29.35 -17.58 -11.80
C CYS L 88 -28.34 -18.24 -12.75
N GLN L 89 -27.28 -17.50 -13.10
CA GLN L 89 -26.29 -17.97 -14.06
C GLN L 89 -24.89 -17.43 -13.74
N GLN L 90 -23.90 -18.31 -13.69
CA GLN L 90 -22.52 -17.87 -13.50
C GLN L 90 -21.89 -17.55 -14.85
N GLY L 91 -21.15 -16.45 -14.91
CA GLY L 91 -20.45 -16.04 -16.10
C GLY L 91 -18.97 -15.93 -15.85
N SER L 92 -18.51 -16.55 -14.77
CA SER L 92 -17.12 -16.48 -14.37
C SER L 92 -16.22 -17.28 -15.31
N THR L 93 -16.67 -18.47 -15.71
CA THR L 93 -15.86 -19.34 -16.56
C THR L 93 -16.71 -20.29 -17.40
N PHE L 94 -16.13 -20.74 -18.51
CA PHE L 94 -16.75 -21.79 -19.32
C PHE L 94 -16.47 -23.14 -18.67
N PRO L 95 -17.46 -24.06 -18.72
CA PRO L 95 -18.80 -23.92 -19.28
C PRO L 95 -19.75 -23.09 -18.41
N TYR L 96 -20.51 -22.20 -19.03
CA TYR L 96 -21.51 -21.42 -18.30
C TYR L 96 -22.65 -22.34 -17.86
N THR L 97 -23.20 -22.08 -16.68
CA THR L 97 -24.22 -22.97 -16.11
C THR L 97 -25.43 -22.22 -15.58
N SER L 98 -26.62 -22.66 -15.97
CA SER L 98 -27.86 -22.13 -15.40
C SER L 98 -28.25 -23.03 -14.22
N VAL L 99 -29.54 -23.08 -13.87
CA VAL L 99 -29.93 -23.85 -12.69
C VAL L 99 -31.32 -24.47 -12.87
N LEU L 100 -31.79 -25.18 -11.85
CA LEU L 100 -33.12 -25.77 -11.80
C LEU L 100 -34.19 -24.69 -11.81
N GLY L 101 -33.90 -23.55 -11.20
CA GLY L 101 -34.80 -22.41 -11.22
C GLY L 101 -35.87 -22.44 -10.14
N THR L 102 -36.44 -21.27 -9.85
CA THR L 102 -37.47 -21.19 -8.83
C THR L 102 -38.80 -20.76 -9.42
N ILE L 103 -39.81 -21.59 -9.23
CA ILE L 103 -41.15 -21.29 -9.73
C ILE L 103 -41.91 -20.51 -8.66
N LEU L 104 -42.44 -19.37 -9.05
CA LEU L 104 -43.18 -18.50 -8.13
C LEU L 104 -44.67 -18.53 -8.37
N GLY L 105 -45.44 -18.98 -7.39
CA GLY L 105 -46.88 -18.99 -7.54
C GLY L 105 -47.48 -17.93 -6.64
N ILE L 106 -48.65 -17.43 -7.00
CA ILE L 106 -49.29 -16.33 -6.27
C ILE L 106 -50.69 -16.64 -5.71
N PRO L 107 -50.86 -16.56 -4.38
CA PRO L 107 -52.15 -16.66 -3.68
C PRO L 107 -52.94 -15.35 -3.71
N GLY L 108 -54.13 -15.36 -4.32
CA GLY L 108 -55.02 -14.20 -4.37
C GLY L 108 -56.47 -14.36 -3.89
N THR L 109 -56.72 -15.01 -2.74
CA THR L 109 -58.09 -15.25 -2.22
C THR L 109 -58.97 -16.11 -3.13
N VAL L 110 -60.02 -16.70 -2.56
CA VAL L 110 -60.91 -17.63 -3.26
C VAL L 110 -61.81 -17.00 -4.31
N ALA L 111 -61.85 -17.60 -5.49
CA ALA L 111 -62.71 -17.14 -6.58
C ALA L 111 -63.44 -18.34 -7.20
N ALA L 112 -64.77 -18.28 -7.23
CA ALA L 112 -65.57 -19.37 -7.80
C ALA L 112 -65.55 -19.32 -9.32
N PRO L 113 -65.60 -20.50 -9.98
CA PRO L 113 -65.59 -20.55 -11.44
C PRO L 113 -66.94 -20.28 -12.10
N SER L 114 -66.90 -19.67 -13.28
CA SER L 114 -68.07 -19.51 -14.13
C SER L 114 -68.14 -20.69 -15.10
N VAL L 115 -69.15 -21.53 -14.93
CA VAL L 115 -69.26 -22.76 -15.71
C VAL L 115 -70.06 -22.60 -17.01
N PHE L 116 -69.49 -23.09 -18.11
CA PHE L 116 -70.13 -23.02 -19.42
C PHE L 116 -70.11 -24.40 -20.06
N ILE L 117 -71.11 -24.73 -20.85
CA ILE L 117 -71.13 -26.02 -21.53
C ILE L 117 -71.33 -25.83 -23.04
N PHE L 118 -70.66 -26.66 -23.83
CA PHE L 118 -70.68 -26.54 -25.29
C PHE L 118 -71.03 -27.86 -25.97
N PRO L 119 -72.13 -27.87 -26.73
CA PRO L 119 -72.52 -29.08 -27.48
C PRO L 119 -71.59 -29.30 -28.67
N PRO L 120 -71.61 -30.51 -29.26
CA PRO L 120 -70.79 -30.79 -30.45
C PRO L 120 -71.38 -30.16 -31.71
N SER L 121 -70.53 -29.65 -32.59
CA SER L 121 -71.00 -29.00 -33.81
C SER L 121 -71.54 -29.98 -34.83
N ASP L 122 -72.31 -29.45 -35.78
CA ASP L 122 -72.86 -30.24 -36.87
C ASP L 122 -71.79 -30.58 -37.89
N GLU L 123 -70.73 -29.79 -37.89
CA GLU L 123 -69.58 -30.02 -38.77
C GLU L 123 -68.79 -31.24 -38.30
N GLN L 124 -68.77 -31.46 -37.00
CA GLN L 124 -67.97 -32.53 -36.40
C GLN L 124 -68.62 -33.90 -36.58
N LEU L 125 -69.94 -33.93 -36.44
CA LEU L 125 -70.69 -35.17 -36.49
C LEU L 125 -70.62 -35.85 -37.86
N LYS L 126 -70.25 -35.10 -38.88
CA LYS L 126 -70.05 -35.66 -40.21
C LYS L 126 -68.85 -36.62 -40.23
N SER L 127 -67.82 -36.28 -39.46
CA SER L 127 -66.62 -37.11 -39.37
C SER L 127 -66.87 -38.43 -38.66
N GLY L 128 -67.89 -38.46 -37.81
CA GLY L 128 -68.22 -39.68 -37.07
C GLY L 128 -67.83 -39.65 -35.60
N THR L 129 -67.45 -38.48 -35.11
CA THR L 129 -67.09 -38.30 -33.71
C THR L 129 -67.76 -37.06 -33.13
N ALA L 130 -67.95 -37.05 -31.82
CA ALA L 130 -68.59 -35.92 -31.16
C ALA L 130 -67.81 -35.51 -29.91
N SER L 131 -67.60 -34.20 -29.76
CA SER L 131 -66.87 -33.68 -28.60
C SER L 131 -67.72 -32.66 -27.85
N VAL L 132 -67.90 -32.92 -26.55
CA VAL L 132 -68.60 -32.00 -25.67
C VAL L 132 -67.57 -31.34 -24.76
N VAL L 133 -67.69 -30.03 -24.57
CA VAL L 133 -66.69 -29.30 -23.79
C VAL L 133 -67.32 -28.54 -22.61
N CYS L 134 -66.70 -28.67 -21.44
CA CYS L 134 -67.14 -27.98 -20.24
C CYS L 134 -66.08 -27.00 -19.77
N LEU L 135 -66.41 -25.71 -19.77
CA LEU L 135 -65.45 -24.66 -19.44
C LEU L 135 -65.66 -24.05 -18.06
N LEU L 136 -64.58 -24.01 -17.27
CA LEU L 136 -64.57 -23.35 -15.97
C LEU L 136 -63.70 -22.11 -16.07
N ASN L 137 -64.28 -20.93 -15.93
CA ASN L 137 -63.53 -19.70 -16.17
C ASN L 137 -63.15 -18.93 -14.90
N ASN L 138 -61.90 -18.49 -14.84
CA ASN L 138 -61.37 -17.64 -13.76
C ASN L 138 -61.71 -18.07 -12.34
N PHE L 139 -60.91 -18.97 -11.78
CA PHE L 139 -61.14 -19.45 -10.42
C PHE L 139 -59.83 -19.67 -9.66
N TYR L 140 -59.93 -19.70 -8.33
CA TYR L 140 -58.80 -20.00 -7.46
C TYR L 140 -59.36 -20.58 -6.16
N PRO L 141 -58.71 -21.63 -5.61
CA PRO L 141 -57.50 -22.32 -6.07
C PRO L 141 -57.72 -23.27 -7.23
N ARG L 142 -56.64 -23.88 -7.68
CA ARG L 142 -56.62 -24.80 -8.81
C ARG L 142 -57.51 -26.02 -8.58
N GLU L 143 -57.56 -26.50 -7.35
CA GLU L 143 -58.30 -27.73 -7.03
C GLU L 143 -59.79 -27.62 -7.35
N ALA L 144 -60.18 -28.25 -8.45
CA ALA L 144 -61.57 -28.25 -8.90
C ALA L 144 -61.94 -29.61 -9.48
N LYS L 145 -63.11 -30.11 -9.07
CA LYS L 145 -63.58 -31.42 -9.50
C LYS L 145 -64.64 -31.30 -10.60
N VAL L 146 -64.46 -32.04 -11.68
CA VAL L 146 -65.40 -32.00 -12.79
C VAL L 146 -65.86 -33.40 -13.19
N GLN L 147 -67.18 -33.58 -13.26
CA GLN L 147 -67.76 -34.88 -13.58
C GLN L 147 -68.79 -34.76 -14.70
N TRP L 148 -68.72 -35.68 -15.66
CA TRP L 148 -69.66 -35.67 -16.77
C TRP L 148 -70.84 -36.60 -16.47
N LYS L 149 -72.02 -36.22 -16.92
CA LYS L 149 -73.22 -37.01 -16.70
C LYS L 149 -74.05 -37.12 -17.97
N VAL L 150 -74.19 -38.35 -18.47
CA VAL L 150 -74.98 -38.63 -19.65
C VAL L 150 -76.23 -39.42 -19.26
N ASP L 151 -77.38 -38.75 -19.28
CA ASP L 151 -78.63 -39.32 -18.78
C ASP L 151 -78.45 -39.74 -17.32
N ASN L 152 -77.86 -38.83 -16.56
CA ASN L 152 -77.52 -39.06 -15.16
C ASN L 152 -76.65 -40.28 -14.96
N ALA L 153 -75.68 -40.48 -15.85
CA ALA L 153 -74.78 -41.61 -15.67
C ALA L 153 -73.35 -41.11 -15.69
N LEU L 154 -72.67 -41.27 -14.57
CA LEU L 154 -71.29 -40.82 -14.42
C LEU L 154 -70.41 -41.52 -15.44
N GLN L 155 -69.53 -40.73 -16.05
CA GLN L 155 -68.66 -41.19 -17.12
C GLN L 155 -67.24 -41.43 -16.62
N SER L 156 -66.55 -42.38 -17.24
CA SER L 156 -65.18 -42.66 -16.87
C SER L 156 -64.34 -43.14 -18.06
N GLY L 157 -63.10 -42.65 -18.12
CA GLY L 157 -62.15 -43.04 -19.14
C GLY L 157 -62.43 -42.54 -20.54
N ASN L 158 -63.20 -41.45 -20.67
CA ASN L 158 -63.53 -40.93 -21.99
C ASN L 158 -63.50 -39.39 -22.05
N SER L 159 -62.78 -38.78 -21.11
CA SER L 159 -62.67 -37.32 -21.07
C SER L 159 -61.26 -36.91 -20.65
N GLN L 160 -60.85 -35.72 -21.09
CA GLN L 160 -59.51 -35.22 -20.81
C GLN L 160 -59.56 -33.75 -20.41
N GLU L 161 -58.81 -33.39 -19.37
CA GLU L 161 -58.79 -32.02 -18.87
C GLU L 161 -57.53 -31.26 -19.27
N SER L 162 -57.65 -29.94 -19.31
CA SER L 162 -56.53 -29.06 -19.58
C SER L 162 -56.64 -27.80 -18.73
N VAL L 163 -55.52 -27.37 -18.16
CA VAL L 163 -55.52 -26.20 -17.28
C VAL L 163 -54.55 -25.14 -17.80
N THR L 164 -54.95 -23.88 -17.69
CA THR L 164 -54.10 -22.78 -18.10
C THR L 164 -53.11 -22.45 -16.98
N GLU L 165 -52.08 -21.68 -17.30
CA GLU L 165 -51.17 -21.22 -16.27
C GLU L 165 -51.87 -20.14 -15.46
N GLN L 166 -51.33 -19.84 -14.29
CA GLN L 166 -51.89 -18.80 -13.44
C GLN L 166 -51.85 -17.49 -14.22
N ASP L 167 -52.91 -16.71 -14.18
CA ASP L 167 -52.97 -15.51 -14.99
C ASP L 167 -52.04 -14.41 -14.49
N SER L 168 -51.57 -13.60 -15.42
CA SER L 168 -50.59 -12.55 -15.15
C SER L 168 -51.23 -11.37 -14.45
N LYS L 169 -52.53 -11.19 -14.65
CA LYS L 169 -53.21 -10.02 -14.12
C LYS L 169 -53.97 -10.29 -12.82
N ASP L 170 -54.94 -11.20 -12.86
CA ASP L 170 -55.75 -11.51 -11.68
C ASP L 170 -55.31 -12.77 -10.90
N SER L 171 -54.30 -13.48 -11.41
CA SER L 171 -53.77 -14.70 -10.78
C SER L 171 -54.77 -15.85 -10.62
N THR L 172 -55.67 -15.99 -11.60
CA THR L 172 -56.66 -17.07 -11.55
C THR L 172 -56.37 -18.17 -12.57
N TYR L 173 -57.11 -19.26 -12.49
CA TYR L 173 -56.96 -20.37 -13.42
C TYR L 173 -58.20 -20.54 -14.30
N SER L 174 -58.05 -21.29 -15.39
CA SER L 174 -59.16 -21.67 -16.25
C SER L 174 -58.98 -23.11 -16.69
N LEU L 175 -60.07 -23.88 -16.71
CA LEU L 175 -59.98 -25.30 -17.01
C LEU L 175 -61.00 -25.70 -18.09
N SER L 176 -60.64 -26.70 -18.89
CA SER L 176 -61.54 -27.21 -19.92
C SER L 176 -61.52 -28.74 -20.01
N SER L 177 -62.62 -29.36 -19.60
CA SER L 177 -62.79 -30.80 -19.76
C SER L 177 -63.47 -31.10 -21.08
N THR L 178 -63.09 -32.19 -21.73
CA THR L 178 -63.64 -32.53 -23.03
C THR L 178 -64.04 -34.00 -23.11
N LEU L 179 -65.34 -34.23 -23.25
CA LEU L 179 -65.89 -35.57 -23.37
C LEU L 179 -65.94 -35.99 -24.83
N THR L 180 -65.33 -37.13 -25.16
CA THR L 180 -65.27 -37.58 -26.53
C THR L 180 -66.03 -38.89 -26.72
N LEU L 181 -66.92 -38.91 -27.69
CA LEU L 181 -67.77 -40.06 -27.95
C LEU L 181 -67.93 -40.27 -29.44
N SER L 182 -68.29 -41.50 -29.84
CA SER L 182 -68.57 -41.78 -31.24
C SER L 182 -69.93 -41.22 -31.60
N LYS L 183 -70.17 -41.02 -32.88
CA LYS L 183 -71.47 -40.53 -33.35
C LYS L 183 -72.59 -41.46 -32.92
N ALA L 184 -72.35 -42.76 -33.06
CA ALA L 184 -73.32 -43.79 -32.66
C ALA L 184 -73.68 -43.72 -31.18
N ASP L 185 -72.67 -43.57 -30.33
CA ASP L 185 -72.91 -43.49 -28.88
C ASP L 185 -73.54 -42.16 -28.49
N TYR L 186 -73.16 -41.09 -29.19
CA TYR L 186 -73.72 -39.77 -28.92
C TYR L 186 -75.20 -39.70 -29.27
N GLU L 187 -75.58 -40.38 -30.34
CA GLU L 187 -76.97 -40.36 -30.81
C GLU L 187 -77.92 -41.14 -29.91
N LYS L 188 -77.38 -42.01 -29.04
CA LYS L 188 -78.24 -42.84 -28.20
C LYS L 188 -78.84 -42.12 -26.99
N HIS L 189 -78.11 -41.13 -26.45
CA HIS L 189 -78.55 -40.47 -25.22
C HIS L 189 -79.00 -39.03 -25.45
N LYS L 190 -79.87 -38.55 -24.57
CA LYS L 190 -80.48 -37.24 -24.71
C LYS L 190 -79.81 -36.14 -23.90
N VAL L 191 -79.78 -36.30 -22.58
CA VAL L 191 -79.30 -35.26 -21.68
C VAL L 191 -77.79 -35.37 -21.41
N TYR L 192 -77.08 -34.27 -21.62
CA TYR L 192 -75.64 -34.18 -21.37
C TYR L 192 -75.34 -33.05 -20.39
N ALA L 193 -74.50 -33.32 -19.40
CA ALA L 193 -74.21 -32.32 -18.36
C ALA L 193 -72.82 -32.49 -17.75
N CYS L 194 -72.29 -31.40 -17.21
CA CYS L 194 -71.03 -31.43 -16.48
C CYS L 194 -71.23 -30.83 -15.09
N GLU L 195 -70.95 -31.64 -14.06
CA GLU L 195 -71.11 -31.20 -12.68
C GLU L 195 -69.79 -30.70 -12.10
N VAL L 196 -69.79 -29.46 -11.61
CA VAL L 196 -68.57 -28.83 -11.11
C VAL L 196 -68.58 -28.64 -9.59
N THR L 197 -67.45 -28.95 -8.95
CA THR L 197 -67.30 -28.77 -7.51
C THR L 197 -66.03 -27.98 -7.18
N HIS L 198 -66.21 -26.88 -6.46
CA HIS L 198 -65.09 -26.02 -6.08
C HIS L 198 -65.44 -25.32 -4.76
N GLN L 199 -64.44 -25.01 -3.94
CA GLN L 199 -64.68 -24.44 -2.61
C GLN L 199 -65.35 -23.07 -2.63
N GLY L 200 -65.28 -22.37 -3.76
CA GLY L 200 -65.93 -21.09 -3.91
C GLY L 200 -67.44 -21.24 -3.97
N LEU L 201 -67.88 -22.45 -4.32
CA LEU L 201 -69.30 -22.79 -4.43
C LEU L 201 -69.89 -23.40 -3.16
N ARG L 202 -71.15 -23.09 -2.90
CA ARG L 202 -71.90 -23.65 -1.77
C ARG L 202 -72.39 -25.06 -2.10
N SER L 203 -72.72 -25.27 -3.36
CA SER L 203 -73.21 -26.56 -3.85
C SER L 203 -72.65 -26.79 -5.25
N PRO L 204 -72.53 -28.08 -5.66
CA PRO L 204 -72.00 -28.37 -7.00
C PRO L 204 -72.92 -27.84 -8.11
N VAL L 205 -72.39 -26.95 -8.94
CA VAL L 205 -73.15 -26.39 -10.06
C VAL L 205 -73.12 -27.33 -11.27
N THR L 206 -74.28 -27.48 -11.91
CA THR L 206 -74.43 -28.37 -13.06
C THR L 206 -74.99 -27.63 -14.26
N LYS L 207 -74.23 -27.57 -15.35
CA LYS L 207 -74.68 -26.96 -16.59
C LYS L 207 -75.03 -28.06 -17.61
N SER L 208 -76.21 -28.00 -18.22
CA SER L 208 -76.65 -29.07 -19.10
C SER L 208 -77.31 -28.62 -20.41
N PHE L 209 -77.53 -29.59 -21.30
CA PHE L 209 -78.26 -29.39 -22.54
C PHE L 209 -78.86 -30.71 -23.01
N ASN L 210 -79.94 -30.65 -23.78
CA ASN L 210 -80.52 -31.86 -24.33
C ASN L 210 -80.12 -31.96 -25.79
N ARG L 211 -79.91 -33.17 -26.28
CA ARG L 211 -79.46 -33.37 -27.64
C ARG L 211 -80.63 -33.18 -28.60
N GLY L 212 -80.46 -32.33 -29.60
CA GLY L 212 -81.53 -32.13 -30.56
C GLY L 212 -82.35 -30.87 -30.30
N GLU L 213 -82.43 -30.46 -29.04
CA GLU L 213 -83.22 -29.27 -28.70
C GLU L 213 -82.36 -28.03 -28.51
N CYS L 214 -83.00 -26.87 -28.73
CA CYS L 214 -82.36 -25.57 -28.62
C CYS L 214 -82.41 -25.05 -27.19
#